data_7WU1
#
_entry.id   7WU1
#
_cell.length_a   93.897
_cell.length_b   216.644
_cell.length_c   277.708
_cell.angle_alpha   90.000
_cell.angle_beta   90.000
_cell.angle_gamma   90.000
#
_symmetry.space_group_name_H-M   'P 21 21 21'
#
loop_
_entity.id
_entity.type
_entity.pdbx_description
1 polymer 'Phospholipase D'
2 non-polymer 1,2-ETHANEDIOL
3 non-polymer 'SODIUM ION'
4 water water
#
_entity_poly.entity_id   1
_entity_poly.type   'polypeptide(L)'
_entity_poly.pdbx_seq_one_letter_code
;MHHHHHHSTNELDVNDIYDHLNEKYSQFNDVTFSKPSTNYLKPGWILDTHFTFGTSSEFYNKSFDALSFNHVDSEFNMST
CNDDSECGGVSTCTAPAYTKNKDGDAKKLCTVPADKILDAIYDNIVSAKRSVDIVTLQPMDISHLNLSFSSGAFTATIKN
ALSQLAKNTQYSDHHITVRLLQGSFTPMLGYDAESEEEEIRQLSLTQTNYLSEIASVLPEVNNLDITVGSVRSCNKLISN
CGNNNSQKDVLLNVAWNHGKIINVDNQSVITGGHNLWGADYLQRNPVNDLSINILGPIASTATKYGNTLWNYVCNNTGTI
TNTFVTYANGQYTYDCPAHISSTYVAPTDAKNGLAVKVMSISKLNNGVLDKDADQSEVARVYAFKNATKSIKISQQALFF
KGAFGKVLHPLKTIDGTVMEALASAIYKGVTVDIVTSSLDGGIYSSGYNSEFVYNYLLNVLHKAPYYLERNYAKTFLDKN
LHINFISINGRETNNMSHNKLWIVDDKVFYVGSHNIYPSSLQQFGVIVDDKDATAQLEKQLWTPMWKNSIHVPINNS
;
_entity_poly.pdbx_strand_id   A,B,C,D,E,F
#
# COMPACT_ATOMS: atom_id res chain seq x y z
N GLU A 11 -40.71 46.43 -5.95
CA GLU A 11 -40.82 44.98 -5.88
C GLU A 11 -39.61 44.26 -6.50
N LEU A 12 -39.54 42.94 -6.29
CA LEU A 12 -38.39 42.16 -6.75
C LEU A 12 -38.32 42.12 -8.28
N ASP A 13 -37.13 42.33 -8.82
CA ASP A 13 -36.87 42.26 -10.25
C ASP A 13 -35.81 41.20 -10.53
N VAL A 14 -36.04 40.37 -11.53
CA VAL A 14 -35.10 39.32 -11.87
C VAL A 14 -33.78 39.91 -12.36
N ASN A 15 -33.81 41.14 -12.89
CA ASN A 15 -32.57 41.80 -13.27
C ASN A 15 -31.66 41.96 -12.07
N ASP A 16 -32.24 42.24 -10.90
CA ASP A 16 -31.43 42.38 -9.69
C ASP A 16 -30.79 41.05 -9.29
N ILE A 17 -31.54 39.95 -9.38
CA ILE A 17 -30.97 38.64 -9.12
C ILE A 17 -29.77 38.42 -10.03
N TYR A 18 -29.97 38.64 -11.33
CA TYR A 18 -28.87 38.46 -12.28
C TYR A 18 -27.68 39.35 -11.93
N ASP A 19 -27.92 40.62 -11.58
CA ASP A 19 -26.83 41.53 -11.27
C ASP A 19 -26.06 41.07 -10.05
N HIS A 20 -26.76 40.54 -9.05
CA HIS A 20 -26.10 40.03 -7.86
C HIS A 20 -25.21 38.85 -8.21
N LEU A 21 -25.78 37.87 -8.93
CA LEU A 21 -24.99 36.70 -9.31
C LEU A 21 -23.80 37.09 -10.17
N ASN A 22 -23.97 38.11 -11.02
CA ASN A 22 -22.89 38.52 -11.91
C ASN A 22 -21.80 39.27 -11.16
N GLU A 23 -22.16 40.01 -10.12
CA GLU A 23 -21.14 40.62 -9.28
C GLU A 23 -20.37 39.56 -8.49
N LYS A 24 -21.07 38.62 -7.90
CA LYS A 24 -20.42 37.68 -6.99
C LYS A 24 -19.81 36.47 -7.68
N TYR A 25 -20.31 36.11 -8.86
CA TYR A 25 -19.94 34.86 -9.50
C TYR A 25 -19.83 35.04 -11.02
N SER A 26 -19.12 36.11 -11.44
CA SER A 26 -19.06 36.45 -12.85
C SER A 26 -18.45 35.33 -13.70
N GLN A 27 -17.57 34.53 -13.10
CA GLN A 27 -16.98 33.41 -13.82
C GLN A 27 -17.97 32.31 -14.16
N PHE A 28 -19.20 32.36 -13.62
CA PHE A 28 -20.22 31.36 -13.93
C PHE A 28 -21.35 31.93 -14.77
N ASN A 29 -21.22 33.16 -15.24
CA ASN A 29 -22.19 33.74 -16.15
C ASN A 29 -22.24 32.93 -17.43
N ASP A 30 -23.45 32.61 -17.89
CA ASP A 30 -23.68 31.67 -19.00
C ASP A 30 -23.18 30.27 -18.71
N VAL A 31 -23.00 29.92 -17.44
CA VAL A 31 -22.66 28.55 -17.06
C VAL A 31 -23.73 28.02 -16.12
N THR A 32 -23.96 28.74 -15.01
CA THR A 32 -24.98 28.39 -14.04
C THR A 32 -26.08 29.43 -13.93
N PHE A 33 -26.03 30.50 -14.71
CA PHE A 33 -27.07 31.51 -14.73
C PHE A 33 -26.89 32.30 -16.04
N SER A 34 -27.87 33.16 -16.31
CA SER A 34 -27.93 33.83 -17.60
C SER A 34 -28.62 35.17 -17.46
N LYS A 35 -28.21 36.13 -18.31
CA LYS A 35 -28.92 37.38 -18.41
C LYS A 35 -30.39 37.13 -18.76
N PRO A 36 -31.32 37.85 -18.14
CA PRO A 36 -32.73 37.65 -18.49
C PRO A 36 -32.97 37.89 -19.98
N SER A 37 -33.84 37.10 -20.56
CA SER A 37 -34.22 37.24 -21.96
C SER A 37 -35.74 37.18 -22.10
N THR A 38 -36.21 37.61 -23.28
CA THR A 38 -37.61 37.56 -23.65
C THR A 38 -38.00 36.18 -24.18
N ASN A 39 -38.99 35.56 -23.56
CA ASN A 39 -39.46 34.23 -23.93
C ASN A 39 -40.97 34.24 -24.00
N TYR A 40 -41.55 33.14 -24.51
CA TYR A 40 -42.96 33.13 -24.91
C TYR A 40 -43.70 31.95 -24.31
N LEU A 41 -44.83 32.25 -23.70
CA LEU A 41 -45.70 31.26 -23.06
C LEU A 41 -47.00 31.21 -23.85
N LYS A 42 -47.24 30.09 -24.51
CA LYS A 42 -48.48 29.90 -25.26
C LYS A 42 -49.54 29.31 -24.35
N PRO A 43 -50.80 29.30 -24.77
CA PRO A 43 -51.84 28.63 -23.99
C PRO A 43 -51.44 27.19 -23.70
N GLY A 44 -51.76 26.73 -22.50
CA GLY A 44 -51.34 25.43 -22.05
C GLY A 44 -49.93 25.37 -21.50
N TRP A 45 -49.28 26.53 -21.29
CA TRP A 45 -47.90 26.48 -20.81
C TRP A 45 -47.77 25.91 -19.41
N ILE A 46 -48.83 25.97 -18.61
CA ILE A 46 -48.78 25.50 -17.23
C ILE A 46 -49.06 23.99 -17.23
N LEU A 47 -48.05 23.19 -16.96
CA LEU A 47 -48.19 21.74 -16.90
C LEU A 47 -48.26 21.29 -15.43
N ASP A 48 -49.33 21.73 -14.76
CA ASP A 48 -49.60 21.31 -13.40
C ASP A 48 -50.43 20.05 -13.43
N THR A 49 -49.90 18.96 -12.87
CA THR A 49 -50.61 17.69 -12.81
C THR A 49 -50.88 17.31 -11.35
N HIS A 50 -52.11 16.90 -11.09
CA HIS A 50 -52.59 16.59 -9.75
C HIS A 50 -53.98 15.98 -9.88
N PHE A 51 -54.43 15.36 -8.81
CA PHE A 51 -55.84 15.02 -8.74
C PHE A 51 -56.66 16.30 -8.87
N THR A 52 -57.96 16.13 -9.05
CA THR A 52 -58.86 17.28 -9.24
C THR A 52 -59.23 17.83 -7.86
N PHE A 53 -58.65 18.99 -7.53
CA PHE A 53 -58.94 19.65 -6.27
C PHE A 53 -60.45 19.80 -6.09
N GLY A 54 -60.87 19.57 -4.84
CA GLY A 54 -62.26 19.65 -4.47
C GLY A 54 -63.02 18.34 -4.47
N THR A 55 -62.53 17.33 -5.15
CA THR A 55 -63.16 16.03 -5.18
C THR A 55 -62.52 15.13 -4.13
N SER A 56 -62.84 13.84 -4.17
CA SER A 56 -62.19 12.87 -3.30
C SER A 56 -61.25 12.00 -4.10
N SER A 57 -60.37 11.30 -3.39
CA SER A 57 -59.48 10.37 -4.05
C SER A 57 -60.26 9.19 -4.62
N GLU A 58 -61.28 8.72 -3.91
CA GLU A 58 -62.12 7.64 -4.42
C GLU A 58 -62.72 7.99 -5.76
N PHE A 59 -63.31 9.18 -5.85
CA PHE A 59 -63.87 9.63 -7.11
C PHE A 59 -62.81 9.76 -8.18
N TYR A 60 -61.72 10.47 -7.88
CA TYR A 60 -60.68 10.68 -8.89
C TYR A 60 -60.17 9.35 -9.41
N ASN A 61 -59.90 8.42 -8.49
CA ASN A 61 -59.31 7.15 -8.85
C ASN A 61 -60.23 6.32 -9.72
N LYS A 62 -61.55 6.53 -9.61
CA LYS A 62 -62.46 5.85 -10.52
C LYS A 62 -62.17 6.16 -11.98
N SER A 63 -61.43 7.23 -12.26
CA SER A 63 -61.08 7.53 -13.64
C SER A 63 -60.31 6.39 -14.33
N PHE A 64 -59.69 5.49 -13.57
CA PHE A 64 -58.94 4.38 -14.13
C PHE A 64 -59.64 3.03 -14.08
N ASP A 65 -60.89 2.99 -13.64
CA ASP A 65 -61.67 1.75 -13.68
C ASP A 65 -62.19 1.53 -15.09
N ALA A 66 -62.05 0.33 -15.60
CA ALA A 66 -62.63 -0.03 -16.88
C ALA A 66 -64.06 -0.54 -16.71
N LEU A 67 -64.98 -0.02 -17.54
CA LEU A 67 -66.40 -0.36 -17.50
C LEU A 67 -66.84 -1.04 -18.78
N SER A 68 -67.99 -1.70 -18.71
CA SER A 68 -68.71 -2.21 -19.89
C SER A 68 -67.85 -3.07 -20.81
N PHE A 69 -67.12 -4.01 -20.19
CA PHE A 69 -66.31 -4.99 -20.94
C PHE A 69 -65.14 -4.35 -21.69
N ASN A 70 -64.68 -3.23 -21.18
CA ASN A 70 -63.42 -2.63 -21.60
C ASN A 70 -62.28 -3.24 -20.79
N HIS A 71 -61.08 -2.75 -20.99
CA HIS A 71 -59.90 -3.23 -20.27
C HIS A 71 -58.94 -2.06 -20.08
N VAL A 72 -57.93 -2.28 -19.25
CA VAL A 72 -56.90 -1.29 -18.97
C VAL A 72 -55.79 -1.52 -19.98
N ASP A 73 -55.55 -0.53 -20.83
CA ASP A 73 -54.47 -0.63 -21.80
C ASP A 73 -53.13 -0.75 -21.09
N SER A 74 -52.32 -1.72 -21.50
CA SER A 74 -51.04 -1.97 -20.85
C SER A 74 -49.96 -0.93 -21.17
N GLU A 75 -50.05 -0.26 -22.31
CA GLU A 75 -49.05 0.73 -22.66
C GLU A 75 -49.28 2.03 -21.88
N PHE A 76 -50.53 2.44 -21.74
CA PHE A 76 -50.83 3.74 -21.15
C PHE A 76 -51.52 3.68 -19.80
N ASN A 77 -51.90 2.48 -19.34
CA ASN A 77 -52.45 2.29 -18.00
C ASN A 77 -53.72 3.11 -17.79
N MET A 78 -54.52 3.19 -18.84
CA MET A 78 -55.80 3.85 -18.84
C MET A 78 -56.86 2.88 -19.39
N SER A 79 -58.10 3.08 -18.96
CA SER A 79 -59.21 2.30 -19.47
C SER A 79 -59.42 2.57 -20.95
N THR A 80 -59.70 1.50 -21.68
CA THR A 80 -60.15 1.57 -23.05
C THR A 80 -61.62 2.00 -23.08
N CYS A 81 -62.15 2.22 -24.29
CA CYS A 81 -63.05 3.34 -24.48
C CYS A 81 -63.82 3.39 -25.78
N ASN A 82 -65.14 3.52 -25.71
CA ASN A 82 -65.92 3.80 -26.92
C ASN A 82 -66.65 5.13 -26.92
N ASP A 83 -67.10 5.62 -25.78
CA ASP A 83 -67.60 6.99 -25.68
C ASP A 83 -67.52 7.42 -24.22
N ASP A 84 -67.91 8.68 -23.96
CA ASP A 84 -67.71 9.25 -22.64
C ASP A 84 -68.45 8.47 -21.56
N SER A 85 -69.56 7.81 -21.93
CA SER A 85 -70.38 7.17 -20.91
C SER A 85 -69.71 5.97 -20.30
N GLU A 86 -68.66 5.45 -20.93
CA GLU A 86 -67.91 4.32 -20.42
C GLU A 86 -66.70 4.75 -19.60
N CYS A 87 -66.48 6.04 -19.41
CA CYS A 87 -65.33 6.55 -18.66
C CYS A 87 -65.82 7.12 -17.34
N GLY A 88 -65.24 6.65 -16.24
CA GLY A 88 -65.60 7.09 -14.91
C GLY A 88 -64.74 8.21 -14.38
N GLY A 89 -64.99 8.55 -13.12
CA GLY A 89 -64.23 9.63 -12.48
C GLY A 89 -64.30 10.93 -13.23
N VAL A 90 -63.14 11.55 -13.42
CA VAL A 90 -63.03 12.78 -14.17
C VAL A 90 -62.55 12.56 -15.60
N SER A 91 -62.50 11.32 -16.07
CA SER A 91 -61.95 11.03 -17.37
C SER A 91 -63.03 11.20 -18.45
N THR A 92 -62.57 11.38 -19.69
CA THR A 92 -63.42 11.39 -20.86
C THR A 92 -62.77 10.54 -21.95
N CYS A 93 -63.58 10.10 -22.93
CA CYS A 93 -63.09 9.26 -24.01
C CYS A 93 -62.42 10.10 -25.08
N THR A 94 -61.18 9.78 -25.41
CA THR A 94 -60.32 10.62 -26.23
C THR A 94 -59.38 9.71 -27.02
N ALA A 95 -58.93 10.18 -28.17
CA ALA A 95 -57.98 9.44 -29.01
C ALA A 95 -56.75 10.31 -29.22
N PRO A 96 -55.86 10.39 -28.24
CA PRO A 96 -54.76 11.34 -28.33
C PRO A 96 -53.74 10.92 -29.36
N ALA A 97 -53.12 11.91 -29.98
CA ALA A 97 -52.05 11.64 -30.94
C ALA A 97 -50.90 10.84 -30.33
N TYR A 98 -50.64 11.00 -29.01
CA TYR A 98 -49.52 10.29 -28.42
C TYR A 98 -49.76 8.77 -28.26
N THR A 99 -50.98 8.27 -28.56
CA THR A 99 -51.22 6.83 -28.61
C THR A 99 -51.02 6.27 -30.02
N LYS A 100 -50.81 7.11 -31.01
CA LYS A 100 -50.58 6.66 -32.37
C LYS A 100 -49.27 5.90 -32.45
N ASN A 101 -49.33 4.65 -32.84
CA ASN A 101 -48.14 3.83 -32.93
C ASN A 101 -47.48 4.01 -34.31
N LYS A 102 -46.39 3.27 -34.54
CA LYS A 102 -45.61 3.45 -35.75
C LYS A 102 -46.41 3.19 -37.02
N ASP A 103 -47.49 2.44 -36.96
CA ASP A 103 -48.35 2.21 -38.11
C ASP A 103 -49.49 3.23 -38.21
N GLY A 104 -49.47 4.29 -37.39
CA GLY A 104 -50.40 5.39 -37.55
C GLY A 104 -51.70 5.30 -36.78
N ASP A 105 -51.97 4.19 -36.08
CA ASP A 105 -53.25 3.96 -35.42
C ASP A 105 -53.27 4.46 -33.97
N ALA A 106 -54.21 5.37 -33.67
CA ALA A 106 -54.43 5.82 -32.30
C ALA A 106 -55.43 4.91 -31.56
N LYS A 107 -55.52 5.10 -30.25
CA LYS A 107 -56.42 4.36 -29.40
C LYS A 107 -57.39 5.31 -28.70
N LYS A 108 -58.59 4.82 -28.42
CA LYS A 108 -59.55 5.54 -27.58
C LYS A 108 -59.33 5.09 -26.14
N LEU A 109 -58.99 6.05 -25.28
CA LEU A 109 -58.75 5.81 -23.87
C LEU A 109 -59.50 6.85 -23.03
N CYS A 110 -59.76 6.46 -21.79
CA CYS A 110 -60.34 7.36 -20.80
C CYS A 110 -59.20 8.20 -20.24
N THR A 111 -59.07 9.42 -20.76
CA THR A 111 -57.98 10.31 -20.38
C THR A 111 -58.43 11.27 -19.28
N VAL A 112 -57.44 11.88 -18.63
CA VAL A 112 -57.70 12.83 -17.53
C VAL A 112 -56.87 14.08 -17.76
N PRO A 113 -57.22 15.16 -17.09
CA PRO A 113 -56.44 16.41 -17.28
C PRO A 113 -54.94 16.28 -17.17
N ALA A 114 -54.44 15.48 -16.23
CA ALA A 114 -52.98 15.36 -16.05
C ALA A 114 -52.26 14.89 -17.33
N ASP A 115 -52.95 14.16 -18.20
CA ASP A 115 -52.35 13.73 -19.44
C ASP A 115 -51.94 14.91 -20.34
N LYS A 116 -52.29 16.14 -19.95
CA LYS A 116 -51.78 17.28 -20.70
C LYS A 116 -50.26 17.27 -20.81
N ILE A 117 -49.58 16.73 -19.80
CA ILE A 117 -48.12 16.67 -19.91
C ILE A 117 -47.69 15.77 -21.08
N LEU A 118 -48.39 14.65 -21.28
CA LEU A 118 -48.08 13.78 -22.43
C LEU A 118 -48.32 14.52 -23.74
N ASP A 119 -49.42 15.28 -23.82
CA ASP A 119 -49.68 16.04 -25.05
C ASP A 119 -48.53 17.01 -25.34
N ALA A 120 -48.00 17.65 -24.29
CA ALA A 120 -46.94 18.64 -24.50
C ALA A 120 -45.66 17.96 -24.97
N ILE A 121 -45.36 16.77 -24.44
CA ILE A 121 -44.11 16.11 -24.77
C ILE A 121 -44.17 15.63 -26.20
N TYR A 122 -45.20 14.85 -26.51
CA TYR A 122 -45.40 14.38 -27.87
C TYR A 122 -45.34 15.52 -28.89
N ASP A 123 -46.20 16.53 -28.69
CA ASP A 123 -46.30 17.59 -29.68
C ASP A 123 -44.96 18.28 -29.87
N ASN A 124 -44.18 18.43 -28.80
CA ASN A 124 -42.91 19.15 -28.96
C ASN A 124 -41.92 18.30 -29.75
N ILE A 125 -41.88 17.00 -29.46
CA ILE A 125 -40.82 16.15 -30.02
C ILE A 125 -41.06 15.90 -31.49
N VAL A 126 -42.30 15.64 -31.89
CA VAL A 126 -42.58 15.33 -33.27
C VAL A 126 -42.37 16.52 -34.16
N SER A 127 -42.24 17.71 -33.60
CA SER A 127 -41.98 18.92 -34.38
C SER A 127 -40.49 19.17 -34.58
N ALA A 128 -39.62 18.34 -34.05
CA ALA A 128 -38.20 18.65 -34.08
C ALA A 128 -37.65 18.55 -35.51
N LYS A 129 -36.83 19.54 -35.87
CA LYS A 129 -36.06 19.50 -37.09
C LYS A 129 -34.56 19.39 -36.87
N ARG A 130 -34.08 19.40 -35.62
CA ARG A 130 -32.65 19.41 -35.39
C ARG A 130 -32.22 18.54 -34.22
N SER A 131 -32.90 18.69 -33.07
CA SER A 131 -32.42 18.04 -31.87
C SER A 131 -33.56 17.83 -30.87
N VAL A 132 -33.46 16.73 -30.13
CA VAL A 132 -34.31 16.39 -29.01
C VAL A 132 -33.36 16.06 -27.86
N ASP A 133 -33.48 16.79 -26.76
CA ASP A 133 -32.51 16.76 -25.67
C ASP A 133 -33.28 16.54 -24.38
N ILE A 134 -33.12 15.35 -23.80
CA ILE A 134 -33.88 14.95 -22.63
C ILE A 134 -32.91 14.69 -21.46
N VAL A 135 -33.18 15.36 -20.35
CA VAL A 135 -32.41 15.22 -19.12
C VAL A 135 -33.39 14.87 -18.01
N THR A 136 -33.06 13.85 -17.21
CA THR A 136 -33.98 13.44 -16.17
C THR A 136 -33.27 12.66 -15.08
N LEU A 137 -34.08 12.09 -14.19
CA LEU A 137 -33.64 11.27 -13.08
C LEU A 137 -34.05 9.82 -13.34
N GLN A 138 -33.13 8.88 -13.06
CA GLN A 138 -33.44 7.47 -13.27
C GLN A 138 -34.65 7.02 -12.48
N PRO A 139 -35.58 6.29 -13.08
CA PRO A 139 -36.69 5.70 -12.32
C PRO A 139 -36.21 4.88 -11.13
N MET A 140 -36.99 4.96 -10.06
CA MET A 140 -36.59 4.39 -8.77
C MET A 140 -36.61 2.87 -8.78
N ASP A 141 -37.41 2.27 -9.66
CA ASP A 141 -37.61 0.82 -9.63
C ASP A 141 -38.04 0.38 -8.22
N ILE A 142 -39.34 0.53 -7.92
CA ILE A 142 -39.79 0.29 -6.56
C ILE A 142 -39.72 -1.20 -6.22
N SER A 143 -39.80 -2.08 -7.23
CA SER A 143 -39.57 -3.51 -7.00
C SER A 143 -39.33 -4.25 -8.31
N HIS A 144 -39.92 -3.73 -9.39
CA HIS A 144 -39.79 -4.22 -10.76
C HIS A 144 -38.37 -4.62 -11.14
N LEU A 145 -37.91 -4.24 -12.33
CA LEU A 145 -36.57 -4.65 -12.71
C LEU A 145 -35.57 -3.53 -12.45
N ASN A 146 -35.54 -2.54 -13.32
CA ASN A 146 -34.33 -1.80 -13.66
C ASN A 146 -34.65 -0.98 -14.91
N LEU A 147 -35.47 0.06 -14.76
CA LEU A 147 -35.89 0.88 -15.85
C LEU A 147 -34.91 2.03 -16.05
N SER A 148 -35.02 2.69 -17.19
CA SER A 148 -34.21 3.85 -17.52
C SER A 148 -35.08 4.90 -18.17
N PHE A 149 -34.76 6.16 -17.85
CA PHE A 149 -35.31 7.37 -18.46
C PHE A 149 -36.78 7.62 -18.20
N SER A 150 -37.62 6.58 -18.24
CA SER A 150 -39.05 6.80 -18.23
C SER A 150 -39.74 5.52 -17.80
N SER A 151 -40.96 5.65 -17.31
CA SER A 151 -41.75 4.49 -16.92
C SER A 151 -43.21 4.76 -17.24
N GLY A 152 -43.99 3.70 -17.30
CA GLY A 152 -45.41 3.82 -17.60
C GLY A 152 -45.66 4.53 -18.92
N ALA A 153 -46.69 5.36 -18.91
CA ALA A 153 -47.15 5.98 -20.14
C ALA A 153 -46.12 6.89 -20.77
N PHE A 154 -45.18 7.42 -19.99
CA PHE A 154 -44.17 8.28 -20.60
C PHE A 154 -43.35 7.50 -21.63
N THR A 155 -43.08 6.22 -21.35
CA THR A 155 -42.24 5.44 -22.26
C THR A 155 -42.92 5.29 -23.61
N ALA A 156 -44.17 4.80 -23.62
CA ALA A 156 -44.95 4.72 -24.86
C ALA A 156 -44.98 6.06 -25.55
N THR A 157 -45.18 7.14 -24.80
CA THR A 157 -45.31 8.44 -25.43
C THR A 157 -44.03 8.77 -26.17
N ILE A 158 -42.90 8.56 -25.51
CA ILE A 158 -41.63 8.94 -26.13
C ILE A 158 -41.41 8.12 -27.38
N LYS A 159 -41.71 6.81 -27.28
CA LYS A 159 -41.48 5.95 -28.42
C LYS A 159 -42.35 6.38 -29.58
N ASN A 160 -43.64 6.62 -29.32
CA ASN A 160 -44.55 6.99 -30.40
C ASN A 160 -44.09 8.33 -30.98
N ALA A 161 -43.64 9.23 -30.13
CA ALA A 161 -43.19 10.52 -30.62
C ALA A 161 -42.01 10.34 -31.57
N LEU A 162 -41.03 9.50 -31.16
CA LEU A 162 -39.86 9.27 -32.00
C LEU A 162 -40.28 8.60 -33.31
N SER A 163 -41.24 7.67 -33.24
CA SER A 163 -41.70 7.04 -34.47
C SER A 163 -42.21 8.12 -35.41
N GLN A 164 -43.07 8.99 -34.88
CA GLN A 164 -43.64 10.01 -35.75
C GLN A 164 -42.53 10.95 -36.21
N LEU A 165 -41.57 11.23 -35.32
CA LEU A 165 -40.47 12.11 -35.66
C LEU A 165 -39.69 11.56 -36.82
N ALA A 166 -39.47 10.24 -36.83
CA ALA A 166 -38.67 9.67 -37.91
C ALA A 166 -39.38 9.86 -39.24
N LYS A 167 -40.71 9.74 -39.25
CA LYS A 167 -41.42 9.95 -40.50
C LYS A 167 -41.40 11.43 -40.89
N ASN A 168 -41.48 12.34 -39.92
CA ASN A 168 -41.55 13.75 -40.27
C ASN A 168 -40.23 14.26 -40.84
N THR A 169 -39.12 13.61 -40.51
CA THR A 169 -37.79 14.06 -40.91
C THR A 169 -37.14 13.12 -41.91
N GLN A 170 -37.90 12.21 -42.51
CA GLN A 170 -37.31 11.21 -43.40
C GLN A 170 -36.59 11.83 -44.60
N TYR A 171 -36.97 13.05 -44.99
CA TYR A 171 -36.28 13.69 -46.10
C TYR A 171 -35.37 14.80 -45.63
N SER A 172 -35.02 14.84 -44.36
CA SER A 172 -34.19 15.90 -43.82
C SER A 172 -32.80 15.91 -44.45
N ASP A 173 -32.28 17.12 -44.65
CA ASP A 173 -30.92 17.28 -45.17
C ASP A 173 -29.86 16.83 -44.18
N HIS A 174 -30.20 16.80 -42.91
CA HIS A 174 -29.24 16.47 -41.86
C HIS A 174 -29.91 15.57 -40.85
N HIS A 175 -29.08 14.88 -40.06
CA HIS A 175 -29.60 14.02 -39.01
C HIS A 175 -30.00 14.85 -37.79
N ILE A 176 -30.96 14.33 -37.04
CA ILE A 176 -31.46 14.93 -35.81
C ILE A 176 -30.78 14.24 -34.63
N THR A 177 -30.25 15.02 -33.72
CA THR A 177 -29.59 14.49 -32.53
C THR A 177 -30.62 14.32 -31.42
N VAL A 178 -30.81 13.09 -30.94
CA VAL A 178 -31.67 12.76 -29.82
C VAL A 178 -30.78 12.29 -28.68
N ARG A 179 -30.72 13.06 -27.60
CA ARG A 179 -29.91 12.78 -26.42
C ARG A 179 -30.84 12.47 -25.26
N LEU A 180 -30.64 11.34 -24.59
CA LEU A 180 -31.35 11.01 -23.35
C LEU A 180 -30.34 10.77 -22.22
N LEU A 181 -30.40 11.58 -21.20
CA LEU A 181 -29.47 11.51 -20.08
C LEU A 181 -30.23 11.38 -18.77
N GLN A 182 -29.81 10.43 -17.95
CA GLN A 182 -30.42 10.27 -16.63
C GLN A 182 -29.36 10.31 -15.57
N GLY A 183 -29.67 10.99 -14.46
CA GLY A 183 -28.86 10.86 -13.26
C GLY A 183 -29.18 9.55 -12.56
N SER A 184 -28.16 8.80 -12.22
CA SER A 184 -28.32 7.45 -11.70
C SER A 184 -27.90 7.38 -10.24
N PHE A 185 -28.72 6.72 -9.42
CA PHE A 185 -28.56 6.65 -7.97
C PHE A 185 -27.77 5.42 -7.54
N THR A 186 -27.10 5.52 -6.25
CA THR A 186 -26.06 4.65 -5.65
C THR A 186 -26.60 3.57 -4.72
N PRO A 187 -26.10 2.33 -4.84
CA PRO A 187 -26.46 1.31 -3.85
C PRO A 187 -25.87 1.59 -2.46
N GLU A 194 -14.54 -2.17 -7.59
CA GLU A 194 -15.05 -3.04 -8.64
C GLU A 194 -16.58 -3.09 -8.65
N SER A 195 -17.21 -2.63 -7.57
CA SER A 195 -18.67 -2.61 -7.49
C SER A 195 -19.27 -1.59 -8.46
N GLU A 196 -18.55 -0.49 -8.69
CA GLU A 196 -18.93 0.47 -9.73
C GLU A 196 -18.90 -0.19 -11.11
N GLU A 197 -17.93 -1.07 -11.35
CA GLU A 197 -17.88 -1.84 -12.60
C GLU A 197 -19.18 -2.60 -12.84
N GLU A 198 -19.66 -3.32 -11.81
CA GLU A 198 -20.92 -4.05 -11.95
C GLU A 198 -22.10 -3.10 -12.17
N GLU A 199 -22.13 -1.98 -11.43
CA GLU A 199 -23.20 -1.01 -11.64
C GLU A 199 -23.23 -0.57 -13.09
N ILE A 200 -22.05 -0.24 -13.64
CA ILE A 200 -22.01 0.19 -15.03
C ILE A 200 -22.53 -0.92 -15.94
N ARG A 201 -22.19 -2.18 -15.65
CA ARG A 201 -22.67 -3.28 -16.49
C ARG A 201 -24.20 -3.29 -16.53
N GLN A 202 -24.84 -3.24 -15.37
CA GLN A 202 -26.29 -3.25 -15.29
C GLN A 202 -26.90 -2.06 -16.02
N LEU A 203 -26.33 -0.88 -15.80
CA LEU A 203 -26.82 0.33 -16.46
C LEU A 203 -26.69 0.22 -17.96
N SER A 204 -25.56 -0.29 -18.45
CA SER A 204 -25.35 -0.39 -19.88
C SER A 204 -26.40 -1.29 -20.49
N LEU A 205 -26.68 -2.41 -19.82
CA LEU A 205 -27.67 -3.35 -20.37
C LEU A 205 -29.05 -2.72 -20.47
N THR A 206 -29.49 -2.06 -19.39
CA THR A 206 -30.80 -1.43 -19.45
C THR A 206 -30.87 -0.34 -20.51
N GLN A 207 -29.81 0.46 -20.64
CA GLN A 207 -29.83 1.55 -21.62
C GLN A 207 -29.79 0.99 -23.04
N THR A 208 -29.03 -0.06 -23.25
CA THR A 208 -29.03 -0.73 -24.54
C THR A 208 -30.41 -1.27 -24.91
N ASN A 209 -31.13 -1.85 -23.93
CA ASN A 209 -32.49 -2.33 -24.24
C ASN A 209 -33.44 -1.18 -24.56
N TYR A 210 -33.31 -0.07 -23.84
CA TYR A 210 -34.19 1.05 -24.10
C TYR A 210 -33.95 1.58 -25.51
N LEU A 211 -32.68 1.72 -25.88
CA LEU A 211 -32.32 2.15 -27.22
C LEU A 211 -32.81 1.17 -28.27
N SER A 212 -32.62 -0.12 -28.03
CA SER A 212 -33.05 -1.12 -29.00
C SER A 212 -34.55 -1.09 -29.19
N GLU A 213 -35.30 -0.89 -28.10
CA GLU A 213 -36.74 -0.78 -28.18
C GLU A 213 -37.15 0.40 -29.05
N ILE A 214 -36.46 1.54 -28.90
CA ILE A 214 -36.74 2.68 -29.77
C ILE A 214 -36.42 2.31 -31.21
N ALA A 215 -35.25 1.75 -31.44
CA ALA A 215 -34.85 1.42 -32.82
C ALA A 215 -35.87 0.53 -33.50
N SER A 216 -36.50 -0.37 -32.73
CA SER A 216 -37.44 -1.31 -33.34
C SER A 216 -38.75 -0.66 -33.77
N VAL A 217 -39.01 0.59 -33.41
CA VAL A 217 -40.20 1.28 -33.90
C VAL A 217 -39.85 2.41 -34.88
N LEU A 218 -38.64 2.49 -35.31
CA LEU A 218 -38.27 3.43 -36.36
C LEU A 218 -38.07 2.71 -37.69
N PRO A 219 -38.17 3.41 -38.82
CA PRO A 219 -37.83 2.78 -40.11
C PRO A 219 -36.39 2.30 -40.11
N GLU A 220 -36.12 1.29 -40.92
CA GLU A 220 -34.78 0.72 -40.98
C GLU A 220 -33.74 1.78 -41.34
N VAL A 221 -34.10 2.70 -42.23
CA VAL A 221 -33.25 3.84 -42.57
C VAL A 221 -33.97 5.11 -42.13
N ASN A 222 -33.31 5.89 -41.27
CA ASN A 222 -33.90 7.11 -40.75
C ASN A 222 -32.78 8.06 -40.43
N ASN A 223 -33.14 9.31 -40.12
CA ASN A 223 -32.17 10.36 -39.87
C ASN A 223 -32.04 10.69 -38.38
N LEU A 224 -32.41 9.79 -37.49
CA LEU A 224 -32.25 10.03 -36.05
C LEU A 224 -30.97 9.39 -35.53
N ASP A 225 -30.14 10.17 -34.82
CA ASP A 225 -28.95 9.68 -34.13
C ASP A 225 -29.27 9.74 -32.65
N ILE A 226 -29.42 8.58 -32.00
CA ILE A 226 -29.99 8.51 -30.67
C ILE A 226 -28.92 8.06 -29.69
N THR A 227 -28.65 8.87 -28.67
CA THR A 227 -27.74 8.49 -27.60
C THR A 227 -28.49 8.35 -26.28
N VAL A 228 -28.15 7.31 -25.52
CA VAL A 228 -28.63 7.16 -24.15
C VAL A 228 -27.41 7.15 -23.23
N GLY A 229 -27.54 7.78 -22.05
CA GLY A 229 -26.50 7.76 -21.05
C GLY A 229 -26.96 7.96 -19.61
N SER A 230 -26.08 7.63 -18.70
CA SER A 230 -26.23 7.80 -17.26
C SER A 230 -25.09 8.66 -16.74
N VAL A 231 -25.40 9.55 -15.77
CA VAL A 231 -24.39 10.43 -15.18
C VAL A 231 -24.48 10.37 -13.66
N ARG A 232 -23.35 10.13 -13.02
CA ARG A 232 -23.17 10.23 -11.58
C ARG A 232 -21.84 10.94 -11.38
N SER A 233 -21.80 11.98 -10.57
CA SER A 233 -20.58 12.76 -10.43
C SER A 233 -19.86 12.51 -9.12
N CYS A 234 -20.46 11.80 -8.18
CA CYS A 234 -19.81 11.53 -6.91
C CYS A 234 -20.43 10.34 -6.24
N ASN A 235 -19.59 9.45 -5.73
CA ASN A 235 -20.00 8.22 -5.08
C ASN A 235 -19.20 8.02 -3.80
N LYS A 236 -18.69 9.10 -3.21
CA LYS A 236 -17.65 8.98 -2.19
C LYS A 236 -18.18 8.49 -0.86
N LEU A 237 -19.35 8.99 -0.42
CA LEU A 237 -19.96 8.62 0.84
C LEU A 237 -19.20 9.14 2.07
N ILE A 238 -17.87 8.98 2.09
CA ILE A 238 -17.08 9.28 3.28
C ILE A 238 -16.43 10.64 3.21
N SER A 239 -16.70 11.42 2.18
CA SER A 239 -16.05 12.74 2.08
C SER A 239 -16.85 13.59 1.11
N ASN A 240 -16.48 14.87 1.05
CA ASN A 240 -17.25 15.88 0.36
C ASN A 240 -17.21 15.71 -1.16
N CYS A 241 -18.35 15.97 -1.81
CA CYS A 241 -18.47 15.79 -3.25
C CYS A 241 -17.98 17.01 -4.04
N GLY A 242 -17.84 18.15 -3.38
CA GLY A 242 -17.45 19.37 -4.04
C GLY A 242 -18.43 20.50 -3.82
N ASN A 243 -18.41 21.08 -2.62
CA ASN A 243 -19.30 22.18 -2.27
C ASN A 243 -18.66 22.97 -1.12
N ASN A 244 -19.35 24.03 -0.70
CA ASN A 244 -18.88 24.87 0.39
C ASN A 244 -19.78 24.74 1.62
N ASN A 245 -20.43 23.58 1.78
CA ASN A 245 -21.37 23.39 2.87
C ASN A 245 -20.66 23.51 4.23
N SER A 246 -21.39 24.03 5.21
CA SER A 246 -21.00 23.88 6.61
C SER A 246 -21.44 22.54 7.16
N GLN A 247 -22.65 22.10 6.82
CA GLN A 247 -23.14 20.81 7.26
C GLN A 247 -22.36 19.69 6.60
N LYS A 248 -22.22 18.59 7.32
CA LYS A 248 -21.58 17.38 6.84
C LYS A 248 -22.50 16.20 7.09
N ASP A 249 -22.67 15.33 6.10
CA ASP A 249 -23.49 14.13 6.30
C ASP A 249 -23.20 13.11 5.19
N VAL A 250 -23.25 11.84 5.58
CA VAL A 250 -23.01 10.76 4.64
C VAL A 250 -23.95 10.86 3.45
N LEU A 251 -25.22 11.21 3.70
CA LEU A 251 -26.21 11.24 2.63
C LEU A 251 -25.98 12.39 1.65
N LEU A 252 -25.22 13.40 2.03
CA LEU A 252 -24.84 14.47 1.13
C LEU A 252 -23.62 14.14 0.30
N ASN A 253 -22.90 13.04 0.60
CA ASN A 253 -21.67 12.69 -0.07
C ASN A 253 -21.87 11.78 -1.27
N VAL A 254 -23.00 11.93 -1.97
CA VAL A 254 -23.25 11.30 -3.27
C VAL A 254 -23.90 12.36 -4.13
N ALA A 255 -23.73 12.24 -5.44
CA ALA A 255 -24.30 13.23 -6.34
C ALA A 255 -24.48 12.70 -7.75
N TRP A 256 -25.63 13.07 -8.35
CA TRP A 256 -26.01 12.74 -9.71
C TRP A 256 -26.96 13.84 -10.16
N ASN A 257 -27.26 13.85 -11.46
CA ASN A 257 -28.18 14.85 -11.99
C ASN A 257 -29.62 14.66 -11.49
N HIS A 258 -30.25 15.77 -11.14
CA HIS A 258 -31.65 15.85 -10.73
C HIS A 258 -32.41 16.86 -11.61
N GLY A 259 -31.72 17.60 -12.48
CA GLY A 259 -32.40 18.46 -13.43
C GLY A 259 -33.30 17.69 -14.41
N LYS A 260 -34.33 18.38 -14.91
CA LYS A 260 -35.43 17.76 -15.66
C LYS A 260 -35.76 18.67 -16.82
N ILE A 261 -35.38 18.24 -18.02
CA ILE A 261 -35.46 19.07 -19.21
C ILE A 261 -35.89 18.23 -20.40
N ILE A 262 -36.79 18.76 -21.22
CA ILE A 262 -37.05 18.26 -22.56
C ILE A 262 -36.95 19.47 -23.48
N ASN A 263 -35.94 19.50 -24.34
CA ASN A 263 -35.55 20.66 -25.11
C ASN A 263 -35.50 20.25 -26.57
N VAL A 264 -36.36 20.87 -27.38
CA VAL A 264 -36.49 20.55 -28.80
C VAL A 264 -35.92 21.73 -29.58
N ASP A 265 -34.94 21.41 -30.44
CA ASP A 265 -34.39 22.33 -31.44
C ASP A 265 -33.77 23.55 -30.78
N ASN A 266 -33.34 23.41 -29.52
CA ASN A 266 -32.77 24.56 -28.82
C ASN A 266 -33.76 25.74 -28.87
N GLN A 267 -35.06 25.42 -28.81
CA GLN A 267 -36.09 26.45 -28.90
C GLN A 267 -37.21 26.24 -27.88
N SER A 268 -37.76 25.02 -27.80
CA SER A 268 -38.92 24.73 -26.98
C SER A 268 -38.48 23.89 -25.79
N VAL A 269 -38.79 24.36 -24.58
CA VAL A 269 -38.33 23.69 -23.38
C VAL A 269 -39.51 23.38 -22.49
N ILE A 270 -39.54 22.14 -22.01
CA ILE A 270 -40.39 21.69 -20.92
C ILE A 270 -39.43 21.44 -19.77
N THR A 271 -39.67 22.11 -18.64
CA THR A 271 -38.81 21.89 -17.48
C THR A 271 -39.62 22.08 -16.22
N GLY A 272 -39.17 21.47 -15.14
CA GLY A 272 -39.84 21.61 -13.84
C GLY A 272 -39.54 20.44 -12.93
N GLY A 273 -40.53 20.06 -12.12
CA GLY A 273 -40.34 19.03 -11.13
C GLY A 273 -40.59 17.63 -11.59
N HIS A 274 -41.30 17.44 -12.71
CA HIS A 274 -41.77 16.13 -13.10
C HIS A 274 -40.60 15.26 -13.57
N ASN A 275 -40.44 14.11 -12.95
CA ASN A 275 -39.75 13.01 -13.61
C ASN A 275 -40.72 12.35 -14.59
N LEU A 276 -40.17 11.58 -15.53
CA LEU A 276 -41.01 10.90 -16.54
C LEU A 276 -41.51 9.54 -16.02
N TRP A 277 -42.19 9.62 -14.84
CA TRP A 277 -42.62 8.39 -14.14
C TRP A 277 -44.15 8.30 -14.14
N GLY A 278 -44.67 7.43 -15.00
CA GLY A 278 -46.11 7.42 -15.23
C GLY A 278 -46.92 7.11 -13.99
N ALA A 279 -46.56 6.05 -13.27
CA ALA A 279 -47.42 5.59 -12.19
C ALA A 279 -47.52 6.66 -11.10
N ASP A 280 -46.50 7.52 -11.00
CA ASP A 280 -46.47 8.52 -9.93
C ASP A 280 -47.35 9.72 -10.23
N TYR A 281 -47.65 10.00 -11.50
CA TYR A 281 -48.37 11.19 -11.88
C TYR A 281 -49.67 10.92 -12.62
N LEU A 282 -49.75 9.84 -13.41
CA LEU A 282 -50.81 9.71 -14.40
C LEU A 282 -51.69 8.50 -14.16
N GLN A 283 -51.75 8.01 -12.93
CA GLN A 283 -52.56 6.84 -12.57
C GLN A 283 -53.32 7.22 -11.30
N ARG A 284 -53.76 6.23 -10.54
CA ARG A 284 -54.39 6.49 -9.24
C ARG A 284 -53.44 7.23 -8.27
N ASN A 285 -54.06 7.87 -7.29
CA ASN A 285 -53.39 8.60 -6.24
C ASN A 285 -52.22 9.43 -6.76
N PRO A 286 -52.48 10.37 -7.67
CA PRO A 286 -51.38 11.12 -8.30
C PRO A 286 -50.65 12.04 -7.34
N VAL A 287 -49.35 12.08 -7.49
CA VAL A 287 -48.49 13.08 -6.85
C VAL A 287 -48.65 14.40 -7.59
N ASN A 288 -48.81 15.49 -6.84
CA ASN A 288 -48.90 16.82 -7.39
C ASN A 288 -47.52 17.33 -7.82
N ASP A 289 -47.45 17.88 -9.03
CA ASP A 289 -46.19 18.43 -9.52
C ASP A 289 -46.47 19.41 -10.64
N LEU A 290 -45.44 20.16 -11.02
CA LEU A 290 -45.55 21.26 -11.97
C LEU A 290 -44.35 21.30 -12.89
N SER A 291 -44.61 21.44 -14.19
CA SER A 291 -43.60 21.83 -15.16
C SER A 291 -44.20 22.94 -16.01
N ILE A 292 -43.37 23.57 -16.84
CA ILE A 292 -43.88 24.52 -17.80
C ILE A 292 -43.26 24.26 -19.15
N ASN A 293 -43.95 24.77 -20.17
CA ASN A 293 -43.64 24.64 -21.60
C ASN A 293 -43.45 26.07 -22.07
N ILE A 294 -42.23 26.40 -22.47
CA ILE A 294 -41.84 27.77 -22.78
C ILE A 294 -40.97 27.74 -24.03
N LEU A 295 -41.05 28.82 -24.82
CA LEU A 295 -40.30 28.89 -26.06
C LEU A 295 -39.48 30.16 -26.09
N GLY A 296 -38.21 30.05 -26.50
CA GLY A 296 -37.37 31.22 -26.63
C GLY A 296 -35.91 30.96 -26.32
N PRO A 297 -35.14 32.05 -26.28
CA PRO A 297 -33.68 31.92 -26.02
C PRO A 297 -33.36 31.32 -24.69
N ILE A 298 -34.31 31.22 -23.76
CA ILE A 298 -34.07 30.45 -22.55
C ILE A 298 -33.65 29.01 -22.89
N ALA A 299 -34.09 28.50 -24.03
CA ALA A 299 -33.70 27.15 -24.43
C ALA A 299 -32.19 27.04 -24.51
N SER A 300 -31.52 28.10 -24.95
CA SER A 300 -30.07 28.11 -25.00
C SER A 300 -29.46 27.72 -23.66
N THR A 301 -29.99 28.26 -22.57
CA THR A 301 -29.39 27.94 -21.27
C THR A 301 -29.61 26.47 -20.93
N ALA A 302 -30.79 25.95 -21.27
CA ALA A 302 -31.01 24.52 -21.06
C ALA A 302 -30.01 23.70 -21.88
N THR A 303 -29.77 24.11 -23.12
CA THR A 303 -28.82 23.37 -23.94
C THR A 303 -27.47 23.38 -23.27
N LYS A 304 -27.05 24.56 -22.79
CA LYS A 304 -25.77 24.65 -22.11
C LYS A 304 -25.72 23.72 -20.92
N TYR A 305 -26.82 23.63 -20.16
CA TYR A 305 -26.85 22.75 -19.01
C TYR A 305 -26.60 21.32 -19.47
N GLY A 306 -27.35 20.90 -20.50
CA GLY A 306 -27.17 19.57 -21.04
C GLY A 306 -25.75 19.37 -21.52
N ASN A 307 -25.18 20.39 -22.16
CA ASN A 307 -23.82 20.25 -22.69
C ASN A 307 -22.84 20.05 -21.54
N THR A 308 -23.01 20.81 -20.45
CA THR A 308 -22.10 20.64 -19.34
C THR A 308 -22.13 19.18 -18.87
N LEU A 309 -23.34 18.60 -18.78
CA LEU A 309 -23.41 17.23 -18.27
C LEU A 309 -22.83 16.25 -19.28
N TRP A 310 -23.17 16.44 -20.55
CA TRP A 310 -22.74 15.48 -21.56
C TRP A 310 -21.24 15.59 -21.77
N ASN A 311 -20.71 16.81 -21.76
CA ASN A 311 -19.27 16.98 -21.79
C ASN A 311 -18.62 16.13 -20.71
N TYR A 312 -19.14 16.24 -19.49
CA TYR A 312 -18.61 15.46 -18.39
C TYR A 312 -18.70 13.96 -18.73
N VAL A 313 -19.88 13.51 -19.15
CA VAL A 313 -20.04 12.10 -19.43
C VAL A 313 -19.06 11.67 -20.51
N CYS A 314 -18.86 12.52 -21.53
CA CYS A 314 -18.05 12.08 -22.67
C CYS A 314 -16.58 12.03 -22.28
N ASN A 315 -16.12 12.94 -21.41
CA ASN A 315 -14.70 13.02 -21.09
C ASN A 315 -14.41 12.46 -19.69
N ASN A 316 -15.23 11.50 -19.24
CA ASN A 316 -15.03 10.76 -18.01
C ASN A 316 -15.87 9.48 -18.08
N THR A 317 -16.04 8.94 -19.29
CA THR A 317 -16.81 7.72 -19.47
C THR A 317 -16.03 6.52 -18.91
N GLY A 318 -16.72 5.70 -18.11
CA GLY A 318 -16.09 4.59 -17.42
C GLY A 318 -15.91 4.84 -15.93
N THR A 319 -15.27 5.95 -15.58
CA THR A 319 -15.15 6.32 -14.17
C THR A 319 -16.53 6.40 -13.52
N ILE A 320 -16.55 6.14 -12.22
CA ILE A 320 -17.77 6.09 -11.40
C ILE A 320 -18.80 5.24 -12.14
N THR A 321 -20.02 5.78 -12.36
CA THR A 321 -21.06 5.05 -13.08
C THR A 321 -21.49 5.79 -14.37
N ASN A 322 -20.53 6.36 -15.11
CA ASN A 322 -20.85 7.13 -16.31
C ASN A 322 -20.65 6.24 -17.53
N THR A 323 -21.70 6.09 -18.31
CA THR A 323 -21.74 5.17 -19.43
C THR A 323 -22.79 5.68 -20.41
N PHE A 324 -22.52 5.45 -21.70
CA PHE A 324 -23.40 5.94 -22.75
C PHE A 324 -23.21 5.05 -23.98
N VAL A 325 -24.21 5.07 -24.84
CA VAL A 325 -24.10 4.42 -26.15
C VAL A 325 -25.06 5.10 -27.12
N THR A 326 -24.66 5.17 -28.39
CA THR A 326 -25.56 5.72 -29.38
C THR A 326 -25.84 4.72 -30.49
N TYR A 327 -27.00 4.90 -31.12
CA TYR A 327 -27.45 4.12 -32.26
C TYR A 327 -27.70 5.06 -33.42
N ALA A 328 -27.04 4.81 -34.54
CA ALA A 328 -27.16 5.70 -35.69
C ALA A 328 -26.65 4.95 -36.91
N ASN A 329 -27.26 5.22 -38.05
CA ASN A 329 -26.97 4.52 -39.29
C ASN A 329 -26.90 3.00 -39.09
N GLY A 330 -27.87 2.47 -38.37
CA GLY A 330 -27.98 1.04 -38.16
C GLY A 330 -26.93 0.41 -37.26
N GLN A 331 -26.15 1.19 -36.55
CA GLN A 331 -25.03 0.65 -35.79
C GLN A 331 -25.03 1.26 -34.38
N TYR A 332 -24.53 0.49 -33.42
CA TYR A 332 -24.18 1.02 -32.12
C TYR A 332 -22.75 1.56 -32.15
N THR A 333 -22.56 2.77 -31.61
CA THR A 333 -21.25 3.40 -31.53
C THR A 333 -21.11 4.15 -30.21
N TYR A 334 -19.89 4.62 -29.98
CA TYR A 334 -19.54 5.50 -28.86
C TYR A 334 -19.30 6.94 -29.33
N ASP A 335 -19.82 7.34 -30.48
CA ASP A 335 -19.86 8.74 -30.83
C ASP A 335 -20.69 9.45 -29.75
N CYS A 336 -20.11 10.46 -29.11
CA CYS A 336 -20.68 11.00 -27.89
C CYS A 336 -21.22 12.41 -28.13
N PRO A 337 -22.48 12.68 -27.91
CA PRO A 337 -23.00 14.04 -28.23
C PRO A 337 -22.72 15.05 -27.12
N ALA A 338 -21.44 15.41 -27.00
CA ALA A 338 -21.02 16.31 -25.93
C ALA A 338 -21.62 17.69 -26.09
N HIS A 339 -21.86 18.14 -27.33
CA HIS A 339 -22.24 19.51 -27.61
C HIS A 339 -23.34 19.60 -28.65
N ILE A 340 -24.47 20.14 -28.25
CA ILE A 340 -25.48 20.70 -29.14
C ILE A 340 -25.28 22.21 -29.13
N SER A 341 -25.31 22.82 -30.31
CA SER A 341 -25.14 24.26 -30.39
C SER A 341 -26.22 24.99 -29.61
N SER A 342 -25.81 25.96 -28.81
CA SER A 342 -26.70 26.74 -27.96
C SER A 342 -27.10 28.08 -28.58
N THR A 343 -26.54 28.42 -29.73
CA THR A 343 -26.92 29.63 -30.44
C THR A 343 -28.40 29.61 -30.80
N TYR A 344 -29.14 30.61 -30.31
CA TYR A 344 -30.58 30.64 -30.47
C TYR A 344 -30.95 31.18 -31.86
N VAL A 345 -31.83 30.46 -32.53
CA VAL A 345 -32.44 30.88 -33.80
C VAL A 345 -33.95 30.91 -33.57
N ALA A 346 -34.54 32.08 -33.75
CA ALA A 346 -35.98 32.22 -33.55
C ALA A 346 -36.71 31.40 -34.61
N PRO A 347 -37.71 30.61 -34.23
CA PRO A 347 -38.55 29.95 -35.24
C PRO A 347 -39.52 30.96 -35.84
N THR A 348 -40.23 30.53 -36.87
CA THR A 348 -41.26 31.36 -37.48
C THR A 348 -42.48 31.37 -36.56
N ASP A 349 -43.03 32.55 -36.32
CA ASP A 349 -44.13 32.70 -35.36
C ASP A 349 -43.69 32.30 -33.95
N ALA A 350 -42.47 32.68 -33.58
CA ALA A 350 -42.00 32.44 -32.22
C ALA A 350 -42.65 33.40 -31.22
N LYS A 351 -42.88 34.63 -31.63
CA LYS A 351 -43.44 35.67 -30.76
C LYS A 351 -44.97 35.45 -30.46
N ASN A 352 -45.51 34.28 -30.79
CA ASN A 352 -46.87 33.95 -30.46
C ASN A 352 -46.98 33.60 -28.99
N GLY A 353 -47.87 34.29 -28.28
CA GLY A 353 -48.08 34.05 -26.87
C GLY A 353 -47.62 35.21 -26.00
N LEU A 354 -47.65 34.99 -24.70
CA LEU A 354 -47.29 36.03 -23.74
C LEU A 354 -45.78 36.14 -23.59
N ALA A 355 -45.26 37.34 -23.80
CA ALA A 355 -43.83 37.64 -23.68
C ALA A 355 -43.45 37.95 -22.25
N VAL A 356 -42.44 37.23 -21.74
CA VAL A 356 -42.03 37.31 -20.34
C VAL A 356 -40.52 37.34 -20.21
N LYS A 357 -40.04 38.02 -19.16
CA LYS A 357 -38.62 38.01 -18.83
C LYS A 357 -38.32 36.73 -18.07
N VAL A 358 -37.25 36.04 -18.47
CA VAL A 358 -36.88 34.78 -17.83
C VAL A 358 -35.37 34.67 -17.76
N MET A 359 -34.87 34.12 -16.65
CA MET A 359 -33.46 33.78 -16.57
C MET A 359 -33.34 32.33 -16.13
N SER A 360 -32.19 31.73 -16.45
CA SER A 360 -31.92 30.38 -15.94
C SER A 360 -31.06 30.44 -14.68
N ILE A 361 -31.13 29.38 -13.88
CA ILE A 361 -30.36 29.27 -12.66
C ILE A 361 -30.10 27.81 -12.39
N SER A 362 -28.82 27.47 -12.19
CA SER A 362 -28.41 26.08 -12.13
C SER A 362 -27.43 25.83 -10.99
N LYS A 363 -27.36 24.56 -10.58
CA LYS A 363 -26.40 24.02 -9.62
C LYS A 363 -25.64 22.89 -10.29
N LEU A 364 -24.35 23.12 -10.54
CA LEU A 364 -23.52 22.20 -11.31
C LEU A 364 -22.24 21.82 -10.58
N ASN A 365 -22.20 22.01 -9.27
CA ASN A 365 -21.02 21.65 -8.50
C ASN A 365 -21.10 20.18 -8.09
N ASN A 366 -20.46 19.81 -7.01
CA ASN A 366 -20.46 18.44 -6.51
C ASN A 366 -19.94 17.46 -7.55
N GLY A 367 -18.84 17.84 -8.22
CA GLY A 367 -18.09 16.90 -9.03
C GLY A 367 -18.16 17.10 -10.53
N VAL A 368 -19.06 17.94 -11.02
CA VAL A 368 -19.14 18.21 -12.45
C VAL A 368 -18.25 19.40 -12.75
N LEU A 369 -18.66 20.57 -12.27
CA LEU A 369 -17.84 21.76 -12.36
C LEU A 369 -17.26 22.07 -10.98
N ASP A 370 -16.60 23.22 -10.85
CA ASP A 370 -15.99 23.67 -9.62
C ASP A 370 -17.00 23.72 -8.47
N LYS A 371 -16.50 23.59 -7.25
CA LYS A 371 -17.37 23.50 -6.09
C LYS A 371 -18.15 24.78 -5.81
N ASP A 372 -17.70 25.91 -6.33
CA ASP A 372 -18.42 27.16 -6.15
C ASP A 372 -19.63 27.27 -7.05
N ALA A 373 -19.89 26.29 -7.90
CA ALA A 373 -20.83 26.44 -9.01
C ALA A 373 -22.24 26.10 -8.58
N ASP A 374 -22.68 26.61 -7.43
CA ASP A 374 -24.05 26.47 -6.95
C ASP A 374 -24.65 27.88 -6.88
N GLN A 375 -25.17 28.35 -8.02
CA GLN A 375 -25.80 29.66 -8.06
C GLN A 375 -27.32 29.61 -7.86
N SER A 376 -27.91 28.42 -7.91
CA SER A 376 -29.35 28.29 -7.71
C SER A 376 -29.73 28.61 -6.25
N GLU A 377 -29.01 28.06 -5.29
CA GLU A 377 -29.27 28.38 -3.89
C GLU A 377 -29.15 29.87 -3.62
N VAL A 378 -28.06 30.48 -4.08
CA VAL A 378 -27.86 31.90 -3.91
C VAL A 378 -29.03 32.69 -4.48
N ALA A 379 -29.45 32.35 -5.71
CA ALA A 379 -30.49 33.14 -6.37
C ALA A 379 -31.79 33.11 -5.58
N ARG A 380 -32.14 31.94 -5.05
CA ARG A 380 -33.37 31.82 -4.26
C ARG A 380 -33.25 32.51 -2.90
N VAL A 381 -32.09 32.42 -2.26
CA VAL A 381 -31.91 33.16 -1.00
C VAL A 381 -32.07 34.67 -1.25
N TYR A 382 -31.50 35.15 -2.36
CA TYR A 382 -31.63 36.57 -2.69
C TYR A 382 -33.10 36.95 -2.91
N ALA A 383 -33.83 36.10 -3.65
CA ALA A 383 -35.22 36.39 -3.91
C ALA A 383 -35.98 36.55 -2.60
N PHE A 384 -35.78 35.61 -1.67
CA PHE A 384 -36.57 35.63 -0.43
C PHE A 384 -36.18 36.81 0.43
N LYS A 385 -34.88 37.11 0.50
CA LYS A 385 -34.42 38.24 1.30
C LYS A 385 -34.89 39.57 0.75
N ASN A 386 -35.18 39.66 -0.54
CA ASN A 386 -35.60 40.92 -1.13
C ASN A 386 -37.07 40.94 -1.49
N ALA A 387 -37.84 39.93 -1.10
CA ALA A 387 -39.28 40.01 -1.20
C ALA A 387 -39.78 41.20 -0.40
N THR A 388 -40.77 41.91 -0.95
CA THR A 388 -41.34 43.08 -0.27
C THR A 388 -42.78 42.91 0.19
N LYS A 389 -43.49 41.87 -0.23
CA LYS A 389 -44.88 41.70 0.16
C LYS A 389 -45.19 40.27 0.56
N SER A 390 -44.82 39.30 -0.28
CA SER A 390 -45.22 37.92 -0.02
C SER A 390 -44.23 36.94 -0.61
N ILE A 391 -44.18 35.78 0.02
CA ILE A 391 -43.47 34.62 -0.49
C ILE A 391 -44.44 33.44 -0.41
N LYS A 392 -44.75 32.84 -1.55
CA LYS A 392 -45.54 31.62 -1.63
C LYS A 392 -44.61 30.48 -1.98
N ILE A 393 -44.73 29.36 -1.29
CA ILE A 393 -43.81 28.24 -1.48
C ILE A 393 -44.62 26.97 -1.53
N SER A 394 -44.33 26.11 -2.51
CA SER A 394 -44.88 24.77 -2.54
C SER A 394 -43.73 23.81 -2.78
N GLN A 395 -43.52 22.89 -1.83
CA GLN A 395 -42.39 21.98 -1.84
C GLN A 395 -42.86 20.62 -1.38
N GLN A 396 -42.06 19.59 -1.67
CA GLN A 396 -42.27 18.32 -0.98
C GLN A 396 -41.82 18.43 0.48
N ALA A 397 -40.62 18.96 0.72
CA ALA A 397 -40.08 19.07 2.06
C ALA A 397 -39.12 20.27 2.15
N LEU A 398 -38.93 20.76 3.36
CA LEU A 398 -38.02 21.85 3.61
C LEU A 398 -36.74 21.41 4.30
N PHE A 399 -36.74 20.25 4.95
CA PHE A 399 -35.63 19.70 5.70
C PHE A 399 -35.50 18.24 5.29
N PHE A 400 -34.33 17.67 5.53
CA PHE A 400 -34.02 16.29 5.14
C PHE A 400 -33.26 15.59 6.25
N LYS A 401 -33.67 14.35 6.53
CA LYS A 401 -33.07 13.59 7.62
C LYS A 401 -31.76 12.95 7.18
N GLY A 402 -30.70 13.26 7.91
CA GLY A 402 -29.39 12.72 7.59
C GLY A 402 -29.28 11.26 7.97
N ALA A 403 -28.09 10.71 7.70
CA ALA A 403 -27.88 9.27 7.82
C ALA A 403 -28.21 8.75 9.22
N PHE A 404 -27.81 9.48 10.26
CA PHE A 404 -28.01 9.03 11.63
C PHE A 404 -28.94 9.96 12.39
N GLY A 405 -29.87 10.57 11.67
CA GLY A 405 -30.99 11.27 12.24
C GLY A 405 -30.83 12.76 12.37
N LYS A 406 -29.64 13.29 12.12
CA LYS A 406 -29.45 14.73 12.18
C LYS A 406 -30.33 15.44 11.15
N VAL A 407 -30.93 16.55 11.56
CA VAL A 407 -31.72 17.36 10.66
C VAL A 407 -30.78 18.14 9.76
N LEU A 408 -30.96 18.01 8.45
CA LEU A 408 -30.22 18.79 7.46
C LEU A 408 -31.11 19.92 6.96
N HIS A 409 -30.58 21.12 6.98
CA HIS A 409 -31.36 22.29 6.61
C HIS A 409 -30.90 22.83 5.27
N PRO A 410 -31.72 23.65 4.62
CA PRO A 410 -31.32 24.24 3.33
C PRO A 410 -29.93 24.83 3.42
N LEU A 411 -29.19 24.73 2.32
CA LEU A 411 -27.74 24.85 2.39
C LEU A 411 -27.28 26.31 2.56
N LYS A 412 -26.09 26.46 3.13
CA LYS A 412 -25.48 27.79 3.29
C LYS A 412 -25.01 28.35 1.95
N THR A 413 -25.21 29.66 1.77
CA THR A 413 -24.64 30.41 0.67
C THR A 413 -23.85 31.58 1.25
N ILE A 414 -23.15 32.30 0.37
CA ILE A 414 -22.43 33.49 0.81
C ILE A 414 -23.39 34.48 1.47
N ASP A 415 -24.67 34.41 1.12
CA ASP A 415 -25.69 35.29 1.69
C ASP A 415 -26.57 34.58 2.73
N GLY A 416 -26.10 33.47 3.29
CA GLY A 416 -26.89 32.76 4.28
C GLY A 416 -27.80 31.69 3.71
N THR A 417 -28.70 31.20 4.55
CA THR A 417 -29.57 30.09 4.19
C THR A 417 -30.97 30.56 3.81
N VAL A 418 -31.75 29.64 3.24
CA VAL A 418 -33.15 29.92 2.96
C VAL A 418 -33.90 30.24 4.25
N MET A 419 -33.63 29.47 5.32
CA MET A 419 -34.36 29.68 6.57
C MET A 419 -34.02 31.03 7.19
N GLU A 420 -32.76 31.46 7.09
CA GLU A 420 -32.41 32.80 7.55
C GLU A 420 -33.12 33.86 6.70
N ALA A 421 -33.26 33.63 5.41
CA ALA A 421 -33.95 34.59 4.55
C ALA A 421 -35.44 34.68 4.91
N LEU A 422 -36.07 33.52 5.11
CA LEU A 422 -37.48 33.52 5.51
C LEU A 422 -37.65 34.19 6.86
N ALA A 423 -36.73 33.97 7.80
CA ALA A 423 -36.80 34.66 9.08
C ALA A 423 -36.72 36.17 8.88
N SER A 424 -35.81 36.62 8.01
CA SER A 424 -35.72 38.04 7.73
C SER A 424 -37.01 38.59 7.13
N ALA A 425 -37.62 37.83 6.21
CA ALA A 425 -38.86 38.28 5.61
C ALA A 425 -39.97 38.39 6.65
N ILE A 426 -40.07 37.39 7.52
CA ILE A 426 -41.13 37.36 8.52
C ILE A 426 -40.94 38.49 9.54
N TYR A 427 -39.70 38.75 9.94
CA TYR A 427 -39.44 39.86 10.85
C TYR A 427 -39.83 41.18 10.24
N LYS A 428 -39.72 41.31 8.91
CA LYS A 428 -40.02 42.56 8.23
C LYS A 428 -41.51 42.73 7.90
N GLY A 429 -42.32 41.69 8.11
CA GLY A 429 -43.73 41.74 7.82
C GLY A 429 -44.16 41.10 6.53
N VAL A 430 -43.26 40.43 5.83
CA VAL A 430 -43.62 39.79 4.57
C VAL A 430 -44.43 38.53 4.90
N THR A 431 -45.54 38.34 4.20
CA THR A 431 -46.32 37.13 4.35
C THR A 431 -45.58 35.95 3.71
N VAL A 432 -45.56 34.84 4.42
CA VAL A 432 -44.88 33.62 3.97
C VAL A 432 -45.87 32.48 4.08
N ASP A 433 -46.43 32.08 2.93
CA ASP A 433 -47.36 30.96 2.83
C ASP A 433 -46.66 29.75 2.25
N ILE A 434 -46.72 28.62 2.96
CA ILE A 434 -45.99 27.42 2.57
C ILE A 434 -46.96 26.26 2.47
N VAL A 435 -46.87 25.51 1.38
CA VAL A 435 -47.54 24.23 1.23
C VAL A 435 -46.46 23.16 1.13
N THR A 436 -46.51 22.18 2.03
CA THR A 436 -45.63 21.02 1.89
C THR A 436 -46.47 19.79 1.53
N SER A 437 -45.77 18.70 1.23
CA SER A 437 -46.43 17.41 1.13
C SER A 437 -46.96 17.02 2.51
N SER A 438 -47.81 16.01 2.56
CA SER A 438 -48.24 15.52 3.85
C SER A 438 -47.11 14.77 4.56
N LEU A 439 -47.14 14.85 5.90
CA LEU A 439 -46.27 13.99 6.70
C LEU A 439 -46.47 12.53 6.32
N ASP A 440 -47.71 12.14 6.10
CA ASP A 440 -48.08 10.75 5.81
C ASP A 440 -48.17 10.52 4.31
N GLY A 441 -47.11 10.89 3.61
CA GLY A 441 -47.08 10.82 2.16
C GLY A 441 -46.17 9.76 1.58
N GLY A 442 -45.84 8.76 2.39
CA GLY A 442 -45.02 7.66 1.89
C GLY A 442 -43.69 8.15 1.33
N ILE A 443 -43.41 7.67 0.12
CA ILE A 443 -42.20 8.04 -0.63
C ILE A 443 -42.10 9.53 -0.88
N TYR A 444 -43.21 10.25 -0.82
CA TYR A 444 -43.20 11.68 -1.07
C TYR A 444 -43.58 12.47 0.18
N SER A 445 -42.97 12.17 1.31
CA SER A 445 -43.37 12.73 2.58
C SER A 445 -42.64 14.05 2.83
N SER A 446 -43.26 14.90 3.62
CA SER A 446 -42.60 16.12 4.05
C SER A 446 -41.48 15.87 5.06
N GLY A 447 -41.44 14.68 5.67
CA GLY A 447 -40.35 14.38 6.60
C GLY A 447 -40.42 15.04 7.98
N TYR A 448 -41.00 16.23 8.08
CA TYR A 448 -41.05 16.99 9.32
C TYR A 448 -42.38 17.74 9.37
N ASN A 449 -42.99 17.81 10.55
CA ASN A 449 -44.30 18.45 10.64
C ASN A 449 -44.15 19.96 10.68
N SER A 450 -45.29 20.65 10.60
CA SER A 450 -45.30 22.10 10.59
C SER A 450 -44.67 22.68 11.84
N GLU A 451 -45.00 22.13 13.00
CA GLU A 451 -44.45 22.66 14.25
C GLU A 451 -42.93 22.67 14.22
N PHE A 452 -42.31 21.68 13.57
CA PHE A 452 -40.86 21.65 13.51
C PHE A 452 -40.32 22.87 12.77
N VAL A 453 -40.96 23.24 11.66
CA VAL A 453 -40.53 24.39 10.87
C VAL A 453 -40.71 25.66 11.69
N TYR A 454 -41.87 25.81 12.30
CA TYR A 454 -42.17 26.96 13.13
C TYR A 454 -41.09 27.13 14.20
N ASN A 455 -40.71 26.04 14.85
CA ASN A 455 -39.74 26.13 15.93
C ASN A 455 -38.34 26.40 15.40
N TYR A 456 -38.00 25.81 14.25
CA TYR A 456 -36.70 26.11 13.66
C TYR A 456 -36.57 27.60 13.36
N LEU A 457 -37.64 28.22 12.86
CA LEU A 457 -37.57 29.64 12.54
C LEU A 457 -37.55 30.47 13.81
N LEU A 458 -38.29 30.03 14.82
CA LEU A 458 -38.20 30.66 16.14
C LEU A 458 -36.75 30.69 16.61
N ASN A 459 -36.03 29.59 16.44
CA ASN A 459 -34.65 29.55 16.90
C ASN A 459 -33.78 30.47 16.06
N VAL A 460 -34.02 30.53 14.74
CA VAL A 460 -33.30 31.47 13.89
C VAL A 460 -33.48 32.90 14.40
N LEU A 461 -34.70 33.22 14.82
CA LEU A 461 -34.98 34.57 15.34
C LEU A 461 -34.35 34.78 16.72
N HIS A 462 -34.14 33.70 17.47
CA HIS A 462 -33.50 33.86 18.78
C HIS A 462 -32.02 34.20 18.64
N LYS A 463 -31.41 33.89 17.50
CA LYS A 463 -29.98 34.12 17.33
C LYS A 463 -29.70 35.49 16.69
N ALA A 464 -28.42 35.82 16.60
CA ALA A 464 -28.03 37.07 15.98
C ALA A 464 -28.49 37.05 14.52
N PRO A 465 -28.82 38.21 13.95
CA PRO A 465 -28.78 39.59 14.50
C PRO A 465 -30.03 40.06 15.21
N TYR A 466 -31.03 39.17 15.34
CA TYR A 466 -32.31 39.61 15.88
C TYR A 466 -32.31 39.56 17.41
N TYR A 467 -31.83 38.46 17.98
CA TYR A 467 -31.79 38.26 19.42
C TYR A 467 -33.18 38.38 20.06
N LEU A 468 -34.19 37.83 19.41
CA LEU A 468 -35.55 37.99 19.89
C LEU A 468 -35.90 36.99 21.00
N GLU A 469 -36.53 37.48 22.05
CA GLU A 469 -37.10 36.60 23.06
C GLU A 469 -38.18 35.72 22.43
N ARG A 470 -38.35 34.53 22.97
CA ARG A 470 -39.15 33.51 22.30
C ARG A 470 -40.57 33.98 22.04
N ASN A 471 -41.25 34.46 23.07
CA ASN A 471 -42.66 34.80 22.93
C ASN A 471 -42.86 36.00 22.03
N TYR A 472 -41.88 36.90 21.96
CA TYR A 472 -41.95 38.02 21.03
C TYR A 472 -41.77 37.54 19.60
N ALA A 473 -40.83 36.64 19.37
CA ALA A 473 -40.67 36.05 18.04
C ALA A 473 -41.96 35.35 17.58
N LYS A 474 -42.66 34.72 18.52
CA LYS A 474 -43.89 34.03 18.15
C LYS A 474 -44.91 35.00 17.56
N THR A 475 -44.88 36.27 17.97
CA THR A 475 -45.84 37.23 17.42
C THR A 475 -45.61 37.40 15.92
N PHE A 476 -44.35 37.56 15.52
CA PHE A 476 -44.02 37.64 14.11
C PHE A 476 -44.49 36.38 13.38
N LEU A 477 -44.14 35.20 13.91
CA LEU A 477 -44.49 33.98 13.19
C LEU A 477 -46.00 33.82 13.07
N ASP A 478 -46.73 34.07 14.17
CA ASP A 478 -48.17 33.93 14.18
C ASP A 478 -48.84 34.90 13.23
N LYS A 479 -48.25 36.09 13.04
CA LYS A 479 -48.84 37.03 12.10
C LYS A 479 -48.54 36.69 10.63
N ASN A 480 -47.31 36.28 10.32
CA ASN A 480 -46.86 36.29 8.95
C ASN A 480 -46.51 34.93 8.33
N LEU A 481 -46.42 33.87 9.11
CA LEU A 481 -46.04 32.56 8.61
C LEU A 481 -47.22 31.61 8.68
N HIS A 482 -47.56 31.00 7.55
CA HIS A 482 -48.67 30.07 7.47
C HIS A 482 -48.22 28.82 6.73
N ILE A 483 -48.14 27.71 7.46
CA ILE A 483 -47.65 26.43 6.93
C ILE A 483 -48.83 25.47 6.84
N ASN A 484 -49.15 25.06 5.62
CA ASN A 484 -50.17 24.06 5.33
C ASN A 484 -49.52 22.89 4.62
N PHE A 485 -50.27 21.79 4.48
CA PHE A 485 -49.83 20.67 3.64
C PHE A 485 -50.92 20.29 2.65
N ILE A 486 -50.48 19.70 1.54
CA ILE A 486 -51.38 19.49 0.43
C ILE A 486 -52.47 18.51 0.81
N SER A 487 -53.67 18.77 0.29
CA SER A 487 -54.79 17.86 0.40
C SER A 487 -55.69 18.10 -0.79
N ILE A 488 -56.30 17.04 -1.30
CA ILE A 488 -57.21 17.15 -2.43
C ILE A 488 -58.46 17.95 -2.07
N ASN A 489 -58.92 17.87 -0.80
CA ASN A 489 -60.23 18.44 -0.48
C ASN A 489 -60.30 19.02 0.94
N GLY A 490 -59.17 19.33 1.55
CA GLY A 490 -59.14 19.79 2.92
C GLY A 490 -59.48 18.75 3.96
N ARG A 491 -59.61 17.47 3.59
CA ARG A 491 -59.92 16.42 4.54
C ARG A 491 -58.89 15.29 4.51
N GLU A 492 -58.56 14.75 3.34
CA GLU A 492 -57.58 13.67 3.26
C GLU A 492 -56.21 14.14 3.72
N THR A 493 -55.55 13.30 4.52
CA THR A 493 -54.32 13.69 5.20
C THR A 493 -53.10 12.91 4.73
N ASN A 494 -53.21 12.15 3.65
CA ASN A 494 -52.09 11.36 3.15
C ASN A 494 -51.76 11.66 1.71
N ASN A 495 -52.11 12.85 1.20
CA ASN A 495 -51.86 13.20 -0.19
C ASN A 495 -50.41 13.65 -0.36
N MET A 496 -49.97 13.70 -1.62
CA MET A 496 -48.55 13.85 -1.93
C MET A 496 -48.26 14.98 -2.90
N SER A 497 -47.12 15.66 -2.68
CA SER A 497 -46.68 16.71 -3.59
C SER A 497 -45.16 16.63 -3.81
N HIS A 498 -44.73 16.90 -5.04
CA HIS A 498 -43.32 16.90 -5.45
C HIS A 498 -42.90 18.28 -5.94
N ASN A 499 -43.70 19.32 -5.66
CA ASN A 499 -43.43 20.64 -6.18
C ASN A 499 -42.04 21.11 -5.76
N LYS A 500 -41.42 21.87 -6.70
CA LYS A 500 -40.30 22.79 -6.37
C LYS A 500 -40.71 24.17 -6.88
N LEU A 501 -41.60 24.85 -6.16
CA LEU A 501 -42.15 26.12 -6.59
C LEU A 501 -41.98 27.17 -5.51
N TRP A 502 -41.64 28.39 -5.95
CA TRP A 502 -41.83 29.57 -5.12
C TRP A 502 -42.22 30.74 -6.00
N ILE A 503 -42.90 31.70 -5.37
CA ILE A 503 -43.46 32.90 -6.00
C ILE A 503 -43.19 34.08 -5.07
N VAL A 504 -42.53 35.10 -5.56
CA VAL A 504 -42.26 36.28 -4.75
C VAL A 504 -43.08 37.44 -5.28
N ASP A 505 -43.77 38.13 -4.35
CA ASP A 505 -44.53 39.36 -4.63
C ASP A 505 -45.52 39.17 -5.77
N ASP A 506 -46.01 37.95 -5.96
CA ASP A 506 -46.96 37.66 -7.03
C ASP A 506 -46.41 38.09 -8.38
N LYS A 507 -45.11 37.91 -8.57
CA LYS A 507 -44.42 38.53 -9.71
C LYS A 507 -43.27 37.68 -10.24
N VAL A 508 -42.51 37.05 -9.36
CA VAL A 508 -41.30 36.33 -9.73
C VAL A 508 -41.44 34.93 -9.19
N PHE A 509 -41.35 33.94 -10.08
CA PHE A 509 -41.50 32.57 -9.62
C PHE A 509 -40.49 31.64 -10.27
N TYR A 510 -40.19 30.57 -9.54
CA TYR A 510 -39.22 29.56 -9.95
C TYR A 510 -39.96 28.29 -10.42
N VAL A 511 -39.53 27.76 -11.54
CA VAL A 511 -39.91 26.41 -11.95
C VAL A 511 -38.63 25.66 -12.32
N GLY A 512 -38.52 24.43 -11.82
CA GLY A 512 -37.30 23.68 -12.01
C GLY A 512 -37.24 22.51 -11.07
N SER A 513 -36.02 22.01 -10.85
CA SER A 513 -35.83 20.77 -10.12
C SER A 513 -35.37 20.95 -8.67
N HIS A 514 -34.98 22.16 -8.27
CA HIS A 514 -34.23 22.36 -7.04
C HIS A 514 -35.14 22.41 -5.82
N ASN A 515 -35.18 21.31 -5.07
CA ASN A 515 -35.90 21.31 -3.80
C ASN A 515 -35.27 22.31 -2.86
N ILE A 516 -36.10 22.84 -1.94
CA ILE A 516 -35.55 23.64 -0.86
C ILE A 516 -34.77 22.75 0.11
N TYR A 517 -35.26 21.54 0.39
CA TYR A 517 -34.51 20.63 1.25
C TYR A 517 -33.17 20.33 0.59
N PRO A 518 -32.15 20.04 1.39
CA PRO A 518 -30.79 19.98 0.85
C PRO A 518 -30.43 18.62 0.25
N SER A 519 -29.54 18.69 -0.75
CA SER A 519 -28.91 17.55 -1.39
C SER A 519 -27.69 18.08 -2.13
N SER A 520 -26.91 17.17 -2.71
CA SER A 520 -25.78 17.54 -3.56
C SER A 520 -26.04 17.29 -5.05
N LEU A 521 -27.28 17.02 -5.43
CA LEU A 521 -27.60 16.76 -6.82
C LEU A 521 -27.55 18.04 -7.68
N GLN A 522 -27.15 17.85 -8.93
CA GLN A 522 -27.18 18.97 -9.87
C GLN A 522 -28.61 19.33 -10.22
N GLN A 523 -28.83 20.63 -10.50
CA GLN A 523 -30.18 21.16 -10.66
C GLN A 523 -30.19 22.16 -11.79
N PHE A 524 -31.37 22.29 -12.43
CA PHE A 524 -31.64 23.31 -13.43
C PHE A 524 -33.04 23.88 -13.21
N GLY A 525 -33.17 25.18 -13.40
CA GLY A 525 -34.49 25.79 -13.32
C GLY A 525 -34.46 27.16 -13.95
N VAL A 526 -35.61 27.81 -13.94
CA VAL A 526 -35.78 29.13 -14.53
C VAL A 526 -36.59 29.98 -13.55
N ILE A 527 -36.33 31.28 -13.60
CA ILE A 527 -37.05 32.28 -12.83
C ILE A 527 -37.75 33.21 -13.79
N VAL A 528 -39.09 33.24 -13.71
CA VAL A 528 -39.94 34.04 -14.58
C VAL A 528 -40.32 35.28 -13.81
N ASP A 529 -40.28 36.44 -14.46
CA ASP A 529 -40.61 37.73 -13.86
C ASP A 529 -41.70 38.36 -14.71
N ASP A 530 -42.96 38.13 -14.30
CA ASP A 530 -44.09 38.67 -15.04
C ASP A 530 -45.35 38.57 -14.19
N LYS A 531 -46.03 39.71 -14.02
CA LYS A 531 -47.25 39.74 -13.21
C LYS A 531 -48.37 38.92 -13.82
N ASP A 532 -48.54 38.99 -15.14
CA ASP A 532 -49.64 38.26 -15.78
C ASP A 532 -49.41 36.76 -15.72
N ALA A 533 -48.20 36.31 -16.04
CA ALA A 533 -47.94 34.88 -15.97
C ALA A 533 -48.11 34.38 -14.54
N THR A 534 -47.59 35.13 -13.57
CA THR A 534 -47.75 34.73 -12.18
C THR A 534 -49.22 34.66 -11.81
N ALA A 535 -50.01 35.60 -12.31
CA ALA A 535 -51.44 35.59 -12.02
C ALA A 535 -52.11 34.34 -12.60
N GLN A 536 -51.78 33.99 -13.86
CA GLN A 536 -52.31 32.77 -14.45
C GLN A 536 -51.93 31.56 -13.62
N LEU A 537 -50.68 31.52 -13.15
CA LEU A 537 -50.22 30.40 -12.36
C LEU A 537 -50.96 30.33 -11.04
N GLU A 538 -51.24 31.49 -10.45
CA GLU A 538 -51.90 31.49 -9.15
C GLU A 538 -53.37 31.12 -9.30
N LYS A 539 -54.00 31.58 -10.38
CA LYS A 539 -55.40 31.21 -10.62
C LYS A 539 -55.54 29.72 -10.90
N GLN A 540 -54.59 29.14 -11.60
CA GLN A 540 -54.77 27.77 -12.03
C GLN A 540 -54.31 26.78 -10.98
N LEU A 541 -53.19 27.04 -10.30
CA LEU A 541 -52.63 26.09 -9.37
C LEU A 541 -52.63 26.58 -7.94
N TRP A 542 -52.06 27.74 -7.65
CA TRP A 542 -51.82 28.11 -6.25
C TRP A 542 -53.13 28.27 -5.49
N THR A 543 -54.08 28.97 -6.06
CA THR A 543 -55.32 29.24 -5.33
C THR A 543 -56.09 27.97 -5.03
N PRO A 544 -56.33 27.07 -5.98
CA PRO A 544 -57.05 25.83 -5.62
C PRO A 544 -56.30 24.97 -4.63
N MET A 545 -54.98 24.89 -4.78
CA MET A 545 -54.17 24.10 -3.86
C MET A 545 -54.22 24.68 -2.46
N TRP A 546 -54.09 26.00 -2.35
CA TRP A 546 -54.10 26.65 -1.05
C TRP A 546 -55.46 26.49 -0.39
N LYS A 547 -56.53 26.71 -1.15
CA LYS A 547 -57.87 26.55 -0.59
C LYS A 547 -58.08 25.13 -0.04
N ASN A 548 -57.54 24.12 -0.73
CA ASN A 548 -57.80 22.77 -0.28
C ASN A 548 -56.69 22.25 0.61
N SER A 549 -55.64 23.02 0.87
CA SER A 549 -54.62 22.55 1.78
C SER A 549 -55.16 22.51 3.20
N ILE A 550 -54.43 21.83 4.08
CA ILE A 550 -54.81 21.65 5.48
C ILE A 550 -53.80 22.37 6.36
N HIS A 551 -54.31 23.05 7.38
CA HIS A 551 -53.49 23.75 8.35
C HIS A 551 -53.55 23.08 9.71
N VAL A 552 -52.39 22.73 10.26
CA VAL A 552 -52.28 22.17 11.60
C VAL A 552 -51.96 23.32 12.56
N PRO A 553 -52.90 23.72 13.43
CA PRO A 553 -52.61 24.86 14.31
C PRO A 553 -51.46 24.55 15.27
N ILE A 554 -50.69 25.58 15.56
CA ILE A 554 -49.52 25.48 16.43
C ILE A 554 -49.93 25.76 17.86
N GLU B 11 23.49 20.88 -52.55
CA GLU B 11 23.45 19.56 -51.89
C GLU B 11 23.38 19.67 -50.36
N LEU B 12 23.05 18.56 -49.71
CA LEU B 12 22.87 18.57 -48.26
C LEU B 12 24.14 19.01 -47.56
N ASP B 13 24.00 19.90 -46.59
CA ASP B 13 25.11 20.34 -45.76
C ASP B 13 24.82 20.02 -44.30
N VAL B 14 25.81 19.46 -43.62
CA VAL B 14 25.63 19.10 -42.22
C VAL B 14 25.34 20.35 -41.38
N ASN B 15 25.82 21.51 -41.83
CA ASN B 15 25.52 22.75 -41.14
C ASN B 15 24.02 22.99 -41.06
N ASP B 16 23.28 22.65 -42.13
CA ASP B 16 21.84 22.83 -42.11
C ASP B 16 21.18 21.89 -41.12
N ILE B 17 21.70 20.67 -40.99
CA ILE B 17 21.19 19.75 -39.98
C ILE B 17 21.40 20.34 -38.58
N TYR B 18 22.63 20.80 -38.31
CA TYR B 18 22.91 21.41 -37.01
C TYR B 18 22.03 22.61 -36.77
N ASP B 19 21.85 23.47 -37.78
CA ASP B 19 21.04 24.67 -37.58
C ASP B 19 19.59 24.30 -37.27
N HIS B 20 19.08 23.25 -37.90
CA HIS B 20 17.70 22.84 -37.64
C HIS B 20 17.56 22.30 -36.23
N LEU B 21 18.50 21.45 -35.82
CA LEU B 21 18.49 20.94 -34.45
C LEU B 21 18.61 22.07 -33.44
N ASN B 22 19.46 23.06 -33.72
CA ASN B 22 19.69 24.16 -32.79
C ASN B 22 18.47 25.07 -32.71
N GLU B 23 17.74 25.22 -33.81
CA GLU B 23 16.50 25.99 -33.80
C GLU B 23 15.42 25.26 -33.01
N LYS B 24 15.25 23.98 -33.22
CA LYS B 24 14.14 23.28 -32.56
C LYS B 24 14.49 22.73 -31.18
N TYR B 25 15.77 22.45 -30.90
CA TYR B 25 16.18 21.76 -29.69
C TYR B 25 17.43 22.41 -29.10
N SER B 26 17.45 23.74 -29.05
CA SER B 26 18.64 24.43 -28.59
C SER B 26 19.07 23.98 -27.20
N GLN B 27 18.10 23.64 -26.33
CA GLN B 27 18.44 23.20 -24.99
C GLN B 27 19.26 21.90 -24.97
N PHE B 28 19.32 21.15 -26.07
CA PHE B 28 20.13 19.95 -26.13
C PHE B 28 21.43 20.15 -26.90
N ASN B 29 21.71 21.36 -27.35
CA ASN B 29 23.00 21.64 -27.97
C ASN B 29 24.13 21.25 -27.01
N ASP B 30 25.13 20.51 -27.52
CA ASP B 30 26.21 19.97 -26.73
C ASP B 30 25.75 18.94 -25.70
N VAL B 31 24.58 18.36 -25.91
CA VAL B 31 24.10 17.25 -25.10
C VAL B 31 23.81 16.05 -26.02
N THR B 32 22.97 16.26 -27.03
CA THR B 32 22.66 15.23 -28.02
C THR B 32 23.09 15.60 -29.43
N PHE B 33 23.66 16.78 -29.64
CA PHE B 33 24.24 17.12 -30.93
C PHE B 33 25.32 18.18 -30.69
N SER B 34 26.11 18.44 -31.71
CA SER B 34 27.22 19.37 -31.59
C SER B 34 27.39 20.17 -32.87
N LYS B 35 27.99 21.35 -32.72
CA LYS B 35 28.35 22.15 -33.87
C LYS B 35 29.40 21.40 -34.68
N PRO B 36 29.26 21.33 -36.00
CA PRO B 36 30.27 20.62 -36.79
C PRO B 36 31.67 21.15 -36.49
N SER B 37 32.63 20.24 -36.43
CA SER B 37 34.02 20.55 -36.18
C SER B 37 34.90 19.81 -37.17
N THR B 38 36.09 20.35 -37.38
CA THR B 38 37.08 19.73 -38.23
C THR B 38 37.79 18.58 -37.51
N ASN B 39 37.81 17.41 -38.13
CA ASN B 39 38.38 16.21 -37.58
C ASN B 39 39.18 15.53 -38.68
N TYR B 40 39.89 14.46 -38.32
CA TYR B 40 40.90 13.90 -39.19
C TYR B 40 40.80 12.39 -39.33
N LEU B 41 40.92 11.94 -40.58
CA LEU B 41 40.82 10.54 -40.95
C LEU B 41 42.14 10.10 -41.57
N LYS B 42 42.82 9.18 -40.91
CA LYS B 42 44.07 8.66 -41.40
C LYS B 42 43.83 7.37 -42.19
N PRO B 43 44.79 6.97 -43.02
CA PRO B 43 44.63 5.71 -43.75
C PRO B 43 44.24 4.59 -42.81
N GLY B 44 43.23 3.83 -43.20
CA GLY B 44 42.67 2.80 -42.36
C GLY B 44 41.50 3.22 -41.50
N TRP B 45 40.98 4.41 -41.70
CA TRP B 45 39.89 4.90 -40.87
C TRP B 45 38.62 4.10 -41.04
N ILE B 46 38.43 3.47 -42.20
CA ILE B 46 37.23 2.70 -42.49
C ILE B 46 37.40 1.30 -41.90
N LEU B 47 36.68 1.00 -40.82
CA LEU B 47 36.72 -0.31 -40.19
C LEU B 47 35.47 -1.10 -40.59
N ASP B 48 35.39 -1.45 -41.89
CA ASP B 48 34.33 -2.30 -42.42
C ASP B 48 34.79 -3.75 -42.33
N THR B 49 34.02 -4.58 -41.67
CA THR B 49 34.36 -5.99 -41.55
C THR B 49 33.23 -6.81 -42.16
N HIS B 50 33.62 -7.82 -42.92
CA HIS B 50 32.70 -8.63 -43.70
C HIS B 50 33.49 -9.72 -44.41
N PHE B 51 32.81 -10.76 -44.82
CA PHE B 51 33.43 -11.68 -45.77
C PHE B 51 33.93 -10.91 -46.98
N THR B 52 34.84 -11.53 -47.73
CA THR B 52 35.42 -10.88 -48.88
C THR B 52 34.40 -10.91 -50.02
N PHE B 53 33.89 -9.74 -50.40
CA PHE B 53 32.84 -9.68 -51.41
C PHE B 53 33.35 -10.29 -52.72
N GLY B 54 32.49 -11.05 -53.36
CA GLY B 54 32.83 -11.72 -54.58
C GLY B 54 33.27 -13.16 -54.39
N THR B 55 33.71 -13.53 -53.19
CA THR B 55 34.10 -14.92 -52.99
C THR B 55 32.84 -15.72 -52.61
N SER B 56 33.02 -16.81 -51.89
CA SER B 56 31.91 -17.64 -51.42
C SER B 56 32.14 -17.84 -49.94
N SER B 57 31.09 -18.22 -49.23
CA SER B 57 31.22 -18.52 -47.82
C SER B 57 32.13 -19.74 -47.61
N GLU B 58 32.03 -20.75 -48.47
CA GLU B 58 32.93 -21.89 -48.39
C GLU B 58 34.39 -21.46 -48.42
N PHE B 59 34.77 -20.70 -49.45
CA PHE B 59 36.14 -20.25 -49.57
C PHE B 59 36.53 -19.36 -48.40
N TYR B 60 35.69 -18.37 -48.07
CA TYR B 60 36.05 -17.45 -46.99
C TYR B 60 36.24 -18.20 -45.68
N ASN B 61 35.32 -19.10 -45.36
CA ASN B 61 35.38 -19.82 -44.11
C ASN B 61 36.60 -20.70 -44.02
N LYS B 62 37.14 -21.13 -45.16
CA LYS B 62 38.39 -21.89 -45.11
C LYS B 62 39.52 -21.08 -44.48
N SER B 63 39.37 -19.75 -44.38
CA SER B 63 40.38 -18.93 -43.71
C SER B 63 40.65 -19.36 -42.27
N PHE B 64 39.71 -20.06 -41.65
CA PHE B 64 39.82 -20.50 -40.27
C PHE B 64 40.10 -21.98 -40.10
N ASP B 65 40.34 -22.69 -41.19
CA ASP B 65 40.77 -24.07 -41.09
C ASP B 65 42.22 -24.14 -40.67
N ALA B 66 42.54 -25.09 -39.80
CA ALA B 66 43.91 -25.39 -39.44
C ALA B 66 44.31 -26.73 -40.04
N LEU B 67 45.52 -26.81 -40.54
CA LEU B 67 46.08 -28.09 -40.92
C LEU B 67 46.20 -29.03 -39.72
N SER B 68 46.44 -30.31 -40.00
CA SER B 68 46.54 -31.29 -38.93
C SER B 68 47.53 -30.85 -37.84
N PHE B 69 48.70 -30.35 -38.26
CA PHE B 69 49.80 -30.08 -37.34
C PHE B 69 49.72 -28.73 -36.63
N ASN B 70 48.81 -27.85 -37.06
CA ASN B 70 48.53 -26.61 -36.36
C ASN B 70 47.24 -26.79 -35.56
N HIS B 71 46.80 -25.74 -34.90
CA HIS B 71 45.55 -25.78 -34.15
C HIS B 71 44.87 -24.42 -34.21
N VAL B 72 43.63 -24.40 -33.74
CA VAL B 72 42.87 -23.17 -33.65
C VAL B 72 43.10 -22.55 -32.26
N ASP B 73 43.74 -21.39 -32.24
CA ASP B 73 44.07 -20.74 -30.98
C ASP B 73 42.79 -20.45 -30.20
N SER B 74 42.77 -20.83 -28.93
CA SER B 74 41.57 -20.64 -28.12
C SER B 74 41.31 -19.18 -27.82
N GLU B 75 42.35 -18.37 -27.68
CA GLU B 75 42.14 -16.95 -27.37
C GLU B 75 41.56 -16.19 -28.56
N PHE B 76 42.10 -16.42 -29.76
CA PHE B 76 41.74 -15.61 -30.92
C PHE B 76 40.95 -16.36 -31.98
N ASN B 77 40.74 -17.66 -31.82
CA ASN B 77 39.86 -18.42 -32.71
C ASN B 77 40.30 -18.29 -34.15
N MET B 78 41.60 -18.28 -34.36
CA MET B 78 42.22 -18.31 -35.67
C MET B 78 43.22 -19.45 -35.68
N SER B 79 43.61 -19.88 -36.89
CA SER B 79 44.57 -20.95 -37.02
C SER B 79 45.96 -20.49 -36.65
N THR B 80 46.75 -21.37 -36.03
CA THR B 80 48.18 -21.15 -35.88
C THR B 80 48.89 -21.43 -37.20
N CYS B 81 50.20 -21.23 -37.22
CA CYS B 81 50.80 -20.61 -38.39
C CYS B 81 52.31 -20.53 -38.35
N ASN B 82 52.96 -20.96 -39.44
CA ASN B 82 54.40 -20.76 -39.63
C ASN B 82 54.72 -19.88 -40.83
N ASP B 83 54.03 -20.06 -41.96
CA ASP B 83 54.18 -19.18 -43.11
C ASP B 83 52.87 -19.18 -43.89
N ASP B 84 52.78 -18.26 -44.85
CA ASP B 84 51.52 -18.04 -45.56
C ASP B 84 50.95 -19.33 -46.15
N SER B 85 51.81 -20.30 -46.46
CA SER B 85 51.34 -21.51 -47.13
C SER B 85 50.47 -22.37 -46.24
N GLU B 86 50.52 -22.17 -44.93
CA GLU B 86 49.69 -22.92 -43.98
C GLU B 86 48.33 -22.24 -43.74
N CYS B 87 48.04 -21.14 -44.41
CA CYS B 87 46.81 -20.39 -44.19
C CYS B 87 45.92 -20.49 -45.43
N GLY B 88 44.65 -20.84 -45.22
CA GLY B 88 43.70 -21.00 -46.29
C GLY B 88 42.79 -19.79 -46.46
N GLY B 89 41.82 -19.95 -47.35
CA GLY B 89 40.87 -18.89 -47.61
C GLY B 89 41.57 -17.62 -48.04
N VAL B 90 41.20 -16.51 -47.40
CA VAL B 90 41.78 -15.22 -47.69
C VAL B 90 42.76 -14.78 -46.63
N SER B 91 43.22 -15.70 -45.77
CA SER B 91 44.07 -15.34 -44.65
C SER B 91 45.52 -15.39 -45.04
N THR B 92 46.36 -14.75 -44.22
CA THR B 92 47.81 -14.81 -44.39
C THR B 92 48.43 -14.93 -43.01
N CYS B 93 49.68 -15.39 -42.98
CA CYS B 93 50.38 -15.58 -41.71
C CYS B 93 50.95 -14.26 -41.20
N THR B 94 50.59 -13.91 -39.97
CA THR B 94 50.84 -12.58 -39.43
C THR B 94 51.04 -12.72 -37.95
N ALA B 95 51.80 -11.79 -37.37
CA ALA B 95 52.06 -11.79 -35.93
C ALA B 95 51.65 -10.43 -35.37
N PRO B 96 50.35 -10.23 -35.16
CA PRO B 96 49.87 -8.89 -34.81
C PRO B 96 50.24 -8.52 -33.39
N ALA B 97 50.40 -7.21 -33.16
CA ALA B 97 50.73 -6.72 -31.83
C ALA B 97 49.68 -7.16 -30.81
N TYR B 98 48.40 -7.17 -31.20
CA TYR B 98 47.34 -7.43 -30.24
C TYR B 98 47.37 -8.86 -29.69
N THR B 99 48.19 -9.76 -30.27
CA THR B 99 48.39 -11.08 -29.67
C THR B 99 49.46 -11.09 -28.59
N LYS B 100 50.20 -9.99 -28.43
CA LYS B 100 51.30 -9.94 -27.48
C LYS B 100 50.77 -9.98 -26.05
N ASN B 101 51.11 -11.04 -25.33
CA ASN B 101 50.58 -11.23 -23.98
C ASN B 101 51.41 -10.41 -22.99
N LYS B 102 51.14 -10.58 -21.70
CA LYS B 102 51.79 -9.74 -20.69
C LYS B 102 53.29 -9.99 -20.62
N ASP B 103 53.78 -11.13 -21.11
CA ASP B 103 55.19 -11.43 -21.13
C ASP B 103 55.86 -11.03 -22.44
N GLY B 104 55.13 -10.38 -23.36
CA GLY B 104 55.71 -9.80 -24.55
C GLY B 104 55.77 -10.69 -25.77
N ASP B 105 55.21 -11.90 -25.71
CA ASP B 105 55.30 -12.87 -26.78
C ASP B 105 54.07 -12.80 -27.67
N ALA B 106 54.27 -12.44 -28.93
CA ALA B 106 53.19 -12.47 -29.91
C ALA B 106 53.02 -13.90 -30.42
N LYS B 107 51.95 -14.10 -31.20
CA LYS B 107 51.68 -15.37 -31.85
C LYS B 107 51.64 -15.17 -33.36
N LYS B 108 51.93 -16.25 -34.10
CA LYS B 108 51.73 -16.28 -35.55
C LYS B 108 50.37 -16.92 -35.84
N LEU B 109 49.48 -16.15 -36.44
CA LEU B 109 48.13 -16.60 -36.71
C LEU B 109 47.77 -16.31 -38.16
N CYS B 110 46.81 -17.09 -38.65
CA CYS B 110 46.22 -16.87 -39.97
C CYS B 110 45.15 -15.80 -39.86
N THR B 111 45.50 -14.56 -40.18
CA THR B 111 44.62 -13.41 -40.03
C THR B 111 43.93 -13.04 -41.33
N VAL B 112 42.83 -12.30 -41.20
CA VAL B 112 41.98 -11.90 -42.32
C VAL B 112 41.78 -10.39 -42.26
N PRO B 113 41.31 -9.79 -43.36
CA PRO B 113 41.09 -8.33 -43.33
C PRO B 113 40.26 -7.82 -42.17
N ALA B 114 39.24 -8.57 -41.76
CA ALA B 114 38.33 -8.06 -40.73
C ALA B 114 39.07 -7.75 -39.44
N ASP B 115 40.16 -8.49 -39.16
CA ASP B 115 40.94 -8.25 -37.96
C ASP B 115 41.50 -6.84 -37.91
N LYS B 116 41.36 -6.07 -38.98
CA LYS B 116 41.74 -4.66 -38.88
C LYS B 116 41.13 -4.00 -37.67
N ILE B 117 39.91 -4.37 -37.31
CA ILE B 117 39.27 -3.67 -36.18
C ILE B 117 40.08 -3.90 -34.89
N LEU B 118 40.58 -5.14 -34.70
CA LEU B 118 41.42 -5.41 -33.54
C LEU B 118 42.67 -4.52 -33.56
N ASP B 119 43.34 -4.45 -34.73
CA ASP B 119 44.50 -3.58 -34.84
C ASP B 119 44.16 -2.17 -34.41
N ALA B 120 42.97 -1.68 -34.80
CA ALA B 120 42.64 -0.29 -34.47
C ALA B 120 42.41 -0.14 -32.97
N ILE B 121 41.78 -1.14 -32.34
CA ILE B 121 41.47 -1.01 -30.91
C ILE B 121 42.77 -1.05 -30.10
N TYR B 122 43.55 -2.11 -30.31
CA TYR B 122 44.83 -2.26 -29.61
C TYR B 122 45.68 -1.02 -29.77
N ASP B 123 46.00 -0.66 -31.02
CA ASP B 123 46.86 0.50 -31.25
C ASP B 123 46.37 1.73 -30.48
N ASN B 124 45.05 1.95 -30.44
CA ASN B 124 44.56 3.16 -29.81
C ASN B 124 44.71 3.08 -28.30
N ILE B 125 44.46 1.90 -27.73
CA ILE B 125 44.44 1.79 -26.28
C ILE B 125 45.85 1.87 -25.71
N VAL B 126 46.79 1.17 -26.33
CA VAL B 126 48.12 1.15 -25.75
C VAL B 126 48.79 2.52 -25.81
N SER B 127 48.30 3.42 -26.64
CA SER B 127 48.86 4.76 -26.75
C SER B 127 48.31 5.72 -25.71
N ALA B 128 47.39 5.28 -24.86
CA ALA B 128 46.69 6.19 -23.98
C ALA B 128 47.62 6.79 -22.91
N LYS B 129 47.45 8.09 -22.68
CA LYS B 129 48.15 8.80 -21.61
C LYS B 129 47.23 9.25 -20.49
N ARG B 130 45.92 9.30 -20.74
CA ARG B 130 45.02 9.85 -19.73
C ARG B 130 43.82 8.97 -19.47
N SER B 131 43.12 8.54 -20.53
CA SER B 131 41.83 7.88 -20.37
C SER B 131 41.55 6.88 -21.48
N VAL B 132 40.78 5.86 -21.11
CA VAL B 132 40.26 4.86 -22.03
C VAL B 132 38.80 4.68 -21.66
N ASP B 133 37.89 5.01 -22.60
CA ASP B 133 36.47 5.12 -22.34
C ASP B 133 35.75 4.19 -23.32
N ILE B 134 35.21 3.08 -22.81
CA ILE B 134 34.57 2.08 -23.66
C ILE B 134 33.10 1.97 -23.31
N VAL B 135 32.24 2.16 -24.31
CA VAL B 135 30.79 2.07 -24.19
C VAL B 135 30.32 1.05 -25.20
N THR B 136 29.43 0.16 -24.79
CA THR B 136 29.02 -0.90 -25.71
C THR B 136 27.74 -1.54 -25.20
N LEU B 137 27.35 -2.64 -25.86
CA LEU B 137 26.18 -3.43 -25.50
C LEU B 137 26.65 -4.76 -24.93
N GLN B 138 25.95 -5.23 -23.92
CA GLN B 138 26.32 -6.48 -23.29
C GLN B 138 26.16 -7.65 -24.26
N PRO B 139 27.12 -8.56 -24.30
CA PRO B 139 26.96 -9.76 -25.12
C PRO B 139 25.68 -10.51 -24.86
N MET B 140 25.11 -11.08 -25.92
CA MET B 140 23.91 -11.88 -25.84
C MET B 140 24.21 -13.19 -25.13
N ASP B 141 23.21 -13.67 -24.38
CA ASP B 141 23.35 -14.93 -23.65
C ASP B 141 22.87 -16.05 -24.55
N ILE B 142 23.77 -16.58 -25.38
CA ILE B 142 23.51 -17.78 -26.19
C ILE B 142 24.13 -18.95 -25.40
N SER B 143 23.34 -19.48 -24.47
CA SER B 143 23.70 -20.69 -23.72
C SER B 143 24.82 -20.49 -22.72
N HIS B 144 25.94 -19.92 -23.17
CA HIS B 144 27.14 -19.71 -22.37
C HIS B 144 26.91 -19.03 -21.04
N LEU B 145 27.93 -18.35 -20.55
CA LEU B 145 27.79 -17.61 -19.31
C LEU B 145 26.94 -16.36 -19.54
N ASN B 146 26.75 -15.60 -18.46
CA ASN B 146 26.70 -14.14 -18.58
C ASN B 146 28.11 -13.69 -18.94
N LEU B 147 28.33 -13.26 -20.18
CA LEU B 147 29.56 -12.55 -20.49
C LEU B 147 29.28 -11.06 -20.34
N SER B 148 30.36 -10.28 -20.26
CA SER B 148 30.23 -8.84 -20.15
C SER B 148 31.25 -8.17 -21.08
N PHE B 149 30.83 -7.06 -21.67
CA PHE B 149 31.67 -6.13 -22.40
C PHE B 149 32.22 -6.64 -23.73
N SER B 150 32.70 -7.88 -23.78
CA SER B 150 33.39 -8.36 -24.96
C SER B 150 33.33 -9.87 -24.98
N SER B 151 33.53 -10.44 -26.15
CA SER B 151 33.61 -11.89 -26.27
C SER B 151 34.60 -12.26 -27.36
N GLY B 152 35.02 -13.52 -27.33
CA GLY B 152 35.99 -14.00 -28.29
C GLY B 152 37.21 -13.12 -28.35
N ALA B 153 37.74 -12.96 -29.57
CA ALA B 153 39.01 -12.28 -29.76
C ALA B 153 39.03 -10.89 -29.12
N PHE B 154 37.92 -10.17 -29.16
CA PHE B 154 37.90 -8.83 -28.56
C PHE B 154 38.41 -8.88 -27.11
N THR B 155 37.91 -9.83 -26.32
CA THR B 155 38.34 -9.90 -24.93
C THR B 155 39.88 -9.96 -24.88
N ALA B 156 40.46 -10.92 -25.64
CA ALA B 156 41.90 -11.13 -25.54
C ALA B 156 42.64 -9.86 -25.99
N THR B 157 42.09 -9.18 -27.00
CA THR B 157 42.70 -7.95 -27.48
C THR B 157 42.71 -6.92 -26.36
N ILE B 158 41.56 -6.72 -25.73
CA ILE B 158 41.46 -5.71 -24.70
C ILE B 158 42.44 -6.01 -23.58
N LYS B 159 42.37 -7.22 -23.04
CA LYS B 159 43.33 -7.61 -22.00
C LYS B 159 44.76 -7.30 -22.45
N ASN B 160 45.14 -7.78 -23.63
CA ASN B 160 46.52 -7.58 -24.05
C ASN B 160 46.84 -6.10 -24.13
N ALA B 161 45.92 -5.33 -24.72
CA ALA B 161 46.10 -3.88 -24.79
C ALA B 161 46.33 -3.32 -23.40
N LEU B 162 45.46 -3.66 -22.46
CA LEU B 162 45.60 -3.07 -21.13
C LEU B 162 46.94 -3.47 -20.49
N SER B 163 47.34 -4.73 -20.65
CA SER B 163 48.65 -5.13 -20.17
C SER B 163 49.70 -4.17 -20.71
N GLN B 164 49.73 -4.02 -22.04
CA GLN B 164 50.72 -3.15 -22.65
C GLN B 164 50.57 -1.73 -22.12
N LEU B 165 49.32 -1.26 -22.01
CA LEU B 165 49.10 0.09 -21.50
C LEU B 165 49.73 0.26 -20.13
N ALA B 166 49.54 -0.74 -19.25
CA ALA B 166 50.14 -0.64 -17.92
C ALA B 166 51.65 -0.48 -18.01
N LYS B 167 52.29 -1.26 -18.89
CA LYS B 167 53.74 -1.15 -19.04
C LYS B 167 54.11 0.22 -19.60
N ASN B 168 53.29 0.76 -20.51
CA ASN B 168 53.64 2.01 -21.16
C ASN B 168 53.51 3.17 -20.22
N THR B 169 52.64 3.04 -19.23
CA THR B 169 52.33 4.13 -18.29
C THR B 169 52.87 3.87 -16.88
N GLN B 170 53.84 2.96 -16.74
CA GLN B 170 54.24 2.52 -15.41
C GLN B 170 54.95 3.62 -14.62
N TYR B 171 55.50 4.63 -15.27
CA TYR B 171 56.14 5.75 -14.59
C TYR B 171 55.30 7.02 -14.66
N SER B 172 54.03 6.91 -15.00
CA SER B 172 53.19 8.08 -15.22
C SER B 172 53.04 8.90 -13.95
N ASP B 173 52.95 10.22 -14.15
CA ASP B 173 52.71 11.12 -13.02
C ASP B 173 51.34 10.91 -12.42
N HIS B 174 50.38 10.52 -13.25
CA HIS B 174 48.98 10.42 -12.88
C HIS B 174 48.42 9.09 -13.36
N HIS B 175 47.28 8.70 -12.80
CA HIS B 175 46.68 7.44 -13.19
C HIS B 175 45.89 7.63 -14.49
N ILE B 176 45.66 6.53 -15.18
CA ILE B 176 44.83 6.49 -16.38
C ILE B 176 43.47 5.96 -15.97
N THR B 177 42.43 6.73 -16.29
CA THR B 177 41.07 6.30 -16.05
C THR B 177 40.55 5.41 -17.19
N VAL B 178 40.06 4.23 -16.84
CA VAL B 178 39.59 3.25 -17.81
C VAL B 178 38.16 2.90 -17.44
N ARG B 179 37.21 3.36 -18.23
CA ARG B 179 35.79 3.09 -18.00
C ARG B 179 35.30 2.05 -19.00
N LEU B 180 34.62 1.02 -18.51
CA LEU B 180 33.90 0.06 -19.35
C LEU B 180 32.44 0.08 -18.95
N LEU B 181 31.56 0.44 -19.89
CA LEU B 181 30.14 0.55 -19.60
C LEU B 181 29.39 -0.26 -20.63
N GLN B 182 28.44 -1.08 -20.18
CA GLN B 182 27.63 -1.86 -21.09
C GLN B 182 26.15 -1.65 -20.81
N GLY B 183 25.36 -1.50 -21.87
CA GLY B 183 23.93 -1.60 -21.71
C GLY B 183 23.53 -3.05 -21.52
N SER B 184 22.63 -3.28 -20.57
CA SER B 184 22.28 -4.61 -20.13
C SER B 184 20.81 -4.88 -20.41
N PHE B 185 20.52 -6.04 -20.99
CA PHE B 185 19.13 -6.44 -21.23
C PHE B 185 18.40 -6.60 -19.90
N THR B 186 17.15 -6.13 -19.87
CA THR B 186 16.28 -6.27 -18.68
C THR B 186 14.83 -6.38 -19.21
N PRO B 187 14.07 -7.39 -18.79
CA PRO B 187 14.44 -8.50 -17.91
C PRO B 187 15.45 -9.45 -18.52
N MET B 188 16.19 -10.17 -17.68
CA MET B 188 17.19 -11.11 -18.17
C MET B 188 16.51 -12.38 -18.70
N LEU B 189 17.26 -13.14 -19.50
CA LEU B 189 16.82 -14.41 -20.04
C LEU B 189 16.04 -15.25 -19.03
N ASP B 192 11.93 -12.98 -16.22
CA ASP B 192 10.73 -12.23 -15.86
C ASP B 192 11.09 -10.88 -15.23
N ALA B 193 10.22 -9.88 -15.41
CA ALA B 193 10.49 -8.54 -14.91
C ALA B 193 10.56 -8.48 -13.39
N GLU B 194 10.15 -9.53 -12.68
CA GLU B 194 9.87 -9.42 -11.25
C GLU B 194 11.13 -9.43 -10.36
N SER B 195 12.26 -9.91 -10.86
CA SER B 195 13.41 -10.21 -10.01
C SER B 195 14.58 -9.26 -10.33
N GLU B 196 14.45 -8.01 -9.92
CA GLU B 196 15.49 -7.02 -10.22
C GLU B 196 16.71 -7.18 -9.32
N GLU B 197 16.50 -7.48 -8.03
CA GLU B 197 17.61 -7.67 -7.11
C GLU B 197 18.54 -8.78 -7.59
N GLU B 198 17.98 -9.93 -7.98
CA GLU B 198 18.78 -11.02 -8.50
C GLU B 198 19.50 -10.64 -9.78
N GLU B 199 18.82 -9.88 -10.67
CA GLU B 199 19.44 -9.36 -11.88
C GLU B 199 20.73 -8.63 -11.55
N ILE B 200 20.62 -7.64 -10.66
CA ILE B 200 21.81 -6.88 -10.28
C ILE B 200 22.89 -7.80 -9.74
N ARG B 201 22.52 -8.78 -8.92
CA ARG B 201 23.54 -9.68 -8.37
C ARG B 201 24.32 -10.37 -9.48
N GLN B 202 23.60 -10.90 -10.47
CA GLN B 202 24.26 -11.62 -11.57
C GLN B 202 25.16 -10.69 -12.40
N LEU B 203 24.68 -9.48 -12.66
CA LEU B 203 25.50 -8.50 -13.36
C LEU B 203 26.77 -8.22 -12.58
N SER B 204 26.65 -7.99 -11.27
CA SER B 204 27.82 -7.71 -10.45
C SER B 204 28.81 -8.85 -10.55
N LEU B 205 28.32 -10.08 -10.49
CA LEU B 205 29.23 -11.23 -10.54
C LEU B 205 30.03 -11.24 -11.82
N THR B 206 29.36 -11.04 -12.97
CA THR B 206 30.07 -11.09 -14.25
C THR B 206 31.08 -9.96 -14.34
N GLN B 207 30.64 -8.74 -14.01
CA GLN B 207 31.55 -7.62 -14.04
C GLN B 207 32.75 -7.84 -13.14
N THR B 208 32.52 -8.40 -11.96
CA THR B 208 33.63 -8.67 -11.06
C THR B 208 34.60 -9.65 -11.68
N ASN B 209 34.09 -10.71 -12.31
CA ASN B 209 35.00 -11.68 -12.91
C ASN B 209 35.79 -11.05 -14.05
N TYR B 210 35.14 -10.22 -14.86
CA TYR B 210 35.84 -9.54 -15.96
C TYR B 210 36.95 -8.64 -15.43
N LEU B 211 36.63 -7.86 -14.39
CA LEU B 211 37.62 -6.96 -13.80
C LEU B 211 38.77 -7.75 -13.20
N SER B 212 38.47 -8.87 -12.53
CA SER B 212 39.51 -9.67 -11.90
C SER B 212 40.41 -10.32 -12.96
N GLU B 213 39.81 -10.74 -14.07
CA GLU B 213 40.60 -11.24 -15.19
C GLU B 213 41.57 -10.19 -15.71
N ILE B 214 41.10 -8.95 -15.85
CA ILE B 214 42.02 -7.88 -16.26
C ILE B 214 43.11 -7.69 -15.21
N ALA B 215 42.72 -7.59 -13.94
CA ALA B 215 43.69 -7.36 -12.89
C ALA B 215 44.79 -8.41 -12.92
N SER B 216 44.42 -9.66 -13.23
CA SER B 216 45.38 -10.75 -13.18
C SER B 216 46.42 -10.67 -14.28
N VAL B 217 46.29 -9.76 -15.25
CA VAL B 217 47.29 -9.60 -16.28
C VAL B 217 47.94 -8.23 -16.22
N LEU B 218 47.71 -7.47 -15.17
CA LEU B 218 48.43 -6.22 -14.94
C LEU B 218 49.50 -6.41 -13.88
N PRO B 219 50.54 -5.55 -13.87
CA PRO B 219 51.49 -5.57 -12.76
C PRO B 219 50.75 -5.40 -11.45
N GLU B 220 51.33 -5.93 -10.39
CA GLU B 220 50.69 -5.83 -9.08
C GLU B 220 50.45 -4.38 -8.69
N VAL B 221 51.45 -3.50 -8.92
CA VAL B 221 51.28 -2.06 -8.75
C VAL B 221 51.33 -1.41 -10.13
N ASN B 222 50.34 -0.58 -10.42
CA ASN B 222 50.23 0.04 -11.74
C ASN B 222 49.33 1.26 -11.62
N ASN B 223 49.34 2.09 -12.66
CA ASN B 223 48.68 3.38 -12.61
C ASN B 223 47.34 3.38 -13.33
N LEU B 224 46.69 2.23 -13.47
CA LEU B 224 45.40 2.14 -14.16
C LEU B 224 44.29 2.05 -13.12
N ASP B 225 43.32 2.96 -13.21
CA ASP B 225 42.10 2.91 -12.41
C ASP B 225 40.97 2.42 -13.33
N ILE B 226 40.52 1.17 -13.11
CA ILE B 226 39.65 0.49 -14.06
C ILE B 226 38.28 0.30 -13.44
N THR B 227 37.25 0.81 -14.10
CA THR B 227 35.87 0.65 -13.65
C THR B 227 35.10 -0.15 -14.69
N VAL B 228 34.24 -1.06 -14.21
CA VAL B 228 33.31 -1.80 -15.07
C VAL B 228 31.91 -1.56 -14.52
N GLY B 229 30.96 -1.40 -15.44
CA GLY B 229 29.59 -1.08 -15.05
C GLY B 229 28.56 -1.44 -16.09
N SER B 230 27.32 -1.51 -15.62
CA SER B 230 26.15 -1.83 -16.43
C SER B 230 25.13 -0.71 -16.29
N VAL B 231 24.42 -0.42 -17.38
CA VAL B 231 23.40 0.62 -17.34
C VAL B 231 22.14 0.17 -18.07
N ARG B 232 20.99 0.33 -17.42
CA ARG B 232 19.68 0.14 -18.01
C ARG B 232 18.82 1.25 -17.45
N SER B 233 18.14 2.01 -18.28
CA SER B 233 17.41 3.17 -17.81
C SER B 233 15.90 2.93 -17.67
N CYS B 234 15.38 1.78 -18.08
CA CYS B 234 13.94 1.54 -17.97
C CYS B 234 13.65 0.06 -18.11
N ASN B 235 12.82 -0.46 -17.21
CA ASN B 235 12.45 -1.86 -17.10
C ASN B 235 10.96 -2.04 -16.93
N LYS B 236 10.16 -1.04 -17.31
CA LYS B 236 8.77 -1.00 -16.87
C LYS B 236 7.94 -2.05 -17.58
N LEU B 237 8.11 -2.21 -18.89
CA LEU B 237 7.32 -3.10 -19.72
C LEU B 237 5.92 -2.57 -19.99
N ILE B 238 5.21 -2.15 -18.94
CA ILE B 238 3.79 -1.80 -19.03
C ILE B 238 3.53 -0.33 -19.26
N SER B 239 4.55 0.49 -19.47
CA SER B 239 4.30 1.91 -19.66
C SER B 239 5.53 2.56 -20.29
N ASN B 240 5.34 3.81 -20.69
CA ASN B 240 6.31 4.51 -21.51
C ASN B 240 7.59 4.76 -20.75
N CYS B 241 8.72 4.64 -21.45
CA CYS B 241 10.04 4.79 -20.86
C CYS B 241 10.51 6.24 -20.82
N GLY B 242 9.91 7.10 -21.64
CA GLY B 242 10.32 8.49 -21.75
C GLY B 242 10.55 8.90 -23.20
N ASN B 243 9.48 8.99 -23.97
CA ASN B 243 9.58 9.42 -25.35
C ASN B 243 8.26 10.05 -25.77
N ASN B 244 8.21 10.53 -27.01
CA ASN B 244 7.02 11.13 -27.58
C ASN B 244 6.44 10.28 -28.69
N ASN B 245 6.58 8.96 -28.57
CA ASN B 245 6.12 8.06 -29.63
C ASN B 245 4.60 8.11 -29.76
N SER B 246 4.12 7.93 -30.99
CA SER B 246 2.72 7.60 -31.23
C SER B 246 2.49 6.10 -31.09
N GLN B 247 3.44 5.29 -31.56
CA GLN B 247 3.32 3.84 -31.40
C GLN B 247 3.45 3.46 -29.92
N LYS B 248 2.83 2.35 -29.58
CA LYS B 248 2.99 1.74 -28.27
C LYS B 248 3.05 0.23 -28.41
N ASP B 249 4.04 -0.40 -27.77
CA ASP B 249 3.76 -1.69 -27.18
C ASP B 249 4.93 -2.10 -26.29
N VAL B 250 4.80 -3.32 -25.75
CA VAL B 250 5.62 -3.77 -24.64
C VAL B 250 7.10 -3.72 -24.98
N LEU B 251 7.48 -4.15 -26.19
CA LEU B 251 8.90 -4.26 -26.50
C LEU B 251 9.59 -2.92 -26.61
N LEU B 252 8.85 -1.82 -26.66
CA LEU B 252 9.45 -0.51 -26.61
C LEU B 252 9.56 0.04 -25.18
N ASN B 253 8.96 -0.61 -24.20
CA ASN B 253 8.93 -0.14 -22.82
C ASN B 253 10.07 -0.70 -21.94
N VAL B 254 11.24 -0.94 -22.54
CA VAL B 254 12.49 -1.22 -21.82
C VAL B 254 13.57 -0.43 -22.55
N ALA B 255 14.65 -0.12 -21.82
CA ALA B 255 15.70 0.70 -22.41
C ALA B 255 17.03 0.54 -21.71
N TRP B 256 18.09 0.54 -22.50
CA TRP B 256 19.47 0.45 -22.04
C TRP B 256 20.32 1.06 -23.16
N ASN B 257 21.59 1.28 -22.86
CA ASN B 257 22.47 1.86 -23.85
C ASN B 257 22.72 0.92 -25.01
N HIS B 258 22.76 1.48 -26.20
CA HIS B 258 23.13 0.77 -27.42
C HIS B 258 24.30 1.42 -28.12
N GLY B 259 24.72 2.61 -27.70
CA GLY B 259 25.85 3.26 -28.32
C GLY B 259 27.14 2.49 -28.13
N LYS B 260 28.06 2.69 -29.09
CA LYS B 260 29.27 1.87 -29.17
C LYS B 260 30.44 2.81 -29.42
N ILE B 261 31.32 2.92 -28.42
CA ILE B 261 32.39 3.90 -28.41
C ILE B 261 33.64 3.31 -27.78
N ILE B 262 34.81 3.59 -28.39
CA ILE B 262 36.09 3.41 -27.74
C ILE B 262 36.85 4.72 -27.93
N ASN B 263 37.03 5.47 -26.85
CA ASN B 263 37.50 6.84 -26.86
C ASN B 263 38.76 6.91 -26.01
N VAL B 264 39.89 7.24 -26.62
CA VAL B 264 41.16 7.34 -25.92
C VAL B 264 41.56 8.81 -25.80
N ASP B 265 41.92 9.21 -24.58
CA ASP B 265 42.50 10.51 -24.28
C ASP B 265 41.66 11.66 -24.82
N ASN B 266 40.34 11.48 -24.86
CA ASN B 266 39.44 12.50 -25.38
C ASN B 266 39.93 13.00 -26.74
N GLN B 267 40.54 12.10 -27.52
CA GLN B 267 41.11 12.49 -28.80
C GLN B 267 40.76 11.50 -29.91
N SER B 268 40.96 10.20 -29.66
CA SER B 268 40.85 9.18 -30.69
C SER B 268 39.61 8.32 -30.44
N VAL B 269 38.73 8.23 -31.43
CA VAL B 269 37.43 7.59 -31.26
C VAL B 269 37.26 6.51 -32.31
N ILE B 270 36.84 5.34 -31.87
CA ILE B 270 36.29 4.29 -32.71
C ILE B 270 34.81 4.18 -32.40
N THR B 271 33.98 4.35 -33.41
CA THR B 271 32.54 4.23 -33.18
C THR B 271 31.84 3.75 -34.45
N GLY B 272 30.67 3.16 -34.25
CA GLY B 272 29.89 2.59 -35.34
C GLY B 272 28.94 1.51 -34.88
N GLY B 273 28.76 0.47 -35.66
CA GLY B 273 27.78 -0.55 -35.31
C GLY B 273 28.32 -1.76 -34.62
N HIS B 274 29.64 -1.88 -34.52
CA HIS B 274 30.24 -3.10 -33.99
C HIS B 274 30.03 -3.19 -32.50
N ASN B 275 29.42 -4.29 -32.05
CA ASN B 275 29.68 -4.72 -30.69
C ASN B 275 31.05 -5.44 -30.64
N LEU B 276 31.58 -5.65 -29.44
CA LEU B 276 32.86 -6.35 -29.30
C LEU B 276 32.63 -7.85 -29.15
N TRP B 277 31.96 -8.41 -30.15
CA TRP B 277 31.58 -9.82 -30.17
C TRP B 277 32.38 -10.56 -31.25
N GLY B 278 33.36 -11.33 -30.81
CA GLY B 278 34.31 -11.89 -31.76
C GLY B 278 33.69 -12.90 -32.72
N ALA B 279 32.86 -13.79 -32.22
CA ALA B 279 32.33 -14.86 -33.06
C ALA B 279 31.38 -14.35 -34.12
N ASP B 280 30.82 -13.15 -33.94
CA ASP B 280 29.88 -12.59 -34.89
C ASP B 280 30.54 -11.88 -36.05
N TYR B 281 31.78 -11.44 -35.90
CA TYR B 281 32.43 -10.67 -36.92
C TYR B 281 33.74 -11.26 -37.44
N LEU B 282 34.47 -12.02 -36.63
CA LEU B 282 35.87 -12.33 -36.88
C LEU B 282 36.11 -13.82 -36.98
N GLN B 283 35.07 -14.61 -37.19
CA GLN B 283 35.21 -16.05 -37.41
C GLN B 283 34.50 -16.44 -38.70
N ARG B 284 34.05 -17.68 -38.80
CA ARG B 284 33.29 -18.11 -39.96
C ARG B 284 31.99 -17.33 -40.05
N ASN B 285 31.45 -17.31 -41.26
CA ASN B 285 30.17 -16.65 -41.54
C ASN B 285 30.02 -15.30 -40.92
N PRO B 286 30.92 -14.36 -41.20
CA PRO B 286 30.92 -13.08 -40.53
C PRO B 286 29.69 -12.27 -40.86
N VAL B 287 29.17 -11.58 -39.84
CA VAL B 287 28.19 -10.52 -40.01
C VAL B 287 28.90 -9.27 -40.53
N ASN B 288 28.25 -8.57 -41.46
CA ASN B 288 28.82 -7.36 -42.03
C ASN B 288 28.54 -6.17 -41.12
N ASP B 289 29.56 -5.34 -40.89
CA ASP B 289 29.35 -4.16 -40.05
C ASP B 289 30.46 -3.15 -40.30
N LEU B 290 30.23 -1.94 -39.80
CA LEU B 290 31.08 -0.81 -40.10
C LEU B 290 31.28 0.03 -38.85
N SER B 291 32.55 0.31 -38.51
CA SER B 291 32.91 1.37 -37.59
C SER B 291 33.92 2.25 -38.30
N ILE B 292 34.20 3.42 -37.69
CA ILE B 292 35.30 4.27 -38.14
C ILE B 292 36.19 4.65 -36.97
N ASN B 293 37.42 5.05 -37.32
CA ASN B 293 38.49 5.49 -36.43
C ASN B 293 38.83 6.92 -36.81
N ILE B 294 38.56 7.85 -35.92
CA ILE B 294 38.66 9.27 -36.22
C ILE B 294 39.28 10.01 -35.05
N LEU B 295 40.02 11.04 -35.37
CA LEU B 295 40.75 11.83 -34.38
C LEU B 295 40.32 13.28 -34.47
N GLY B 296 40.11 13.90 -33.31
CA GLY B 296 39.79 15.31 -33.28
C GLY B 296 38.74 15.69 -32.27
N PRO B 297 38.28 16.95 -32.35
CA PRO B 297 37.36 17.46 -31.32
C PRO B 297 36.04 16.72 -31.24
N ILE B 298 35.67 15.96 -32.27
CA ILE B 298 34.47 15.11 -32.15
C ILE B 298 34.58 14.21 -30.93
N ALA B 299 35.80 13.84 -30.53
CA ALA B 299 35.96 13.00 -29.34
C ALA B 299 35.29 13.64 -28.12
N SER B 300 35.36 14.96 -27.99
CA SER B 300 34.67 15.67 -26.93
C SER B 300 33.22 15.24 -26.83
N THR B 301 32.52 15.21 -27.97
CA THR B 301 31.10 14.83 -27.95
C THR B 301 30.94 13.41 -27.43
N ALA B 302 31.82 12.51 -27.85
CA ALA B 302 31.75 11.13 -27.36
C ALA B 302 31.97 11.09 -25.86
N THR B 303 32.95 11.87 -25.37
CA THR B 303 33.18 11.91 -23.94
C THR B 303 31.92 12.38 -23.23
N LYS B 304 31.27 13.42 -23.78
CA LYS B 304 30.05 13.92 -23.15
C LYS B 304 29.02 12.79 -23.06
N TYR B 305 28.86 12.03 -24.15
CA TYR B 305 27.89 10.93 -24.15
C TYR B 305 28.21 9.97 -23.01
N GLY B 306 29.47 9.55 -22.90
CA GLY B 306 29.85 8.69 -21.79
C GLY B 306 29.54 9.34 -20.43
N ASN B 307 29.92 10.60 -20.27
CA ASN B 307 29.66 11.26 -18.99
C ASN B 307 28.19 11.20 -18.66
N THR B 308 27.32 11.44 -19.67
CA THR B 308 25.89 11.47 -19.39
C THR B 308 25.47 10.14 -18.79
N LEU B 309 25.94 9.05 -19.40
CA LEU B 309 25.56 7.72 -18.93
C LEU B 309 26.19 7.44 -17.58
N TRP B 310 27.46 7.81 -17.42
CA TRP B 310 28.14 7.44 -16.18
C TRP B 310 27.60 8.25 -15.02
N ASN B 311 27.39 9.53 -15.23
CA ASN B 311 26.65 10.31 -14.24
C ASN B 311 25.37 9.58 -13.86
N TYR B 312 24.58 9.13 -14.87
CA TYR B 312 23.33 8.45 -14.53
C TYR B 312 23.62 7.23 -13.65
N VAL B 313 24.65 6.47 -13.98
CA VAL B 313 24.95 5.26 -13.23
C VAL B 313 25.37 5.63 -11.82
N CYS B 314 26.16 6.70 -11.67
CA CYS B 314 26.70 7.01 -10.34
C CYS B 314 25.65 7.63 -9.44
N ASN B 315 24.79 8.48 -9.98
CA ASN B 315 23.83 9.24 -9.20
C ASN B 315 22.41 8.73 -9.43
N ASN B 316 22.25 7.41 -9.61
CA ASN B 316 20.97 6.76 -9.85
C ASN B 316 19.77 7.69 -9.74
N THR B 317 19.66 8.34 -8.56
CA THR B 317 18.57 9.16 -8.07
C THR B 317 17.39 8.30 -7.61
N GLY B 318 17.34 7.03 -8.02
CA GLY B 318 16.36 6.11 -7.48
C GLY B 318 15.81 5.20 -8.55
N THR B 319 14.60 4.69 -8.30
CA THR B 319 13.88 3.74 -9.16
C THR B 319 14.79 2.58 -9.56
N ILE B 320 14.98 2.38 -10.87
CA ILE B 320 15.88 1.34 -11.35
C ILE B 320 17.27 1.56 -10.75
N THR B 321 17.92 0.47 -10.36
CA THR B 321 19.28 0.52 -9.84
C THR B 321 20.23 -0.15 -10.83
N ASN B 322 21.39 0.48 -11.04
CA ASN B 322 22.48 -0.03 -11.87
C ASN B 322 23.67 -0.36 -11.00
N THR B 323 24.70 -0.96 -11.59
CA THR B 323 25.79 -1.48 -10.79
C THR B 323 27.13 -1.31 -11.48
N PHE B 324 28.15 -1.06 -10.68
CA PHE B 324 29.50 -0.84 -11.15
C PHE B 324 30.48 -1.15 -10.03
N VAL B 325 31.75 -1.29 -10.40
CA VAL B 325 32.81 -1.52 -9.43
C VAL B 325 34.14 -1.12 -10.06
N THR B 326 35.07 -0.68 -9.21
CA THR B 326 36.36 -0.17 -9.64
C THR B 326 37.48 -0.99 -9.02
N TYR B 327 38.58 -1.12 -9.75
CA TYR B 327 39.81 -1.72 -9.25
C TYR B 327 40.93 -0.73 -9.49
N ALA B 328 41.62 -0.33 -8.41
CA ALA B 328 42.73 0.60 -8.48
C ALA B 328 43.56 0.43 -7.22
N ASN B 329 44.87 0.61 -7.39
CA ASN B 329 45.80 0.48 -6.26
C ASN B 329 45.57 -0.81 -5.49
N GLY B 330 45.37 -1.90 -6.21
CA GLY B 330 45.19 -3.21 -5.61
C GLY B 330 43.88 -3.44 -4.90
N GLN B 331 42.93 -2.53 -5.02
CA GLN B 331 41.72 -2.59 -4.22
C GLN B 331 40.48 -2.42 -5.06
N TYR B 332 39.43 -3.14 -4.69
CA TYR B 332 38.10 -2.96 -5.27
C TYR B 332 37.38 -1.88 -4.48
N THR B 333 36.87 -0.87 -5.18
CA THR B 333 36.20 0.25 -4.55
C THR B 333 34.93 0.58 -5.32
N TYR B 334 34.17 1.54 -4.79
CA TYR B 334 33.04 2.11 -5.51
C TYR B 334 33.32 3.56 -5.90
N ASP B 335 34.59 3.91 -6.13
CA ASP B 335 34.93 5.21 -6.68
C ASP B 335 34.34 5.28 -8.08
N CYS B 336 33.34 6.15 -8.31
CA CYS B 336 32.57 6.13 -9.54
C CYS B 336 33.08 7.19 -10.51
N PRO B 337 33.55 6.81 -11.70
CA PRO B 337 34.13 7.80 -12.63
C PRO B 337 33.06 8.51 -13.46
N ALA B 338 32.32 9.40 -12.81
CA ALA B 338 31.17 10.03 -13.46
C ALA B 338 31.57 10.99 -14.57
N HIS B 339 32.81 11.47 -14.59
CA HIS B 339 33.16 12.57 -15.48
C HIS B 339 34.62 12.48 -15.88
N ILE B 340 34.85 12.28 -17.17
CA ILE B 340 36.13 12.59 -17.80
C ILE B 340 35.96 13.96 -18.47
N SER B 341 36.95 14.81 -18.32
CA SER B 341 36.85 16.14 -18.92
C SER B 341 36.70 16.05 -20.44
N SER B 342 35.76 16.83 -20.97
CA SER B 342 35.47 16.81 -22.39
C SER B 342 36.23 17.89 -23.16
N THR B 343 37.02 18.71 -22.48
CA THR B 343 37.75 19.76 -23.18
C THR B 343 38.79 19.15 -24.12
N TYR B 344 38.72 19.51 -25.39
CA TYR B 344 39.61 18.93 -26.38
C TYR B 344 40.97 19.60 -26.33
N VAL B 345 42.03 18.80 -26.29
CA VAL B 345 43.40 19.25 -26.46
C VAL B 345 43.99 18.50 -27.64
N ALA B 346 44.39 19.24 -28.68
CA ALA B 346 44.91 18.62 -29.89
C ALA B 346 46.23 17.94 -29.60
N PRO B 347 46.39 16.67 -29.95
CA PRO B 347 47.71 16.02 -29.83
C PRO B 347 48.64 16.59 -30.89
N THR B 348 49.92 16.31 -30.72
CA THR B 348 50.89 16.73 -31.72
C THR B 348 50.71 15.89 -32.99
N ASP B 349 50.80 16.57 -34.13
CA ASP B 349 50.54 15.97 -35.45
C ASP B 349 49.10 15.46 -35.53
N ALA B 350 48.18 16.21 -34.94
CA ALA B 350 46.76 15.86 -35.02
C ALA B 350 46.20 16.07 -36.41
N LYS B 351 46.69 17.08 -37.13
CA LYS B 351 46.20 17.43 -38.46
C LYS B 351 46.65 16.45 -39.55
N ASN B 352 47.32 15.37 -39.16
CA ASN B 352 47.71 14.34 -40.12
C ASN B 352 46.46 13.62 -40.63
N GLY B 353 46.25 13.66 -41.93
CA GLY B 353 45.20 12.90 -42.59
C GLY B 353 44.22 13.82 -43.29
N LEU B 354 43.10 13.22 -43.70
CA LEU B 354 42.06 13.95 -44.41
C LEU B 354 41.20 14.73 -43.43
N ALA B 355 41.08 16.04 -43.68
CA ALA B 355 40.31 16.92 -42.83
C ALA B 355 38.85 16.92 -43.27
N VAL B 356 37.94 16.62 -42.34
CA VAL B 356 36.51 16.49 -42.63
C VAL B 356 35.66 17.16 -41.56
N LYS B 357 34.52 17.71 -41.99
CA LYS B 357 33.55 18.28 -41.07
C LYS B 357 32.68 17.19 -40.49
N VAL B 358 32.50 17.19 -39.17
CA VAL B 358 31.77 16.12 -38.49
C VAL B 358 30.94 16.74 -37.37
N MET B 359 29.72 16.26 -37.23
CA MET B 359 28.94 16.59 -36.05
C MET B 359 28.50 15.31 -35.35
N SER B 360 28.18 15.44 -34.07
CA SER B 360 27.69 14.32 -33.27
C SER B 360 26.18 14.36 -33.22
N ILE B 361 25.58 13.21 -32.93
CA ILE B 361 24.13 13.11 -32.90
C ILE B 361 23.75 11.92 -32.04
N SER B 362 22.93 12.17 -31.03
CA SER B 362 22.68 11.18 -29.99
C SER B 362 21.20 11.07 -29.65
N LYS B 363 20.88 10.01 -28.91
CA LYS B 363 19.54 9.70 -28.43
C LYS B 363 19.73 9.28 -27.01
N LEU B 364 19.25 10.11 -26.06
CA LEU B 364 19.52 9.95 -24.64
C LEU B 364 18.26 10.08 -23.80
N ASN B 365 17.10 9.83 -24.39
CA ASN B 365 15.84 9.89 -23.67
C ASN B 365 15.56 8.48 -23.11
N ASN B 366 14.29 8.17 -22.89
CA ASN B 366 13.88 6.88 -22.37
C ASN B 366 14.54 6.57 -21.03
N GLY B 367 14.62 7.57 -20.16
CA GLY B 367 14.92 7.38 -18.76
C GLY B 367 16.23 8.00 -18.30
N VAL B 368 17.14 8.34 -19.19
CA VAL B 368 18.39 8.96 -18.76
C VAL B 368 18.20 10.49 -18.69
N LEU B 369 17.89 11.11 -19.81
CA LEU B 369 17.58 12.54 -19.87
C LEU B 369 16.08 12.72 -20.14
N ASP B 370 15.66 13.98 -20.27
CA ASP B 370 14.28 14.31 -20.60
C ASP B 370 13.81 13.54 -21.84
N LYS B 371 12.48 13.39 -21.92
CA LYS B 371 11.89 12.56 -22.98
C LYS B 371 12.07 13.17 -24.37
N ASP B 372 12.31 14.48 -24.45
CA ASP B 372 12.50 15.13 -25.74
C ASP B 372 13.88 14.89 -26.34
N ALA B 373 14.76 14.22 -25.62
CA ALA B 373 16.16 14.19 -26.01
C ALA B 373 16.51 13.13 -27.06
N ASP B 374 15.72 13.03 -28.12
CA ASP B 374 16.01 12.15 -29.24
C ASP B 374 16.23 13.01 -30.48
N GLN B 375 17.45 13.49 -30.65
CA GLN B 375 17.81 14.29 -31.81
C GLN B 375 18.40 13.49 -32.95
N SER B 376 18.75 12.22 -32.72
CA SER B 376 19.29 11.36 -33.77
C SER B 376 18.23 11.07 -34.83
N GLU B 377 17.02 10.69 -34.39
CA GLU B 377 15.94 10.44 -35.36
C GLU B 377 15.64 11.69 -36.18
N VAL B 378 15.51 12.83 -35.50
CA VAL B 378 15.24 14.08 -36.19
C VAL B 378 16.31 14.36 -37.22
N ALA B 379 17.58 14.15 -36.86
CA ALA B 379 18.65 14.48 -37.78
C ALA B 379 18.54 13.65 -39.05
N ARG B 380 18.33 12.34 -38.91
CA ARG B 380 18.27 11.51 -40.11
C ARG B 380 17.04 11.85 -40.94
N VAL B 381 15.91 12.15 -40.28
CA VAL B 381 14.71 12.48 -41.03
C VAL B 381 14.94 13.75 -41.84
N TYR B 382 15.58 14.75 -41.24
CA TYR B 382 15.92 15.97 -41.96
C TYR B 382 16.82 15.65 -43.14
N ALA B 383 17.85 14.84 -42.89
CA ALA B 383 18.79 14.52 -43.95
C ALA B 383 18.09 13.85 -45.13
N PHE B 384 17.14 12.97 -44.85
CA PHE B 384 16.45 12.29 -45.94
C PHE B 384 15.50 13.24 -46.65
N LYS B 385 14.78 14.05 -45.88
CA LYS B 385 13.87 15.01 -46.46
C LYS B 385 14.58 16.00 -47.37
N ASN B 386 15.87 16.26 -47.10
CA ASN B 386 16.57 17.29 -47.84
C ASN B 386 17.64 16.73 -48.80
N ALA B 387 17.69 15.41 -48.99
CA ALA B 387 18.52 14.87 -50.05
C ALA B 387 18.08 15.45 -51.40
N THR B 388 19.06 15.77 -52.26
CA THR B 388 18.75 16.29 -53.58
C THR B 388 19.06 15.32 -54.70
N LYS B 389 19.86 14.28 -54.47
CA LYS B 389 20.23 13.38 -55.55
C LYS B 389 20.03 11.91 -55.20
N SER B 390 20.60 11.46 -54.07
CA SER B 390 20.52 10.05 -53.75
C SER B 390 20.53 9.84 -52.25
N ILE B 391 19.92 8.72 -51.85
CA ILE B 391 20.03 8.21 -50.49
C ILE B 391 20.45 6.73 -50.61
N LYS B 392 21.58 6.39 -49.99
CA LYS B 392 22.04 5.01 -49.87
C LYS B 392 21.90 4.61 -48.41
N ILE B 393 21.30 3.45 -48.16
CA ILE B 393 21.00 3.02 -46.81
C ILE B 393 21.46 1.57 -46.68
N SER B 394 22.20 1.28 -45.62
CA SER B 394 22.55 -0.10 -45.31
C SER B 394 22.19 -0.35 -43.86
N GLN B 395 21.28 -1.28 -43.62
CA GLN B 395 20.74 -1.55 -42.31
C GLN B 395 20.60 -3.04 -42.11
N GLN B 396 20.44 -3.44 -40.86
CA GLN B 396 19.97 -4.79 -40.61
C GLN B 396 18.51 -4.92 -41.01
N ALA B 397 17.68 -4.03 -40.47
CA ALA B 397 16.24 -4.07 -40.65
C ALA B 397 15.71 -2.66 -40.58
N LEU B 398 14.54 -2.45 -41.19
CA LEU B 398 13.87 -1.16 -41.20
C LEU B 398 12.62 -1.16 -40.36
N PHE B 399 12.07 -2.32 -40.04
CA PHE B 399 10.89 -2.49 -39.21
C PHE B 399 11.22 -3.53 -38.13
N PHE B 400 10.42 -3.55 -37.09
CA PHE B 400 10.67 -4.42 -35.96
C PHE B 400 9.35 -5.00 -35.48
N LYS B 401 9.34 -6.31 -35.22
CA LYS B 401 8.12 -6.97 -34.78
C LYS B 401 7.86 -6.72 -33.29
N GLY B 402 6.68 -6.18 -33.00
CA GLY B 402 6.25 -5.93 -31.64
C GLY B 402 5.82 -7.19 -30.91
N ALA B 403 5.50 -6.99 -29.63
CA ALA B 403 5.29 -8.10 -28.72
C ALA B 403 4.28 -9.11 -29.22
N PHE B 404 3.19 -8.64 -29.80
CA PHE B 404 2.14 -9.54 -30.25
C PHE B 404 1.91 -9.45 -31.74
N GLY B 405 2.98 -9.21 -32.49
CA GLY B 405 2.96 -9.24 -33.93
C GLY B 405 2.78 -7.91 -34.62
N LYS B 406 2.46 -6.86 -33.90
CA LYS B 406 2.30 -5.56 -34.54
C LYS B 406 3.61 -5.12 -35.19
N VAL B 407 3.50 -4.52 -36.37
CA VAL B 407 4.67 -3.99 -37.06
C VAL B 407 4.99 -2.62 -36.47
N LEU B 408 6.25 -2.44 -36.09
CA LEU B 408 6.72 -1.18 -35.52
C LEU B 408 7.61 -0.51 -36.57
N HIS B 409 7.24 0.71 -36.94
CA HIS B 409 7.97 1.43 -37.98
C HIS B 409 8.91 2.44 -37.35
N PRO B 410 9.87 2.95 -38.11
CA PRO B 410 10.74 4.03 -37.60
C PRO B 410 9.93 5.17 -36.99
N LEU B 411 10.48 5.77 -35.96
CA LEU B 411 9.67 6.50 -34.99
C LEU B 411 9.29 7.89 -35.47
N LYS B 412 8.19 8.40 -34.92
CA LYS B 412 7.75 9.75 -35.20
C LYS B 412 8.68 10.78 -34.61
N THR B 413 8.91 11.85 -35.36
CA THR B 413 9.60 13.04 -34.88
C THR B 413 8.72 14.23 -35.21
N ILE B 414 9.19 15.42 -34.83
CA ILE B 414 8.47 16.63 -35.19
C ILE B 414 8.48 16.87 -36.69
N ASP B 415 9.34 16.18 -37.43
CA ASP B 415 9.39 16.31 -38.88
C ASP B 415 8.90 15.04 -39.58
N GLY B 416 8.15 14.19 -38.89
CA GLY B 416 7.62 12.99 -39.49
C GLY B 416 8.52 11.79 -39.24
N THR B 417 8.30 10.75 -40.04
CA THR B 417 9.06 9.50 -39.89
C THR B 417 10.12 9.38 -40.98
N VAL B 418 10.99 8.39 -40.79
CA VAL B 418 11.94 8.08 -41.86
C VAL B 418 11.21 7.61 -43.11
N MET B 419 10.13 6.82 -42.94
CA MET B 419 9.42 6.32 -44.11
C MET B 419 8.69 7.45 -44.84
N GLU B 420 8.14 8.40 -44.08
CA GLU B 420 7.55 9.58 -44.71
C GLU B 420 8.60 10.37 -45.48
N ALA B 421 9.82 10.50 -44.92
CA ALA B 421 10.89 11.18 -45.62
C ALA B 421 11.32 10.44 -46.88
N LEU B 422 11.44 9.11 -46.80
CA LEU B 422 11.82 8.35 -47.99
C LEU B 422 10.74 8.41 -49.07
N ALA B 423 9.47 8.36 -48.66
CA ALA B 423 8.39 8.54 -49.62
C ALA B 423 8.50 9.91 -50.31
N SER B 424 8.87 10.94 -49.55
CA SER B 424 9.02 12.26 -50.15
C SER B 424 10.16 12.27 -51.16
N ALA B 425 11.31 11.69 -50.78
CA ALA B 425 12.45 11.65 -51.69
C ALA B 425 12.10 10.90 -52.97
N ILE B 426 11.36 9.80 -52.85
CA ILE B 426 10.99 9.01 -54.01
C ILE B 426 10.06 9.81 -54.91
N TYR B 427 9.11 10.53 -54.31
CA TYR B 427 8.18 11.33 -55.11
C TYR B 427 8.90 12.45 -55.83
N LYS B 428 9.96 12.99 -55.24
CA LYS B 428 10.70 14.07 -55.86
C LYS B 428 11.70 13.60 -56.89
N GLY B 429 11.85 12.30 -57.07
CA GLY B 429 12.81 11.80 -58.03
C GLY B 429 14.17 11.47 -57.47
N VAL B 430 14.33 11.46 -56.17
CA VAL B 430 15.60 11.13 -55.55
C VAL B 430 15.78 9.61 -55.58
N THR B 431 16.97 9.16 -55.98
CA THR B 431 17.26 7.73 -55.96
C THR B 431 17.43 7.25 -54.52
N VAL B 432 16.80 6.13 -54.18
CA VAL B 432 16.88 5.53 -52.85
C VAL B 432 17.32 4.09 -53.04
N ASP B 433 18.56 3.78 -52.66
CA ASP B 433 19.13 2.45 -52.71
C ASP B 433 19.24 1.92 -51.30
N ILE B 434 18.67 0.74 -51.05
CA ILE B 434 18.64 0.19 -49.70
C ILE B 434 19.23 -1.21 -49.72
N VAL B 435 20.16 -1.47 -48.81
CA VAL B 435 20.65 -2.80 -48.55
C VAL B 435 20.22 -3.19 -47.13
N THR B 436 19.62 -4.35 -47.04
CA THR B 436 19.05 -4.94 -45.84
C THR B 436 19.80 -6.23 -45.54
N SER B 437 19.74 -6.66 -44.29
CA SER B 437 20.21 -8.01 -44.03
C SER B 437 19.29 -9.01 -44.74
N SER B 438 19.71 -10.26 -44.86
CA SER B 438 18.79 -11.22 -45.49
C SER B 438 17.63 -11.56 -44.55
N LEU B 439 16.53 -11.97 -45.15
CA LEU B 439 15.41 -12.47 -44.36
C LEU B 439 15.81 -13.71 -43.57
N ASP B 440 16.57 -14.60 -44.22
CA ASP B 440 17.10 -15.83 -43.62
C ASP B 440 18.44 -15.60 -42.97
N GLY B 441 18.58 -14.50 -42.24
CA GLY B 441 19.81 -14.22 -41.55
C GLY B 441 19.85 -14.54 -40.06
N GLY B 442 18.94 -15.39 -39.61
CA GLY B 442 18.93 -15.85 -38.23
C GLY B 442 18.79 -14.70 -37.26
N ILE B 443 19.74 -14.63 -36.32
CA ILE B 443 19.78 -13.62 -35.28
C ILE B 443 19.85 -12.22 -35.87
N TYR B 444 20.40 -12.09 -37.06
CA TYR B 444 20.59 -10.80 -37.69
C TYR B 444 19.69 -10.66 -38.92
N SER B 445 18.44 -11.06 -38.79
CA SER B 445 17.49 -11.07 -39.89
C SER B 445 16.91 -9.67 -40.15
N SER B 446 16.47 -9.46 -41.39
CA SER B 446 15.79 -8.21 -41.70
C SER B 446 14.38 -8.15 -41.13
N GLY B 447 13.82 -9.29 -40.71
CA GLY B 447 12.49 -9.33 -40.15
C GLY B 447 11.33 -9.28 -41.14
N TYR B 448 11.51 -8.52 -42.21
CA TYR B 448 10.48 -8.32 -43.21
C TYR B 448 11.13 -8.35 -44.59
N ASN B 449 10.41 -8.92 -45.56
CA ASN B 449 10.96 -9.02 -46.90
C ASN B 449 10.87 -7.67 -47.62
N SER B 450 11.51 -7.62 -48.80
CA SER B 450 11.61 -6.39 -49.58
C SER B 450 10.25 -5.94 -50.05
N GLU B 451 9.39 -6.90 -50.41
CA GLU B 451 8.04 -6.56 -50.81
C GLU B 451 7.32 -5.79 -49.71
N PHE B 452 7.49 -6.20 -48.46
CA PHE B 452 6.83 -5.51 -47.36
C PHE B 452 7.20 -4.03 -47.35
N VAL B 453 8.47 -3.72 -47.55
CA VAL B 453 8.94 -2.34 -47.52
C VAL B 453 8.36 -1.57 -48.69
N TYR B 454 8.39 -2.18 -49.89
CA TYR B 454 7.78 -1.57 -51.06
C TYR B 454 6.31 -1.23 -50.81
N ASN B 455 5.57 -2.17 -50.23
CA ASN B 455 4.15 -1.93 -50.02
C ASN B 455 3.91 -0.91 -48.91
N TYR B 456 4.77 -0.89 -47.88
CA TYR B 456 4.63 0.12 -46.83
C TYR B 456 4.81 1.52 -47.43
N LEU B 457 5.81 1.69 -48.30
CA LEU B 457 6.01 3.00 -48.89
C LEU B 457 4.91 3.33 -49.87
N LEU B 458 4.39 2.33 -50.56
CA LEU B 458 3.20 2.55 -51.38
C LEU B 458 2.08 3.12 -50.55
N ASN B 459 1.84 2.52 -49.38
CA ASN B 459 0.75 3.01 -48.54
C ASN B 459 1.02 4.43 -48.07
N VAL B 460 2.28 4.72 -47.69
CA VAL B 460 2.62 6.08 -47.30
C VAL B 460 2.26 7.05 -48.41
N LEU B 461 2.55 6.67 -49.66
CA LEU B 461 2.21 7.55 -50.78
C LEU B 461 0.71 7.61 -51.02
N HIS B 462 -0.06 6.62 -50.56
CA HIS B 462 -1.51 6.68 -50.71
C HIS B 462 -2.18 7.66 -49.76
N LYS B 463 -1.53 8.00 -48.65
CA LYS B 463 -2.16 8.82 -47.62
C LYS B 463 -1.56 10.22 -47.62
N ALA B 464 -1.41 10.85 -46.43
CA ALA B 464 -0.39 11.91 -46.29
C ALA B 464 -0.84 13.04 -47.19
N PRO B 465 0.07 13.87 -47.73
CA PRO B 465 -0.37 14.93 -48.66
C PRO B 465 -0.42 14.50 -50.12
N TYR B 466 0.08 13.31 -50.45
CA TYR B 466 0.16 12.91 -51.85
C TYR B 466 -1.17 12.36 -52.35
N TYR B 467 -1.77 11.43 -51.62
CA TYR B 467 -3.03 10.80 -52.03
C TYR B 467 -2.93 10.16 -53.41
N LEU B 468 -1.83 9.48 -53.66
CA LEU B 468 -1.57 8.90 -54.97
C LEU B 468 -2.35 7.60 -55.15
N GLU B 469 -2.95 7.44 -56.33
CA GLU B 469 -3.51 6.16 -56.74
C GLU B 469 -2.40 5.11 -56.81
N ARG B 470 -2.74 3.87 -56.42
CA ARG B 470 -1.73 2.83 -56.20
C ARG B 470 -0.81 2.66 -57.41
N ASN B 471 -1.38 2.51 -58.59
CA ASN B 471 -0.56 2.19 -59.76
C ASN B 471 0.29 3.37 -60.20
N TYR B 472 -0.19 4.60 -59.99
CA TYR B 472 0.64 5.77 -60.24
C TYR B 472 1.77 5.89 -59.22
N ALA B 473 1.53 5.51 -57.96
CA ALA B 473 2.60 5.51 -56.97
C ALA B 473 3.67 4.47 -57.31
N LYS B 474 3.24 3.34 -57.88
CA LYS B 474 4.19 2.31 -58.25
C LYS B 474 5.20 2.82 -59.28
N THR B 475 4.79 3.78 -60.14
CA THR B 475 5.74 4.32 -61.13
C THR B 475 6.91 5.02 -60.45
N PHE B 476 6.64 5.80 -59.39
CA PHE B 476 7.71 6.42 -58.63
C PHE B 476 8.59 5.38 -57.96
N LEU B 477 7.95 4.41 -57.30
CA LEU B 477 8.75 3.39 -56.63
C LEU B 477 9.63 2.64 -57.63
N ASP B 478 9.06 2.22 -58.75
CA ASP B 478 9.79 1.42 -59.72
C ASP B 478 10.92 2.22 -60.37
N LYS B 479 10.76 3.54 -60.50
CA LYS B 479 11.84 4.35 -61.06
C LYS B 479 12.95 4.60 -60.04
N ASN B 480 12.60 4.86 -58.78
CA ASN B 480 13.55 5.49 -57.88
C ASN B 480 13.94 4.67 -56.67
N LEU B 481 13.24 3.57 -56.38
CA LEU B 481 13.47 2.78 -55.17
C LEU B 481 14.04 1.44 -55.57
N HIS B 482 15.18 1.06 -54.97
CA HIS B 482 15.80 -0.24 -55.20
C HIS B 482 16.17 -0.85 -53.86
N ILE B 483 15.44 -1.91 -53.48
CA ILE B 483 15.65 -2.60 -52.22
C ILE B 483 16.31 -3.95 -52.49
N ASN B 484 17.52 -4.11 -51.99
CA ASN B 484 18.25 -5.36 -52.06
C ASN B 484 18.64 -5.81 -50.65
N PHE B 485 19.15 -7.04 -50.57
CA PHE B 485 19.65 -7.56 -49.31
C PHE B 485 21.04 -8.10 -49.53
N ILE B 486 21.80 -8.16 -48.43
CA ILE B 486 23.22 -8.41 -48.53
C ILE B 486 23.50 -9.83 -49.01
N SER B 487 24.53 -9.99 -49.83
CA SER B 487 25.01 -11.29 -50.25
C SER B 487 26.52 -11.18 -50.48
N ILE B 488 27.24 -12.26 -50.21
CA ILE B 488 28.67 -12.26 -50.46
C ILE B 488 28.97 -12.23 -51.94
N ASN B 489 28.07 -12.81 -52.77
CA ASN B 489 28.38 -12.95 -54.20
C ASN B 489 27.15 -12.90 -55.10
N GLY B 490 26.03 -12.37 -54.63
CA GLY B 490 24.82 -12.32 -55.43
C GLY B 490 24.06 -13.63 -55.53
N ARG B 491 24.42 -14.65 -54.74
CA ARG B 491 23.79 -15.96 -54.84
C ARG B 491 23.33 -16.44 -53.48
N GLU B 492 24.21 -16.39 -52.48
CA GLU B 492 23.88 -16.87 -51.16
C GLU B 492 22.78 -16.02 -50.58
N THR B 493 21.76 -16.65 -50.00
CA THR B 493 20.56 -15.97 -49.53
C THR B 493 20.39 -15.96 -48.01
N ASN B 494 21.44 -16.32 -47.26
CA ASN B 494 21.35 -16.29 -45.80
C ASN B 494 22.48 -15.47 -45.14
N ASN B 495 23.06 -14.51 -45.85
CA ASN B 495 24.12 -13.70 -45.27
C ASN B 495 23.52 -12.63 -44.39
N MET B 496 24.36 -12.07 -43.53
CA MET B 496 23.92 -11.23 -42.43
C MET B 496 24.62 -9.88 -42.43
N SER B 497 23.86 -8.86 -42.07
CA SER B 497 24.38 -7.50 -41.92
C SER B 497 23.82 -6.86 -40.66
N HIS B 498 24.67 -6.08 -39.98
CA HIS B 498 24.36 -5.30 -38.78
C HIS B 498 24.60 -3.80 -39.01
N ASN B 499 24.76 -3.37 -40.26
CA ASN B 499 25.06 -1.97 -40.58
C ASN B 499 24.03 -1.05 -39.96
N LYS B 500 24.46 0.19 -39.67
CA LYS B 500 23.57 1.32 -39.34
C LYS B 500 24.18 2.45 -40.15
N LEU B 501 23.93 2.47 -41.45
CA LEU B 501 24.63 3.38 -42.34
C LEU B 501 23.66 4.07 -43.26
N TRP B 502 23.91 5.36 -43.51
CA TRP B 502 23.28 6.02 -44.63
C TRP B 502 24.20 7.11 -45.18
N ILE B 503 23.98 7.42 -46.45
CA ILE B 503 24.80 8.32 -47.25
C ILE B 503 23.85 9.11 -48.14
N VAL B 504 23.89 10.43 -48.03
CA VAL B 504 23.06 11.32 -48.80
C VAL B 504 23.95 12.07 -49.77
N ASP B 505 23.57 12.05 -51.05
CA ASP B 505 24.17 12.86 -52.09
C ASP B 505 25.65 12.57 -52.24
N ASP B 506 26.05 11.34 -51.94
CA ASP B 506 27.45 10.95 -52.04
C ASP B 506 28.33 11.97 -51.32
N LYS B 507 27.86 12.42 -50.15
CA LYS B 507 28.48 13.56 -49.49
C LYS B 507 28.38 13.49 -47.98
N VAL B 508 27.21 13.13 -47.45
CA VAL B 508 26.94 13.19 -46.02
C VAL B 508 26.59 11.80 -45.54
N PHE B 509 27.29 11.32 -44.54
CA PHE B 509 26.98 9.97 -44.10
C PHE B 509 27.04 9.83 -42.59
N TYR B 510 26.27 8.88 -42.09
CA TYR B 510 26.15 8.58 -40.67
C TYR B 510 26.88 7.29 -40.34
N VAL B 511 27.61 7.31 -39.22
CA VAL B 511 28.18 6.11 -38.66
C VAL B 511 27.90 6.13 -37.15
N GLY B 512 27.37 5.03 -36.64
CA GLY B 512 27.00 4.97 -35.25
C GLY B 512 26.14 3.74 -34.98
N SER B 513 25.37 3.83 -33.90
CA SER B 513 24.64 2.68 -33.42
C SER B 513 23.15 2.68 -33.78
N HIS B 514 22.61 3.79 -34.24
CA HIS B 514 21.16 3.95 -34.30
C HIS B 514 20.57 3.24 -35.53
N ASN B 515 19.95 2.09 -35.30
CA ASN B 515 19.22 1.39 -36.35
C ASN B 515 18.07 2.28 -36.85
N ILE B 516 17.68 2.10 -38.11
CA ILE B 516 16.47 2.76 -38.56
C ILE B 516 15.24 2.10 -37.94
N TYR B 517 15.25 0.79 -37.73
CA TYR B 517 14.12 0.15 -37.08
C TYR B 517 14.04 0.62 -35.63
N PRO B 518 12.84 0.64 -35.06
CA PRO B 518 12.64 1.35 -33.80
C PRO B 518 13.02 0.54 -32.57
N SER B 519 13.50 1.28 -31.57
CA SER B 519 13.71 0.80 -30.21
C SER B 519 13.72 2.01 -29.30
N SER B 520 13.85 1.78 -28.00
CA SER B 520 13.98 2.87 -27.04
C SER B 520 15.40 3.01 -26.49
N LEU B 521 16.35 2.29 -27.07
CA LEU B 521 17.70 2.27 -26.55
C LEU B 521 18.45 3.58 -26.85
N GLN B 522 19.38 3.93 -25.96
CA GLN B 522 20.19 5.13 -26.21
C GLN B 522 21.18 4.86 -27.34
N GLN B 523 21.52 5.92 -28.08
CA GLN B 523 22.30 5.79 -29.29
C GLN B 523 23.31 6.93 -29.38
N PHE B 524 24.44 6.64 -30.02
CA PHE B 524 25.44 7.65 -30.34
C PHE B 524 25.91 7.47 -31.77
N GLY B 525 26.13 8.57 -32.47
CA GLY B 525 26.70 8.46 -33.79
C GLY B 525 27.24 9.80 -34.25
N VAL B 526 27.81 9.79 -35.46
CA VAL B 526 28.34 11.00 -36.05
C VAL B 526 27.91 11.12 -37.51
N ILE B 527 27.89 12.35 -38.02
CA ILE B 527 27.56 12.66 -39.39
C ILE B 527 28.75 13.38 -39.99
N VAL B 528 29.34 12.78 -41.00
CA VAL B 528 30.51 13.29 -41.72
C VAL B 528 30.03 13.94 -43.00
N ASP B 529 30.56 15.12 -43.30
CA ASP B 529 30.21 15.87 -44.51
C ASP B 529 31.51 16.13 -45.28
N ASP B 530 31.76 15.30 -46.30
CA ASP B 530 32.97 15.41 -47.11
C ASP B 530 32.89 14.49 -48.33
N LYS B 531 33.14 15.03 -49.51
CA LYS B 531 33.00 14.26 -50.74
C LYS B 531 34.13 13.23 -50.86
N ASP B 532 35.36 13.61 -50.52
CA ASP B 532 36.47 12.66 -50.64
C ASP B 532 36.27 11.48 -49.72
N ALA B 533 35.88 11.74 -48.46
CA ALA B 533 35.68 10.66 -47.51
C ALA B 533 34.51 9.77 -47.91
N THR B 534 33.41 10.36 -48.39
CA THR B 534 32.30 9.54 -48.84
C THR B 534 32.72 8.69 -50.03
N ALA B 535 33.56 9.24 -50.92
CA ALA B 535 34.03 8.45 -52.07
C ALA B 535 34.89 7.27 -51.63
N GLN B 536 35.78 7.49 -50.65
CA GLN B 536 36.55 6.39 -50.10
C GLN B 536 35.63 5.32 -49.51
N LEU B 537 34.58 5.75 -48.80
CA LEU B 537 33.66 4.79 -48.19
C LEU B 537 32.88 4.02 -49.25
N GLU B 538 32.49 4.71 -50.33
CA GLU B 538 31.72 4.03 -51.37
C GLU B 538 32.60 3.06 -52.13
N LYS B 539 33.86 3.44 -52.39
CA LYS B 539 34.77 2.54 -53.09
C LYS B 539 35.07 1.32 -52.23
N GLN B 540 35.29 1.51 -50.95
CA GLN B 540 35.71 0.38 -50.12
C GLN B 540 34.52 -0.51 -49.75
N LEU B 541 33.37 0.09 -49.44
CA LEU B 541 32.26 -0.68 -48.87
C LEU B 541 31.00 -0.63 -49.74
N TRP B 542 30.45 0.55 -50.02
CA TRP B 542 29.11 0.60 -50.59
C TRP B 542 29.07 -0.08 -51.97
N THR B 543 30.04 0.23 -52.83
CA THR B 543 29.97 -0.27 -54.20
C THR B 543 30.15 -1.78 -54.26
N PRO B 544 31.15 -2.38 -53.61
CA PRO B 544 31.25 -3.86 -53.66
C PRO B 544 30.03 -4.53 -53.04
N MET B 545 29.57 -4.00 -51.93
CA MET B 545 28.38 -4.58 -51.28
C MET B 545 27.19 -4.50 -52.21
N TRP B 546 26.97 -3.33 -52.81
CA TRP B 546 25.86 -3.15 -53.73
C TRP B 546 25.98 -4.10 -54.91
N LYS B 547 27.17 -4.21 -55.50
CA LYS B 547 27.34 -5.06 -56.67
C LYS B 547 27.05 -6.52 -56.34
N ASN B 548 27.30 -6.93 -55.09
CA ASN B 548 27.07 -8.32 -54.75
C ASN B 548 25.75 -8.55 -54.02
N SER B 549 24.93 -7.52 -53.87
CA SER B 549 23.66 -7.69 -53.19
C SER B 549 22.66 -8.39 -54.11
N ILE B 550 21.51 -8.77 -53.55
CA ILE B 550 20.49 -9.48 -54.30
C ILE B 550 19.21 -8.66 -54.33
N HIS B 551 18.57 -8.61 -55.50
CA HIS B 551 17.31 -7.92 -55.71
C HIS B 551 16.22 -8.95 -55.98
N VAL B 552 15.16 -8.92 -55.18
CA VAL B 552 13.97 -9.73 -55.39
C VAL B 552 12.94 -8.86 -56.11
N PRO B 553 12.66 -9.10 -57.38
CA PRO B 553 11.74 -8.20 -58.10
C PRO B 553 10.30 -8.31 -57.60
N ILE B 554 9.55 -7.23 -57.81
CA ILE B 554 8.12 -7.14 -57.49
C ILE B 554 7.94 -6.77 -56.02
N ASN C 10 4.56 -53.71 -31.74
CA ASN C 10 3.23 -53.26 -32.14
C ASN C 10 3.22 -51.75 -32.27
N GLU C 11 2.36 -51.24 -33.15
CA GLU C 11 2.30 -49.81 -33.41
C GLU C 11 1.58 -49.08 -32.28
N LEU C 12 1.56 -47.74 -32.36
CA LEU C 12 0.97 -46.91 -31.31
C LEU C 12 -0.53 -47.12 -31.22
N ASP C 13 -1.01 -47.34 -30.01
CA ASP C 13 -2.45 -47.45 -29.73
C ASP C 13 -2.87 -46.28 -28.86
N VAL C 14 -3.93 -45.57 -29.24
CA VAL C 14 -4.39 -44.44 -28.45
C VAL C 14 -4.74 -44.87 -27.03
N ASN C 15 -5.15 -46.13 -26.87
CA ASN C 15 -5.42 -46.66 -25.53
C ASN C 15 -4.20 -46.52 -24.62
N ASP C 16 -2.99 -46.69 -25.16
CA ASP C 16 -1.80 -46.53 -24.34
C ASP C 16 -1.63 -45.08 -23.91
N ILE C 17 -1.92 -44.14 -24.82
CA ILE C 17 -1.87 -42.72 -24.47
C ILE C 17 -2.84 -42.43 -23.33
N TYR C 18 -4.07 -42.94 -23.45
CA TYR C 18 -5.06 -42.70 -22.41
C TYR C 18 -4.63 -43.34 -21.09
N ASP C 19 -4.11 -44.57 -21.14
CA ASP C 19 -3.66 -45.23 -19.92
C ASP C 19 -2.56 -44.43 -19.24
N HIS C 20 -1.62 -43.91 -20.02
CA HIS C 20 -0.53 -43.13 -19.44
C HIS C 20 -1.07 -41.87 -18.78
N LEU C 21 -1.93 -41.13 -19.48
CA LEU C 21 -2.51 -39.92 -18.90
C LEU C 21 -3.31 -40.23 -17.61
N ASN C 22 -4.09 -41.33 -17.63
CA ASN C 22 -4.91 -41.68 -16.48
C ASN C 22 -4.03 -42.06 -15.28
N GLU C 23 -2.91 -42.74 -15.54
CA GLU C 23 -2.01 -43.07 -14.44
C GLU C 23 -1.40 -41.81 -13.85
N LYS C 24 -0.94 -40.89 -14.72
CA LYS C 24 -0.21 -39.74 -14.23
C LYS C 24 -1.10 -38.57 -13.84
N TYR C 25 -2.30 -38.47 -14.40
CA TYR C 25 -3.15 -37.29 -14.20
C TYR C 25 -4.61 -37.70 -14.04
N SER C 26 -4.87 -38.67 -13.16
CA SER C 26 -6.23 -39.18 -13.05
C SER C 26 -7.24 -38.12 -12.64
N GLN C 27 -6.79 -37.05 -11.97
CA GLN C 27 -7.72 -36.00 -11.54
C GLN C 27 -8.23 -35.16 -12.71
N PHE C 28 -7.61 -35.27 -13.87
CA PHE C 28 -8.07 -34.54 -15.06
C PHE C 28 -8.74 -35.45 -16.08
N ASN C 29 -9.08 -36.68 -15.71
CA ASN C 29 -9.87 -37.52 -16.59
C ASN C 29 -11.26 -36.91 -16.77
N ASP C 30 -11.72 -36.81 -18.02
CA ASP C 30 -12.98 -36.18 -18.40
C ASP C 30 -12.94 -34.68 -18.14
N VAL C 31 -11.76 -34.10 -17.92
CA VAL C 31 -11.56 -32.67 -17.86
C VAL C 31 -10.67 -32.18 -18.99
N THR C 32 -9.50 -32.81 -19.15
CA THR C 32 -8.58 -32.47 -20.24
C THR C 32 -8.26 -33.67 -21.13
N PHE C 33 -8.86 -34.82 -20.88
CA PHE C 33 -8.77 -35.95 -21.79
C PHE C 33 -9.95 -36.86 -21.49
N SER C 34 -10.07 -37.94 -22.26
CA SER C 34 -11.23 -38.81 -22.18
C SER C 34 -10.86 -40.21 -22.63
N LYS C 35 -11.60 -41.18 -22.13
CA LYS C 35 -11.41 -42.55 -22.56
C LYS C 35 -11.78 -42.67 -24.04
N PRO C 36 -10.97 -43.31 -24.87
CA PRO C 36 -11.29 -43.44 -26.30
C PRO C 36 -12.70 -44.00 -26.51
N SER C 37 -13.39 -43.45 -27.49
CA SER C 37 -14.74 -43.85 -27.82
C SER C 37 -14.88 -44.03 -29.33
N THR C 38 -15.94 -44.72 -29.72
CA THR C 38 -16.24 -44.95 -31.12
C THR C 38 -17.04 -43.77 -31.66
N ASN C 39 -16.55 -43.16 -32.74
CA ASN C 39 -17.17 -42.04 -33.43
C ASN C 39 -17.16 -42.33 -34.93
N TYR C 40 -17.81 -41.45 -35.69
CA TYR C 40 -18.12 -41.77 -37.07
C TYR C 40 -17.75 -40.65 -38.01
N LEU C 41 -17.08 -41.04 -39.10
CA LEU C 41 -16.62 -40.11 -40.12
C LEU C 41 -17.37 -40.42 -41.41
N LYS C 42 -18.16 -39.46 -41.87
CA LYS C 42 -18.88 -39.62 -43.11
C LYS C 42 -18.05 -39.04 -44.25
N PRO C 43 -18.41 -39.36 -45.48
CA PRO C 43 -17.74 -38.73 -46.63
C PRO C 43 -17.76 -37.21 -46.47
N GLY C 44 -16.62 -36.61 -46.79
CA GLY C 44 -16.44 -35.19 -46.63
C GLY C 44 -15.89 -34.76 -45.30
N TRP C 45 -15.48 -35.72 -44.46
CA TRP C 45 -15.06 -35.38 -43.11
C TRP C 45 -13.74 -34.63 -43.06
N ILE C 46 -12.92 -34.70 -44.10
CA ILE C 46 -11.65 -33.99 -44.14
C ILE C 46 -11.92 -32.59 -44.66
N LEU C 47 -11.86 -31.60 -43.79
CA LEU C 47 -11.99 -30.21 -44.18
C LEU C 47 -10.60 -29.59 -44.29
N ASP C 48 -9.86 -30.06 -45.29
CA ASP C 48 -8.55 -29.52 -45.61
C ASP C 48 -8.74 -28.45 -46.66
N THR C 49 -8.38 -27.22 -46.33
CA THR C 49 -8.49 -26.11 -47.26
C THR C 49 -7.11 -25.55 -47.61
N HIS C 50 -6.93 -25.26 -48.89
CA HIS C 50 -5.64 -24.79 -49.38
C HIS C 50 -5.80 -24.54 -50.87
N PHE C 51 -4.77 -23.94 -51.47
CA PHE C 51 -4.70 -23.83 -52.91
C PHE C 51 -4.56 -25.22 -53.52
N THR C 52 -4.76 -25.30 -54.84
CA THR C 52 -4.73 -26.57 -55.54
C THR C 52 -3.26 -26.96 -55.70
N PHE C 53 -2.83 -27.92 -54.89
CA PHE C 53 -1.47 -28.43 -54.98
C PHE C 53 -1.15 -28.85 -56.41
N GLY C 54 0.10 -28.61 -56.82
CA GLY C 54 0.59 -28.99 -58.13
C GLY C 54 0.34 -28.00 -59.23
N THR C 55 -0.25 -26.86 -58.96
CA THR C 55 -0.53 -25.89 -60.02
C THR C 55 0.35 -24.67 -59.82
N SER C 56 -0.22 -23.56 -59.38
CA SER C 56 0.51 -22.30 -59.19
C SER C 56 -0.44 -21.28 -58.61
N SER C 57 0.10 -20.28 -57.91
CA SER C 57 -0.75 -19.28 -57.29
C SER C 57 -1.43 -18.38 -58.33
N GLU C 58 -0.77 -18.10 -59.45
CA GLU C 58 -1.40 -17.36 -60.54
C GLU C 58 -2.67 -18.07 -61.04
N PHE C 59 -2.53 -19.37 -61.29
CA PHE C 59 -3.69 -20.15 -61.70
C PHE C 59 -4.76 -20.17 -60.62
N TYR C 60 -4.38 -20.52 -59.37
CA TYR C 60 -5.40 -20.67 -58.34
C TYR C 60 -6.11 -19.35 -58.10
N ASN C 61 -5.36 -18.25 -58.04
CA ASN C 61 -5.93 -16.95 -57.73
C ASN C 61 -6.88 -16.49 -58.81
N LYS C 62 -6.72 -16.96 -60.05
CA LYS C 62 -7.73 -16.64 -61.05
C LYS C 62 -9.13 -17.11 -60.64
N SER C 63 -9.22 -18.05 -59.71
CA SER C 63 -10.52 -18.52 -59.25
C SER C 63 -11.36 -17.41 -58.67
N PHE C 64 -10.78 -16.26 -58.36
CA PHE C 64 -11.50 -15.13 -57.78
C PHE C 64 -11.62 -13.94 -58.72
N ASP C 65 -11.28 -14.13 -60.00
CA ASP C 65 -11.48 -13.10 -61.02
C ASP C 65 -12.93 -13.06 -61.44
N ALA C 66 -13.43 -11.84 -61.64
CA ALA C 66 -14.77 -11.61 -62.18
C ALA C 66 -14.69 -10.97 -63.55
N LEU C 67 -15.52 -11.46 -64.48
CA LEU C 67 -15.65 -10.81 -65.76
C LEU C 67 -16.36 -9.46 -65.59
N SER C 68 -16.17 -8.60 -66.58
CA SER C 68 -16.62 -7.22 -66.48
C SER C 68 -18.09 -7.14 -66.12
N PHE C 69 -18.92 -7.98 -66.74
CA PHE C 69 -20.36 -7.88 -66.53
C PHE C 69 -20.81 -8.57 -65.23
N ASN C 70 -19.91 -9.24 -64.54
CA ASN C 70 -20.17 -9.76 -63.22
C ASN C 70 -19.51 -8.85 -62.19
N HIS C 71 -19.49 -9.29 -60.94
CA HIS C 71 -18.81 -8.52 -59.89
C HIS C 71 -18.42 -9.46 -58.76
N VAL C 72 -17.60 -8.95 -57.86
CA VAL C 72 -17.21 -9.72 -56.69
C VAL C 72 -18.21 -9.47 -55.57
N ASP C 73 -18.87 -10.52 -55.14
CA ASP C 73 -19.88 -10.41 -54.09
C ASP C 73 -19.25 -9.96 -52.78
N SER C 74 -19.85 -8.96 -52.14
CA SER C 74 -19.25 -8.37 -50.95
C SER C 74 -19.37 -9.29 -49.74
N GLU C 75 -20.42 -10.12 -49.68
CA GLU C 75 -20.59 -11.00 -48.53
C GLU C 75 -19.63 -12.19 -48.56
N PHE C 76 -19.42 -12.79 -49.72
CA PHE C 76 -18.64 -14.01 -49.82
C PHE C 76 -17.32 -13.85 -50.58
N ASN C 77 -17.06 -12.67 -51.16
CA ASN C 77 -15.77 -12.39 -51.79
C ASN C 77 -15.43 -13.43 -52.86
N MET C 78 -16.43 -13.76 -53.66
CA MET C 78 -16.30 -14.65 -54.80
C MET C 78 -17.01 -13.97 -55.96
N SER C 79 -16.66 -14.37 -57.18
CA SER C 79 -17.28 -13.79 -58.36
C SER C 79 -18.70 -14.28 -58.50
N THR C 80 -19.59 -13.38 -58.96
CA THR C 80 -20.89 -13.78 -59.47
C THR C 80 -20.70 -14.45 -60.83
N CYS C 81 -21.80 -14.92 -61.40
CA CYS C 81 -21.77 -16.24 -62.02
C CYS C 81 -23.08 -16.63 -62.66
N ASN C 82 -23.05 -16.99 -63.93
CA ASN C 82 -24.21 -17.58 -64.59
C ASN C 82 -24.01 -19.01 -65.05
N ASP C 83 -22.80 -19.41 -65.43
CA ASP C 83 -22.48 -20.81 -65.64
C ASP C 83 -20.98 -20.99 -65.49
N ASP C 84 -20.53 -22.25 -65.66
CA ASP C 84 -19.15 -22.59 -65.34
C ASP C 84 -18.18 -21.82 -66.22
N SER C 85 -18.63 -21.41 -67.40
CA SER C 85 -17.72 -20.76 -68.33
C SER C 85 -17.28 -19.38 -67.86
N GLU C 86 -18.03 -18.78 -66.94
CA GLU C 86 -17.72 -17.46 -66.42
C GLU C 86 -16.80 -17.52 -65.21
N CYS C 87 -16.39 -18.72 -64.79
CA CYS C 87 -15.55 -18.88 -63.62
C CYS C 87 -14.14 -19.30 -64.03
N GLY C 88 -13.14 -18.65 -63.43
CA GLY C 88 -11.76 -18.95 -63.71
C GLY C 88 -11.11 -19.86 -62.67
N GLY C 89 -9.84 -20.18 -62.93
CA GLY C 89 -9.07 -20.98 -62.00
C GLY C 89 -9.68 -22.36 -61.85
N VAL C 90 -9.87 -22.78 -60.61
CA VAL C 90 -10.46 -24.07 -60.30
C VAL C 90 -11.92 -23.93 -59.90
N SER C 91 -12.50 -22.76 -60.06
CA SER C 91 -13.83 -22.52 -59.51
C SER C 91 -14.89 -22.96 -60.52
N THR C 92 -16.09 -23.20 -60.02
CA THR C 92 -17.22 -23.53 -60.85
C THR C 92 -18.42 -22.72 -60.38
N CYS C 93 -19.45 -22.65 -61.23
CA CYS C 93 -20.66 -21.90 -60.90
C CYS C 93 -21.57 -22.76 -60.02
N THR C 94 -21.97 -22.23 -58.88
CA THR C 94 -22.62 -23.02 -57.84
C THR C 94 -23.50 -22.07 -57.04
N ALA C 95 -24.64 -22.56 -56.57
CA ALA C 95 -25.55 -21.78 -55.74
C ALA C 95 -25.67 -22.44 -54.37
N PRO C 96 -24.67 -22.27 -53.51
CA PRO C 96 -24.67 -23.01 -52.24
C PRO C 96 -25.80 -22.58 -51.33
N ALA C 97 -26.22 -23.51 -50.47
CA ALA C 97 -27.25 -23.19 -49.49
C ALA C 97 -26.80 -22.13 -48.49
N TYR C 98 -25.47 -22.02 -48.26
CA TYR C 98 -24.99 -21.07 -47.28
C TYR C 98 -25.07 -19.62 -47.78
N THR C 99 -25.37 -19.39 -49.06
CA THR C 99 -25.62 -18.05 -49.56
C THR C 99 -27.06 -17.66 -49.41
N LYS C 100 -27.93 -18.63 -49.11
CA LYS C 100 -29.36 -18.40 -48.95
C LYS C 100 -29.64 -17.43 -47.81
N ASN C 101 -30.15 -16.25 -48.13
CA ASN C 101 -30.39 -15.26 -47.09
C ASN C 101 -31.75 -15.51 -46.42
N LYS C 102 -32.14 -14.58 -45.54
CA LYS C 102 -33.33 -14.80 -44.72
C LYS C 102 -34.60 -14.93 -45.57
N ASP C 103 -34.59 -14.40 -46.79
CA ASP C 103 -35.74 -14.49 -47.66
C ASP C 103 -35.69 -15.70 -48.60
N GLY C 104 -34.75 -16.62 -48.37
CA GLY C 104 -34.70 -17.88 -49.07
C GLY C 104 -33.89 -17.92 -50.36
N ASP C 105 -33.31 -16.79 -50.78
CA ASP C 105 -32.69 -16.68 -52.09
C ASP C 105 -31.19 -16.94 -52.03
N ALA C 106 -30.74 -17.93 -52.80
CA ALA C 106 -29.33 -18.22 -52.92
C ALA C 106 -28.70 -17.34 -54.02
N LYS C 107 -27.38 -17.37 -54.08
CA LYS C 107 -26.64 -16.65 -55.09
C LYS C 107 -25.79 -17.64 -55.90
N LYS C 108 -25.65 -17.34 -57.18
CA LYS C 108 -24.74 -18.08 -58.03
C LYS C 108 -23.36 -17.44 -57.91
N LEU C 109 -22.39 -18.24 -57.48
CA LEU C 109 -21.04 -17.78 -57.24
C LEU C 109 -20.02 -18.76 -57.83
N CYS C 110 -18.83 -18.23 -58.12
CA CYS C 110 -17.70 -19.07 -58.53
C CYS C 110 -17.04 -19.59 -57.26
N THR C 111 -17.37 -20.81 -56.89
CA THR C 111 -16.88 -21.43 -55.69
C THR C 111 -15.68 -22.31 -55.97
N VAL C 112 -14.93 -22.59 -54.91
CA VAL C 112 -13.72 -23.39 -54.96
C VAL C 112 -13.78 -24.54 -53.96
N PRO C 113 -12.92 -25.55 -54.06
CA PRO C 113 -12.96 -26.66 -53.09
C PRO C 113 -12.88 -26.23 -51.63
N ALA C 114 -12.12 -25.18 -51.33
CA ALA C 114 -11.95 -24.78 -49.93
C ALA C 114 -13.26 -24.43 -49.26
N ASP C 115 -14.24 -23.95 -50.04
CA ASP C 115 -15.55 -23.62 -49.49
C ASP C 115 -16.25 -24.82 -48.89
N LYS C 116 -15.71 -26.02 -49.06
CA LYS C 116 -16.24 -27.17 -48.34
C LYS C 116 -16.40 -26.86 -46.85
N ILE C 117 -15.50 -26.05 -46.29
CA ILE C 117 -15.64 -25.78 -44.86
C ILE C 117 -16.95 -25.02 -44.57
N LEU C 118 -17.28 -24.05 -45.43
CA LEU C 118 -18.55 -23.36 -45.25
C LEU C 118 -19.72 -24.33 -45.37
N ASP C 119 -19.67 -25.25 -46.36
CA ASP C 119 -20.74 -26.22 -46.49
C ASP C 119 -20.91 -26.98 -45.19
N ALA C 120 -19.80 -27.36 -44.55
CA ALA C 120 -19.92 -28.19 -43.36
C ALA C 120 -20.48 -27.39 -42.19
N ILE C 121 -20.15 -26.10 -42.11
CA ILE C 121 -20.62 -25.31 -40.98
C ILE C 121 -22.11 -25.05 -41.11
N TYR C 122 -22.52 -24.54 -42.27
CA TYR C 122 -23.92 -24.31 -42.55
C TYR C 122 -24.74 -25.57 -42.33
N ASP C 123 -24.36 -26.66 -43.00
CA ASP C 123 -25.14 -27.89 -42.89
C ASP C 123 -25.24 -28.33 -41.44
N ASN C 124 -24.18 -28.13 -40.65
CA ASN C 124 -24.26 -28.64 -39.30
C ASN C 124 -25.17 -27.76 -38.45
N ILE C 125 -25.09 -26.44 -38.67
CA ILE C 125 -25.80 -25.54 -37.79
C ILE C 125 -27.30 -25.61 -38.05
N VAL C 126 -27.70 -25.60 -39.32
CA VAL C 126 -29.13 -25.53 -39.63
C VAL C 126 -29.85 -26.80 -39.17
N SER C 127 -29.12 -27.87 -38.90
CA SER C 127 -29.74 -29.10 -38.41
C SER C 127 -29.95 -29.13 -36.90
N ALA C 128 -29.55 -28.07 -36.19
CA ALA C 128 -29.58 -28.10 -34.73
C ALA C 128 -31.00 -28.23 -34.23
N LYS C 129 -31.17 -29.07 -33.20
CA LYS C 129 -32.42 -29.15 -32.47
C LYS C 129 -32.31 -28.65 -31.05
N ARG C 130 -31.09 -28.51 -30.52
CA ARG C 130 -30.91 -28.21 -29.11
C ARG C 130 -29.88 -27.12 -28.86
N SER C 131 -28.72 -27.21 -29.52
CA SER C 131 -27.63 -26.34 -29.13
C SER C 131 -26.63 -26.16 -30.26
N VAL C 132 -26.07 -24.97 -30.33
CA VAL C 132 -24.98 -24.62 -31.23
C VAL C 132 -23.91 -23.94 -30.40
N ASP C 133 -22.70 -24.50 -30.41
CA ASP C 133 -21.63 -24.14 -29.46
C ASP C 133 -20.38 -23.83 -30.27
N ILE C 134 -19.98 -22.57 -30.31
CA ILE C 134 -18.88 -22.12 -31.17
C ILE C 134 -17.81 -21.50 -30.30
N VAL C 135 -16.60 -22.03 -30.40
CA VAL C 135 -15.43 -21.58 -29.68
C VAL C 135 -14.35 -21.26 -30.70
N THR C 136 -13.77 -20.06 -30.61
CA THR C 136 -12.79 -19.67 -31.62
C THR C 136 -11.81 -18.66 -31.04
N LEU C 137 -10.99 -18.09 -31.91
CA LEU C 137 -10.05 -17.04 -31.58
C LEU C 137 -10.50 -15.75 -32.26
N GLN C 138 -10.36 -14.64 -31.54
CA GLN C 138 -10.80 -13.35 -32.06
C GLN C 138 -10.02 -12.99 -33.32
N PRO C 139 -10.69 -12.54 -34.37
CA PRO C 139 -9.98 -12.03 -35.55
C PRO C 139 -8.91 -11.01 -35.23
N MET C 140 -7.85 -11.04 -36.02
CA MET C 140 -6.76 -10.10 -35.86
C MET C 140 -7.19 -8.70 -36.32
N ASP C 141 -6.53 -7.69 -35.77
CA ASP C 141 -6.81 -6.30 -36.10
C ASP C 141 -7.06 -6.05 -37.59
N ILE C 142 -5.98 -5.96 -38.39
CA ILE C 142 -6.07 -5.67 -39.84
C ILE C 142 -6.85 -4.36 -40.00
N SER C 143 -6.41 -3.33 -39.28
CA SER C 143 -6.94 -1.98 -39.42
C SER C 143 -8.45 -1.89 -39.23
N HIS C 144 -9.20 -2.53 -40.12
CA HIS C 144 -10.66 -2.60 -40.00
C HIS C 144 -11.06 -2.89 -38.56
N LEU C 145 -11.63 -1.88 -37.92
CA LEU C 145 -11.97 -1.91 -36.50
C LEU C 145 -12.43 -3.26 -35.96
N ASN C 146 -11.95 -3.57 -34.76
CA ASN C 146 -12.42 -4.67 -33.92
C ASN C 146 -13.55 -5.49 -34.51
N LEU C 147 -13.19 -6.50 -35.28
CA LEU C 147 -14.12 -7.57 -35.60
C LEU C 147 -14.12 -8.62 -34.49
N SER C 148 -15.18 -9.38 -34.41
CA SER C 148 -15.34 -10.41 -33.39
C SER C 148 -15.87 -11.68 -34.01
N PHE C 149 -15.38 -12.81 -33.49
CA PHE C 149 -15.81 -14.15 -33.82
C PHE C 149 -15.54 -14.65 -35.22
N SER C 150 -15.75 -13.82 -36.24
CA SER C 150 -15.65 -14.30 -37.60
C SER C 150 -15.37 -13.13 -38.52
N SER C 151 -14.82 -13.43 -39.70
CA SER C 151 -14.65 -12.42 -40.73
C SER C 151 -14.87 -13.04 -42.12
N GLY C 152 -15.05 -12.16 -43.09
CA GLY C 152 -15.30 -12.57 -44.45
C GLY C 152 -16.49 -13.50 -44.58
N ALA C 153 -16.36 -14.47 -45.48
CA ALA C 153 -17.47 -15.35 -45.82
C ALA C 153 -17.98 -16.13 -44.62
N PHE C 154 -17.17 -16.30 -43.58
CA PHE C 154 -17.67 -17.03 -42.42
C PHE C 154 -18.82 -16.28 -41.76
N THR C 155 -18.73 -14.94 -41.71
CA THR C 155 -19.76 -14.16 -41.04
C THR C 155 -21.11 -14.37 -41.71
N ALA C 156 -21.18 -14.09 -43.02
CA ALA C 156 -22.42 -14.34 -43.76
C ALA C 156 -22.87 -15.80 -43.60
N THR C 157 -21.92 -16.73 -43.65
CA THR C 157 -22.32 -18.13 -43.52
C THR C 157 -23.04 -18.33 -42.19
N ILE C 158 -22.43 -17.86 -41.11
CA ILE C 158 -23.03 -18.06 -39.80
C ILE C 158 -24.41 -17.39 -39.76
N LYS C 159 -24.47 -16.14 -40.26
CA LYS C 159 -25.75 -15.43 -40.20
C LYS C 159 -26.80 -16.21 -40.97
N ASN C 160 -26.46 -16.66 -42.20
CA ASN C 160 -27.45 -17.35 -43.01
C ASN C 160 -27.86 -18.64 -42.31
N ALA C 161 -26.90 -19.31 -41.70
CA ALA C 161 -27.24 -20.56 -41.04
C ALA C 161 -28.22 -20.30 -39.90
N LEU C 162 -27.94 -19.27 -39.09
CA LEU C 162 -28.85 -19.01 -37.98
C LEU C 162 -30.24 -18.63 -38.49
N SER C 163 -30.30 -17.87 -39.59
CA SER C 163 -31.60 -17.55 -40.16
C SER C 163 -32.35 -18.83 -40.47
N GLN C 164 -31.70 -19.73 -41.21
CA GLN C 164 -32.36 -20.99 -41.56
C GLN C 164 -32.70 -21.76 -40.29
N LEU C 165 -31.79 -21.76 -39.31
CA LEU C 165 -32.08 -22.49 -38.07
C LEU C 165 -33.36 -21.96 -37.43
N ALA C 166 -33.54 -20.64 -37.45
CA ALA C 166 -34.73 -20.09 -36.82
C ALA C 166 -35.99 -20.59 -37.52
N LYS C 167 -35.96 -20.69 -38.84
CA LYS C 167 -37.12 -21.22 -39.54
C LYS C 167 -37.33 -22.68 -39.22
N ASN C 168 -36.24 -23.45 -39.15
CA ASN C 168 -36.37 -24.87 -38.90
C ASN C 168 -36.90 -25.18 -37.52
N THR C 169 -36.73 -24.27 -36.57
CA THR C 169 -37.14 -24.51 -35.20
C THR C 169 -38.28 -23.60 -34.74
N GLN C 170 -38.96 -22.94 -35.68
CA GLN C 170 -39.92 -21.91 -35.25
C GLN C 170 -41.12 -22.48 -34.52
N TYR C 171 -41.42 -23.78 -34.67
CA TYR C 171 -42.51 -24.41 -33.95
C TYR C 171 -42.02 -25.33 -32.85
N SER C 172 -40.77 -25.16 -32.44
CA SER C 172 -40.17 -26.06 -31.45
C SER C 172 -40.79 -25.89 -30.06
N ASP C 173 -40.77 -27.01 -29.33
CA ASP C 173 -41.22 -27.04 -27.94
C ASP C 173 -40.35 -26.19 -27.05
N HIS C 174 -39.08 -26.02 -27.40
CA HIS C 174 -38.06 -25.51 -26.50
C HIS C 174 -37.14 -24.59 -27.28
N HIS C 175 -36.29 -23.87 -26.57
CA HIS C 175 -35.37 -22.94 -27.22
C HIS C 175 -34.03 -23.64 -27.47
N ILE C 176 -33.33 -23.17 -28.48
CA ILE C 176 -32.00 -23.63 -28.86
C ILE C 176 -30.96 -22.68 -28.26
N THR C 177 -30.01 -23.24 -27.51
CA THR C 177 -28.92 -22.47 -26.93
C THR C 177 -27.82 -22.31 -27.96
N VAL C 178 -27.50 -21.06 -28.33
CA VAL C 178 -26.40 -20.73 -29.21
C VAL C 178 -25.38 -19.95 -28.41
N ARG C 179 -24.17 -20.49 -28.34
CA ARG C 179 -23.06 -19.87 -27.62
C ARG C 179 -21.96 -19.56 -28.62
N LEU C 180 -21.44 -18.33 -28.61
CA LEU C 180 -20.27 -17.95 -29.39
C LEU C 180 -19.25 -17.37 -28.44
N LEU C 181 -18.08 -17.99 -28.39
CA LEU C 181 -17.02 -17.57 -27.47
C LEU C 181 -15.71 -17.41 -28.21
N GLN C 182 -15.06 -16.27 -28.05
CA GLN C 182 -13.73 -16.05 -28.63
C GLN C 182 -12.68 -15.80 -27.56
N GLY C 183 -11.50 -16.36 -27.76
CA GLY C 183 -10.36 -15.90 -27.00
C GLY C 183 -9.93 -14.54 -27.52
N SER C 184 -9.69 -13.61 -26.60
CA SER C 184 -9.40 -12.23 -26.92
C SER C 184 -7.97 -11.85 -26.56
N PHE C 185 -7.26 -11.28 -27.51
CA PHE C 185 -5.88 -10.85 -27.35
C PHE C 185 -5.76 -9.39 -26.93
N THR C 186 -6.88 -8.68 -26.81
CA THR C 186 -6.91 -7.34 -27.38
C THR C 186 -6.44 -6.14 -26.56
N PRO C 187 -6.52 -6.14 -25.22
CA PRO C 187 -5.73 -5.12 -24.50
C PRO C 187 -4.25 -5.17 -24.88
N MET C 188 -3.75 -6.33 -25.31
CA MET C 188 -2.31 -6.57 -25.38
C MET C 188 -1.71 -6.16 -26.71
N LEU C 189 -2.48 -6.18 -27.80
CA LEU C 189 -1.93 -5.91 -29.14
C LEU C 189 -1.06 -4.65 -29.15
N GLY C 190 -1.70 -3.48 -28.98
CA GLY C 190 -0.99 -2.23 -28.76
C GLY C 190 -1.42 -1.67 -27.42
N TYR C 191 -0.56 -0.88 -26.76
CA TYR C 191 -0.48 -0.73 -25.31
C TYR C 191 -1.75 -1.03 -24.55
N ASP C 192 -1.49 -1.32 -23.28
CA ASP C 192 -1.52 -2.71 -22.85
C ASP C 192 -2.20 -3.07 -21.55
N ALA C 193 -1.40 -3.47 -20.55
CA ALA C 193 -1.90 -4.16 -19.38
C ALA C 193 -2.60 -3.26 -18.39
N GLU C 194 -2.47 -1.94 -18.53
CA GLU C 194 -3.15 -1.02 -17.63
C GLU C 194 -4.57 -0.65 -18.08
N SER C 195 -4.88 -0.86 -19.36
CA SER C 195 -6.01 -0.21 -20.01
C SER C 195 -7.24 -1.08 -20.11
N GLU C 196 -7.37 -2.08 -19.21
CA GLU C 196 -8.33 -3.16 -19.44
C GLU C 196 -9.77 -2.67 -19.52
N GLU C 197 -10.11 -1.59 -18.79
CA GLU C 197 -11.48 -1.09 -18.77
C GLU C 197 -11.96 -0.64 -20.15
N GLU C 198 -11.17 0.22 -20.80
CA GLU C 198 -11.51 0.67 -22.15
C GLU C 198 -11.66 -0.51 -23.11
N GLU C 199 -10.78 -1.51 -22.98
CA GLU C 199 -10.81 -2.65 -23.89
C GLU C 199 -12.11 -3.41 -23.71
N ILE C 200 -12.51 -3.65 -22.46
CA ILE C 200 -13.80 -4.28 -22.25
C ILE C 200 -14.89 -3.48 -22.98
N ARG C 201 -14.81 -2.15 -22.89
CA ARG C 201 -15.85 -1.31 -23.52
C ARG C 201 -15.91 -1.54 -25.04
N GLN C 202 -14.76 -1.56 -25.69
CA GLN C 202 -14.73 -1.78 -27.13
C GLN C 202 -15.23 -3.18 -27.52
N LEU C 203 -14.77 -4.20 -26.81
CA LEU C 203 -15.28 -5.54 -27.03
C LEU C 203 -16.79 -5.60 -26.84
N SER C 204 -17.30 -4.97 -25.79
CA SER C 204 -18.74 -4.98 -25.58
C SER C 204 -19.46 -4.41 -26.78
N LEU C 205 -18.97 -3.29 -27.30
CA LEU C 205 -19.64 -2.69 -28.44
C LEU C 205 -19.63 -3.64 -29.63
N THR C 206 -18.45 -4.20 -29.96
CA THR C 206 -18.39 -5.07 -31.13
C THR C 206 -19.33 -6.26 -30.98
N GLN C 207 -19.29 -6.90 -29.81
CA GLN C 207 -20.14 -8.07 -29.56
C GLN C 207 -21.60 -7.71 -29.65
N THR C 208 -21.98 -6.57 -29.11
CA THR C 208 -23.36 -6.14 -29.21
C THR C 208 -23.78 -5.93 -30.66
N ASN C 209 -22.91 -5.34 -31.47
CA ASN C 209 -23.28 -5.15 -32.87
C ASN C 209 -23.39 -6.49 -33.61
N TYR C 210 -22.46 -7.42 -33.33
CA TYR C 210 -22.52 -8.75 -33.93
C TYR C 210 -23.85 -9.42 -33.62
N LEU C 211 -24.25 -9.39 -32.34
CA LEU C 211 -25.51 -9.98 -31.92
C LEU C 211 -26.69 -9.27 -32.55
N SER C 212 -26.63 -7.94 -32.63
CA SER C 212 -27.72 -7.19 -33.23
C SER C 212 -27.86 -7.51 -34.71
N GLU C 213 -26.73 -7.67 -35.39
CA GLU C 213 -26.76 -8.07 -36.78
C GLU C 213 -27.41 -9.44 -36.95
N ILE C 214 -27.09 -10.38 -36.06
CA ILE C 214 -27.74 -11.68 -36.15
C ILE C 214 -29.24 -11.52 -35.91
N ALA C 215 -29.61 -10.80 -34.85
CA ALA C 215 -31.02 -10.64 -34.56
C ALA C 215 -31.79 -10.01 -35.72
N SER C 216 -31.13 -9.16 -36.49
CA SER C 216 -31.87 -8.48 -37.53
C SER C 216 -32.21 -9.39 -38.71
N VAL C 217 -31.61 -10.57 -38.80
CA VAL C 217 -31.97 -11.53 -39.84
C VAL C 217 -32.79 -12.69 -39.28
N LEU C 218 -33.19 -12.62 -37.97
CA LEU C 218 -34.09 -13.61 -37.41
C LEU C 218 -35.51 -13.07 -37.33
N PRO C 219 -36.52 -13.93 -37.35
CA PRO C 219 -37.88 -13.47 -37.08
C PRO C 219 -37.94 -12.70 -35.77
N GLU C 220 -38.90 -11.78 -35.69
CA GLU C 220 -39.02 -10.94 -34.49
C GLU C 220 -39.17 -11.79 -33.24
N VAL C 221 -39.98 -12.85 -33.31
CA VAL C 221 -40.10 -13.83 -32.24
C VAL C 221 -39.52 -15.15 -32.74
N ASN C 222 -38.63 -15.75 -31.96
CA ASN C 222 -37.98 -16.98 -32.38
C ASN C 222 -37.48 -17.72 -31.15
N ASN C 223 -37.06 -18.97 -31.36
CA ASN C 223 -36.69 -19.85 -30.26
C ASN C 223 -35.18 -19.97 -30.11
N LEU C 224 -34.42 -19.00 -30.59
CA LEU C 224 -32.98 -18.99 -30.42
C LEU C 224 -32.58 -18.09 -29.25
N ASP C 225 -31.79 -18.66 -28.32
CA ASP C 225 -31.18 -17.90 -27.22
C ASP C 225 -29.70 -17.78 -27.56
N ILE C 226 -29.25 -16.59 -27.96
CA ILE C 226 -27.91 -16.40 -28.48
C ILE C 226 -27.06 -15.62 -27.49
N THR C 227 -25.91 -16.18 -27.13
CA THR C 227 -24.96 -15.49 -26.27
C THR C 227 -23.65 -15.30 -27.02
N VAL C 228 -23.05 -14.11 -26.89
CA VAL C 228 -21.72 -13.84 -27.44
C VAL C 228 -20.82 -13.41 -26.29
N GLY C 229 -19.53 -13.78 -26.39
CA GLY C 229 -18.60 -13.52 -25.31
C GLY C 229 -17.15 -13.67 -25.69
N SER C 230 -16.30 -13.05 -24.87
CA SER C 230 -14.85 -13.11 -24.99
C SER C 230 -14.27 -13.66 -23.70
N VAL C 231 -13.13 -14.34 -23.81
CA VAL C 231 -12.44 -14.89 -22.66
C VAL C 231 -10.94 -14.65 -22.78
N ARG C 232 -10.33 -14.17 -21.70
CA ARG C 232 -8.88 -14.18 -21.52
C ARG C 232 -8.63 -14.57 -20.08
N SER C 233 -7.66 -15.46 -19.84
CA SER C 233 -7.43 -15.95 -18.49
C SER C 233 -6.20 -15.34 -17.83
N CYS C 234 -5.38 -14.60 -18.56
CA CYS C 234 -4.18 -14.06 -17.93
C CYS C 234 -3.61 -12.92 -18.77
N ASN C 235 -3.25 -11.85 -18.07
CA ASN C 235 -2.77 -10.60 -18.64
C ASN C 235 -1.58 -10.07 -17.85
N LYS C 236 -0.82 -10.95 -17.22
CA LYS C 236 0.12 -10.52 -16.19
C LYS C 236 1.36 -9.88 -16.78
N LEU C 237 1.88 -10.46 -17.87
CA LEU C 237 3.12 -10.04 -18.50
C LEU C 237 4.36 -10.30 -17.65
N ILE C 238 4.33 -9.88 -16.37
CA ILE C 238 5.55 -9.90 -15.55
C ILE C 238 5.70 -11.18 -14.73
N SER C 239 4.77 -12.12 -14.83
CA SER C 239 4.83 -13.31 -14.00
C SER C 239 4.00 -14.42 -14.63
N ASN C 240 4.12 -15.61 -14.06
CA ASN C 240 3.60 -16.83 -14.65
C ASN C 240 2.07 -16.85 -14.66
N CYS C 241 1.50 -17.39 -15.73
CA CYS C 241 0.06 -17.48 -15.88
C CYS C 241 -0.55 -18.70 -15.22
N GLY C 242 0.26 -19.69 -14.86
CA GLY C 242 -0.24 -20.93 -14.29
C GLY C 242 0.19 -22.15 -15.08
N ASN C 243 1.47 -22.53 -14.94
CA ASN C 243 2.02 -23.66 -15.64
C ASN C 243 3.30 -24.09 -14.93
N ASN C 244 3.85 -25.21 -15.40
CA ASN C 244 5.07 -25.76 -14.82
C ASN C 244 6.26 -25.61 -15.74
N ASN C 245 6.27 -24.59 -16.58
CA ASN C 245 7.36 -24.41 -17.53
C ASN C 245 8.69 -24.20 -16.84
N SER C 246 9.75 -24.71 -17.47
CA SER C 246 11.10 -24.28 -17.10
C SER C 246 11.45 -22.95 -17.76
N GLN C 247 11.08 -22.78 -19.02
CA GLN C 247 11.33 -21.54 -19.74
C GLN C 247 10.49 -20.42 -19.16
N LYS C 248 11.01 -19.20 -19.21
CA LYS C 248 10.34 -18.01 -18.71
C LYS C 248 10.48 -16.93 -19.77
N ASP C 249 9.39 -16.27 -20.09
CA ASP C 249 9.42 -15.23 -21.12
C ASP C 249 8.15 -14.40 -21.02
N VAL C 250 8.30 -13.10 -21.26
CA VAL C 250 7.18 -12.18 -21.13
C VAL C 250 6.05 -12.59 -22.06
N LEU C 251 6.39 -13.07 -23.27
CA LEU C 251 5.37 -13.40 -24.25
C LEU C 251 4.61 -14.65 -23.86
N LEU C 252 5.16 -15.47 -22.97
CA LEU C 252 4.40 -16.60 -22.43
C LEU C 252 3.47 -16.20 -21.29
N ASN C 253 3.54 -14.96 -20.81
CA ASN C 253 2.79 -14.55 -19.63
C ASN C 253 1.52 -13.79 -19.98
N VAL C 254 0.83 -14.21 -21.05
CA VAL C 254 -0.54 -13.82 -21.33
C VAL C 254 -1.23 -15.13 -21.73
N ALA C 255 -2.57 -15.15 -21.58
CA ALA C 255 -3.28 -16.35 -22.02
C ALA C 255 -4.73 -16.07 -22.33
N TRP C 256 -5.21 -16.70 -23.42
CA TRP C 256 -6.61 -16.69 -23.83
C TRP C 256 -6.87 -18.00 -24.56
N ASN C 257 -8.14 -18.25 -24.86
CA ASN C 257 -8.48 -19.46 -25.57
C ASN C 257 -7.96 -19.46 -27.00
N HIS C 258 -7.42 -20.60 -27.41
CA HIS C 258 -6.99 -20.84 -28.77
C HIS C 258 -7.74 -21.99 -29.42
N GLY C 259 -8.52 -22.76 -28.65
CA GLY C 259 -9.27 -23.86 -29.21
C GLY C 259 -10.38 -23.43 -30.15
N LYS C 260 -10.68 -24.32 -31.10
CA LYS C 260 -11.56 -24.01 -32.23
C LYS C 260 -12.53 -25.17 -32.43
N ILE C 261 -13.81 -24.89 -32.16
CA ILE C 261 -14.86 -25.88 -32.06
C ILE C 261 -16.16 -25.32 -32.62
N ILE C 262 -16.87 -26.13 -33.37
CA ILE C 262 -18.27 -25.86 -33.68
C ILE C 262 -19.01 -27.16 -33.40
N ASN C 263 -19.80 -27.16 -32.34
CA ASN C 263 -20.41 -28.35 -31.75
C ASN C 263 -21.93 -28.16 -31.78
N VAL C 264 -22.61 -29.00 -32.54
CA VAL C 264 -24.07 -28.93 -32.69
C VAL C 264 -24.69 -30.10 -31.95
N ASP C 265 -25.68 -29.77 -31.11
CA ASP C 265 -26.49 -30.74 -30.38
C ASP C 265 -25.66 -31.73 -29.57
N ASN C 266 -24.47 -31.34 -29.13
CA ASN C 266 -23.59 -32.25 -28.42
C ASN C 266 -23.45 -33.56 -29.18
N GLN C 267 -23.36 -33.46 -30.51
CA GLN C 267 -23.28 -34.63 -31.37
C GLN C 267 -22.29 -34.45 -32.53
N SER C 268 -22.36 -33.32 -33.23
CA SER C 268 -21.59 -33.09 -34.45
C SER C 268 -20.55 -32.03 -34.18
N VAL C 269 -19.27 -32.38 -34.34
CA VAL C 269 -18.17 -31.50 -34.01
C VAL C 269 -17.36 -31.21 -35.27
N ILE C 270 -17.06 -29.94 -35.49
CA ILE C 270 -16.04 -29.50 -36.42
C ILE C 270 -14.93 -28.93 -35.55
N THR C 271 -13.71 -29.42 -35.72
CA THR C 271 -12.60 -28.91 -34.93
C THR C 271 -11.30 -29.08 -35.72
N GLY C 272 -10.30 -28.27 -35.38
CA GLY C 272 -9.06 -28.25 -36.12
C GLY C 272 -8.32 -26.93 -35.92
N GLY C 273 -7.54 -26.56 -36.91
CA GLY C 273 -6.77 -25.35 -36.81
C GLY C 273 -7.44 -24.12 -37.36
N HIS C 274 -8.56 -24.27 -38.04
CA HIS C 274 -9.18 -23.14 -38.73
C HIS C 274 -9.76 -22.18 -37.71
N ASN C 275 -9.31 -20.93 -37.72
CA ASN C 275 -10.13 -19.82 -37.26
C ASN C 275 -11.18 -19.48 -38.30
N LEU C 276 -12.19 -18.69 -37.91
CA LEU C 276 -13.29 -18.38 -38.83
C LEU C 276 -13.00 -17.09 -39.61
N TRP C 277 -11.85 -17.10 -40.30
CA TRP C 277 -11.29 -15.89 -40.92
C TRP C 277 -11.23 -16.08 -42.44
N GLY C 278 -12.17 -15.47 -43.14
CA GLY C 278 -12.38 -15.87 -44.52
C GLY C 278 -11.27 -15.47 -45.46
N ALA C 279 -10.73 -14.27 -45.30
CA ALA C 279 -9.70 -13.80 -46.21
C ALA C 279 -8.44 -14.64 -46.13
N ASP C 280 -8.23 -15.32 -45.01
CA ASP C 280 -6.99 -16.09 -44.83
C ASP C 280 -7.06 -17.45 -45.47
N TYR C 281 -8.26 -17.96 -45.70
CA TYR C 281 -8.42 -19.31 -46.20
C TYR C 281 -9.18 -19.44 -47.52
N LEU C 282 -10.12 -18.54 -47.81
CA LEU C 282 -11.14 -18.73 -48.83
C LEU C 282 -11.05 -17.66 -49.91
N GLN C 283 -9.93 -17.00 -50.05
CA GLN C 283 -9.75 -15.99 -51.09
C GLN C 283 -8.42 -16.31 -51.76
N ARG C 284 -7.82 -15.29 -52.38
CA ARG C 284 -6.52 -15.44 -53.00
C ARG C 284 -5.50 -15.83 -51.95
N ASN C 285 -4.45 -16.51 -52.40
CA ASN C 285 -3.28 -16.79 -51.58
C ASN C 285 -3.69 -17.44 -50.29
N PRO C 286 -4.47 -18.50 -50.32
CA PRO C 286 -4.97 -19.12 -49.08
C PRO C 286 -3.84 -19.66 -48.23
N VAL C 287 -4.05 -19.56 -46.91
CA VAL C 287 -3.28 -20.33 -45.94
C VAL C 287 -3.80 -21.75 -45.92
N ASN C 288 -2.88 -22.71 -45.85
CA ASN C 288 -3.21 -24.11 -45.74
C ASN C 288 -3.63 -24.45 -44.32
N ASP C 289 -4.75 -25.19 -44.17
CA ASP C 289 -5.19 -25.58 -42.84
C ASP C 289 -6.15 -26.75 -42.91
N LEU C 290 -6.37 -27.35 -41.75
CA LEU C 290 -7.11 -28.59 -41.65
C LEU C 290 -8.07 -28.57 -40.46
N SER C 291 -9.33 -28.95 -40.69
CA SER C 291 -10.23 -29.35 -39.63
C SER C 291 -10.91 -30.66 -40.04
N ILE C 292 -11.66 -31.24 -39.11
CA ILE C 292 -12.47 -32.41 -39.41
C ILE C 292 -13.88 -32.22 -38.86
N ASN C 293 -14.79 -32.98 -39.47
CA ASN C 293 -16.21 -33.01 -39.15
C ASN C 293 -16.51 -34.44 -38.71
N ILE C 294 -16.81 -34.61 -37.43
CA ILE C 294 -16.98 -35.93 -36.84
C ILE C 294 -18.23 -35.97 -35.96
N LEU C 295 -18.82 -37.14 -35.86
CA LEU C 295 -20.06 -37.31 -35.10
C LEU C 295 -19.89 -38.43 -34.09
N GLY C 296 -20.37 -38.20 -32.87
CA GLY C 296 -20.42 -39.24 -31.86
C GLY C 296 -20.08 -38.74 -30.48
N PRO C 297 -19.89 -39.66 -29.54
CA PRO C 297 -19.71 -39.24 -28.13
C PRO C 297 -18.52 -38.33 -27.90
N ILE C 298 -17.58 -38.23 -28.84
CA ILE C 298 -16.49 -37.28 -28.66
C ILE C 298 -17.04 -35.86 -28.47
N ALA C 299 -18.24 -35.59 -29.01
CA ALA C 299 -18.85 -34.26 -28.84
C ALA C 299 -18.94 -33.92 -27.36
N SER C 300 -19.27 -34.90 -26.51
CA SER C 300 -19.31 -34.71 -25.07
C SER C 300 -18.07 -33.99 -24.60
N THR C 301 -16.89 -34.45 -25.04
CA THR C 301 -15.65 -33.85 -24.56
C THR C 301 -15.54 -32.42 -25.02
N ALA C 302 -15.88 -32.15 -26.28
CA ALA C 302 -15.88 -30.77 -26.76
C ALA C 302 -16.84 -29.94 -25.93
N THR C 303 -18.04 -30.49 -25.66
CA THR C 303 -18.99 -29.74 -24.85
C THR C 303 -18.38 -29.42 -23.51
N LYS C 304 -17.71 -30.40 -22.91
CA LYS C 304 -17.09 -30.17 -21.61
C LYS C 304 -16.09 -29.03 -21.70
N TYR C 305 -15.26 -29.02 -22.75
CA TYR C 305 -14.29 -27.94 -22.94
C TYR C 305 -15.03 -26.60 -22.94
N GLY C 306 -16.07 -26.49 -23.78
CA GLY C 306 -16.85 -25.26 -23.78
C GLY C 306 -17.34 -24.88 -22.39
N ASN C 307 -17.90 -25.85 -21.66
CA ASN C 307 -18.44 -25.57 -20.34
C ASN C 307 -17.35 -25.01 -19.42
N THR C 308 -16.15 -25.59 -19.47
CA THR C 308 -15.08 -25.11 -18.61
C THR C 308 -14.83 -23.63 -18.89
N LEU C 309 -14.79 -23.23 -20.16
CA LEU C 309 -14.50 -21.83 -20.45
C LEU C 309 -15.69 -20.97 -20.06
N TRP C 310 -16.91 -21.44 -20.34
CA TRP C 310 -18.05 -20.56 -20.12
C TRP C 310 -18.29 -20.38 -18.63
N ASN C 311 -18.16 -21.47 -17.86
CA ASN C 311 -18.15 -21.34 -16.40
C ASN C 311 -17.18 -20.24 -15.97
N TYR C 312 -15.96 -20.28 -16.52
CA TYR C 312 -14.95 -19.29 -16.16
C TYR C 312 -15.42 -17.89 -16.53
N VAL C 313 -16.06 -17.76 -17.68
CA VAL C 313 -16.53 -16.44 -18.08
C VAL C 313 -17.65 -15.99 -17.16
N CYS C 314 -18.51 -16.91 -16.75
CA CYS C 314 -19.70 -16.50 -15.99
C CYS C 314 -19.37 -16.17 -14.55
N ASN C 315 -18.40 -16.85 -13.95
CA ASN C 315 -18.01 -16.62 -12.56
C ASN C 315 -16.72 -15.81 -12.42
N ASN C 316 -16.46 -14.91 -13.37
CA ASN C 316 -15.35 -13.97 -13.33
C ASN C 316 -15.58 -12.84 -14.36
N THR C 317 -16.83 -12.52 -14.63
CA THR C 317 -17.17 -11.44 -15.55
C THR C 317 -16.96 -10.05 -14.89
N THR C 321 -13.23 -9.44 -15.42
CA THR C 321 -12.29 -9.11 -16.51
C THR C 321 -12.89 -9.49 -17.88
N ASN C 322 -13.68 -10.54 -18.01
CA ASN C 322 -14.24 -10.94 -19.28
C ASN C 322 -15.64 -10.37 -19.48
N THR C 323 -16.20 -10.58 -20.67
CA THR C 323 -17.49 -9.98 -20.99
C THR C 323 -18.32 -10.85 -21.92
N PHE C 324 -19.64 -10.70 -21.80
CA PHE C 324 -20.59 -11.48 -22.56
C PHE C 324 -21.95 -10.78 -22.51
N VAL C 325 -22.80 -11.11 -23.47
CA VAL C 325 -24.17 -10.64 -23.44
C VAL C 325 -25.00 -11.62 -24.25
N THR C 326 -26.30 -11.72 -23.90
CA THR C 326 -27.14 -12.65 -24.63
C THR C 326 -28.43 -11.95 -25.06
N TYR C 327 -28.94 -12.35 -26.22
CA TYR C 327 -30.18 -11.87 -26.79
C TYR C 327 -31.13 -13.06 -26.90
N ALA C 328 -32.29 -12.93 -26.27
CA ALA C 328 -33.30 -13.99 -26.21
C ALA C 328 -34.62 -13.34 -25.86
N ASN C 329 -35.69 -13.88 -26.42
CA ASN C 329 -37.04 -13.34 -26.21
C ASN C 329 -37.12 -11.84 -26.45
N GLY C 330 -36.43 -11.37 -27.49
CA GLY C 330 -36.47 -9.97 -27.83
C GLY C 330 -35.75 -9.04 -26.90
N GLN C 331 -34.87 -9.55 -26.03
CA GLN C 331 -34.24 -8.73 -25.01
C GLN C 331 -32.79 -9.09 -24.87
N TYR C 332 -31.93 -8.11 -24.59
CA TYR C 332 -30.59 -8.38 -24.10
C TYR C 332 -30.61 -8.63 -22.60
N THR C 333 -29.87 -9.65 -22.18
CA THR C 333 -29.73 -10.01 -20.79
C THR C 333 -28.30 -10.43 -20.51
N TYR C 334 -27.98 -10.57 -19.22
CA TYR C 334 -26.75 -11.22 -18.76
C TYR C 334 -27.02 -12.64 -18.24
N ASP C 335 -28.05 -13.33 -18.77
CA ASP C 335 -28.25 -14.74 -18.48
C ASP C 335 -27.07 -15.49 -19.11
N CYS C 336 -26.24 -16.10 -18.29
CA CYS C 336 -24.98 -16.63 -18.76
C CYS C 336 -25.08 -18.13 -19.01
N PRO C 337 -24.81 -18.62 -20.22
CA PRO C 337 -24.99 -20.06 -20.53
C PRO C 337 -23.75 -20.89 -20.12
N ALA C 338 -23.60 -21.09 -18.83
CA ALA C 338 -22.39 -21.70 -18.32
C ALA C 338 -22.29 -23.17 -18.69
N HIS C 339 -23.42 -23.84 -18.89
CA HIS C 339 -23.42 -25.28 -19.00
C HIS C 339 -24.43 -25.77 -20.02
N ILE C 340 -23.95 -26.43 -21.04
CA ILE C 340 -24.73 -27.30 -21.91
C ILE C 340 -24.47 -28.71 -21.43
N SER C 341 -25.52 -29.53 -21.40
CA SER C 341 -25.37 -30.90 -20.94
C SER C 341 -24.39 -31.64 -21.82
N SER C 342 -23.43 -32.33 -21.19
CA SER C 342 -22.43 -33.11 -21.93
C SER C 342 -22.85 -34.55 -22.17
N THR C 343 -23.97 -34.98 -21.65
CA THR C 343 -24.41 -36.36 -21.79
C THR C 343 -24.72 -36.69 -23.25
N TYR C 344 -24.09 -37.74 -23.78
CA TYR C 344 -24.24 -38.05 -25.19
C TYR C 344 -25.50 -38.86 -25.46
N VAL C 345 -26.25 -38.45 -26.47
CA VAL C 345 -27.41 -39.17 -26.97
C VAL C 345 -27.18 -39.42 -28.45
N ALA C 346 -27.10 -40.67 -28.84
CA ALA C 346 -26.85 -41.00 -30.24
C ALA C 346 -28.02 -40.55 -31.08
N PRO C 347 -27.80 -39.75 -32.11
CA PRO C 347 -28.89 -39.44 -33.06
C PRO C 347 -29.22 -40.68 -33.87
N THR C 348 -30.36 -40.63 -34.56
CA THR C 348 -30.74 -41.77 -35.39
C THR C 348 -29.82 -41.82 -36.62
N ASP C 349 -29.43 -43.02 -37.01
CA ASP C 349 -28.47 -43.23 -38.08
C ASP C 349 -27.12 -42.59 -37.76
N ALA C 350 -26.76 -42.55 -36.47
CA ALA C 350 -25.47 -42.03 -36.06
C ALA C 350 -24.32 -42.91 -36.53
N LYS C 351 -24.55 -44.21 -36.66
CA LYS C 351 -23.53 -45.18 -37.02
C LYS C 351 -23.24 -45.20 -38.53
N ASN C 352 -23.81 -44.25 -39.27
CA ASN C 352 -23.51 -44.14 -40.69
C ASN C 352 -22.09 -43.62 -40.87
N GLY C 353 -21.29 -44.38 -41.62
CA GLY C 353 -19.95 -43.94 -41.94
C GLY C 353 -18.87 -44.86 -41.40
N LEU C 354 -17.65 -44.33 -41.31
CA LEU C 354 -16.49 -45.09 -40.87
C LEU C 354 -16.37 -44.95 -39.36
N ALA C 355 -16.33 -46.08 -38.67
CA ALA C 355 -16.18 -46.12 -37.23
C ALA C 355 -14.71 -46.04 -36.84
N VAL C 356 -14.37 -45.11 -35.96
CA VAL C 356 -13.00 -44.89 -35.55
C VAL C 356 -12.95 -44.64 -34.05
N LYS C 357 -11.80 -44.99 -33.44
CA LYS C 357 -11.57 -44.75 -32.03
C LYS C 357 -10.94 -43.36 -31.87
N VAL C 358 -11.44 -42.59 -30.90
CA VAL C 358 -11.04 -41.20 -30.76
C VAL C 358 -10.99 -40.86 -29.27
N MET C 359 -9.97 -40.14 -28.87
CA MET C 359 -9.95 -39.53 -27.54
C MET C 359 -9.71 -38.04 -27.67
N SER C 360 -10.09 -37.29 -26.64
CA SER C 360 -9.84 -35.86 -26.63
C SER C 360 -8.61 -35.58 -25.79
N ILE C 361 -7.94 -34.46 -26.09
CA ILE C 361 -6.90 -33.93 -25.23
C ILE C 361 -6.97 -32.42 -25.25
N SER C 362 -6.82 -31.81 -24.09
CA SER C 362 -6.97 -30.36 -23.96
C SER C 362 -5.85 -29.78 -23.11
N LYS C 363 -5.76 -28.46 -23.16
CA LYS C 363 -4.83 -27.68 -22.34
C LYS C 363 -5.68 -26.54 -21.78
N LEU C 364 -5.90 -26.57 -20.46
CA LEU C 364 -6.86 -25.68 -19.80
C LEU C 364 -6.24 -25.02 -18.58
N ASN C 365 -4.91 -24.92 -18.52
CA ASN C 365 -4.25 -24.25 -17.40
C ASN C 365 -4.08 -22.76 -17.72
N ASN C 366 -3.02 -22.16 -17.21
CA ASN C 366 -2.72 -20.75 -17.39
C ASN C 366 -3.91 -19.87 -17.02
N GLY C 367 -4.56 -20.20 -15.91
CA GLY C 367 -5.51 -19.32 -15.28
C GLY C 367 -6.96 -19.76 -15.36
N VAL C 368 -7.28 -20.77 -16.17
CA VAL C 368 -8.64 -21.30 -16.20
C VAL C 368 -8.75 -22.38 -15.13
N LEU C 369 -8.10 -23.52 -15.37
CA LEU C 369 -8.02 -24.55 -14.34
C LEU C 369 -6.65 -24.52 -13.66
N ASP C 370 -6.37 -25.52 -12.84
CA ASP C 370 -5.11 -25.65 -12.15
C ASP C 370 -3.93 -25.67 -13.11
N LYS C 371 -2.75 -25.28 -12.62
CA LYS C 371 -1.60 -25.16 -13.48
C LYS C 371 -1.14 -26.50 -14.04
N ASP C 372 -1.53 -27.62 -13.43
CA ASP C 372 -1.15 -28.92 -13.95
C ASP C 372 -1.98 -29.37 -15.15
N ALA C 373 -2.94 -28.58 -15.60
CA ALA C 373 -3.98 -29.07 -16.50
C ALA C 373 -3.59 -28.93 -17.98
N ASP C 374 -2.37 -29.34 -18.31
CA ASP C 374 -1.90 -29.38 -19.70
C ASP C 374 -1.58 -30.85 -20.02
N GLN C 375 -2.61 -31.59 -20.44
CA GLN C 375 -2.43 -32.97 -20.85
C GLN C 375 -2.24 -33.13 -22.36
N SER C 376 -2.39 -32.05 -23.14
CA SER C 376 -2.21 -32.13 -24.58
C SER C 376 -0.75 -32.33 -24.94
N GLU C 377 0.14 -31.54 -24.32
CA GLU C 377 1.57 -31.69 -24.56
C GLU C 377 2.06 -33.07 -24.15
N VAL C 378 1.63 -33.57 -23.00
CA VAL C 378 2.07 -34.87 -22.53
C VAL C 378 1.69 -35.95 -23.53
N ALA C 379 0.44 -35.92 -23.99
CA ALA C 379 -0.03 -36.94 -24.91
C ALA C 379 0.78 -36.92 -26.19
N ARG C 380 1.14 -35.74 -26.71
CA ARG C 380 1.87 -35.74 -27.96
C ARG C 380 3.33 -36.18 -27.76
N VAL C 381 3.94 -35.81 -26.61
CA VAL C 381 5.29 -36.29 -26.31
C VAL C 381 5.28 -37.82 -26.22
N TYR C 382 4.25 -38.37 -25.58
CA TYR C 382 4.14 -39.83 -25.49
C TYR C 382 4.00 -40.45 -26.87
N ALA C 383 3.13 -39.88 -27.70
CA ALA C 383 2.92 -40.40 -29.03
C ALA C 383 4.24 -40.45 -29.79
N PHE C 384 5.02 -39.37 -29.75
CA PHE C 384 6.25 -39.34 -30.53
C PHE C 384 7.29 -40.29 -29.93
N LYS C 385 7.36 -40.33 -28.60
CA LYS C 385 8.31 -41.21 -27.93
C LYS C 385 8.00 -42.68 -28.20
N ASN C 386 6.77 -43.00 -28.55
CA ASN C 386 6.39 -44.40 -28.71
C ASN C 386 6.01 -44.75 -30.15
N ALA C 387 6.22 -43.84 -31.09
CA ALA C 387 6.14 -44.21 -32.49
C ALA C 387 7.11 -45.35 -32.76
N THR C 388 6.65 -46.35 -33.54
CA THR C 388 7.51 -47.46 -33.89
C THR C 388 8.02 -47.41 -35.33
N LYS C 389 7.35 -46.69 -36.23
CA LYS C 389 7.75 -46.67 -37.63
C LYS C 389 7.97 -45.24 -38.14
N SER C 390 6.98 -44.36 -38.02
CA SER C 390 7.10 -43.04 -38.61
C SER C 390 6.38 -41.97 -37.79
N ILE C 391 6.86 -40.74 -37.98
CA ILE C 391 6.20 -39.55 -37.47
C ILE C 391 6.13 -38.57 -38.63
N LYS C 392 4.92 -38.11 -38.97
CA LYS C 392 4.68 -37.11 -39.98
C LYS C 392 4.11 -35.91 -39.24
N ILE C 393 4.66 -34.73 -39.49
CA ILE C 393 4.27 -33.53 -38.78
C ILE C 393 4.07 -32.42 -39.79
N SER C 394 2.97 -31.70 -39.65
CA SER C 394 2.74 -30.49 -40.43
C SER C 394 2.32 -29.38 -39.49
N GLN C 395 3.14 -28.35 -39.40
CA GLN C 395 2.94 -27.24 -38.49
C GLN C 395 3.20 -25.94 -39.21
N GLN C 396 2.75 -24.85 -38.58
CA GLN C 396 3.22 -23.53 -38.97
C GLN C 396 4.67 -23.35 -38.55
N ALA C 397 4.94 -23.59 -37.26
CA ALA C 397 6.27 -23.38 -36.70
C ALA C 397 6.50 -24.39 -35.56
N LEU C 398 7.77 -24.64 -35.28
CA LEU C 398 8.14 -25.54 -34.19
C LEU C 398 8.78 -24.81 -33.03
N PHE C 399 9.26 -23.59 -33.24
CA PHE C 399 9.87 -22.76 -32.23
C PHE C 399 9.25 -21.37 -32.30
N PHE C 400 9.41 -20.58 -31.24
CA PHE C 400 8.76 -19.28 -31.15
C PHE C 400 9.71 -18.28 -30.50
N LYS C 401 9.84 -17.11 -31.12
CA LYS C 401 10.79 -16.10 -30.66
C LYS C 401 10.24 -15.39 -29.43
N GLY C 402 11.00 -15.38 -28.36
CA GLY C 402 10.61 -14.67 -27.17
C GLY C 402 10.76 -13.17 -27.30
N ALA C 403 10.39 -12.47 -26.23
CA ALA C 403 10.27 -11.02 -26.26
C ALA C 403 11.56 -10.32 -26.66
N PHE C 404 12.69 -10.82 -26.20
CA PHE C 404 14.00 -10.20 -26.49
C PHE C 404 14.91 -11.15 -27.26
N GLY C 405 14.33 -11.98 -28.14
CA GLY C 405 15.09 -12.78 -29.07
C GLY C 405 15.41 -14.19 -28.64
N LYS C 406 15.03 -14.59 -27.43
CA LYS C 406 15.31 -15.95 -26.99
C LYS C 406 14.44 -16.94 -27.74
N VAL C 407 15.06 -18.04 -28.17
CA VAL C 407 14.34 -19.14 -28.81
C VAL C 407 13.58 -19.91 -27.74
N LEU C 408 12.27 -19.97 -27.87
CA LEU C 408 11.43 -20.76 -27.00
C LEU C 408 11.10 -22.07 -27.71
N HIS C 409 11.33 -23.18 -27.01
CA HIS C 409 11.10 -24.50 -27.58
C HIS C 409 9.82 -25.13 -27.03
N PRO C 410 9.29 -26.14 -27.71
CA PRO C 410 8.11 -26.84 -27.19
C PRO C 410 8.30 -27.19 -25.72
N LEU C 411 7.21 -27.09 -24.97
CA LEU C 411 7.28 -26.95 -23.52
C LEU C 411 7.66 -28.26 -22.84
N LYS C 412 8.22 -28.12 -21.65
CA LYS C 412 8.63 -29.28 -20.85
C LYS C 412 7.42 -29.99 -20.23
N THR C 413 7.53 -31.31 -20.12
CA THR C 413 6.50 -32.23 -19.68
C THR C 413 7.20 -33.17 -18.72
N ILE C 414 6.43 -33.83 -17.85
CA ILE C 414 7.04 -34.83 -16.97
C ILE C 414 7.80 -35.88 -17.77
N ASP C 415 7.43 -36.06 -19.05
CA ASP C 415 8.11 -36.99 -19.94
C ASP C 415 9.03 -36.28 -20.91
N GLY C 416 9.45 -35.04 -20.60
CA GLY C 416 10.33 -34.31 -21.50
C GLY C 416 9.59 -33.53 -22.57
N THR C 417 10.34 -33.09 -23.58
CA THR C 417 9.82 -32.21 -24.62
C THR C 417 9.53 -32.98 -25.90
N VAL C 418 8.90 -32.26 -26.84
CA VAL C 418 8.71 -32.83 -28.17
C VAL C 418 10.04 -33.02 -28.87
N MET C 419 10.95 -32.05 -28.72
CA MET C 419 12.25 -32.16 -29.38
C MET C 419 13.02 -33.38 -28.86
N GLU C 420 12.94 -33.63 -27.55
CA GLU C 420 13.62 -34.80 -26.99
C GLU C 420 12.99 -36.10 -27.49
N ALA C 421 11.67 -36.12 -27.63
CA ALA C 421 11.00 -37.30 -28.17
C ALA C 421 11.40 -37.53 -29.63
N LEU C 422 11.49 -36.46 -30.41
CA LEU C 422 11.89 -36.62 -31.81
C LEU C 422 13.33 -37.06 -31.91
N ALA C 423 14.20 -36.57 -31.02
CA ALA C 423 15.57 -37.07 -31.01
C ALA C 423 15.60 -38.57 -30.69
N SER C 424 14.78 -38.99 -29.73
CA SER C 424 14.72 -40.42 -29.42
C SER C 424 14.24 -41.23 -30.62
N ALA C 425 13.18 -40.76 -31.29
CA ALA C 425 12.66 -41.43 -32.47
C ALA C 425 13.76 -41.57 -33.52
N ILE C 426 14.47 -40.48 -33.79
CA ILE C 426 15.50 -40.49 -34.83
C ILE C 426 16.61 -41.48 -34.47
N TYR C 427 17.03 -41.49 -33.19
CA TYR C 427 18.08 -42.41 -32.77
C TYR C 427 17.63 -43.84 -32.98
N LYS C 428 16.36 -44.12 -32.77
CA LYS C 428 15.83 -45.48 -32.87
C LYS C 428 15.51 -45.88 -34.30
N GLY C 429 15.70 -44.97 -35.27
CA GLY C 429 15.46 -45.30 -36.65
C GLY C 429 14.06 -45.03 -37.13
N VAL C 430 13.26 -44.33 -36.34
CA VAL C 430 11.94 -43.92 -36.78
C VAL C 430 12.06 -42.80 -37.79
N THR C 431 11.33 -42.90 -38.90
CA THR C 431 11.30 -41.84 -39.90
C THR C 431 10.54 -40.63 -39.34
N VAL C 432 11.13 -39.45 -39.43
CA VAL C 432 10.47 -38.21 -39.02
C VAL C 432 10.43 -37.27 -40.21
N ASP C 433 9.24 -37.05 -40.75
CA ASP C 433 9.01 -36.15 -41.86
C ASP C 433 8.24 -34.94 -41.35
N ILE C 434 8.77 -33.75 -41.63
CA ILE C 434 8.19 -32.52 -41.09
C ILE C 434 7.92 -31.57 -42.23
N VAL C 435 6.73 -30.98 -42.24
CA VAL C 435 6.40 -29.89 -43.14
C VAL C 435 6.07 -28.66 -42.29
N THR C 436 6.72 -27.56 -42.61
CA THR C 436 6.66 -26.28 -41.92
C THR C 436 6.06 -25.25 -42.87
N SER C 437 5.55 -24.16 -42.32
CA SER C 437 5.22 -23.04 -43.18
C SER C 437 6.49 -22.47 -43.77
N SER C 438 6.37 -21.59 -44.75
CA SER C 438 7.63 -21.02 -45.26
C SER C 438 8.18 -20.00 -44.26
N LEU C 439 9.50 -19.82 -44.32
CA LEU C 439 10.13 -18.73 -43.59
C LEU C 439 9.61 -17.38 -44.06
N ASP C 440 9.38 -17.23 -45.37
CA ASP C 440 8.87 -16.00 -45.97
C ASP C 440 7.36 -16.04 -46.04
N GLY C 441 6.71 -16.49 -44.97
CA GLY C 441 5.27 -16.57 -44.95
C GLY C 441 4.54 -15.45 -44.25
N GLY C 442 5.18 -14.31 -44.09
CA GLY C 442 4.56 -13.17 -43.44
C GLY C 442 4.00 -13.51 -42.07
N ILE C 443 2.74 -13.16 -41.85
CA ILE C 443 1.99 -13.42 -40.63
C ILE C 443 2.00 -14.89 -40.27
N TYR C 444 2.18 -15.78 -41.25
CA TYR C 444 2.16 -17.22 -41.00
C TYR C 444 3.53 -17.87 -41.25
N SER C 445 4.58 -17.21 -40.81
CA SER C 445 5.94 -17.68 -41.00
C SER C 445 6.32 -18.81 -40.04
N SER C 446 7.31 -19.60 -40.44
CA SER C 446 7.85 -20.66 -39.59
C SER C 446 8.79 -20.13 -38.53
N GLY C 447 9.21 -18.86 -38.62
CA GLY C 447 10.07 -18.25 -37.63
C GLY C 447 11.54 -18.63 -37.70
N TYR C 448 11.82 -19.88 -38.09
CA TYR C 448 13.15 -20.47 -38.01
C TYR C 448 13.31 -21.40 -39.20
N ASN C 449 14.53 -21.44 -39.78
CA ASN C 449 14.75 -22.24 -40.96
C ASN C 449 14.98 -23.71 -40.59
N SER C 450 15.05 -24.55 -41.63
CA SER C 450 15.23 -25.99 -41.43
C SER C 450 16.54 -26.28 -40.73
N GLU C 451 17.59 -25.58 -41.11
CA GLU C 451 18.90 -25.79 -40.50
C GLU C 451 18.83 -25.58 -39.00
N PHE C 452 18.05 -24.60 -38.55
CA PHE C 452 17.95 -24.37 -37.12
C PHE C 452 17.41 -25.62 -36.43
N VAL C 453 16.36 -26.22 -36.98
CA VAL C 453 15.74 -27.37 -36.35
C VAL C 453 16.69 -28.55 -36.35
N TYR C 454 17.39 -28.74 -37.47
CA TYR C 454 18.39 -29.80 -37.59
C TYR C 454 19.46 -29.66 -36.52
N ASN C 455 19.96 -28.43 -36.34
CA ASN C 455 21.01 -28.22 -35.34
C ASN C 455 20.49 -28.32 -33.91
N TYR C 456 19.24 -27.92 -33.65
CA TYR C 456 18.67 -28.12 -32.33
C TYR C 456 18.62 -29.61 -32.00
N LEU C 457 18.15 -30.42 -32.97
CA LEU C 457 18.11 -31.86 -32.72
C LEU C 457 19.51 -32.43 -32.55
N LEU C 458 20.46 -31.94 -33.34
CA LEU C 458 21.85 -32.37 -33.20
C LEU C 458 22.33 -32.13 -31.79
N ASN C 459 22.03 -30.95 -31.25
CA ASN C 459 22.49 -30.63 -29.92
C ASN C 459 21.80 -31.53 -28.88
N VAL C 460 20.52 -31.83 -29.09
CA VAL C 460 19.86 -32.74 -28.16
C VAL C 460 20.57 -34.09 -28.15
N LEU C 461 21.01 -34.56 -29.33
CA LEU C 461 21.72 -35.84 -29.40
C LEU C 461 23.14 -35.74 -28.85
N HIS C 462 23.68 -34.52 -28.71
CA HIS C 462 25.01 -34.40 -28.11
C HIS C 462 24.99 -34.58 -26.60
N LYS C 463 23.86 -34.31 -25.97
CA LYS C 463 23.75 -34.24 -24.52
C LYS C 463 23.05 -35.52 -24.00
N ALA C 464 22.35 -35.41 -22.83
CA ALA C 464 21.17 -36.24 -22.57
C ALA C 464 21.75 -37.63 -22.43
N PRO C 465 20.98 -38.69 -22.65
CA PRO C 465 21.58 -40.03 -22.49
C PRO C 465 22.43 -40.46 -23.67
N TYR C 466 22.40 -39.73 -24.79
CA TYR C 466 23.02 -40.22 -26.02
C TYR C 466 24.51 -39.91 -26.07
N TYR C 467 24.90 -38.65 -25.82
CA TYR C 467 26.31 -38.25 -25.81
C TYR C 467 26.98 -38.45 -27.16
N LEU C 468 26.26 -38.27 -28.26
CA LEU C 468 26.80 -38.59 -29.58
C LEU C 468 27.77 -37.50 -30.05
N GLU C 469 28.91 -37.93 -30.57
CA GLU C 469 29.79 -37.02 -31.31
C GLU C 469 29.01 -36.45 -32.50
N ARG C 470 29.25 -35.17 -32.77
CA ARG C 470 28.42 -34.43 -33.73
C ARG C 470 28.34 -35.12 -35.10
N ASN C 471 29.49 -35.43 -35.72
CA ASN C 471 29.49 -36.00 -37.06
C ASN C 471 28.75 -37.34 -37.08
N TYR C 472 28.93 -38.16 -36.04
CA TYR C 472 28.21 -39.42 -35.97
C TYR C 472 26.70 -39.20 -35.84
N ALA C 473 26.29 -38.17 -35.08
CA ALA C 473 24.87 -37.88 -34.94
C ALA C 473 24.25 -37.45 -36.26
N LYS C 474 25.02 -36.73 -37.07
CA LYS C 474 24.48 -36.30 -38.36
C LYS C 474 24.04 -37.49 -39.20
N THR C 475 24.66 -38.68 -39.03
CA THR C 475 24.24 -39.83 -39.83
C THR C 475 22.82 -40.27 -39.48
N PHE C 476 22.47 -40.26 -38.20
CA PHE C 476 21.09 -40.51 -37.80
C PHE C 476 20.14 -39.46 -38.40
N LEU C 477 20.50 -38.19 -38.26
CA LEU C 477 19.62 -37.15 -38.80
C LEU C 477 19.47 -37.30 -40.31
N ASP C 478 20.59 -37.52 -41.03
CA ASP C 478 20.55 -37.57 -42.48
C ASP C 478 19.79 -38.79 -42.97
N LYS C 479 19.83 -39.88 -42.23
CA LYS C 479 19.06 -41.04 -42.62
C LYS C 479 17.57 -40.88 -42.33
N ASN C 480 17.20 -40.28 -41.20
CA ASN C 480 15.84 -40.44 -40.69
C ASN C 480 15.01 -39.17 -40.59
N LEU C 481 15.62 -37.98 -40.66
CA LEU C 481 14.91 -36.71 -40.52
C LEU C 481 14.86 -36.04 -41.87
N HIS C 482 13.68 -35.50 -42.21
CA HIS C 482 13.52 -34.80 -43.47
C HIS C 482 12.57 -33.64 -43.21
N ILE C 483 13.11 -32.41 -43.27
CA ILE C 483 12.35 -31.21 -42.96
C ILE C 483 12.16 -30.43 -44.24
N ASN C 484 10.90 -30.23 -44.61
CA ASN C 484 10.49 -29.45 -45.77
C ASN C 484 9.60 -28.31 -45.32
N PHE C 485 9.30 -27.42 -46.26
CA PHE C 485 8.31 -26.38 -45.99
C PHE C 485 7.31 -26.33 -47.14
N ILE C 486 6.12 -25.83 -46.81
CA ILE C 486 4.98 -25.97 -47.69
C ILE C 486 5.16 -25.11 -48.94
N SER C 487 4.67 -25.61 -50.06
CA SER C 487 4.68 -24.92 -51.34
C SER C 487 3.49 -25.45 -52.12
N ILE C 488 2.86 -24.58 -52.88
CA ILE C 488 1.79 -25.03 -53.75
C ILE C 488 2.29 -25.96 -54.83
N ASN C 489 3.59 -25.82 -55.24
CA ASN C 489 4.02 -26.53 -56.44
C ASN C 489 5.51 -26.84 -56.50
N GLY C 490 6.22 -26.78 -55.40
CA GLY C 490 7.64 -27.02 -55.37
C GLY C 490 8.51 -25.91 -55.89
N ARG C 491 7.93 -24.78 -56.23
CA ARG C 491 8.68 -23.63 -56.76
C ARG C 491 8.51 -22.35 -55.97
N GLU C 492 7.28 -22.04 -55.53
CA GLU C 492 7.00 -20.82 -54.80
C GLU C 492 7.52 -20.98 -53.38
N THR C 493 8.15 -19.91 -52.89
CA THR C 493 8.84 -19.98 -51.61
C THR C 493 8.23 -19.15 -50.50
N ASN C 494 7.01 -18.60 -50.70
CA ASN C 494 6.37 -17.74 -49.70
C ASN C 494 4.95 -18.21 -49.35
N ASN C 495 4.65 -19.49 -49.47
CA ASN C 495 3.32 -19.97 -49.15
C ASN C 495 3.20 -20.22 -47.66
N MET C 496 1.96 -20.42 -47.20
CA MET C 496 1.66 -20.34 -45.79
C MET C 496 0.88 -21.54 -45.32
N SER C 497 1.19 -21.97 -44.11
CA SER C 497 0.48 -23.08 -43.51
C SER C 497 0.22 -22.77 -42.04
N HIS C 498 -0.96 -23.17 -41.58
CA HIS C 498 -1.41 -23.03 -40.19
C HIS C 498 -1.70 -24.39 -39.56
N ASN C 499 -1.28 -25.47 -40.19
CA ASN C 499 -1.58 -26.82 -39.70
C ASN C 499 -1.11 -26.99 -38.26
N LYS C 500 -1.89 -27.78 -37.50
CA LYS C 500 -1.46 -28.35 -36.22
C LYS C 500 -1.70 -29.85 -36.35
N LEU C 501 -0.89 -30.54 -37.14
CA LEU C 501 -1.16 -31.92 -37.48
C LEU C 501 0.04 -32.79 -37.18
N TRP C 502 -0.23 -34.00 -36.68
CA TRP C 502 0.79 -35.05 -36.66
C TRP C 502 0.12 -36.40 -36.82
N ILE C 503 0.89 -37.33 -37.38
CA ILE C 503 0.46 -38.69 -37.69
C ILE C 503 1.58 -39.63 -37.29
N VAL C 504 1.28 -40.60 -36.44
CA VAL C 504 2.25 -41.59 -36.00
C VAL C 504 1.90 -42.94 -36.63
N ASP C 505 2.91 -43.60 -37.19
CA ASP C 505 2.82 -44.97 -37.66
C ASP C 505 1.67 -45.16 -38.65
N ASP C 506 1.34 -44.10 -39.39
CA ASP C 506 0.27 -44.17 -40.39
C ASP C 506 -1.01 -44.73 -39.76
N LYS C 507 -1.23 -44.35 -38.50
CA LYS C 507 -2.28 -44.97 -37.71
C LYS C 507 -2.96 -44.01 -36.74
N VAL C 508 -2.21 -43.12 -36.10
CA VAL C 508 -2.73 -42.30 -35.01
C VAL C 508 -2.45 -40.83 -35.32
N PHE C 509 -3.50 -40.01 -35.37
CA PHE C 509 -3.27 -38.62 -35.76
C PHE C 509 -4.06 -37.62 -34.94
N TYR C 510 -3.51 -36.42 -34.85
CA TYR C 510 -4.07 -35.35 -34.06
C TYR C 510 -4.69 -34.30 -34.96
N VAL C 511 -5.88 -33.83 -34.59
CA VAL C 511 -6.46 -32.64 -35.21
C VAL C 511 -6.96 -31.74 -34.08
N GLY C 512 -6.51 -30.49 -34.10
CA GLY C 512 -6.97 -29.50 -33.15
C GLY C 512 -6.24 -28.19 -33.29
N SER C 513 -6.12 -27.48 -32.17
CA SER C 513 -5.59 -26.13 -32.14
C SER C 513 -4.17 -26.06 -31.68
N HIS C 514 -3.63 -27.12 -31.08
CA HIS C 514 -2.38 -27.00 -30.34
C HIS C 514 -1.18 -27.05 -31.27
N ASN C 515 -0.58 -25.88 -31.50
CA ASN C 515 0.70 -25.80 -32.20
C ASN C 515 1.80 -26.55 -31.42
N ILE C 516 2.82 -27.02 -32.14
CA ILE C 516 3.97 -27.57 -31.45
C ILE C 516 4.80 -26.44 -30.85
N TYR C 517 4.89 -25.29 -31.53
CA TYR C 517 5.61 -24.15 -30.94
C TYR C 517 4.90 -23.71 -29.65
N PRO C 518 5.63 -23.16 -28.69
CA PRO C 518 5.04 -22.95 -27.37
C PRO C 518 4.20 -21.70 -27.25
N SER C 519 3.17 -21.80 -26.41
CA SER C 519 2.40 -20.66 -25.95
C SER C 519 1.74 -21.05 -24.63
N SER C 520 1.01 -20.09 -24.02
CA SER C 520 0.21 -20.38 -22.84
C SER C 520 -1.29 -20.43 -23.13
N LEU C 521 -1.68 -20.48 -24.39
CA LEU C 521 -3.09 -20.45 -24.74
C LEU C 521 -3.75 -21.80 -24.48
N GLN C 522 -5.05 -21.76 -24.15
CA GLN C 522 -5.80 -23.00 -23.99
C GLN C 522 -6.10 -23.63 -25.34
N GLN C 523 -6.18 -24.96 -25.33
CA GLN C 523 -6.24 -25.73 -26.57
C GLN C 523 -7.18 -26.91 -26.41
N PHE C 524 -7.75 -27.35 -27.54
CA PHE C 524 -8.59 -28.53 -27.59
C PHE C 524 -8.25 -29.30 -28.85
N GLY C 525 -8.27 -30.62 -28.77
CA GLY C 525 -7.98 -31.41 -29.95
C GLY C 525 -8.40 -32.85 -29.73
N VAL C 526 -8.35 -33.61 -30.82
CA VAL C 526 -8.69 -35.02 -30.75
C VAL C 526 -7.59 -35.86 -31.39
N ILE C 527 -7.45 -37.09 -30.88
CA ILE C 527 -6.52 -38.08 -31.38
C ILE C 527 -7.35 -39.25 -31.90
N VAL C 528 -7.24 -39.48 -33.20
CA VAL C 528 -7.91 -40.56 -33.91
C VAL C 528 -6.93 -41.70 -34.11
N ASP C 529 -7.40 -42.93 -33.94
CA ASP C 529 -6.57 -44.13 -34.07
C ASP C 529 -7.29 -45.06 -35.03
N ASP C 530 -6.87 -45.05 -36.30
CA ASP C 530 -7.52 -45.88 -37.32
C ASP C 530 -6.74 -45.85 -38.64
N LYS C 531 -6.42 -47.03 -39.18
CA LYS C 531 -5.58 -47.08 -40.37
C LYS C 531 -6.32 -46.58 -41.60
N ASP C 532 -7.60 -46.94 -41.76
CA ASP C 532 -8.34 -46.50 -42.95
C ASP C 532 -8.49 -44.99 -42.97
N ALA C 533 -8.82 -44.40 -41.81
CA ALA C 533 -9.01 -42.96 -41.76
C ALA C 533 -7.70 -42.25 -42.01
N THR C 534 -6.62 -42.75 -41.41
CA THR C 534 -5.33 -42.14 -41.64
C THR C 534 -4.95 -42.24 -43.12
N ALA C 535 -5.27 -43.35 -43.76
CA ALA C 535 -4.94 -43.53 -45.17
C ALA C 535 -5.71 -42.55 -46.04
N GLN C 536 -6.99 -42.29 -45.69
CA GLN C 536 -7.73 -41.26 -46.40
C GLN C 536 -7.10 -39.89 -46.20
N LEU C 537 -6.69 -39.59 -44.98
CA LEU C 537 -6.07 -38.29 -44.70
C LEU C 537 -4.76 -38.13 -45.47
N GLU C 538 -3.98 -39.21 -45.57
CA GLU C 538 -2.71 -39.12 -46.28
C GLU C 538 -2.92 -38.99 -47.78
N LYS C 539 -3.87 -39.77 -48.33
CA LYS C 539 -4.20 -39.66 -49.74
C LYS C 539 -4.67 -38.25 -50.08
N GLN C 540 -5.46 -37.65 -49.21
CA GLN C 540 -6.11 -36.40 -49.53
C GLN C 540 -5.24 -35.19 -49.24
N LEU C 541 -4.48 -35.19 -48.15
CA LEU C 541 -3.73 -34.03 -47.74
C LEU C 541 -2.23 -34.27 -47.61
N TRP C 542 -1.80 -35.30 -46.88
CA TRP C 542 -0.38 -35.40 -46.58
C TRP C 542 0.46 -35.65 -47.85
N THR C 543 0.08 -36.65 -48.63
CA THR C 543 0.89 -36.99 -49.81
C THR C 543 0.96 -35.84 -50.81
N PRO C 544 -0.15 -35.23 -51.24
CA PRO C 544 -0.02 -34.09 -52.16
C PRO C 544 0.86 -32.98 -51.61
N MET C 545 0.66 -32.65 -50.33
CA MET C 545 1.42 -31.58 -49.70
C MET C 545 2.89 -31.91 -49.68
N TRP C 546 3.22 -33.14 -49.34
CA TRP C 546 4.62 -33.55 -49.25
C TRP C 546 5.27 -33.53 -50.62
N LYS C 547 4.59 -34.07 -51.63
CA LYS C 547 5.13 -34.09 -52.99
C LYS C 547 5.43 -32.68 -53.50
N ASN C 548 4.66 -31.68 -53.07
CA ASN C 548 4.87 -30.32 -53.52
C ASN C 548 5.67 -29.47 -52.55
N SER C 549 6.13 -30.04 -51.43
CA SER C 549 6.87 -29.24 -50.47
C SER C 549 8.30 -29.09 -50.95
N ILE C 550 9.01 -28.14 -50.34
CA ILE C 550 10.38 -27.82 -50.74
C ILE C 550 11.35 -28.25 -49.67
N HIS C 551 12.47 -28.82 -50.08
CA HIS C 551 13.51 -29.26 -49.16
C HIS C 551 14.73 -28.39 -49.34
N VAL C 552 15.15 -27.74 -48.26
CA VAL C 552 16.38 -26.95 -48.23
C VAL C 552 17.49 -27.87 -47.73
N PRO C 553 18.40 -28.32 -48.58
CA PRO C 553 19.42 -29.27 -48.11
C PRO C 553 20.33 -28.65 -47.05
N ILE C 554 20.79 -29.49 -46.13
CA ILE C 554 21.65 -29.07 -45.04
C ILE C 554 23.13 -29.20 -45.42
N ASN D 10 -51.08 -27.07 23.39
CA ASN D 10 -50.67 -26.28 24.56
C ASN D 10 -49.95 -24.99 24.18
N GLU D 11 -49.87 -24.06 25.12
CA GLU D 11 -49.36 -22.72 24.86
C GLU D 11 -47.83 -22.70 24.79
N LEU D 12 -47.30 -21.55 24.39
CA LEU D 12 -45.86 -21.40 24.24
C LEU D 12 -45.16 -21.54 25.59
N ASP D 13 -44.03 -22.22 25.59
CA ASP D 13 -43.21 -22.38 26.78
C ASP D 13 -41.78 -21.93 26.48
N VAL D 14 -41.22 -21.14 27.40
CA VAL D 14 -39.87 -20.64 27.20
C VAL D 14 -38.87 -21.79 27.13
N ASN D 15 -39.18 -22.92 27.74
CA ASN D 15 -38.28 -24.07 27.62
C ASN D 15 -38.13 -24.49 26.16
N ASP D 16 -39.17 -24.31 25.35
CA ASP D 16 -39.09 -24.68 23.94
C ASP D 16 -38.22 -23.69 23.17
N ILE D 17 -38.30 -22.41 23.53
CA ILE D 17 -37.38 -21.44 22.96
C ILE D 17 -35.95 -21.84 23.29
N TYR D 18 -35.70 -22.15 24.55
CA TYR D 18 -34.34 -22.49 24.95
C TYR D 18 -33.86 -23.75 24.25
N ASP D 19 -34.71 -24.77 24.19
CA ASP D 19 -34.36 -26.00 23.49
C ASP D 19 -33.99 -25.73 22.05
N HIS D 20 -34.77 -24.87 21.37
CA HIS D 20 -34.49 -24.59 19.96
C HIS D 20 -33.16 -23.88 19.82
N LEU D 21 -32.92 -22.86 20.64
CA LEU D 21 -31.64 -22.17 20.59
C LEU D 21 -30.49 -23.14 20.84
N ASN D 22 -30.66 -24.04 21.80
CA ASN D 22 -29.58 -24.93 22.20
C ASN D 22 -29.30 -25.97 21.14
N GLU D 23 -30.33 -26.42 20.42
CA GLU D 23 -30.11 -27.34 19.31
C GLU D 23 -29.40 -26.64 18.15
N LYS D 24 -29.82 -25.42 17.82
CA LYS D 24 -29.27 -24.76 16.65
C LYS D 24 -28.03 -23.92 16.94
N TYR D 25 -27.82 -23.49 18.17
CA TYR D 25 -26.72 -22.57 18.47
C TYR D 25 -26.08 -22.94 19.81
N SER D 26 -25.82 -24.24 19.99
CA SER D 26 -25.29 -24.70 21.28
C SER D 26 -24.00 -23.99 21.67
N GLN D 27 -23.17 -23.61 20.69
CA GLN D 27 -21.92 -22.93 20.98
C GLN D 27 -22.11 -21.54 21.59
N PHE D 28 -23.34 -21.00 21.60
CA PHE D 28 -23.62 -19.71 22.19
C PHE D 28 -24.44 -19.83 23.48
N ASN D 29 -24.65 -21.05 23.97
CA ASN D 29 -25.27 -21.22 25.27
C ASN D 29 -24.42 -20.57 26.34
N ASP D 30 -25.08 -19.84 27.26
CA ASP D 30 -24.44 -19.02 28.28
C ASP D 30 -23.56 -17.93 27.67
N VAL D 31 -23.80 -17.58 26.41
CA VAL D 31 -23.15 -16.45 25.76
C VAL D 31 -24.17 -15.45 25.23
N THR D 32 -25.17 -15.93 24.49
CA THR D 32 -26.23 -15.08 23.96
C THR D 32 -27.60 -15.51 24.45
N PHE D 33 -27.71 -16.65 25.14
CA PHE D 33 -28.94 -17.08 25.77
C PHE D 33 -28.58 -17.95 26.97
N SER D 34 -29.58 -18.23 27.80
CA SER D 34 -29.36 -18.95 29.03
C SER D 34 -30.54 -19.87 29.31
N LYS D 35 -30.27 -20.95 30.06
CA LYS D 35 -31.32 -21.85 30.47
C LYS D 35 -32.28 -21.13 31.40
N PRO D 36 -33.59 -21.33 31.25
CA PRO D 36 -34.54 -20.69 32.17
C PRO D 36 -34.21 -20.98 33.62
N SER D 37 -34.37 -19.96 34.46
CA SER D 37 -34.09 -20.05 35.89
C SER D 37 -35.20 -19.34 36.65
N THR D 38 -35.36 -19.72 37.90
CA THR D 38 -36.32 -19.05 38.78
C THR D 38 -35.76 -17.72 39.26
N ASN D 39 -36.55 -16.65 39.11
CA ASN D 39 -36.17 -15.31 39.54
C ASN D 39 -37.39 -14.70 40.22
N TYR D 40 -37.24 -13.51 40.77
CA TYR D 40 -38.24 -12.94 41.66
C TYR D 40 -38.59 -11.52 41.28
N LEU D 41 -39.89 -11.25 41.24
CA LEU D 41 -40.45 -9.94 40.94
C LEU D 41 -41.13 -9.43 42.21
N LYS D 42 -40.60 -8.37 42.79
CA LYS D 42 -41.20 -7.73 43.94
C LYS D 42 -42.18 -6.66 43.50
N PRO D 43 -43.01 -6.17 44.41
CA PRO D 43 -43.93 -5.08 44.06
C PRO D 43 -43.16 -3.92 43.43
N GLY D 44 -43.79 -3.31 42.43
CA GLY D 44 -43.15 -2.25 41.68
C GLY D 44 -42.12 -2.72 40.69
N TRP D 45 -42.16 -4.00 40.33
CA TRP D 45 -41.19 -4.50 39.36
C TRP D 45 -41.42 -3.93 37.97
N ILE D 46 -42.63 -3.48 37.69
CA ILE D 46 -42.98 -2.92 36.39
C ILE D 46 -42.62 -1.44 36.40
N LEU D 47 -41.53 -1.10 35.72
CA LEU D 47 -41.12 0.29 35.56
C LEU D 47 -41.59 0.81 34.21
N ASP D 48 -42.90 0.99 34.11
CA ASP D 48 -43.54 1.54 32.92
C ASP D 48 -43.69 3.04 33.15
N THR D 49 -43.15 3.85 32.25
CA THR D 49 -43.23 5.30 32.37
C THR D 49 -43.90 5.85 31.12
N HIS D 50 -44.83 6.77 31.36
CA HIS D 50 -45.64 7.33 30.30
C HIS D 50 -46.47 8.44 30.93
N PHE D 51 -47.10 9.26 30.08
CA PHE D 51 -48.12 10.16 30.57
C PHE D 51 -49.27 9.34 31.20
N THR D 52 -50.16 10.04 31.87
CA THR D 52 -51.29 9.39 32.53
C THR D 52 -52.37 9.06 31.50
N PHE D 53 -52.56 7.78 31.22
CA PHE D 53 -53.51 7.38 30.21
C PHE D 53 -54.91 7.86 30.58
N GLY D 54 -55.62 8.44 29.62
CA GLY D 54 -56.96 8.90 29.80
C GLY D 54 -57.11 10.39 30.06
N THR D 55 -56.03 11.08 30.40
CA THR D 55 -56.08 12.51 30.58
C THR D 55 -55.73 13.19 29.27
N SER D 56 -55.15 14.37 29.31
CA SER D 56 -54.66 15.04 28.12
C SER D 56 -53.22 15.46 28.34
N SER D 57 -52.53 15.77 27.26
CA SER D 57 -51.14 16.22 27.40
C SER D 57 -51.07 17.56 28.14
N GLU D 58 -52.02 18.47 27.88
CA GLU D 58 -52.04 19.73 28.59
C GLU D 58 -52.09 19.50 30.11
N PHE D 59 -53.03 18.67 30.55
CA PHE D 59 -53.13 18.34 31.96
C PHE D 59 -51.86 17.73 32.51
N TYR D 60 -51.38 16.65 31.87
CA TYR D 60 -50.20 15.97 32.40
C TYR D 60 -49.01 16.91 32.48
N ASN D 61 -48.81 17.74 31.45
CA ASN D 61 -47.66 18.62 31.41
C ASN D 61 -47.74 19.68 32.50
N LYS D 62 -48.95 20.03 32.94
CA LYS D 62 -49.05 20.92 34.10
C LYS D 62 -48.35 20.36 35.34
N SER D 63 -48.00 19.07 35.36
CA SER D 63 -47.28 18.53 36.50
C SER D 63 -45.94 19.22 36.74
N PHE D 64 -45.39 19.86 35.72
CA PHE D 64 -44.07 20.49 35.76
C PHE D 64 -44.15 22.01 35.84
N ASP D 65 -45.32 22.57 36.14
CA ASP D 65 -45.43 24.01 36.38
C ASP D 65 -45.04 24.33 37.81
N ALA D 66 -44.36 25.47 37.98
CA ALA D 66 -43.98 25.97 39.29
C ALA D 66 -44.63 27.33 39.51
N LEU D 67 -45.26 27.50 40.68
CA LEU D 67 -45.85 28.78 41.00
C LEU D 67 -44.78 29.87 41.09
N SER D 68 -45.25 31.12 41.17
CA SER D 68 -44.34 32.26 41.17
C SER D 68 -43.22 32.10 42.19
N PHE D 69 -43.58 31.75 43.43
CA PHE D 69 -42.61 31.74 44.51
C PHE D 69 -41.77 30.46 44.55
N ASN D 70 -42.11 29.45 43.76
CA ASN D 70 -41.28 28.27 43.61
C ASN D 70 -40.52 28.39 42.29
N HIS D 71 -39.64 27.43 42.05
CA HIS D 71 -38.86 27.39 40.83
C HIS D 71 -38.73 25.96 40.33
N VAL D 72 -38.22 25.81 39.12
CA VAL D 72 -37.97 24.49 38.54
C VAL D 72 -36.53 24.11 38.88
N ASP D 73 -36.39 23.11 39.74
CA ASP D 73 -35.07 22.67 40.16
C ASP D 73 -34.24 22.27 38.95
N SER D 74 -33.01 22.78 38.87
CA SER D 74 -32.19 22.55 37.67
C SER D 74 -31.64 21.14 37.62
N GLU D 75 -31.43 20.50 38.78
CA GLU D 75 -30.92 19.13 38.78
C GLU D 75 -31.97 18.14 38.31
N PHE D 76 -33.21 18.27 38.77
CA PHE D 76 -34.24 17.27 38.51
C PHE D 76 -35.36 17.76 37.62
N ASN D 77 -35.37 19.04 37.25
CA ASN D 77 -36.34 19.55 36.27
C ASN D 77 -37.77 19.26 36.70
N MET D 78 -38.04 19.52 37.98
CA MET D 78 -39.37 19.46 38.57
C MET D 78 -39.57 20.71 39.42
N SER D 79 -40.82 21.03 39.65
CA SER D 79 -41.13 22.19 40.49
C SER D 79 -40.71 21.92 41.94
N THR D 80 -40.23 22.97 42.62
CA THR D 80 -40.07 22.93 44.05
C THR D 80 -41.44 23.12 44.69
N CYS D 81 -41.50 23.03 46.02
CA CYS D 81 -42.65 22.39 46.62
C CYS D 81 -42.68 22.59 48.12
N ASN D 82 -43.90 22.85 48.65
CA ASN D 82 -44.08 22.91 50.10
C ASN D 82 -45.22 21.98 50.57
N ASP D 83 -46.25 21.82 49.75
CA ASP D 83 -47.27 20.80 50.02
C ASP D 83 -48.00 20.48 48.72
N ASP D 84 -48.85 19.47 48.77
CA ASP D 84 -49.52 18.98 47.57
C ASP D 84 -50.25 20.10 46.83
N SER D 85 -50.70 21.12 47.53
CA SER D 85 -51.50 22.15 46.89
C SER D 85 -50.70 23.01 45.92
N GLU D 86 -49.39 23.02 46.03
CA GLU D 86 -48.54 23.78 45.13
C GLU D 86 -48.10 23.00 43.90
N CYS D 87 -48.57 21.77 43.77
CA CYS D 87 -48.19 20.90 42.66
C CYS D 87 -49.38 20.72 41.72
N GLY D 88 -49.11 20.83 40.41
CA GLY D 88 -50.13 20.75 39.40
C GLY D 88 -50.19 19.38 38.73
N GLY D 89 -51.13 19.26 37.80
CA GLY D 89 -51.25 18.04 37.03
C GLY D 89 -51.47 16.84 37.94
N VAL D 90 -50.69 15.78 37.70
CA VAL D 90 -50.80 14.56 38.49
C VAL D 90 -49.68 14.46 39.52
N SER D 91 -48.93 15.54 39.73
CA SER D 91 -47.79 15.46 40.62
C SER D 91 -48.24 15.64 42.06
N THR D 92 -47.36 15.23 42.98
CA THR D 92 -47.58 15.48 44.41
C THR D 92 -46.26 15.91 45.03
N CYS D 93 -46.36 16.55 46.21
CA CYS D 93 -45.20 17.04 46.93
C CYS D 93 -44.52 15.87 47.65
N THR D 94 -43.23 15.70 47.40
CA THR D 94 -42.53 14.47 47.78
C THR D 94 -41.06 14.82 47.99
N ALA D 95 -40.40 14.11 48.88
CA ALA D 95 -38.99 14.34 49.18
C ALA D 95 -38.24 13.04 48.95
N PRO D 96 -37.95 12.69 47.69
CA PRO D 96 -37.35 11.38 47.43
C PRO D 96 -35.93 11.29 47.93
N ALA D 97 -35.55 10.08 48.32
CA ALA D 97 -34.15 9.85 48.70
C ALA D 97 -33.19 10.14 47.55
N TYR D 98 -33.64 10.01 46.30
CA TYR D 98 -32.69 10.22 45.22
C TYR D 98 -32.34 11.70 45.03
N THR D 99 -33.03 12.62 45.72
CA THR D 99 -32.65 14.02 45.72
C THR D 99 -31.68 14.35 46.85
N LYS D 100 -31.35 13.37 47.69
CA LYS D 100 -30.46 13.61 48.83
C LYS D 100 -29.02 13.74 48.33
N ASN D 101 -28.47 14.94 48.43
CA ASN D 101 -27.12 15.21 47.95
C ASN D 101 -26.08 14.62 48.91
N LYS D 102 -24.80 14.94 48.69
CA LYS D 102 -23.74 14.32 49.47
C LYS D 102 -23.79 14.73 50.94
N ASP D 103 -24.37 15.89 51.24
CA ASP D 103 -24.46 16.37 52.61
C ASP D 103 -25.74 15.92 53.32
N GLY D 104 -26.50 15.03 52.72
CA GLY D 104 -27.64 14.40 53.38
C GLY D 104 -28.97 15.10 53.25
N ASP D 105 -29.06 16.15 52.45
CA ASP D 105 -30.26 16.98 52.37
C ASP D 105 -31.08 16.63 51.13
N ALA D 106 -32.34 16.26 51.34
CA ALA D 106 -33.28 16.00 50.27
C ALA D 106 -34.00 17.29 49.89
N LYS D 107 -34.75 17.24 48.79
CA LYS D 107 -35.53 18.36 48.31
C LYS D 107 -36.99 17.97 48.14
N LYS D 108 -37.90 18.88 48.49
CA LYS D 108 -39.32 18.71 48.19
C LYS D 108 -39.58 19.10 46.74
N LEU D 109 -40.08 18.16 45.95
CA LEU D 109 -40.36 18.34 44.54
C LEU D 109 -41.75 17.83 44.21
N CYS D 110 -42.33 18.38 43.15
CA CYS D 110 -43.59 17.89 42.58
C CYS D 110 -43.25 16.70 41.68
N THR D 111 -43.39 15.49 42.22
CA THR D 111 -43.03 14.27 41.54
C THR D 111 -44.25 13.65 40.87
N VAL D 112 -43.97 12.84 39.86
CA VAL D 112 -45.00 12.18 39.06
C VAL D 112 -44.77 10.67 39.13
N PRO D 113 -45.72 9.86 38.71
CA PRO D 113 -45.50 8.40 38.75
C PRO D 113 -44.27 7.93 37.99
N ALA D 114 -43.95 8.54 36.84
CA ALA D 114 -42.83 8.08 36.02
C ALA D 114 -41.54 8.05 36.83
N ASP D 115 -41.41 8.95 37.81
CA ASP D 115 -40.21 9.02 38.61
C ASP D 115 -39.95 7.71 39.36
N LYS D 116 -40.90 6.78 39.33
CA LYS D 116 -40.64 5.47 39.92
C LYS D 116 -39.32 4.89 39.43
N ILE D 117 -38.97 5.12 38.16
CA ILE D 117 -37.73 4.54 37.64
C ILE D 117 -36.54 5.09 38.41
N LEU D 118 -36.55 6.38 38.72
CA LEU D 118 -35.47 6.93 39.55
C LEU D 118 -35.43 6.22 40.91
N ASP D 119 -36.60 6.04 41.53
CA ASP D 119 -36.65 5.32 42.80
C ASP D 119 -35.95 3.97 42.68
N ALA D 120 -36.20 3.27 41.57
CA ALA D 120 -35.67 1.93 41.45
C ALA D 120 -34.17 1.94 41.26
N ILE D 121 -33.64 2.97 40.57
CA ILE D 121 -32.21 2.99 40.31
C ILE D 121 -31.47 3.33 41.60
N TYR D 122 -31.83 4.45 42.22
CA TYR D 122 -31.22 4.85 43.49
C TYR D 122 -31.22 3.70 44.50
N ASP D 123 -32.41 3.22 44.87
CA ASP D 123 -32.50 2.13 45.84
C ASP D 123 -31.57 0.98 45.50
N ASN D 124 -31.51 0.61 44.22
CA ASN D 124 -30.74 -0.57 43.88
C ASN D 124 -29.25 -0.30 44.05
N ILE D 125 -28.82 0.92 43.69
CA ILE D 125 -27.38 1.21 43.66
C ILE D 125 -26.83 1.39 45.06
N VAL D 126 -27.56 2.08 45.95
CA VAL D 126 -27.03 2.37 47.26
C VAL D 126 -26.89 1.12 48.12
N SER D 127 -27.63 0.07 47.77
CA SER D 127 -27.55 -1.20 48.48
C SER D 127 -26.34 -2.04 48.07
N ALA D 128 -25.56 -1.60 47.09
CA ALA D 128 -24.55 -2.47 46.55
C ALA D 128 -23.48 -2.79 47.60
N LYS D 129 -23.08 -4.05 47.65
CA LYS D 129 -21.97 -4.46 48.49
C LYS D 129 -20.74 -4.90 47.69
N ARG D 130 -20.88 -5.02 46.37
CA ARG D 130 -19.82 -5.58 45.55
C ARG D 130 -19.64 -4.82 44.23
N SER D 131 -20.72 -4.66 43.47
CA SER D 131 -20.59 -4.17 42.11
C SER D 131 -21.83 -3.42 41.65
N VAL D 132 -21.58 -2.46 40.76
CA VAL D 132 -22.62 -1.70 40.08
C VAL D 132 -22.23 -1.65 38.60
N ASP D 133 -23.07 -2.21 37.75
CA ASP D 133 -22.77 -2.48 36.34
C ASP D 133 -23.82 -1.77 35.50
N ILE D 134 -23.45 -0.71 34.80
CA ILE D 134 -24.38 0.08 34.02
C ILE D 134 -23.96 0.02 32.56
N VAL D 135 -24.88 -0.44 31.71
CA VAL D 135 -24.73 -0.50 30.27
C VAL D 135 -25.88 0.29 29.62
N THR D 136 -25.55 1.11 28.65
CA THR D 136 -26.57 1.97 28.07
C THR D 136 -26.14 2.50 26.72
N LEU D 137 -26.93 3.42 26.17
CA LEU D 137 -26.65 4.08 24.90
C LEU D 137 -26.33 5.55 25.16
N GLN D 138 -25.33 6.05 24.45
CA GLN D 138 -24.89 7.42 24.64
C GLN D 138 -26.02 8.40 24.37
N PRO D 139 -26.20 9.42 25.23
CA PRO D 139 -27.21 10.45 24.94
C PRO D 139 -27.01 11.08 23.58
N MET D 140 -28.13 11.44 22.94
CA MET D 140 -28.10 11.94 21.57
C MET D 140 -27.45 13.32 21.48
N ASP D 141 -27.57 14.12 22.54
CA ASP D 141 -27.07 15.49 22.54
C ASP D 141 -27.42 16.23 21.26
N ILE D 142 -28.67 16.68 21.18
CA ILE D 142 -29.04 17.57 20.09
C ILE D 142 -28.50 18.97 20.28
N SER D 143 -28.18 19.35 21.52
CA SER D 143 -28.14 20.75 21.92
C SER D 143 -26.75 21.33 21.76
N HIS D 144 -25.76 20.72 22.39
CA HIS D 144 -24.50 21.41 22.55
C HIS D 144 -23.38 20.51 22.99
N LEU D 145 -23.37 20.17 24.28
CA LEU D 145 -22.23 19.53 24.91
C LEU D 145 -22.36 18.02 24.81
N ASN D 146 -21.35 17.39 24.22
CA ASN D 146 -21.20 15.94 24.25
C ASN D 146 -21.46 15.41 25.65
N LEU D 147 -22.64 14.84 25.90
CA LEU D 147 -22.93 14.21 27.17
C LEU D 147 -22.63 12.72 27.09
N SER D 148 -22.46 12.11 28.25
CA SER D 148 -22.19 10.68 28.33
C SER D 148 -23.06 10.02 29.40
N PHE D 149 -23.51 8.81 29.09
CA PHE D 149 -24.15 7.89 30.04
C PHE D 149 -25.55 8.28 30.47
N SER D 150 -25.79 9.55 30.74
CA SER D 150 -27.06 9.96 31.29
C SER D 150 -27.29 11.44 31.01
N SER D 151 -28.54 11.85 31.18
CA SER D 151 -28.91 13.26 31.02
C SER D 151 -30.12 13.55 31.89
N GLY D 152 -30.30 14.84 32.19
CA GLY D 152 -31.39 15.23 33.05
C GLY D 152 -31.32 14.61 34.43
N ALA D 153 -32.51 14.38 35.00
CA ALA D 153 -32.61 13.89 36.37
C ALA D 153 -31.75 12.66 36.57
N PHE D 154 -31.65 11.80 35.57
CA PHE D 154 -30.90 10.56 35.75
C PHE D 154 -29.51 10.86 36.26
N THR D 155 -28.86 11.86 35.67
CA THR D 155 -27.48 12.16 36.07
C THR D 155 -27.44 12.46 37.57
N ALA D 156 -28.28 13.39 38.02
CA ALA D 156 -28.29 13.74 39.43
C ALA D 156 -28.50 12.46 40.25
N THR D 157 -29.50 11.66 39.84
CA THR D 157 -29.82 10.44 40.56
C THR D 157 -28.56 9.60 40.71
N ILE D 158 -27.88 9.35 39.60
CA ILE D 158 -26.73 8.46 39.68
C ILE D 158 -25.71 9.05 40.65
N LYS D 159 -25.38 10.32 40.48
CA LYS D 159 -24.41 10.94 41.35
C LYS D 159 -24.82 10.75 42.81
N ASN D 160 -26.06 11.12 43.14
CA ASN D 160 -26.50 11.02 44.52
C ASN D 160 -26.38 9.59 45.00
N ALA D 161 -26.80 8.63 44.16
CA ALA D 161 -26.70 7.23 44.54
C ALA D 161 -25.27 6.89 44.91
N LEU D 162 -24.33 7.22 44.03
CA LEU D 162 -22.94 6.86 44.29
C LEU D 162 -22.47 7.52 45.59
N SER D 163 -22.82 8.80 45.80
CA SER D 163 -22.46 9.45 47.06
C SER D 163 -22.93 8.59 48.23
N GLN D 164 -24.22 8.25 48.25
CA GLN D 164 -24.74 7.43 49.33
C GLN D 164 -23.98 6.11 49.38
N LEU D 165 -23.78 5.48 48.23
CA LEU D 165 -23.08 4.21 48.20
C LEU D 165 -21.73 4.34 48.92
N ALA D 166 -21.01 5.41 48.59
CA ALA D 166 -19.68 5.59 49.18
C ALA D 166 -19.76 5.60 50.71
N LYS D 167 -20.77 6.27 51.26
CA LYS D 167 -20.94 6.28 52.71
C LYS D 167 -21.32 4.90 53.21
N ASN D 168 -22.21 4.20 52.50
CA ASN D 168 -22.68 2.91 52.98
C ASN D 168 -21.58 1.87 53.00
N THR D 169 -20.50 2.09 52.23
CA THR D 169 -19.45 1.09 52.06
C THR D 169 -18.12 1.61 52.61
N GLN D 170 -18.14 2.70 53.35
CA GLN D 170 -16.89 3.36 53.73
C GLN D 170 -16.00 2.51 54.64
N TYR D 171 -16.56 1.48 55.27
CA TYR D 171 -15.78 0.48 55.99
C TYR D 171 -15.71 -0.76 55.10
N SER D 172 -14.50 -1.09 54.67
CA SER D 172 -14.33 -1.76 53.40
C SER D 172 -14.47 -3.27 53.42
N ASP D 173 -13.38 -3.96 53.75
CA ASP D 173 -13.14 -5.37 53.43
C ASP D 173 -12.75 -5.48 51.95
N HIS D 174 -13.57 -4.97 51.04
CA HIS D 174 -13.18 -4.95 49.64
C HIS D 174 -13.77 -3.72 48.95
N HIS D 175 -13.19 -3.37 47.80
CA HIS D 175 -13.69 -2.25 47.00
C HIS D 175 -14.89 -2.68 46.16
N ILE D 176 -15.70 -1.69 45.78
CA ILE D 176 -16.89 -1.92 44.98
C ILE D 176 -16.56 -1.53 43.54
N THR D 177 -16.75 -2.46 42.61
CA THR D 177 -16.49 -2.20 41.20
C THR D 177 -17.70 -1.53 40.57
N VAL D 178 -17.53 -0.32 40.06
CA VAL D 178 -18.57 0.39 39.33
C VAL D 178 -18.14 0.52 37.87
N ARG D 179 -18.95 -0.03 36.96
CA ARG D 179 -18.71 0.04 35.53
C ARG D 179 -19.83 0.85 34.88
N LEU D 180 -19.46 1.83 34.06
CA LEU D 180 -20.39 2.54 33.19
C LEU D 180 -19.91 2.38 31.76
N LEU D 181 -20.75 1.80 30.89
CA LEU D 181 -20.43 1.58 29.50
C LEU D 181 -21.54 2.11 28.61
N GLN D 182 -21.19 2.94 27.64
CA GLN D 182 -22.17 3.44 26.68
C GLN D 182 -21.77 3.04 25.26
N GLY D 183 -22.77 2.60 24.49
CA GLY D 183 -22.57 2.50 23.05
C GLY D 183 -22.51 3.90 22.47
N SER D 184 -21.54 4.14 21.59
CA SER D 184 -21.30 5.47 21.04
C SER D 184 -21.62 5.46 19.56
N PHE D 185 -22.59 6.28 19.14
CA PHE D 185 -23.04 6.32 17.74
C PHE D 185 -22.02 7.02 16.85
N THR D 186 -22.19 6.86 15.49
CA THR D 186 -21.99 7.90 14.43
C THR D 186 -21.23 7.42 13.19
N PRO D 187 -20.30 8.16 12.54
CA PRO D 187 -19.28 9.23 12.65
C PRO D 187 -19.67 10.68 12.96
N MET D 188 -18.94 11.29 13.91
CA MET D 188 -19.50 12.34 14.76
C MET D 188 -19.61 13.62 13.93
N ASP D 192 -18.47 13.08 8.82
CA ASP D 192 -17.80 12.21 7.86
C ASP D 192 -17.03 11.11 8.61
N ALA D 193 -16.82 9.96 7.96
CA ALA D 193 -16.22 8.78 8.60
C ALA D 193 -14.71 8.74 8.45
N GLU D 194 -14.02 9.88 8.51
CA GLU D 194 -12.58 9.91 8.28
C GLU D 194 -11.75 9.99 9.56
N SER D 195 -12.30 10.50 10.65
CA SER D 195 -11.51 11.02 11.77
C SER D 195 -11.87 10.28 13.05
N GLU D 196 -11.42 9.03 13.15
CA GLU D 196 -11.70 8.26 14.36
C GLU D 196 -10.84 8.72 15.55
N GLU D 197 -9.61 9.16 15.27
CA GLU D 197 -8.73 9.62 16.34
C GLU D 197 -9.34 10.79 17.11
N GLU D 198 -9.79 11.82 16.38
CA GLU D 198 -10.42 12.97 17.03
C GLU D 198 -11.69 12.56 17.78
N GLU D 199 -12.42 11.60 17.24
CA GLU D 199 -13.59 11.05 17.94
C GLU D 199 -13.19 10.54 19.30
N ILE D 200 -12.17 9.67 19.34
CA ILE D 200 -11.68 9.11 20.59
C ILE D 200 -11.33 10.24 21.55
N ARG D 201 -10.66 11.28 21.03
CA ARG D 201 -10.24 12.39 21.88
C ARG D 201 -11.45 13.04 22.55
N GLN D 202 -12.48 13.34 21.77
CA GLN D 202 -13.67 13.98 22.32
C GLN D 202 -14.35 13.09 23.35
N LEU D 203 -14.54 11.81 23.01
CA LEU D 203 -15.15 10.88 23.95
C LEU D 203 -14.34 10.83 25.25
N SER D 204 -13.01 10.78 25.15
CA SER D 204 -12.19 10.73 26.35
C SER D 204 -12.40 11.95 27.21
N LEU D 205 -12.45 13.13 26.59
CA LEU D 205 -12.71 14.35 27.37
C LEU D 205 -14.04 14.26 28.12
N THR D 206 -15.11 13.89 27.41
CA THR D 206 -16.41 13.81 28.08
C THR D 206 -16.37 12.82 29.24
N GLN D 207 -15.76 11.65 29.02
CA GLN D 207 -15.72 10.61 30.05
C GLN D 207 -14.89 11.05 31.23
N THR D 208 -13.77 11.70 30.98
CA THR D 208 -12.96 12.25 32.06
C THR D 208 -13.77 13.21 32.89
N ASN D 209 -14.54 14.10 32.24
CA ASN D 209 -15.30 15.06 33.02
C ASN D 209 -16.41 14.39 33.83
N TYR D 210 -17.13 13.43 33.22
CA TYR D 210 -18.16 12.70 33.95
C TYR D 210 -17.57 12.05 35.19
N LEU D 211 -16.41 11.41 35.04
CA LEU D 211 -15.77 10.71 36.15
C LEU D 211 -15.30 11.69 37.22
N SER D 212 -14.64 12.76 36.81
CA SER D 212 -14.24 13.81 37.74
C SER D 212 -15.43 14.34 38.52
N GLU D 213 -16.55 14.56 37.84
CA GLU D 213 -17.74 15.09 38.49
C GLU D 213 -18.22 14.15 39.56
N ILE D 214 -18.27 12.84 39.26
CA ILE D 214 -18.61 11.88 40.30
C ILE D 214 -17.62 11.99 41.46
N ALA D 215 -16.32 11.90 41.15
CA ALA D 215 -15.29 11.94 42.18
C ALA D 215 -15.51 13.11 43.13
N SER D 216 -15.88 14.26 42.60
CA SER D 216 -15.97 15.45 43.43
C SER D 216 -17.09 15.38 44.44
N VAL D 217 -18.05 14.45 44.29
CA VAL D 217 -19.12 14.29 45.27
C VAL D 217 -18.93 13.05 46.12
N LEU D 218 -17.79 12.37 45.99
CA LEU D 218 -17.44 11.27 46.87
C LEU D 218 -16.44 11.74 47.94
N PRO D 219 -16.38 11.05 49.08
CA PRO D 219 -15.33 11.37 50.04
C PRO D 219 -13.96 11.26 49.38
N GLU D 220 -13.00 12.00 49.91
CA GLU D 220 -11.66 11.96 49.33
C GLU D 220 -11.11 10.55 49.32
N VAL D 221 -11.34 9.79 50.40
CA VAL D 221 -10.98 8.39 50.49
C VAL D 221 -12.27 7.58 50.54
N ASN D 222 -12.42 6.64 49.60
CA ASN D 222 -13.59 5.77 49.53
C ASN D 222 -13.18 4.45 48.88
N ASN D 223 -14.12 3.50 48.88
CA ASN D 223 -13.85 2.16 48.37
C ASN D 223 -14.50 1.89 47.02
N LEU D 224 -14.79 2.93 46.22
CA LEU D 224 -15.38 2.75 44.90
C LEU D 224 -14.32 2.85 43.81
N ASP D 225 -14.26 1.85 42.94
CA ASP D 225 -13.40 1.85 41.76
C ASP D 225 -14.30 2.05 40.56
N ILE D 226 -14.25 3.24 39.96
CA ILE D 226 -15.25 3.66 38.98
C ILE D 226 -14.60 3.75 37.61
N THR D 227 -15.13 2.99 36.66
CA THR D 227 -14.66 3.01 35.28
C THR D 227 -15.76 3.49 34.34
N VAL D 228 -15.41 4.41 33.45
CA VAL D 228 -16.31 4.89 32.41
C VAL D 228 -15.72 4.49 31.07
N GLY D 229 -16.61 4.19 30.12
CA GLY D 229 -16.14 3.73 28.82
C GLY D 229 -17.16 3.81 27.71
N SER D 230 -16.65 3.81 26.48
CA SER D 230 -17.44 3.85 25.27
C SER D 230 -17.02 2.71 24.36
N VAL D 231 -18.03 2.10 23.74
CA VAL D 231 -17.86 0.93 22.90
C VAL D 231 -18.58 1.12 21.57
N ARG D 232 -17.85 0.93 20.48
CA ARG D 232 -18.41 0.89 19.13
C ARG D 232 -17.70 -0.22 18.39
N SER D 233 -18.44 -1.19 17.85
CA SER D 233 -17.80 -2.37 17.28
C SER D 233 -17.66 -2.33 15.76
N CYS D 234 -18.17 -1.29 15.08
CA CYS D 234 -18.12 -1.26 13.63
C CYS D 234 -18.42 0.15 13.14
N ASN D 235 -17.58 0.62 12.23
CA ASN D 235 -17.64 1.99 11.69
C ASN D 235 -17.41 1.97 10.18
N LYS D 236 -17.75 0.85 9.53
CA LYS D 236 -17.27 0.61 8.18
C LYS D 236 -18.04 1.40 7.14
N LEU D 237 -19.38 1.47 7.27
CA LEU D 237 -20.27 2.10 6.31
C LEU D 237 -20.39 1.35 4.98
N ILE D 238 -19.26 0.96 4.39
CA ILE D 238 -19.24 0.42 3.04
C ILE D 238 -19.23 -1.10 2.99
N SER D 239 -19.26 -1.78 4.12
CA SER D 239 -19.28 -3.24 4.11
C SER D 239 -19.91 -3.79 5.39
N ASN D 240 -20.11 -5.09 5.39
CA ASN D 240 -20.84 -5.78 6.44
C ASN D 240 -20.10 -5.74 7.76
N CYS D 241 -20.85 -5.53 8.84
CA CYS D 241 -20.30 -5.43 10.18
C CYS D 241 -20.06 -6.79 10.83
N GLY D 242 -20.63 -7.86 10.27
CA GLY D 242 -20.59 -9.15 10.90
C GLY D 242 -21.97 -9.72 11.20
N ASN D 243 -22.69 -10.15 10.16
CA ASN D 243 -24.02 -10.75 10.33
C ASN D 243 -24.28 -11.63 9.11
N ASN D 244 -25.44 -12.28 9.11
CA ASN D 244 -25.88 -13.10 7.99
C ASN D 244 -27.09 -12.51 7.28
N ASN D 245 -27.21 -11.19 7.27
CA ASN D 245 -28.32 -10.54 6.58
C ASN D 245 -28.28 -10.84 5.09
N SER D 246 -29.45 -10.97 4.49
CA SER D 246 -29.56 -10.87 3.04
C SER D 246 -29.75 -9.42 2.60
N GLN D 247 -30.43 -8.60 3.40
CA GLN D 247 -30.51 -7.16 3.14
C GLN D 247 -29.15 -6.50 3.31
N LYS D 248 -28.93 -5.45 2.53
CA LYS D 248 -27.65 -4.74 2.51
C LYS D 248 -27.96 -3.24 2.47
N ASP D 249 -27.39 -2.49 3.41
CA ASP D 249 -27.62 -1.05 3.47
C ASP D 249 -26.49 -0.38 4.25
N VAL D 250 -26.12 0.82 3.79
CA VAL D 250 -25.10 1.62 4.47
C VAL D 250 -25.46 1.84 5.94
N LEU D 251 -26.74 2.03 6.23
CA LEU D 251 -27.11 2.32 7.62
C LEU D 251 -27.04 1.09 8.53
N LEU D 252 -26.98 -0.10 7.96
CA LEU D 252 -26.73 -1.32 8.74
C LEU D 252 -25.24 -1.61 8.90
N ASN D 253 -24.37 -0.79 8.33
CA ASN D 253 -22.93 -1.04 8.34
C ASN D 253 -22.21 -0.22 9.41
N VAL D 254 -22.89 0.04 10.53
CA VAL D 254 -22.28 0.59 11.74
C VAL D 254 -22.92 -0.14 12.92
N ALA D 255 -22.18 -0.20 14.03
CA ALA D 255 -22.71 -0.95 15.16
C ALA D 255 -22.08 -0.51 16.47
N TRP D 256 -22.94 -0.39 17.48
CA TRP D 256 -22.53 -0.08 18.83
C TRP D 256 -23.54 -0.74 19.77
N ASN D 257 -23.24 -0.72 21.06
CA ASN D 257 -24.16 -1.32 22.02
C ASN D 257 -25.46 -0.53 22.13
N HIS D 258 -26.56 -1.26 22.14
CA HIS D 258 -27.89 -0.71 22.38
C HIS D 258 -28.50 -1.29 23.65
N GLY D 259 -27.85 -2.27 24.27
CA GLY D 259 -28.39 -2.86 25.47
C GLY D 259 -28.41 -1.89 26.64
N LYS D 260 -29.36 -2.13 27.56
CA LYS D 260 -29.64 -1.22 28.67
C LYS D 260 -29.80 -2.03 29.94
N ILE D 261 -28.80 -1.91 30.83
CA ILE D 261 -28.72 -2.73 32.02
C ILE D 261 -28.25 -1.89 33.20
N ILE D 262 -28.83 -2.13 34.34
CA ILE D 262 -28.27 -1.69 35.61
C ILE D 262 -28.29 -2.91 36.51
N ASN D 263 -27.10 -3.43 36.82
CA ASN D 263 -26.92 -4.72 37.49
C ASN D 263 -26.15 -4.47 38.78
N VAL D 264 -26.77 -4.69 39.91
CA VAL D 264 -26.15 -4.48 41.21
C VAL D 264 -25.85 -5.83 41.84
N ASP D 265 -24.58 -6.02 42.20
CA ASP D 265 -24.05 -7.16 42.94
C ASP D 265 -24.25 -8.48 42.22
N ASN D 266 -24.51 -8.47 40.93
CA ASN D 266 -24.83 -9.69 40.20
C ASN D 266 -26.08 -10.34 40.78
N GLN D 267 -27.02 -9.53 41.26
CA GLN D 267 -28.24 -10.04 41.86
C GLN D 267 -29.47 -9.28 41.41
N SER D 268 -29.39 -7.95 41.38
CA SER D 268 -30.54 -7.10 41.08
C SER D 268 -30.35 -6.44 39.73
N VAL D 269 -31.29 -6.67 38.81
CA VAL D 269 -31.16 -6.14 37.45
C VAL D 269 -32.37 -5.28 37.09
N ILE D 270 -32.10 -4.09 36.57
CA ILE D 270 -33.07 -3.27 35.87
C ILE D 270 -32.71 -3.33 34.39
N THR D 271 -33.66 -3.72 33.57
CA THR D 271 -33.39 -3.79 32.13
C THR D 271 -34.66 -3.50 31.34
N GLY D 272 -34.46 -3.02 30.13
CA GLY D 272 -35.58 -2.76 29.25
C GLY D 272 -35.25 -1.76 28.20
N GLY D 273 -36.21 -0.91 27.84
CA GLY D 273 -36.00 0.01 26.75
C GLY D 273 -35.52 1.38 27.14
N HIS D 274 -35.53 1.68 28.44
CA HIS D 274 -35.20 3.02 28.88
C HIS D 274 -33.72 3.32 28.70
N ASN D 275 -33.42 4.32 27.88
CA ASN D 275 -32.14 5.02 28.05
C ASN D 275 -32.23 5.93 29.27
N LEU D 276 -31.07 6.34 29.79
CA LEU D 276 -31.03 7.18 30.99
C LEU D 276 -31.10 8.67 30.61
N TRP D 277 -32.19 9.02 29.93
CA TRP D 277 -32.37 10.33 29.31
C TRP D 277 -33.56 11.01 29.96
N GLY D 278 -33.28 12.00 30.82
CA GLY D 278 -34.32 12.54 31.67
C GLY D 278 -35.43 13.26 30.92
N ALA D 279 -35.05 14.13 29.99
CA ALA D 279 -36.01 14.94 29.25
C ALA D 279 -36.95 14.12 28.36
N ASP D 280 -36.56 12.93 27.94
CA ASP D 280 -37.40 12.13 27.06
C ASP D 280 -38.47 11.37 27.81
N TYR D 281 -38.31 11.22 29.12
CA TYR D 281 -39.22 10.39 29.89
C TYR D 281 -39.84 11.07 31.10
N LEU D 282 -39.10 11.95 31.78
CA LEU D 282 -39.48 12.42 33.10
C LEU D 282 -39.80 13.93 33.15
N GLN D 283 -40.18 14.50 32.00
CA GLN D 283 -40.55 15.91 31.92
C GLN D 283 -41.84 15.99 31.12
N ARG D 284 -42.09 17.13 30.51
CA ARG D 284 -43.25 17.27 29.66
C ARG D 284 -43.17 16.32 28.46
N ASN D 285 -44.36 15.98 27.93
CA ASN D 285 -44.50 15.17 26.73
C ASN D 285 -43.65 13.91 26.79
N PRO D 286 -43.84 13.08 27.81
CA PRO D 286 -42.99 11.90 27.99
C PRO D 286 -43.18 10.88 26.88
N VAL D 287 -42.10 10.24 26.51
CA VAL D 287 -42.13 9.08 25.65
C VAL D 287 -42.48 7.85 26.49
N ASN D 288 -43.37 7.02 25.98
CA ASN D 288 -43.77 5.83 26.72
C ASN D 288 -42.69 4.77 26.61
N ASP D 289 -42.36 4.12 27.72
CA ASP D 289 -41.36 3.05 27.70
C ASP D 289 -41.53 2.15 28.93
N LEU D 290 -40.76 1.07 28.93
CA LEU D 290 -40.91 0.01 29.91
C LEU D 290 -39.55 -0.59 30.21
N SER D 291 -39.23 -0.69 31.49
CA SER D 291 -38.15 -1.52 31.99
C SER D 291 -38.73 -2.34 33.14
N ILE D 292 -37.98 -3.33 33.59
CA ILE D 292 -38.39 -4.08 34.75
C ILE D 292 -37.22 -4.22 35.72
N ASN D 293 -37.58 -4.51 36.96
CA ASN D 293 -36.68 -4.63 38.11
C ASN D 293 -36.87 -6.05 38.62
N ILE D 294 -35.82 -6.87 38.53
CA ILE D 294 -35.93 -8.30 38.81
C ILE D 294 -34.73 -8.72 39.63
N LEU D 295 -34.90 -9.80 40.39
CA LEU D 295 -33.86 -10.30 41.27
C LEU D 295 -33.70 -11.79 41.09
N GLY D 296 -32.46 -12.25 40.94
CA GLY D 296 -32.18 -13.67 40.88
C GLY D 296 -31.03 -14.02 39.94
N PRO D 297 -30.92 -15.31 39.63
CA PRO D 297 -29.78 -15.78 38.79
C PRO D 297 -29.77 -15.20 37.37
N ILE D 298 -30.88 -14.62 36.91
CA ILE D 298 -30.85 -13.97 35.62
C ILE D 298 -29.80 -12.87 35.60
N ALA D 299 -29.50 -12.29 36.77
CA ALA D 299 -28.47 -11.26 36.84
C ALA D 299 -27.16 -11.78 36.28
N SER D 300 -26.86 -13.06 36.54
CA SER D 300 -25.67 -13.70 35.98
C SER D 300 -25.56 -13.44 34.48
N THR D 301 -26.63 -13.72 33.74
CA THR D 301 -26.61 -13.49 32.31
C THR D 301 -26.29 -12.03 31.99
N ALA D 302 -26.92 -11.09 32.69
CA ALA D 302 -26.62 -9.69 32.40
C ALA D 302 -25.14 -9.42 32.61
N THR D 303 -24.57 -9.94 33.72
CA THR D 303 -23.16 -9.72 33.99
C THR D 303 -22.33 -10.24 32.83
N LYS D 304 -22.68 -11.43 32.33
CA LYS D 304 -21.96 -12.00 31.19
C LYS D 304 -22.01 -11.06 29.99
N TYR D 305 -23.21 -10.55 29.67
CA TYR D 305 -23.32 -9.55 28.61
C TYR D 305 -22.32 -8.44 28.84
N GLY D 306 -22.37 -7.82 30.01
CA GLY D 306 -21.44 -6.75 30.28
C GLY D 306 -19.99 -7.18 30.10
N ASN D 307 -19.65 -8.34 30.65
CA ASN D 307 -18.28 -8.84 30.50
C ASN D 307 -17.91 -8.95 29.04
N THR D 308 -18.82 -9.47 28.22
CA THR D 308 -18.51 -9.62 26.80
C THR D 308 -18.13 -8.28 26.22
N LEU D 309 -18.91 -7.24 26.52
CA LEU D 309 -18.60 -5.93 25.97
C LEU D 309 -17.28 -5.41 26.56
N TRP D 310 -17.13 -5.53 27.88
CA TRP D 310 -15.98 -4.92 28.53
C TRP D 310 -14.69 -5.61 28.09
N ASN D 311 -14.72 -6.93 28.00
CA ASN D 311 -13.61 -7.65 27.39
C ASN D 311 -13.23 -7.03 26.04
N TYR D 312 -14.24 -6.86 25.17
CA TYR D 312 -13.98 -6.25 23.87
C TYR D 312 -13.35 -4.88 24.03
N VAL D 313 -13.86 -4.07 24.96
CA VAL D 313 -13.30 -2.75 25.15
C VAL D 313 -11.86 -2.84 25.63
N CYS D 314 -11.55 -3.81 26.51
CA CYS D 314 -10.23 -3.83 27.13
C CYS D 314 -9.17 -4.39 26.19
N ASN D 315 -9.53 -5.38 25.37
CA ASN D 315 -8.61 -6.02 24.42
C ASN D 315 -8.84 -5.53 23.01
N ASN D 316 -9.36 -4.32 22.86
CA ASN D 316 -9.45 -3.61 21.58
C ASN D 316 -9.65 -2.12 21.88
N THR D 317 -8.96 -1.61 22.90
CA THR D 317 -9.03 -0.19 23.28
C THR D 317 -8.14 0.62 22.34
N GLY D 318 -8.70 1.72 21.81
CA GLY D 318 -7.99 2.52 20.85
C GLY D 318 -8.56 2.39 19.45
N THR D 319 -8.64 1.14 18.96
CA THR D 319 -9.26 0.90 17.66
C THR D 319 -10.70 1.42 17.67
N ILE D 320 -11.15 1.85 16.49
CA ILE D 320 -12.48 2.44 16.29
C ILE D 320 -12.63 3.57 17.30
N THR D 321 -13.73 3.57 18.07
CA THR D 321 -13.96 4.61 19.09
C THR D 321 -14.08 4.02 20.51
N ASN D 322 -13.27 3.01 20.82
CA ASN D 322 -13.36 2.30 22.09
C ASN D 322 -12.35 2.89 23.06
N THR D 323 -12.86 3.44 24.17
CA THR D 323 -11.97 4.13 25.10
C THR D 323 -12.55 4.03 26.48
N PHE D 324 -11.69 4.10 27.50
CA PHE D 324 -12.15 3.98 28.87
C PHE D 324 -11.15 4.62 29.81
N VAL D 325 -11.58 4.85 31.05
CA VAL D 325 -10.68 5.30 32.10
C VAL D 325 -11.32 4.97 33.44
N THR D 326 -10.46 4.74 34.45
CA THR D 326 -10.89 4.36 35.79
C THR D 326 -10.36 5.37 36.79
N TYR D 327 -11.15 5.62 37.84
CA TYR D 327 -10.72 6.42 38.99
C TYR D 327 -10.85 5.55 40.23
N ALA D 328 -9.76 5.43 40.97
CA ALA D 328 -9.71 4.55 42.14
C ALA D 328 -8.56 4.98 43.02
N ASN D 329 -8.79 4.97 44.33
CA ASN D 329 -7.79 5.40 45.30
C ASN D 329 -7.22 6.77 44.93
N GLY D 330 -8.09 7.66 44.47
CA GLY D 330 -7.67 9.02 44.18
C GLY D 330 -6.81 9.16 42.95
N GLN D 331 -6.75 8.14 42.09
CA GLN D 331 -5.89 8.17 40.93
C GLN D 331 -6.69 7.76 39.70
N TYR D 332 -6.38 8.38 38.57
CA TYR D 332 -6.88 7.90 37.29
C TYR D 332 -5.93 6.81 36.78
N THR D 333 -6.50 5.71 36.31
CA THR D 333 -5.71 4.60 35.79
C THR D 333 -6.40 4.01 34.58
N TYR D 334 -5.74 3.03 33.96
CA TYR D 334 -6.31 2.22 32.88
C TYR D 334 -6.55 0.78 33.32
N ASP D 335 -6.66 0.51 34.62
CA ASP D 335 -7.17 -0.78 35.08
C ASP D 335 -8.52 -1.02 34.42
N CYS D 336 -8.63 -2.07 33.63
CA CYS D 336 -9.84 -2.29 32.85
C CYS D 336 -10.68 -3.38 33.49
N PRO D 337 -11.90 -3.08 33.91
CA PRO D 337 -12.74 -4.11 34.59
C PRO D 337 -13.39 -5.02 33.55
N ALA D 338 -12.59 -5.87 32.93
CA ALA D 338 -13.10 -6.73 31.87
C ALA D 338 -14.01 -7.82 32.41
N HIS D 339 -13.95 -8.11 33.73
CA HIS D 339 -14.67 -9.27 34.25
C HIS D 339 -15.15 -9.00 35.66
N ILE D 340 -16.47 -8.97 35.83
CA ILE D 340 -17.12 -9.15 37.12
C ILE D 340 -17.58 -10.61 37.20
N SER D 341 -17.43 -11.22 38.37
CA SER D 341 -17.80 -12.63 38.51
C SER D 341 -19.29 -12.82 38.22
N SER D 342 -19.60 -13.80 37.37
CA SER D 342 -20.98 -14.08 37.00
C SER D 342 -21.63 -15.17 37.87
N THR D 343 -20.87 -15.80 38.75
CA THR D 343 -21.45 -16.85 39.57
C THR D 343 -22.46 -16.26 40.55
N TYR D 344 -23.68 -16.82 40.55
CA TYR D 344 -24.77 -16.25 41.33
C TYR D 344 -24.71 -16.70 42.78
N VAL D 345 -24.89 -15.75 43.70
CA VAL D 345 -25.04 -16.01 45.12
C VAL D 345 -26.37 -15.38 45.55
N ALA D 346 -27.27 -16.20 46.08
CA ALA D 346 -28.58 -15.69 46.49
C ALA D 346 -28.39 -14.77 47.69
N PRO D 347 -28.93 -13.56 47.67
CA PRO D 347 -28.93 -12.72 48.87
C PRO D 347 -29.95 -13.25 49.89
N THR D 348 -29.77 -12.86 51.15
CA THR D 348 -30.74 -13.27 52.16
C THR D 348 -32.08 -12.61 51.86
N ASP D 349 -33.16 -13.38 52.03
CA ASP D 349 -34.49 -12.95 51.61
C ASP D 349 -34.52 -12.57 50.14
N ALA D 350 -33.83 -13.37 49.31
CA ALA D 350 -33.94 -13.23 47.86
C ALA D 350 -35.28 -13.75 47.35
N LYS D 351 -35.81 -14.80 47.95
CA LYS D 351 -37.05 -15.45 47.53
C LYS D 351 -38.30 -14.63 47.86
N ASN D 352 -38.14 -13.33 48.09
CA ASN D 352 -39.27 -12.45 48.35
C ASN D 352 -39.88 -12.01 47.03
N GLY D 353 -41.20 -12.14 46.95
CA GLY D 353 -41.94 -11.72 45.76
C GLY D 353 -42.42 -12.91 44.95
N LEU D 354 -42.82 -12.62 43.71
CA LEU D 354 -43.38 -13.62 42.82
C LEU D 354 -42.25 -14.34 42.09
N ALA D 355 -42.20 -15.66 42.25
CA ALA D 355 -41.24 -16.49 41.54
C ALA D 355 -41.70 -16.76 40.10
N VAL D 356 -40.83 -16.47 39.14
CA VAL D 356 -41.13 -16.62 37.71
C VAL D 356 -39.96 -17.28 37.00
N LYS D 357 -40.27 -17.91 35.87
CA LYS D 357 -39.26 -18.53 35.01
C LYS D 357 -38.76 -17.50 33.99
N VAL D 358 -37.44 -17.33 33.91
CA VAL D 358 -36.89 -16.31 33.02
C VAL D 358 -35.66 -16.84 32.32
N MET D 359 -35.51 -16.48 31.04
CA MET D 359 -34.26 -16.70 30.33
C MET D 359 -33.77 -15.39 29.74
N SER D 360 -32.51 -15.35 29.34
CA SER D 360 -31.94 -14.20 28.65
C SER D 360 -31.77 -14.50 27.15
N ILE D 361 -31.78 -13.44 26.34
CA ILE D 361 -31.37 -13.55 24.95
C ILE D 361 -30.64 -12.28 24.52
N SER D 362 -29.64 -12.43 23.68
CA SER D 362 -28.77 -11.32 23.35
C SER D 362 -28.42 -11.36 21.88
N LYS D 363 -27.91 -10.23 21.42
CA LYS D 363 -27.36 -10.06 20.07
C LYS D 363 -25.98 -9.43 20.28
N LEU D 364 -24.93 -10.23 20.09
CA LEU D 364 -23.55 -9.81 20.30
C LEU D 364 -22.76 -9.94 19.01
N ASN D 365 -23.49 -9.95 17.91
CA ASN D 365 -23.08 -9.83 16.52
C ASN D 365 -22.24 -8.62 16.16
N ASN D 366 -21.91 -8.52 14.88
CA ASN D 366 -21.56 -7.26 14.23
C ASN D 366 -20.33 -6.61 14.85
N GLY D 367 -19.30 -7.43 15.05
CA GLY D 367 -17.98 -6.95 15.40
C GLY D 367 -17.50 -7.31 16.78
N VAL D 368 -18.39 -7.73 17.67
CA VAL D 368 -17.98 -8.10 19.02
C VAL D 368 -17.69 -9.60 19.05
N LEU D 369 -18.72 -10.43 18.88
CA LEU D 369 -18.51 -11.87 18.80
C LEU D 369 -18.66 -12.31 17.34
N ASP D 370 -18.66 -13.63 17.11
CA ASP D 370 -18.83 -14.21 15.79
C ASP D 370 -20.08 -13.66 15.13
N LYS D 371 -20.12 -13.66 13.82
CA LYS D 371 -21.26 -13.12 13.09
C LYS D 371 -22.55 -13.93 13.28
N ASP D 372 -22.46 -15.14 13.80
CA ASP D 372 -23.66 -15.94 14.04
C ASP D 372 -24.33 -15.61 15.37
N ALA D 373 -23.76 -14.70 16.15
CA ALA D 373 -24.18 -14.54 17.54
C ALA D 373 -25.35 -13.58 17.65
N ASP D 374 -26.40 -13.81 16.85
CA ASP D 374 -27.66 -13.08 16.96
C ASP D 374 -28.78 -14.08 17.27
N GLN D 375 -28.92 -14.42 18.55
CA GLN D 375 -29.99 -15.33 18.97
C GLN D 375 -31.26 -14.62 19.42
N SER D 376 -31.20 -13.29 19.63
CA SER D 376 -32.40 -12.55 20.03
C SER D 376 -33.46 -12.60 18.94
N GLU D 377 -33.07 -12.30 17.69
CA GLU D 377 -33.99 -12.39 16.57
C GLU D 377 -34.59 -13.78 16.44
N VAL D 378 -33.74 -14.81 16.48
CA VAL D 378 -34.23 -16.17 16.34
C VAL D 378 -35.27 -16.46 17.42
N ALA D 379 -34.97 -16.08 18.66
CA ALA D 379 -35.89 -16.41 19.75
C ALA D 379 -37.25 -15.77 19.53
N ARG D 380 -37.26 -14.51 19.08
CA ARG D 380 -38.55 -13.83 18.86
C ARG D 380 -39.30 -14.42 17.68
N VAL D 381 -38.57 -14.79 16.63
CA VAL D 381 -39.24 -15.44 15.50
C VAL D 381 -39.88 -16.74 15.95
N TYR D 382 -39.18 -17.51 16.76
CA TYR D 382 -39.75 -18.76 17.25
C TYR D 382 -40.99 -18.49 18.07
N ALA D 383 -40.90 -17.54 19.02
CA ALA D 383 -42.04 -17.23 19.87
C ALA D 383 -43.27 -16.89 19.02
N PHE D 384 -43.10 -16.04 18.01
CA PHE D 384 -44.25 -15.65 17.21
C PHE D 384 -44.76 -16.81 16.35
N LYS D 385 -43.86 -17.59 15.76
CA LYS D 385 -44.29 -18.72 14.96
C LYS D 385 -45.01 -19.79 15.78
N ASN D 386 -44.76 -19.84 17.09
CA ASN D 386 -45.35 -20.87 17.92
C ASN D 386 -46.43 -20.36 18.88
N ALA D 387 -46.81 -19.09 18.76
CA ALA D 387 -47.98 -18.61 19.49
C ALA D 387 -49.20 -19.44 19.09
N THR D 388 -50.02 -19.79 20.07
CA THR D 388 -51.23 -20.54 19.78
C THR D 388 -52.50 -19.71 19.89
N LYS D 389 -52.46 -18.56 20.59
CA LYS D 389 -53.65 -17.78 20.82
C LYS D 389 -53.49 -16.32 20.43
N SER D 390 -52.46 -15.64 20.94
CA SER D 390 -52.33 -14.22 20.67
C SER D 390 -50.89 -13.76 20.70
N ILE D 391 -50.66 -12.65 20.02
CA ILE D 391 -49.38 -11.95 20.00
C ILE D 391 -49.73 -10.48 20.19
N LYS D 392 -49.30 -9.90 21.30
CA LYS D 392 -49.42 -8.48 21.56
C LYS D 392 -48.04 -7.83 21.39
N ILE D 393 -47.97 -6.77 20.61
CA ILE D 393 -46.69 -6.15 20.29
C ILE D 393 -46.77 -4.66 20.57
N SER D 394 -45.79 -4.12 21.28
CA SER D 394 -45.67 -2.67 21.44
C SER D 394 -44.24 -2.27 21.08
N GLN D 395 -44.12 -1.41 20.07
CA GLN D 395 -42.83 -1.04 19.52
C GLN D 395 -42.85 0.42 19.12
N GLN D 396 -41.66 0.98 18.95
CA GLN D 396 -41.59 2.27 18.30
C GLN D 396 -41.96 2.13 16.83
N ALA D 397 -41.31 1.19 16.14
CA ALA D 397 -41.44 1.04 14.70
C ALA D 397 -41.15 -0.41 14.34
N LEU D 398 -41.70 -0.83 13.20
CA LEU D 398 -41.50 -2.18 12.71
C LEU D 398 -40.60 -2.23 11.49
N PHE D 399 -40.41 -1.11 10.82
CA PHE D 399 -39.56 -1.01 9.65
C PHE D 399 -38.68 0.22 9.83
N PHE D 400 -37.62 0.29 9.03
CA PHE D 400 -36.64 1.35 9.15
C PHE D 400 -36.17 1.76 7.76
N LYS D 401 -36.08 3.08 7.56
CA LYS D 401 -35.70 3.62 6.24
C LYS D 401 -34.19 3.54 6.06
N GLY D 402 -33.76 2.89 4.98
CA GLY D 402 -32.35 2.81 4.66
C GLY D 402 -31.82 4.09 4.08
N ALA D 403 -30.52 4.07 3.81
CA ALA D 403 -29.79 5.29 3.47
C ALA D 403 -30.43 6.04 2.31
N PHE D 404 -30.87 5.32 1.28
CA PHE D 404 -31.40 5.98 0.08
C PHE D 404 -32.86 5.64 -0.16
N GLY D 405 -33.60 5.42 0.93
CA GLY D 405 -35.03 5.25 0.86
C GLY D 405 -35.51 3.82 0.91
N LYS D 406 -34.62 2.85 0.85
CA LYS D 406 -35.05 1.47 0.82
C LYS D 406 -35.72 1.12 2.15
N VAL D 407 -36.85 0.44 2.10
CA VAL D 407 -37.47 -0.10 3.29
C VAL D 407 -36.64 -1.28 3.79
N LEU D 408 -36.19 -1.21 5.03
CA LEU D 408 -35.53 -2.34 5.69
C LEU D 408 -36.52 -2.99 6.67
N HIS D 409 -36.68 -4.30 6.54
CA HIS D 409 -37.61 -5.08 7.35
C HIS D 409 -36.86 -5.84 8.43
N PRO D 410 -37.58 -6.37 9.41
CA PRO D 410 -36.92 -7.19 10.44
C PRO D 410 -36.09 -8.32 9.84
N LEU D 411 -34.93 -8.56 10.44
CA LEU D 411 -33.87 -9.29 9.78
C LEU D 411 -34.19 -10.77 9.60
N LYS D 412 -33.58 -11.36 8.58
CA LYS D 412 -33.65 -12.79 8.35
C LYS D 412 -32.89 -13.58 9.40
N THR D 413 -33.47 -14.70 9.83
CA THR D 413 -32.83 -15.73 10.62
C THR D 413 -32.96 -17.06 9.87
N ILE D 414 -32.31 -18.10 10.44
CA ILE D 414 -32.46 -19.44 9.90
C ILE D 414 -33.91 -19.90 9.87
N ASP D 415 -34.79 -19.23 10.63
CA ASP D 415 -36.20 -19.59 10.68
C ASP D 415 -37.08 -18.53 10.02
N GLY D 416 -36.51 -17.69 9.17
CA GLY D 416 -37.27 -16.63 8.56
C GLY D 416 -37.25 -15.35 9.36
N THR D 417 -38.17 -14.46 8.98
CA THR D 417 -38.26 -13.14 9.58
C THR D 417 -39.44 -13.06 10.54
N VAL D 418 -39.48 -11.95 11.27
CA VAL D 418 -40.62 -11.66 12.13
C VAL D 418 -41.87 -11.48 11.29
N MET D 419 -41.74 -10.85 10.13
CA MET D 419 -42.94 -10.62 9.31
C MET D 419 -43.46 -11.94 8.73
N GLU D 420 -42.57 -12.86 8.38
CA GLU D 420 -43.04 -14.16 7.95
C GLU D 420 -43.72 -14.91 9.08
N ALA D 421 -43.21 -14.73 10.32
CA ALA D 421 -43.82 -15.41 11.46
C ALA D 421 -45.17 -14.82 11.82
N LEU D 422 -45.30 -13.50 11.77
CA LEU D 422 -46.60 -12.90 12.01
C LEU D 422 -47.59 -13.29 10.93
N ALA D 423 -47.13 -13.37 9.68
CA ALA D 423 -48.03 -13.82 8.62
C ALA D 423 -48.51 -15.24 8.88
N SER D 424 -47.60 -16.10 9.34
CA SER D 424 -48.01 -17.46 9.69
C SER D 424 -49.02 -17.46 10.83
N ALA D 425 -48.80 -16.62 11.84
CA ALA D 425 -49.73 -16.57 12.96
C ALA D 425 -51.12 -16.10 12.53
N ILE D 426 -51.16 -15.09 11.65
CA ILE D 426 -52.43 -14.57 11.16
C ILE D 426 -53.14 -15.60 10.31
N TYR D 427 -52.39 -16.31 9.46
CA TYR D 427 -53.00 -17.35 8.62
C TYR D 427 -53.63 -18.43 9.47
N LYS D 428 -53.00 -18.78 10.60
CA LYS D 428 -53.50 -19.83 11.49
C LYS D 428 -54.61 -19.34 12.41
N GLY D 429 -54.96 -18.05 12.38
CA GLY D 429 -56.00 -17.51 13.22
C GLY D 429 -55.53 -16.95 14.55
N VAL D 430 -54.23 -16.78 14.74
CA VAL D 430 -53.71 -16.18 15.95
C VAL D 430 -53.99 -14.68 15.91
N THR D 431 -54.48 -14.13 17.02
CA THR D 431 -54.70 -12.69 17.07
C THR D 431 -53.38 -11.96 17.18
N VAL D 432 -53.20 -10.91 16.40
CA VAL D 432 -52.01 -10.09 16.43
C VAL D 432 -52.46 -8.64 16.65
N ASP D 433 -52.24 -8.14 17.87
CA ASP D 433 -52.51 -6.75 18.25
C ASP D 433 -51.19 -6.00 18.35
N ILE D 434 -51.04 -4.92 17.59
CA ILE D 434 -49.80 -4.14 17.56
C ILE D 434 -50.08 -2.70 17.96
N VAL D 435 -49.23 -2.17 18.81
CA VAL D 435 -49.22 -0.73 19.11
C VAL D 435 -47.86 -0.21 18.67
N THR D 436 -47.86 0.75 17.76
CA THR D 436 -46.62 1.43 17.38
C THR D 436 -46.61 2.84 17.97
N SER D 437 -45.46 3.50 17.85
CA SER D 437 -45.44 4.94 18.05
C SER D 437 -46.31 5.60 17.00
N SER D 438 -46.61 6.88 17.20
CA SER D 438 -47.33 7.59 16.16
C SER D 438 -46.39 7.86 14.98
N LEU D 439 -46.98 8.03 13.81
CA LEU D 439 -46.21 8.49 12.67
C LEU D 439 -45.64 9.88 12.93
N ASP D 440 -46.42 10.73 13.57
CA ASP D 440 -46.01 12.12 13.86
C ASP D 440 -45.39 12.22 15.23
N GLY D 441 -44.40 11.39 15.50
CA GLY D 441 -43.75 11.38 16.79
C GLY D 441 -42.31 11.86 16.77
N GLY D 442 -42.00 12.70 15.79
CA GLY D 442 -40.69 13.32 15.74
C GLY D 442 -39.58 12.29 15.79
N ILE D 443 -38.65 12.50 16.72
CA ILE D 443 -37.50 11.62 16.93
C ILE D 443 -37.91 10.20 17.26
N TYR D 444 -39.14 9.99 17.70
CA TYR D 444 -39.61 8.67 18.09
C TYR D 444 -40.78 8.26 17.19
N SER D 445 -40.67 8.44 15.91
CA SER D 445 -41.75 8.16 14.99
C SER D 445 -41.78 6.68 14.61
N SER D 446 -42.94 6.22 14.14
CA SER D 446 -43.09 4.86 13.66
C SER D 446 -42.49 4.64 12.27
N GLY D 447 -42.20 5.72 11.54
CA GLY D 447 -41.56 5.63 10.24
C GLY D 447 -42.49 5.27 9.10
N TYR D 448 -43.49 4.41 9.36
CA TYR D 448 -44.35 3.85 8.33
C TYR D 448 -45.75 3.79 8.91
N ASN D 449 -46.75 4.03 8.05
CA ASN D 449 -48.12 4.02 8.57
C ASN D 449 -48.62 2.58 8.69
N SER D 450 -49.81 2.44 9.28
CA SER D 450 -50.41 1.12 9.46
C SER D 450 -50.70 0.45 8.12
N GLU D 451 -51.14 1.23 7.14
CA GLU D 451 -51.43 0.67 5.83
C GLU D 451 -50.20 0.00 5.23
N PHE D 452 -49.02 0.60 5.41
CA PHE D 452 -47.81 -0.01 4.89
C PHE D 452 -47.61 -1.42 5.46
N VAL D 453 -47.83 -1.57 6.76
CA VAL D 453 -47.59 -2.84 7.44
C VAL D 453 -48.60 -3.88 6.96
N TYR D 454 -49.89 -3.50 6.93
CA TYR D 454 -50.94 -4.35 6.37
C TYR D 454 -50.57 -4.84 4.98
N ASN D 455 -50.16 -3.94 4.09
CA ASN D 455 -49.82 -4.33 2.72
C ASN D 455 -48.59 -5.23 2.69
N TYR D 456 -47.60 -4.95 3.53
CA TYR D 456 -46.40 -5.80 3.55
C TYR D 456 -46.77 -7.24 3.93
N LEU D 457 -47.64 -7.41 4.93
CA LEU D 457 -48.08 -8.75 5.30
C LEU D 457 -48.94 -9.40 4.21
N LEU D 458 -49.79 -8.61 3.56
CA LEU D 458 -50.54 -9.10 2.40
C LEU D 458 -49.59 -9.69 1.38
N ASN D 459 -48.50 -9.00 1.11
CA ASN D 459 -47.56 -9.48 0.12
C ASN D 459 -46.86 -10.74 0.62
N VAL D 460 -46.53 -10.80 1.90
CA VAL D 460 -45.96 -12.04 2.43
C VAL D 460 -46.90 -13.22 2.17
N LEU D 461 -48.20 -13.00 2.37
CA LEU D 461 -49.17 -14.06 2.16
C LEU D 461 -49.42 -14.35 0.69
N HIS D 462 -49.08 -13.41 -0.20
CA HIS D 462 -49.19 -13.67 -1.63
C HIS D 462 -48.10 -14.59 -2.16
N LYS D 463 -46.96 -14.66 -1.47
CA LYS D 463 -45.82 -15.44 -1.90
C LYS D 463 -45.85 -16.85 -1.31
N ALA D 464 -44.93 -17.68 -1.78
CA ALA D 464 -44.82 -19.02 -1.20
C ALA D 464 -44.50 -18.91 0.28
N PRO D 465 -44.94 -19.87 1.09
CA PRO D 465 -45.68 -21.08 0.71
C PRO D 465 -47.19 -20.93 0.65
N TYR D 466 -47.71 -19.74 0.89
CA TYR D 466 -49.16 -19.57 0.96
C TYR D 466 -49.78 -19.34 -0.41
N TYR D 467 -49.23 -18.44 -1.21
CA TYR D 467 -49.75 -18.14 -2.55
C TYR D 467 -51.20 -17.67 -2.53
N LEU D 468 -51.56 -16.83 -1.56
CA LEU D 468 -52.96 -16.43 -1.41
C LEU D 468 -53.32 -15.31 -2.38
N GLU D 469 -54.45 -15.48 -3.07
CA GLU D 469 -55.10 -14.38 -3.77
C GLU D 469 -55.33 -13.20 -2.82
N ARG D 470 -55.07 -12.00 -3.32
CA ARG D 470 -55.04 -10.82 -2.46
C ARG D 470 -56.30 -10.66 -1.61
N ASN D 471 -57.48 -10.67 -2.25
CA ASN D 471 -58.70 -10.47 -1.50
C ASN D 471 -58.99 -11.59 -0.49
N TYR D 472 -58.47 -12.79 -0.72
CA TYR D 472 -58.60 -13.86 0.28
C TYR D 472 -57.65 -13.66 1.46
N ALA D 473 -56.42 -13.23 1.21
CA ALA D 473 -55.51 -12.87 2.30
C ALA D 473 -56.07 -11.74 3.15
N LYS D 474 -56.81 -10.83 2.52
CA LYS D 474 -57.41 -9.76 3.30
C LYS D 474 -58.37 -10.29 4.37
N THR D 475 -59.04 -11.42 4.13
CA THR D 475 -59.99 -11.90 5.13
C THR D 475 -59.26 -12.25 6.41
N PHE D 476 -58.15 -13.00 6.29
CA PHE D 476 -57.32 -13.28 7.45
C PHE D 476 -56.86 -12.01 8.14
N LEU D 477 -56.29 -11.07 7.38
CA LEU D 477 -55.74 -9.87 8.01
C LEU D 477 -56.83 -9.09 8.76
N ASP D 478 -57.96 -8.88 8.09
CA ASP D 478 -59.05 -8.10 8.68
C ASP D 478 -59.59 -8.78 9.92
N LYS D 479 -59.55 -10.11 9.96
CA LYS D 479 -60.10 -10.79 11.12
C LYS D 479 -59.14 -10.78 12.29
N ASN D 480 -57.83 -10.92 12.04
CA ASN D 480 -56.91 -11.24 13.11
C ASN D 480 -55.79 -10.23 13.35
N LEU D 481 -55.60 -9.26 12.47
CA LEU D 481 -54.55 -8.27 12.61
C LEU D 481 -55.17 -6.92 12.99
N HIS D 482 -54.59 -6.26 13.99
CA HIS D 482 -55.13 -5.00 14.51
C HIS D 482 -53.97 -4.10 14.88
N ILE D 483 -53.71 -3.08 14.06
CA ILE D 483 -52.58 -2.19 14.24
C ILE D 483 -53.10 -0.84 14.69
N ASN D 484 -52.65 -0.40 15.85
CA ASN D 484 -52.98 0.89 16.41
C ASN D 484 -51.68 1.64 16.64
N PHE D 485 -51.82 2.91 17.02
CA PHE D 485 -50.65 3.64 17.50
C PHE D 485 -50.99 4.33 18.82
N ILE D 486 -49.92 4.66 19.56
CA ILE D 486 -50.06 5.11 20.93
C ILE D 486 -50.73 6.47 20.96
N SER D 487 -51.66 6.64 21.91
CA SER D 487 -52.24 7.93 22.21
C SER D 487 -52.52 7.96 23.71
N ILE D 488 -52.38 9.13 24.31
CA ILE D 488 -52.66 9.29 25.72
C ILE D 488 -54.14 9.12 26.01
N ASN D 489 -55.02 9.41 25.01
CA ASN D 489 -56.45 9.47 25.29
C ASN D 489 -57.30 9.10 24.09
N GLY D 490 -56.75 8.43 23.07
CA GLY D 490 -57.51 8.10 21.90
C GLY D 490 -57.84 9.24 20.96
N ARG D 491 -57.39 10.46 21.28
CA ARG D 491 -57.60 11.61 20.41
C ARG D 491 -56.29 12.23 19.94
N GLU D 492 -55.33 12.44 20.82
CA GLU D 492 -54.10 13.09 20.44
C GLU D 492 -53.31 12.21 19.47
N THR D 493 -52.63 12.86 18.56
CA THR D 493 -52.17 12.24 17.31
C THR D 493 -50.64 12.24 17.17
N ASN D 494 -49.93 12.78 18.14
CA ASN D 494 -48.49 12.97 18.01
C ASN D 494 -47.71 12.45 19.22
N ASN D 495 -48.25 11.44 19.89
CA ASN D 495 -47.59 10.88 21.08
C ASN D 495 -46.54 9.86 20.65
N MET D 496 -45.69 9.49 21.57
CA MET D 496 -44.46 8.78 21.27
C MET D 496 -44.30 7.57 22.16
N SER D 497 -43.76 6.50 21.58
CA SER D 497 -43.41 5.31 22.35
C SER D 497 -42.08 4.77 21.88
N HIS D 498 -41.31 4.23 22.84
CA HIS D 498 -40.00 3.62 22.62
C HIS D 498 -40.00 2.16 23.02
N ASN D 499 -41.19 1.57 23.26
CA ASN D 499 -41.30 0.20 23.73
C ASN D 499 -40.51 -0.77 22.84
N LYS D 500 -39.97 -1.83 23.48
CA LYS D 500 -39.53 -3.04 22.78
C LYS D 500 -40.23 -4.18 23.52
N LEU D 501 -41.50 -4.44 23.22
CA LEU D 501 -42.29 -5.37 24.02
C LEU D 501 -43.09 -6.32 23.14
N TRP D 502 -43.14 -7.60 23.55
CA TRP D 502 -44.11 -8.50 22.97
C TRP D 502 -44.53 -9.52 24.01
N ILE D 503 -45.76 -10.02 23.85
CA ILE D 503 -46.42 -10.93 24.76
C ILE D 503 -47.11 -11.99 23.91
N VAL D 504 -46.78 -13.26 24.12
CA VAL D 504 -47.37 -14.37 23.42
C VAL D 504 -48.27 -15.12 24.39
N ASP D 505 -49.51 -15.36 23.97
CA ASP D 505 -50.46 -16.20 24.67
C ASP D 505 -50.69 -15.76 26.11
N ASP D 506 -50.59 -14.47 26.36
CA ASP D 506 -50.81 -13.92 27.70
C ASP D 506 -50.00 -14.70 28.74
N LYS D 507 -48.74 -14.98 28.39
CA LYS D 507 -47.97 -15.92 29.18
C LYS D 507 -46.47 -15.69 29.08
N VAL D 508 -45.97 -15.36 27.89
CA VAL D 508 -44.54 -15.22 27.64
C VAL D 508 -44.29 -13.82 27.11
N PHE D 509 -43.44 -13.07 27.78
CA PHE D 509 -43.20 -11.71 27.32
C PHE D 509 -41.72 -11.36 27.36
N TYR D 510 -41.36 -10.43 26.47
CA TYR D 510 -39.97 -9.96 26.33
C TYR D 510 -39.83 -8.55 26.87
N VAL D 511 -38.79 -8.32 27.66
CA VAL D 511 -38.38 -6.97 28.04
C VAL D 511 -36.90 -6.82 27.76
N GLY D 512 -36.53 -5.73 27.09
CA GLY D 512 -35.14 -5.55 26.72
C GLY D 512 -35.00 -4.42 25.70
N SER D 513 -33.90 -4.49 24.93
CA SER D 513 -33.49 -3.37 24.09
C SER D 513 -33.78 -3.60 22.60
N HIS D 514 -34.13 -4.83 22.22
CA HIS D 514 -34.10 -5.20 20.81
C HIS D 514 -35.41 -4.81 20.12
N ASN D 515 -35.36 -3.70 19.36
CA ASN D 515 -36.49 -3.34 18.53
C ASN D 515 -36.78 -4.42 17.50
N ILE D 516 -38.03 -4.48 17.06
CA ILE D 516 -38.37 -5.32 15.90
C ILE D 516 -37.79 -4.73 14.61
N TYR D 517 -37.81 -3.41 14.48
CA TYR D 517 -37.17 -2.83 13.31
C TYR D 517 -35.67 -3.09 13.35
N PRO D 518 -35.04 -3.24 12.18
CA PRO D 518 -33.67 -3.74 12.14
C PRO D 518 -32.57 -2.71 12.36
N SER D 519 -31.49 -3.19 12.95
CA SER D 519 -30.23 -2.48 13.09
C SER D 519 -29.16 -3.53 13.22
N SER D 520 -27.90 -3.09 13.33
CA SER D 520 -26.79 -3.97 13.65
C SER D 520 -26.30 -3.81 15.08
N LEU D 521 -27.03 -3.07 15.91
CA LEU D 521 -26.59 -2.82 17.27
C LEU D 521 -26.76 -4.06 18.15
N GLN D 522 -25.87 -4.17 19.15
CA GLN D 522 -25.96 -5.26 20.10
C GLN D 522 -27.11 -5.04 21.08
N GLN D 523 -27.69 -6.15 21.56
CA GLN D 523 -28.92 -6.06 22.34
C GLN D 523 -28.89 -7.04 23.49
N PHE D 524 -29.58 -6.67 24.57
CA PHE D 524 -29.81 -7.56 25.69
C PHE D 524 -31.28 -7.54 26.06
N GLY D 525 -31.83 -8.70 26.44
CA GLY D 525 -33.19 -8.74 26.95
C GLY D 525 -33.45 -10.04 27.69
N VAL D 526 -34.65 -10.11 28.30
CA VAL D 526 -35.09 -11.30 29.00
C VAL D 526 -36.47 -11.67 28.54
N ILE D 527 -36.77 -12.96 28.68
CA ILE D 527 -38.06 -13.54 28.34
C ILE D 527 -38.61 -14.17 29.61
N VAL D 528 -39.75 -13.66 30.05
CA VAL D 528 -40.45 -14.11 31.25
C VAL D 528 -41.58 -15.01 30.83
N ASP D 529 -41.74 -16.15 31.50
CA ASP D 529 -42.83 -17.08 31.22
C ASP D 529 -43.61 -17.26 32.51
N ASP D 530 -44.75 -16.59 32.63
CA ASP D 530 -45.56 -16.68 33.84
C ASP D 530 -46.89 -15.97 33.65
N LYS D 531 -47.99 -16.68 33.94
CA LYS D 531 -49.31 -16.12 33.69
C LYS D 531 -49.62 -14.98 34.65
N ASP D 532 -49.26 -15.13 35.94
CA ASP D 532 -49.53 -14.09 36.93
C ASP D 532 -48.80 -12.80 36.58
N ALA D 533 -47.50 -12.90 36.30
CA ALA D 533 -46.73 -11.70 35.98
C ALA D 533 -47.27 -11.05 34.72
N THR D 534 -47.55 -11.87 33.70
CA THR D 534 -48.09 -11.31 32.45
C THR D 534 -49.40 -10.59 32.71
N ALA D 535 -50.23 -11.15 33.59
CA ALA D 535 -51.49 -10.52 33.94
C ALA D 535 -51.25 -9.17 34.59
N GLN D 536 -50.26 -9.08 35.47
CA GLN D 536 -49.97 -7.81 36.11
C GLN D 536 -49.48 -6.80 35.07
N LEU D 537 -48.68 -7.26 34.12
CA LEU D 537 -48.16 -6.37 33.09
C LEU D 537 -49.28 -5.88 32.18
N GLU D 538 -50.26 -6.72 31.92
CA GLU D 538 -51.37 -6.32 31.07
C GLU D 538 -52.30 -5.38 31.83
N LYS D 539 -52.52 -5.65 33.11
CA LYS D 539 -53.39 -4.79 33.90
C LYS D 539 -52.79 -3.41 34.05
N GLN D 540 -51.50 -3.34 34.22
CA GLN D 540 -50.85 -2.07 34.48
C GLN D 540 -50.52 -1.31 33.20
N LEU D 541 -50.04 -1.98 32.16
CA LEU D 541 -49.60 -1.28 30.97
C LEU D 541 -50.43 -1.61 29.74
N TRP D 542 -50.53 -2.88 29.34
CA TRP D 542 -51.10 -3.16 28.02
C TRP D 542 -52.55 -2.69 27.92
N THR D 543 -53.40 -3.10 28.85
CA THR D 543 -54.83 -2.77 28.74
C THR D 543 -55.10 -1.28 28.68
N PRO D 544 -54.58 -0.45 29.58
CA PRO D 544 -54.78 1.00 29.40
C PRO D 544 -54.22 1.55 28.08
N MET D 545 -53.00 1.15 27.71
CA MET D 545 -52.42 1.63 26.47
C MET D 545 -53.30 1.28 25.28
N TRP D 546 -53.72 0.02 25.19
CA TRP D 546 -54.57 -0.43 24.11
C TRP D 546 -55.89 0.31 24.09
N LYS D 547 -56.51 0.50 25.26
CA LYS D 547 -57.80 1.18 25.32
C LYS D 547 -57.69 2.61 24.81
N ASN D 548 -56.56 3.27 25.07
CA ASN D 548 -56.40 4.66 24.65
C ASN D 548 -55.73 4.80 23.29
N SER D 549 -55.27 3.71 22.69
CA SER D 549 -54.59 3.79 21.40
C SER D 549 -55.57 4.16 20.31
N ILE D 550 -55.04 4.52 19.15
CA ILE D 550 -55.85 4.94 18.01
C ILE D 550 -55.67 3.94 16.89
N HIS D 551 -56.78 3.61 16.24
CA HIS D 551 -56.81 2.76 15.08
C HIS D 551 -57.14 3.58 13.84
N VAL D 552 -56.27 3.52 12.85
CA VAL D 552 -56.57 4.06 11.51
C VAL D 552 -57.15 2.93 10.70
N PRO D 553 -58.39 3.03 10.24
CA PRO D 553 -58.98 1.94 9.46
C PRO D 553 -58.37 1.83 8.07
N ILE D 554 -58.35 0.61 7.55
CA ILE D 554 -57.74 0.30 6.26
C ILE D 554 -58.80 0.35 5.15
N ASN E 10 24.90 -35.93 43.66
CA ASN E 10 24.78 -34.77 44.53
C ASN E 10 24.92 -33.45 43.76
N GLU E 11 26.06 -33.29 43.10
CA GLU E 11 26.35 -32.03 42.42
C GLU E 11 25.62 -31.93 41.09
N LEU E 12 25.84 -30.82 40.39
CA LEU E 12 25.21 -30.60 39.10
C LEU E 12 25.76 -31.56 38.07
N ASP E 13 24.86 -32.18 37.30
CA ASP E 13 25.22 -33.10 36.23
C ASP E 13 24.67 -32.54 34.92
N VAL E 14 25.51 -32.46 33.90
CA VAL E 14 25.06 -31.92 32.62
C VAL E 14 23.87 -32.72 32.09
N ASN E 15 23.78 -33.99 32.45
CA ASN E 15 22.65 -34.81 32.01
C ASN E 15 21.32 -34.23 32.49
N ASP E 16 21.30 -33.67 33.69
CA ASP E 16 20.07 -33.07 34.20
C ASP E 16 19.69 -31.85 33.38
N ILE E 17 20.70 -31.09 32.91
CA ILE E 17 20.45 -29.97 32.02
C ILE E 17 19.83 -30.45 30.72
N TYR E 18 20.46 -31.47 30.12
CA TYR E 18 19.92 -32.02 28.90
C TYR E 18 18.50 -32.50 29.09
N ASP E 19 18.24 -33.20 30.20
CA ASP E 19 16.92 -33.77 30.44
C ASP E 19 15.88 -32.67 30.58
N HIS E 20 16.25 -31.55 31.23
CA HIS E 20 15.31 -30.44 31.36
C HIS E 20 15.00 -29.82 30.00
N LEU E 21 16.04 -29.50 29.22
CA LEU E 21 15.80 -28.94 27.90
C LEU E 21 14.95 -29.88 27.05
N ASN E 22 15.23 -31.19 27.13
CA ASN E 22 14.50 -32.16 26.32
C ASN E 22 13.05 -32.28 26.77
N GLU E 23 12.77 -32.06 28.06
CA GLU E 23 11.38 -32.13 28.49
C GLU E 23 10.62 -30.90 28.07
N LYS E 24 11.27 -29.73 28.12
CA LYS E 24 10.57 -28.48 27.81
C LYS E 24 10.67 -28.06 26.34
N TYR E 25 11.70 -28.50 25.63
CA TYR E 25 11.97 -28.03 24.27
C TYR E 25 12.43 -29.18 23.38
N SER E 26 11.69 -30.30 23.42
CA SER E 26 12.12 -31.47 22.68
C SER E 26 12.23 -31.18 21.19
N GLN E 27 11.39 -30.27 20.68
CA GLN E 27 11.40 -29.96 19.25
C GLN E 27 12.70 -29.29 18.80
N PHE E 28 13.54 -28.82 19.73
CA PHE E 28 14.82 -28.21 19.41
C PHE E 28 16.00 -29.10 19.77
N ASN E 29 15.76 -30.34 20.18
CA ASN E 29 16.82 -31.31 20.37
C ASN E 29 17.59 -31.48 19.06
N ASP E 30 18.92 -31.44 19.15
CA ASP E 30 19.80 -31.49 17.98
C ASP E 30 19.60 -30.27 17.09
N VAL E 31 19.08 -29.18 17.63
CA VAL E 31 18.97 -27.92 16.89
C VAL E 31 19.69 -26.86 17.72
N THR E 32 19.24 -26.67 18.96
CA THR E 32 19.85 -25.71 19.88
C THR E 32 20.49 -26.38 21.09
N PHE E 33 20.42 -27.70 21.18
CA PHE E 33 21.13 -28.44 22.21
C PHE E 33 21.27 -29.89 21.77
N SER E 34 22.13 -30.63 22.46
CA SER E 34 22.48 -31.97 22.07
C SER E 34 22.68 -32.85 23.29
N LYS E 35 22.40 -34.13 23.13
CA LYS E 35 22.69 -35.11 24.15
C LYS E 35 24.18 -35.11 24.48
N PRO E 36 24.55 -35.09 25.77
CA PRO E 36 25.98 -35.09 26.11
C PRO E 36 26.73 -36.24 25.44
N SER E 37 27.92 -35.93 24.95
CA SER E 37 28.76 -36.88 24.26
C SER E 37 30.17 -36.81 24.83
N THR E 38 30.93 -37.90 24.60
CA THR E 38 32.31 -37.96 25.01
C THR E 38 33.20 -37.27 23.98
N ASN E 39 34.05 -36.36 24.45
CA ASN E 39 34.95 -35.59 23.59
C ASN E 39 36.29 -35.53 24.28
N TYR E 40 37.28 -34.98 23.58
CA TYR E 40 38.67 -35.11 23.99
C TYR E 40 39.40 -33.78 24.01
N LEU E 41 40.09 -33.54 25.12
CA LEU E 41 40.90 -32.36 25.33
C LEU E 41 42.37 -32.76 25.46
N LYS E 42 43.18 -32.32 24.51
CA LYS E 42 44.61 -32.58 24.54
C LYS E 42 45.32 -31.44 25.24
N PRO E 43 46.59 -31.63 25.58
CA PRO E 43 47.38 -30.52 26.15
C PRO E 43 47.28 -29.29 25.27
N GLY E 44 47.15 -28.13 25.91
CA GLY E 44 46.95 -26.88 25.22
C GLY E 44 45.50 -26.56 24.88
N TRP E 45 44.56 -27.36 25.35
CA TRP E 45 43.17 -27.13 24.99
C TRP E 45 42.66 -25.79 25.49
N ILE E 46 43.24 -25.26 26.56
CA ILE E 46 42.77 -23.99 27.12
C ILE E 46 43.45 -22.85 26.37
N LEU E 47 42.69 -22.14 25.55
CA LEU E 47 43.18 -20.98 24.81
C LEU E 47 42.74 -19.70 25.52
N ASP E 48 43.30 -19.51 26.72
CA ASP E 48 43.07 -18.32 27.52
C ASP E 48 44.17 -17.32 27.16
N THR E 49 43.77 -16.16 26.64
CA THR E 49 44.73 -15.13 26.27
C THR E 49 44.50 -13.91 27.13
N HIS E 50 45.61 -13.33 27.60
CA HIS E 50 45.58 -12.21 28.55
C HIS E 50 47.02 -11.78 28.81
N PHE E 51 47.16 -10.61 29.43
CA PHE E 51 48.46 -10.21 29.93
C PHE E 51 48.90 -11.19 31.01
N THR E 52 50.16 -11.08 31.43
CA THR E 52 50.73 -11.99 32.41
C THR E 52 50.27 -11.54 33.81
N PHE E 53 49.32 -12.28 34.37
CA PHE E 53 48.82 -11.97 35.69
C PHE E 53 49.96 -11.86 36.68
N GLY E 54 49.83 -10.92 37.62
CA GLY E 54 50.79 -10.74 38.69
C GLY E 54 51.97 -9.87 38.38
N THR E 55 52.03 -9.27 37.18
CA THR E 55 53.14 -8.40 36.80
C THR E 55 52.60 -6.97 36.70
N SER E 56 52.64 -6.38 35.52
CA SER E 56 52.20 -5.01 35.30
C SER E 56 52.09 -4.81 33.81
N SER E 57 51.26 -3.83 33.41
CA SER E 57 51.09 -3.56 31.99
C SER E 57 52.36 -2.98 31.39
N GLU E 58 53.08 -2.13 32.12
CA GLU E 58 54.39 -1.68 31.66
C GLU E 58 55.28 -2.85 31.27
N PHE E 59 55.42 -3.81 32.17
CA PHE E 59 56.24 -4.97 31.88
C PHE E 59 55.69 -5.78 30.71
N TYR E 60 54.39 -6.10 30.73
CA TYR E 60 53.85 -6.95 29.67
C TYR E 60 54.02 -6.28 28.30
N ASN E 61 53.68 -4.99 28.23
CA ASN E 61 53.71 -4.26 26.97
C ASN E 61 55.11 -4.14 26.41
N LYS E 62 56.14 -4.23 27.28
CA LYS E 62 57.49 -4.30 26.73
C LYS E 62 57.68 -5.50 25.79
N SER E 63 56.76 -6.46 25.80
CA SER E 63 56.90 -7.62 24.93
C SER E 63 56.85 -7.25 23.46
N PHE E 64 56.33 -6.07 23.13
CA PHE E 64 56.18 -5.62 21.77
C PHE E 64 57.17 -4.52 21.40
N ASP E 65 58.10 -4.22 22.30
CA ASP E 65 59.19 -3.32 21.97
C ASP E 65 60.18 -3.99 21.02
N ALA E 66 60.63 -3.23 20.03
CA ALA E 66 61.66 -3.67 19.09
C ALA E 66 62.92 -2.83 19.28
N LEU E 67 64.07 -3.50 19.26
CA LEU E 67 65.33 -2.77 19.28
C LEU E 67 65.51 -1.97 17.99
N SER E 68 66.42 -1.00 18.06
CA SER E 68 66.60 -0.08 16.94
C SER E 68 66.87 -0.82 15.63
N PHE E 69 67.71 -1.86 15.67
CA PHE E 69 68.08 -2.55 14.44
C PHE E 69 67.03 -3.54 13.98
N ASN E 70 66.01 -3.83 14.79
CA ASN E 70 64.87 -4.62 14.38
C ASN E 70 63.70 -3.66 14.11
N HIS E 71 62.54 -4.23 13.77
CA HIS E 71 61.35 -3.44 13.53
C HIS E 71 60.12 -4.24 13.96
N VAL E 72 58.96 -3.60 13.88
CA VAL E 72 57.68 -4.23 14.19
C VAL E 72 57.07 -4.70 12.88
N ASP E 73 57.05 -6.02 12.69
CA ASP E 73 56.47 -6.61 11.50
C ASP E 73 55.02 -6.14 11.32
N SER E 74 54.69 -5.78 10.07
CA SER E 74 53.38 -5.19 9.80
C SER E 74 52.29 -6.24 9.71
N GLU E 75 52.64 -7.48 9.35
CA GLU E 75 51.64 -8.53 9.24
C GLU E 75 51.18 -9.01 10.61
N PHE E 76 52.11 -9.10 11.58
CA PHE E 76 51.82 -9.73 12.86
C PHE E 76 51.97 -8.80 14.06
N ASN E 77 52.44 -7.57 13.87
CA ASN E 77 52.46 -6.58 14.95
C ASN E 77 53.25 -7.08 16.15
N MET E 78 54.39 -7.70 15.87
CA MET E 78 55.35 -8.10 16.87
C MET E 78 56.73 -7.68 16.37
N SER E 79 57.70 -7.69 17.27
CA SER E 79 59.06 -7.30 16.94
C SER E 79 59.76 -8.41 16.18
N THR E 80 60.59 -8.04 15.20
CA THR E 80 61.51 -8.99 14.60
C THR E 80 62.65 -9.29 15.58
N CYS E 81 63.55 -10.19 15.15
CA CYS E 81 64.16 -11.07 16.13
C CYS E 81 65.27 -11.96 15.62
N ASN E 82 66.36 -12.05 16.38
CA ASN E 82 67.44 -12.98 16.08
C ASN E 82 67.67 -14.00 17.18
N ASP E 83 67.53 -13.62 18.45
CA ASP E 83 67.54 -14.57 19.55
C ASP E 83 66.77 -13.97 20.71
N ASP E 84 66.60 -14.78 21.77
CA ASP E 84 65.76 -14.38 22.90
C ASP E 84 66.19 -13.04 23.48
N SER E 85 67.49 -12.74 23.46
CA SER E 85 67.99 -11.56 24.15
C SER E 85 67.49 -10.25 23.54
N GLU E 86 66.93 -10.28 22.33
CA GLU E 86 66.42 -9.09 21.68
C GLU E 86 64.92 -8.90 21.91
N CYS E 87 64.29 -9.78 22.68
CA CYS E 87 62.87 -9.73 22.96
C CYS E 87 62.68 -9.29 24.40
N GLY E 88 61.78 -8.33 24.60
CA GLY E 88 61.48 -7.81 25.91
C GLY E 88 60.22 -8.39 26.53
N GLY E 89 59.93 -7.93 27.73
CA GLY E 89 58.73 -8.36 28.42
C GLY E 89 58.75 -9.85 28.71
N VAL E 90 57.69 -10.53 28.31
CA VAL E 90 57.56 -11.97 28.48
C VAL E 90 57.71 -12.71 27.16
N SER E 91 58.12 -12.01 26.10
CA SER E 91 58.21 -12.65 24.79
C SER E 91 59.53 -13.38 24.62
N THR E 92 59.55 -14.30 23.66
CA THR E 92 60.74 -15.04 23.29
C THR E 92 60.85 -15.07 21.77
N CYS E 93 62.06 -15.36 21.27
CA CYS E 93 62.30 -15.42 19.83
C CYS E 93 61.81 -16.76 19.27
N THR E 94 60.95 -16.72 18.27
CA THR E 94 60.22 -17.89 17.82
C THR E 94 59.93 -17.72 16.34
N ALA E 95 59.89 -18.82 15.60
CA ALA E 95 59.61 -18.80 14.17
C ALA E 95 58.35 -19.63 13.93
N PRO E 96 57.18 -19.12 14.28
CA PRO E 96 55.98 -19.95 14.22
C PRO E 96 55.63 -20.32 12.78
N ALA E 97 54.98 -21.48 12.66
CA ALA E 97 54.54 -21.94 11.35
C ALA E 97 53.48 -21.02 10.76
N TYR E 98 52.76 -20.25 11.59
CA TYR E 98 51.70 -19.39 11.06
C TYR E 98 52.26 -18.13 10.40
N THR E 99 53.57 -17.87 10.54
CA THR E 99 54.20 -16.81 9.77
C THR E 99 54.66 -17.28 8.39
N LYS E 100 54.60 -18.58 8.12
CA LYS E 100 55.07 -19.14 6.86
C LYS E 100 54.19 -18.67 5.72
N ASN E 101 54.72 -17.80 4.87
CA ASN E 101 53.97 -17.27 3.74
C ASN E 101 53.89 -18.32 2.62
N LYS E 102 53.30 -17.93 1.48
CA LYS E 102 53.01 -18.90 0.44
C LYS E 102 54.28 -19.51 -0.13
N ASP E 103 55.39 -18.78 -0.10
CA ASP E 103 56.65 -19.32 -0.62
C ASP E 103 57.38 -20.20 0.39
N GLY E 104 56.82 -20.37 1.59
CA GLY E 104 57.37 -21.31 2.56
C GLY E 104 58.34 -20.70 3.54
N ASP E 105 58.38 -19.38 3.69
CA ASP E 105 59.36 -18.70 4.52
C ASP E 105 58.72 -18.22 5.82
N ALA E 106 59.24 -18.70 6.94
CA ALA E 106 58.81 -18.22 8.24
C ALA E 106 59.61 -16.99 8.65
N LYS E 107 59.10 -16.29 9.65
CA LYS E 107 59.77 -15.14 10.23
C LYS E 107 60.10 -15.41 11.69
N LYS E 108 61.20 -14.81 12.16
CA LYS E 108 61.56 -14.82 13.58
C LYS E 108 60.91 -13.60 14.23
N LEU E 109 60.05 -13.83 15.21
CA LEU E 109 59.32 -12.79 15.90
C LEU E 109 59.40 -13.00 17.40
N CYS E 110 59.20 -11.90 18.13
CA CYS E 110 59.11 -11.93 19.60
C CYS E 110 57.66 -12.27 19.96
N THR E 111 57.40 -13.54 20.19
CA THR E 111 56.06 -14.03 20.48
C THR E 111 55.79 -14.09 21.97
N VAL E 112 54.51 -14.11 22.32
CA VAL E 112 54.06 -14.14 23.70
C VAL E 112 53.12 -15.32 23.88
N PRO E 113 52.80 -15.70 25.12
CA PRO E 113 51.88 -16.85 25.33
C PRO E 113 50.52 -16.71 24.64
N ALA E 114 49.97 -15.51 24.55
CA ALA E 114 48.66 -15.35 23.90
C ALA E 114 48.66 -15.88 22.47
N ASP E 115 49.78 -15.77 21.76
CA ASP E 115 49.84 -16.23 20.39
C ASP E 115 49.49 -17.69 20.28
N LYS E 116 49.34 -18.40 21.40
CA LYS E 116 48.90 -19.79 21.32
C LYS E 116 47.64 -19.93 20.48
N ILE E 117 46.73 -18.95 20.55
CA ILE E 117 45.50 -19.07 19.78
C ILE E 117 45.81 -19.13 18.27
N LEU E 118 46.73 -18.30 17.80
CA LEU E 118 47.19 -18.41 16.42
C LEU E 118 47.64 -19.84 16.14
N ASP E 119 48.53 -20.36 16.98
CA ASP E 119 49.01 -21.72 16.75
C ASP E 119 47.85 -22.69 16.58
N ALA E 120 46.82 -22.55 17.41
CA ALA E 120 45.72 -23.51 17.35
C ALA E 120 44.94 -23.39 16.04
N ILE E 121 44.68 -22.16 15.61
CA ILE E 121 43.95 -21.95 14.36
C ILE E 121 44.74 -22.51 13.19
N TYR E 122 45.94 -22.01 12.99
CA TYR E 122 46.79 -22.51 11.91
C TYR E 122 46.85 -24.03 11.91
N ASP E 123 47.33 -24.61 13.01
CA ASP E 123 47.50 -26.07 13.05
C ASP E 123 46.22 -26.78 12.66
N ASN E 124 45.07 -26.27 13.10
CA ASN E 124 43.82 -26.98 12.83
C ASN E 124 43.45 -26.85 11.36
N ILE E 125 43.69 -25.67 10.78
CA ILE E 125 43.23 -25.43 9.43
C ILE E 125 44.07 -26.19 8.41
N VAL E 126 45.38 -26.20 8.61
CA VAL E 126 46.25 -26.83 7.61
C VAL E 126 46.14 -28.35 7.61
N SER E 127 45.49 -28.92 8.62
CA SER E 127 45.28 -30.36 8.68
C SER E 127 43.97 -30.78 8.03
N ALA E 128 43.17 -29.84 7.53
CA ALA E 128 41.86 -30.19 7.01
C ALA E 128 41.97 -31.13 5.81
N LYS E 129 41.01 -32.06 5.74
CA LYS E 129 40.85 -32.96 4.60
C LYS E 129 39.47 -32.88 3.97
N ARG E 130 38.55 -32.12 4.55
CA ARG E 130 37.21 -31.99 3.98
C ARG E 130 36.70 -30.57 4.08
N SER E 131 36.74 -29.96 5.27
CA SER E 131 36.04 -28.71 5.48
C SER E 131 36.71 -27.82 6.51
N VAL E 132 36.59 -26.52 6.28
CA VAL E 132 37.00 -25.49 7.22
C VAL E 132 35.81 -24.54 7.37
N ASP E 133 35.31 -24.39 8.60
CA ASP E 133 34.04 -23.74 8.86
C ASP E 133 34.26 -22.67 9.93
N ILE E 134 34.28 -21.41 9.53
CA ILE E 134 34.60 -20.28 10.40
C ILE E 134 33.37 -19.41 10.53
N VAL E 135 32.96 -19.19 11.77
CA VAL E 135 31.84 -18.32 12.12
C VAL E 135 32.35 -17.31 13.13
N THR E 136 32.04 -16.04 12.90
CA THR E 136 32.55 -15.02 13.80
C THR E 136 31.68 -13.77 13.75
N LEU E 137 32.16 -12.70 14.35
CA LEU E 137 31.48 -11.40 14.41
C LEU E 137 32.29 -10.42 13.60
N GLN E 138 31.63 -9.65 12.75
CA GLN E 138 32.33 -8.67 11.93
C GLN E 138 33.17 -7.74 12.82
N PRO E 139 34.42 -7.48 12.45
CA PRO E 139 35.20 -6.45 13.14
C PRO E 139 34.42 -5.15 13.34
N MET E 140 34.49 -4.58 14.54
CA MET E 140 33.85 -3.30 14.81
C MET E 140 34.44 -2.25 13.89
N ASP E 141 33.59 -1.35 13.42
CA ASP E 141 34.03 -0.23 12.58
C ASP E 141 34.27 0.97 13.49
N ILE E 142 35.55 1.21 13.81
CA ILE E 142 35.93 2.38 14.60
C ILE E 142 36.31 3.54 13.69
N SER E 143 36.78 3.25 12.46
CA SER E 143 37.45 4.25 11.64
C SER E 143 36.88 4.32 10.23
N HIS E 144 35.68 3.76 10.00
CA HIS E 144 35.13 3.64 8.65
C HIS E 144 36.08 2.88 7.73
N LEU E 145 36.58 1.75 8.21
CA LEU E 145 37.43 0.87 7.42
C LEU E 145 36.67 -0.33 6.85
N ASN E 146 35.58 -0.74 7.51
CA ASN E 146 34.71 -1.80 7.05
C ASN E 146 35.49 -3.09 6.74
N LEU E 147 36.36 -3.47 7.65
CA LEU E 147 37.05 -4.75 7.54
C LEU E 147 36.07 -5.90 7.68
N SER E 148 36.48 -7.09 7.20
CA SER E 148 35.65 -8.29 7.29
C SER E 148 36.40 -9.41 7.97
N PHE E 149 35.66 -10.20 8.77
CA PHE E 149 36.08 -11.50 9.32
C PHE E 149 37.23 -11.47 10.30
N SER E 150 38.26 -10.68 10.04
CA SER E 150 39.45 -10.75 10.89
C SER E 150 40.23 -9.45 10.75
N SER E 151 41.09 -9.20 11.72
CA SER E 151 41.95 -8.02 11.72
C SER E 151 43.25 -8.36 12.43
N GLY E 152 44.27 -7.56 12.14
CA GLY E 152 45.58 -7.80 12.70
C GLY E 152 46.12 -9.17 12.32
N ALA E 153 46.90 -9.73 13.25
CA ALA E 153 47.66 -10.94 12.99
C ALA E 153 46.77 -12.14 12.64
N PHE E 154 45.47 -12.07 12.95
CA PHE E 154 44.58 -13.15 12.56
C PHE E 154 44.46 -13.22 11.05
N THR E 155 44.29 -12.07 10.39
CA THR E 155 44.18 -12.08 8.94
C THR E 155 45.35 -12.84 8.32
N ALA E 156 46.57 -12.36 8.56
CA ALA E 156 47.75 -13.04 8.04
C ALA E 156 47.71 -14.53 8.37
N THR E 157 47.44 -14.86 9.62
CA THR E 157 47.44 -16.26 10.03
C THR E 157 46.50 -17.04 9.14
N ILE E 158 45.25 -16.59 9.03
CA ILE E 158 44.30 -17.28 8.17
C ILE E 158 44.86 -17.42 6.75
N LYS E 159 45.30 -16.30 6.17
CA LYS E 159 45.83 -16.37 4.81
C LYS E 159 46.89 -17.46 4.73
N ASN E 160 47.88 -17.39 5.63
CA ASN E 160 48.98 -18.34 5.54
C ASN E 160 48.47 -19.75 5.70
N ALA E 161 47.55 -19.97 6.65
CA ALA E 161 46.97 -21.29 6.81
C ALA E 161 46.38 -21.77 5.49
N LEU E 162 45.51 -20.95 4.88
CA LEU E 162 44.88 -21.40 3.65
C LEU E 162 45.92 -21.66 2.57
N SER E 163 46.94 -20.80 2.47
CA SER E 163 48.03 -21.08 1.54
C SER E 163 48.55 -22.49 1.77
N GLN E 164 48.96 -22.78 3.01
CA GLN E 164 49.51 -24.10 3.32
C GLN E 164 48.47 -25.18 3.04
N LEU E 165 47.21 -24.93 3.42
CA LEU E 165 46.17 -25.93 3.14
C LEU E 165 46.17 -26.29 1.65
N ALA E 166 46.24 -25.26 0.80
CA ALA E 166 46.17 -25.50 -0.63
C ALA E 166 47.28 -26.46 -1.07
N LYS E 167 48.47 -26.31 -0.48
CA LYS E 167 49.55 -27.23 -0.84
C LYS E 167 49.27 -28.63 -0.31
N ASN E 168 48.80 -28.73 0.94
CA ASN E 168 48.59 -30.03 1.56
C ASN E 168 47.52 -30.86 0.86
N THR E 169 46.67 -30.21 0.06
CA THR E 169 45.53 -30.88 -0.56
C THR E 169 45.59 -30.84 -2.07
N GLN E 170 46.75 -30.48 -2.65
CA GLN E 170 46.80 -30.21 -4.08
C GLN E 170 46.52 -31.44 -4.92
N TYR E 171 46.70 -32.64 -4.37
CA TYR E 171 46.40 -33.88 -5.09
C TYR E 171 45.12 -34.56 -4.56
N SER E 172 44.24 -33.79 -3.94
CA SER E 172 43.07 -34.37 -3.31
C SER E 172 42.07 -34.89 -4.34
N ASP E 173 41.42 -36.00 -3.97
CA ASP E 173 40.34 -36.56 -4.78
C ASP E 173 39.13 -35.64 -4.87
N HIS E 174 38.97 -34.76 -3.88
CA HIS E 174 37.77 -33.94 -3.73
C HIS E 174 38.19 -32.56 -3.26
N HIS E 175 37.30 -31.59 -3.45
CA HIS E 175 37.60 -30.23 -3.03
C HIS E 175 37.27 -30.04 -1.56
N ILE E 176 37.87 -29.01 -0.97
CA ILE E 176 37.69 -28.65 0.43
C ILE E 176 36.76 -27.45 0.49
N THR E 177 35.65 -27.58 1.23
CA THR E 177 34.74 -26.47 1.48
C THR E 177 35.29 -25.59 2.60
N VAL E 178 35.48 -24.30 2.32
CA VAL E 178 35.88 -23.33 3.32
C VAL E 178 34.78 -22.28 3.41
N ARG E 179 34.14 -22.20 4.57
CA ARG E 179 33.10 -21.21 4.81
C ARG E 179 33.61 -20.20 5.82
N LEU E 180 33.46 -18.91 5.51
CA LEU E 180 33.72 -17.83 6.46
C LEU E 180 32.44 -17.01 6.54
N LEU E 181 31.86 -16.92 7.73
CA LEU E 181 30.59 -16.22 7.94
C LEU E 181 30.71 -15.27 9.11
N GLN E 182 30.28 -14.03 8.90
CA GLN E 182 30.33 -13.03 9.95
C GLN E 182 28.96 -12.41 10.22
N GLY E 183 28.63 -12.25 11.49
CA GLY E 183 27.48 -11.43 11.83
C GLY E 183 27.83 -9.97 11.68
N SER E 184 26.94 -9.21 11.05
CA SER E 184 27.22 -7.82 10.71
C SER E 184 26.29 -6.89 11.46
N PHE E 185 26.86 -5.87 12.10
CA PHE E 185 26.05 -4.82 12.70
C PHE E 185 25.16 -4.18 11.64
N THR E 186 23.89 -3.99 12.00
CA THR E 186 22.93 -3.31 11.12
C THR E 186 22.04 -2.45 12.02
N PRO E 187 21.85 -1.17 11.71
CA PRO E 187 22.46 -0.47 10.58
C PRO E 187 23.95 -0.34 10.73
N MET E 188 24.64 -0.41 9.60
CA MET E 188 26.09 -0.33 9.55
C MET E 188 26.55 1.10 9.76
N LEU E 189 27.77 1.25 10.30
CA LEU E 189 28.38 2.56 10.47
C LEU E 189 28.36 3.37 9.17
N GLY E 190 27.87 4.60 9.28
CA GLY E 190 27.77 5.48 8.14
C GLY E 190 26.45 5.43 7.40
N TYR E 191 25.48 4.67 7.88
CA TYR E 191 24.22 4.46 7.18
C TYR E 191 23.07 4.37 8.18
N ASP E 192 22.02 5.14 7.93
CA ASP E 192 20.75 4.90 8.59
C ASP E 192 20.12 3.62 8.06
N ALA E 193 19.22 3.04 8.85
CA ALA E 193 18.66 1.73 8.52
C ALA E 193 17.80 1.76 7.26
N GLU E 194 17.27 2.92 6.87
CA GLU E 194 16.49 2.99 5.65
C GLU E 194 17.32 2.60 4.43
N SER E 195 18.65 2.56 4.56
CA SER E 195 19.55 2.40 3.42
C SER E 195 20.07 0.98 3.32
N GLU E 196 19.17 0.00 3.28
CA GLU E 196 19.59 -1.40 3.26
C GLU E 196 20.45 -1.70 2.02
N GLU E 197 20.02 -1.22 0.85
CA GLU E 197 20.71 -1.54 -0.41
C GLU E 197 22.18 -1.13 -0.36
N GLU E 198 22.46 0.12 0.03
CA GLU E 198 23.85 0.58 0.10
C GLU E 198 24.65 -0.25 1.10
N GLU E 199 24.02 -0.64 2.21
CA GLU E 199 24.69 -1.47 3.20
C GLU E 199 25.11 -2.80 2.60
N ILE E 200 24.19 -3.48 1.92
CA ILE E 200 24.53 -4.74 1.27
C ILE E 200 25.70 -4.53 0.31
N ARG E 201 25.67 -3.43 -0.45
CA ARG E 201 26.77 -3.17 -1.37
C ARG E 201 28.11 -3.07 -0.63
N GLN E 202 28.10 -2.38 0.51
CA GLN E 202 29.34 -2.22 1.26
C GLN E 202 29.85 -3.56 1.78
N LEU E 203 28.93 -4.37 2.30
CA LEU E 203 29.31 -5.70 2.78
C LEU E 203 29.89 -6.53 1.64
N SER E 204 29.24 -6.48 0.46
CA SER E 204 29.75 -7.21 -0.70
C SER E 204 31.15 -6.74 -1.06
N LEU E 205 31.37 -5.42 -1.07
CA LEU E 205 32.68 -4.89 -1.43
C LEU E 205 33.76 -5.44 -0.51
N THR E 206 33.53 -5.35 0.81
CA THR E 206 34.59 -5.77 1.74
C THR E 206 34.81 -7.27 1.66
N GLN E 207 33.73 -8.05 1.51
CA GLN E 207 33.89 -9.50 1.34
C GLN E 207 34.64 -9.84 0.06
N THR E 208 34.38 -9.11 -1.02
CA THR E 208 35.10 -9.37 -2.26
C THR E 208 36.59 -9.08 -2.10
N ASN E 209 36.93 -7.98 -1.42
CA ASN E 209 38.34 -7.69 -1.21
C ASN E 209 39.01 -8.76 -0.37
N TYR E 210 38.36 -9.18 0.72
CA TYR E 210 38.92 -10.23 1.57
C TYR E 210 39.17 -11.52 0.79
N LEU E 211 38.18 -11.93 -0.02
CA LEU E 211 38.32 -13.16 -0.78
C LEU E 211 39.40 -13.01 -1.82
N SER E 212 39.48 -11.85 -2.46
CA SER E 212 40.50 -11.65 -3.48
C SER E 212 41.89 -11.68 -2.86
N GLU E 213 42.02 -11.14 -1.66
CA GLU E 213 43.29 -11.22 -0.95
C GLU E 213 43.68 -12.67 -0.65
N ILE E 214 42.73 -13.48 -0.20
CA ILE E 214 43.00 -14.91 -0.04
C ILE E 214 43.44 -15.52 -1.38
N ALA E 215 42.68 -15.24 -2.44
CA ALA E 215 42.98 -15.87 -3.74
C ALA E 215 44.39 -15.52 -4.21
N SER E 216 44.81 -14.28 -3.96
CA SER E 216 46.12 -13.85 -4.44
C SER E 216 47.27 -14.63 -3.81
N VAL E 217 47.02 -15.37 -2.73
CA VAL E 217 48.07 -16.15 -2.09
C VAL E 217 47.85 -17.65 -2.26
N LEU E 218 46.89 -18.04 -3.05
CA LEU E 218 46.69 -19.44 -3.38
C LEU E 218 47.31 -19.78 -4.72
N PRO E 219 47.60 -21.06 -4.98
CA PRO E 219 47.99 -21.49 -6.32
C PRO E 219 46.91 -21.15 -7.34
N GLU E 220 47.34 -20.99 -8.59
CA GLU E 220 46.39 -20.71 -9.65
C GLU E 220 45.32 -21.81 -9.73
N VAL E 221 45.72 -23.07 -9.58
CA VAL E 221 44.81 -24.20 -9.58
C VAL E 221 44.93 -24.90 -8.25
N ASN E 222 43.81 -25.04 -7.55
CA ASN E 222 43.79 -25.65 -6.23
C ASN E 222 42.40 -26.21 -5.96
N ASN E 223 42.30 -26.96 -4.87
CA ASN E 223 41.09 -27.71 -4.58
C ASN E 223 40.31 -27.12 -3.42
N LEU E 224 40.40 -25.81 -3.20
CA LEU E 224 39.66 -25.11 -2.16
C LEU E 224 38.50 -24.34 -2.79
N ASP E 225 37.28 -24.55 -2.27
CA ASP E 225 36.09 -23.79 -2.65
C ASP E 225 35.78 -22.87 -1.46
N ILE E 226 36.09 -21.59 -1.60
CA ILE E 226 36.12 -20.65 -0.48
C ILE E 226 34.95 -19.67 -0.60
N THR E 227 34.08 -19.65 0.40
CA THR E 227 32.94 -18.76 0.43
C THR E 227 33.08 -17.79 1.60
N VAL E 228 32.77 -16.51 1.34
CA VAL E 228 32.70 -15.49 2.39
C VAL E 228 31.27 -14.98 2.40
N GLY E 229 30.75 -14.73 3.60
CA GLY E 229 29.38 -14.27 3.73
C GLY E 229 29.13 -13.50 5.00
N SER E 230 28.03 -12.76 4.99
CA SER E 230 27.57 -12.01 6.15
C SER E 230 26.13 -12.38 6.44
N VAL E 231 25.77 -12.39 7.71
CA VAL E 231 24.41 -12.75 8.09
C VAL E 231 23.87 -11.78 9.14
N ARG E 232 22.63 -11.33 8.92
CA ARG E 232 21.85 -10.52 9.85
C ARG E 232 20.44 -11.08 9.78
N SER E 233 19.78 -11.19 10.93
CA SER E 233 18.46 -11.80 10.96
C SER E 233 17.34 -10.83 11.31
N CYS E 234 17.66 -9.60 11.71
CA CYS E 234 16.63 -8.65 12.07
C CYS E 234 17.22 -7.25 12.09
N ASN E 235 16.54 -6.31 11.45
CA ASN E 235 16.96 -4.92 11.40
C ASN E 235 15.78 -3.99 11.65
N LYS E 236 14.76 -4.48 12.35
CA LYS E 236 13.51 -3.74 12.48
C LYS E 236 13.68 -2.46 13.30
N LEU E 237 14.31 -2.56 14.48
CA LEU E 237 14.46 -1.47 15.42
C LEU E 237 13.16 -1.14 16.16
N ILE E 238 12.04 -1.18 15.43
CA ILE E 238 10.75 -0.71 15.95
C ILE E 238 9.87 -1.82 16.48
N SER E 239 10.32 -3.07 16.44
CA SER E 239 9.46 -4.18 16.82
C SER E 239 10.31 -5.42 17.11
N ASN E 240 9.65 -6.41 17.70
CA ASN E 240 10.34 -7.59 18.22
C ASN E 240 11.01 -8.38 17.11
N CYS E 241 12.19 -8.90 17.40
CA CYS E 241 12.95 -9.68 16.42
C CYS E 241 12.55 -11.15 16.40
N GLY E 242 11.78 -11.62 17.36
CA GLY E 242 11.44 -13.03 17.45
C GLY E 242 11.96 -13.65 18.73
N ASN E 243 11.38 -13.23 19.87
CA ASN E 243 11.75 -13.79 21.17
C ASN E 243 10.57 -13.67 22.12
N ASN E 244 10.75 -14.14 23.35
CA ASN E 244 9.70 -14.11 24.37
C ASN E 244 10.08 -13.17 25.52
N ASN E 245 10.81 -12.12 25.22
CA ASN E 245 11.23 -11.19 26.24
C ASN E 245 10.04 -10.48 26.87
N SER E 246 10.15 -10.15 28.13
CA SER E 246 9.29 -9.16 28.77
C SER E 246 9.82 -7.76 28.59
N GLN E 247 11.13 -7.60 28.56
CA GLN E 247 11.72 -6.29 28.34
C GLN E 247 11.58 -5.90 26.88
N LYS E 248 11.46 -4.61 26.64
CA LYS E 248 11.41 -4.04 25.31
C LYS E 248 12.42 -2.91 25.21
N ASP E 249 13.17 -2.87 24.12
CA ASP E 249 14.15 -1.80 23.94
C ASP E 249 14.57 -1.77 22.48
N VAL E 250 14.84 -0.57 21.98
CA VAL E 250 15.26 -0.43 20.58
C VAL E 250 16.48 -1.29 20.31
N LEU E 251 17.42 -1.35 21.27
CA LEU E 251 18.67 -2.04 21.08
C LEU E 251 18.53 -3.56 21.11
N LEU E 252 17.42 -4.07 21.60
CA LEU E 252 17.11 -5.48 21.45
C LEU E 252 16.43 -5.82 20.13
N ASN E 253 16.10 -4.84 19.31
CA ASN E 253 15.32 -5.07 18.09
C ASN E 253 16.18 -5.11 16.83
N VAL E 254 17.42 -5.55 16.97
CA VAL E 254 18.27 -5.90 15.84
C VAL E 254 18.97 -7.19 16.22
N ALA E 255 19.41 -7.95 15.21
CA ALA E 255 20.04 -9.23 15.53
C ALA E 255 20.94 -9.66 14.39
N TRP E 256 22.02 -10.36 14.75
CA TRP E 256 22.99 -10.92 13.83
C TRP E 256 23.73 -11.99 14.61
N ASN E 257 24.54 -12.78 13.91
CA ASN E 257 25.26 -13.82 14.59
C ASN E 257 26.34 -13.22 15.49
N HIS E 258 26.47 -13.79 16.69
CA HIS E 258 27.55 -13.49 17.62
C HIS E 258 28.38 -14.73 17.95
N GLY E 259 27.99 -15.90 17.44
CA GLY E 259 28.73 -17.12 17.72
C GLY E 259 30.10 -17.13 17.06
N LYS E 260 31.03 -17.87 17.67
CA LYS E 260 32.43 -17.86 17.25
C LYS E 260 32.94 -19.30 17.23
N ILE E 261 33.24 -19.78 16.02
CA ILE E 261 33.57 -21.18 15.78
C ILE E 261 34.63 -21.28 14.70
N ILE E 262 35.59 -22.17 14.89
CA ILE E 262 36.44 -22.64 13.81
C ILE E 262 36.41 -24.16 13.87
N ASN E 263 35.77 -24.78 12.88
CA ASN E 263 35.43 -26.19 12.87
C ASN E 263 36.07 -26.82 11.65
N VAL E 264 37.01 -27.73 11.88
CA VAL E 264 37.74 -28.40 10.81
C VAL E 264 37.28 -29.84 10.72
N ASP E 265 36.84 -30.22 9.52
CA ASP E 265 36.50 -31.60 9.17
C ASP E 265 35.37 -32.17 10.01
N ASN E 266 34.51 -31.29 10.55
CA ASN E 266 33.42 -31.75 11.41
C ASN E 266 33.98 -32.55 12.59
N GLN E 267 35.17 -32.16 13.06
CA GLN E 267 35.89 -32.93 14.05
C GLN E 267 36.56 -32.05 15.10
N SER E 268 37.35 -31.08 14.66
CA SER E 268 38.14 -30.24 15.57
C SER E 268 37.47 -28.88 15.66
N VAL E 269 37.17 -28.45 16.88
CA VAL E 269 36.44 -27.20 17.08
C VAL E 269 37.20 -26.29 18.01
N ILE E 270 37.38 -25.05 17.59
CA ILE E 270 37.81 -23.95 18.43
C ILE E 270 36.58 -23.07 18.66
N THR E 271 36.24 -22.82 19.92
CA THR E 271 35.06 -22.01 20.20
C THR E 271 35.20 -21.33 21.55
N GLY E 272 34.57 -20.18 21.69
CA GLY E 272 34.65 -19.41 22.92
C GLY E 272 34.27 -17.96 22.68
N GLY E 273 34.93 -17.06 23.39
CA GLY E 273 34.64 -15.66 23.27
C GLY E 273 35.49 -14.87 22.30
N HIS E 274 36.55 -15.47 21.76
CA HIS E 274 37.47 -14.71 20.94
C HIS E 274 36.84 -14.37 19.60
N ASN E 275 36.73 -13.09 19.30
CA ASN E 275 36.68 -12.63 17.93
C ASN E 275 38.09 -12.69 17.35
N LEU E 276 38.18 -12.69 16.03
CA LEU E 276 39.48 -12.83 15.37
C LEU E 276 40.09 -11.44 15.14
N TRP E 277 40.25 -10.71 16.25
CA TRP E 277 40.62 -9.30 16.22
C TRP E 277 41.99 -9.11 16.87
N GLY E 278 43.01 -8.90 16.02
CA GLY E 278 44.38 -9.00 16.51
C GLY E 278 44.74 -7.94 17.53
N ALA E 279 44.40 -6.68 17.24
CA ALA E 279 44.84 -5.60 18.11
C ALA E 279 44.24 -5.69 19.51
N ASP E 280 43.14 -6.41 19.68
CA ASP E 280 42.45 -6.48 20.96
C ASP E 280 42.97 -7.58 21.87
N TYR E 281 43.65 -8.57 21.33
CA TYR E 281 44.11 -9.69 22.13
C TYR E 281 45.61 -9.91 22.08
N LEU E 282 46.27 -9.59 20.97
CA LEU E 282 47.63 -10.06 20.67
C LEU E 282 48.64 -8.92 20.57
N GLN E 283 48.30 -7.73 21.07
CA GLN E 283 49.23 -6.61 21.07
C GLN E 283 49.29 -6.02 22.47
N ARG E 284 49.56 -4.73 22.60
CA ARG E 284 49.63 -4.14 23.91
C ARG E 284 48.25 -4.09 24.55
N ASN E 285 48.24 -4.01 25.87
CA ASN E 285 47.01 -3.87 26.64
C ASN E 285 45.94 -4.86 26.16
N PRO E 286 46.22 -6.14 26.22
CA PRO E 286 45.27 -7.14 25.71
C PRO E 286 44.02 -7.22 26.54
N VAL E 287 42.93 -7.53 25.87
CA VAL E 287 41.69 -7.93 26.50
C VAL E 287 41.81 -9.39 26.89
N ASN E 288 41.33 -9.73 28.08
CA ASN E 288 41.34 -11.10 28.55
C ASN E 288 40.19 -11.87 27.90
N ASP E 289 40.48 -13.07 27.42
CA ASP E 289 39.41 -13.86 26.80
C ASP E 289 39.79 -15.34 26.78
N LEU E 290 38.80 -16.17 26.54
CA LEU E 290 38.96 -17.61 26.62
C LEU E 290 38.27 -18.29 25.44
N SER E 291 38.98 -19.21 24.80
CA SER E 291 38.38 -20.20 23.91
C SER E 291 38.94 -21.56 24.26
N ILE E 292 38.37 -22.61 23.71
CA ILE E 292 38.93 -23.95 23.87
C ILE E 292 39.01 -24.66 22.54
N ASN E 293 39.96 -25.58 22.46
CA ASN E 293 40.24 -26.43 21.32
C ASN E 293 39.87 -27.85 21.74
N ILE E 294 38.86 -28.43 21.09
CA ILE E 294 38.33 -29.72 21.50
C ILE E 294 38.05 -30.56 20.25
N LEU E 295 38.07 -31.88 20.41
CA LEU E 295 37.89 -32.81 19.32
C LEU E 295 36.83 -33.82 19.72
N GLY E 296 35.88 -34.08 18.83
CA GLY E 296 34.94 -35.15 19.02
C GLY E 296 33.58 -34.87 18.41
N PRO E 297 32.62 -35.71 18.75
CA PRO E 297 31.26 -35.57 18.16
C PRO E 297 30.62 -34.23 18.44
N ILE E 298 31.10 -33.48 19.43
CA ILE E 298 30.58 -32.14 19.67
C ILE E 298 30.74 -31.27 18.41
N ALA E 299 31.72 -31.59 17.56
CA ALA E 299 31.88 -30.85 16.32
C ALA E 299 30.61 -30.90 15.49
N SER E 300 29.95 -32.06 15.47
CA SER E 300 28.65 -32.20 14.82
C SER E 300 27.75 -31.01 15.16
N THR E 301 27.61 -30.73 16.46
CA THR E 301 26.69 -29.67 16.88
C THR E 301 27.12 -28.33 16.30
N ALA E 302 28.43 -28.03 16.32
CA ALA E 302 28.89 -26.78 15.72
C ALA E 302 28.59 -26.76 14.21
N THR E 303 28.88 -27.85 13.53
CA THR E 303 28.53 -27.90 12.11
C THR E 303 27.05 -27.59 11.93
N LYS E 304 26.19 -28.20 12.77
CA LYS E 304 24.76 -27.95 12.64
C LYS E 304 24.48 -26.45 12.81
N TYR E 305 25.10 -25.84 13.82
CA TYR E 305 24.95 -24.40 14.04
C TYR E 305 25.33 -23.66 12.77
N GLY E 306 26.51 -23.95 12.23
CA GLY E 306 26.91 -23.32 10.98
C GLY E 306 25.85 -23.52 9.91
N ASN E 307 25.39 -24.76 9.74
CA ASN E 307 24.42 -25.04 8.69
C ASN E 307 23.17 -24.18 8.87
N THR E 308 22.67 -24.07 10.11
CA THR E 308 21.44 -23.32 10.30
C THR E 308 21.61 -21.88 9.82
N LEU E 309 22.80 -21.32 10.02
CA LEU E 309 23.02 -19.95 9.56
C LEU E 309 23.16 -19.92 8.06
N TRP E 310 23.94 -20.86 7.50
CA TRP E 310 24.24 -20.79 6.08
C TRP E 310 22.99 -21.08 5.27
N ASN E 311 22.21 -22.08 5.67
CA ASN E 311 20.89 -22.25 5.08
C ASN E 311 20.15 -20.93 5.04
N TYR E 312 20.08 -20.24 6.19
CA TYR E 312 19.32 -19.00 6.26
C TYR E 312 19.86 -17.99 5.26
N VAL E 313 21.18 -17.97 5.07
CA VAL E 313 21.76 -17.03 4.11
C VAL E 313 21.44 -17.44 2.69
N CYS E 314 21.53 -18.74 2.39
CA CYS E 314 21.41 -19.19 1.00
C CYS E 314 19.97 -19.15 0.51
N ASN E 315 19.02 -19.47 1.39
CA ASN E 315 17.61 -19.54 1.03
C ASN E 315 16.83 -18.37 1.58
N ASN E 316 17.47 -17.19 1.63
CA ASN E 316 16.82 -15.88 1.81
C ASN E 316 15.32 -15.98 2.05
N THR E 317 14.96 -16.81 3.03
CA THR E 317 13.64 -16.84 3.64
C THR E 317 12.71 -15.75 3.14
N GLY E 318 12.72 -14.59 3.79
CA GLY E 318 11.90 -13.48 3.38
C GLY E 318 12.61 -12.15 3.28
N THR E 319 12.28 -11.24 4.19
CA THR E 319 12.54 -9.82 3.97
C THR E 319 14.04 -9.50 3.92
N ILE E 320 14.76 -9.73 5.02
CA ILE E 320 16.16 -9.35 5.07
C ILE E 320 16.95 -10.08 4.00
N THR E 321 17.83 -9.35 3.33
CA THR E 321 18.72 -9.94 2.31
C THR E 321 20.16 -9.87 2.84
N ASN E 322 20.81 -11.02 2.89
CA ASN E 322 22.21 -11.15 3.25
C ASN E 322 23.01 -11.33 1.98
N THR E 323 24.33 -11.46 2.10
CA THR E 323 25.19 -11.50 0.93
C THR E 323 26.35 -12.44 1.15
N PHE E 324 26.85 -12.99 0.05
CA PHE E 324 27.93 -13.97 0.06
C PHE E 324 28.50 -14.09 -1.35
N VAL E 325 29.71 -14.65 -1.42
CA VAL E 325 30.32 -14.93 -2.71
C VAL E 325 31.38 -16.01 -2.52
N THR E 326 31.61 -16.79 -3.59
CA THR E 326 32.48 -17.94 -3.55
C THR E 326 33.57 -17.80 -4.60
N TYR E 327 34.75 -18.33 -4.28
CA TYR E 327 35.86 -18.41 -5.23
C TYR E 327 36.28 -19.87 -5.32
N ALA E 328 36.20 -20.44 -6.52
CA ALA E 328 36.54 -21.83 -6.77
C ALA E 328 36.89 -21.99 -8.24
N ASN E 329 37.86 -22.84 -8.52
CA ASN E 329 38.33 -23.08 -9.87
C ASN E 329 38.53 -21.77 -10.63
N GLY E 330 39.26 -20.85 -9.98
CA GLY E 330 39.63 -19.60 -10.61
C GLY E 330 38.49 -18.69 -10.96
N GLN E 331 37.29 -18.92 -10.41
CA GLN E 331 36.12 -18.13 -10.74
C GLN E 331 35.37 -17.71 -9.48
N TYR E 332 34.82 -16.49 -9.51
CA TYR E 332 33.84 -16.07 -8.52
C TYR E 332 32.47 -16.59 -8.94
N THR E 333 31.75 -17.19 -7.99
CA THR E 333 30.43 -17.73 -8.25
C THR E 333 29.52 -17.46 -7.05
N TYR E 334 28.24 -17.82 -7.20
CA TYR E 334 27.26 -17.83 -6.12
C TYR E 334 26.86 -19.26 -5.73
N ASP E 335 27.78 -20.22 -5.87
CA ASP E 335 27.54 -21.54 -5.31
C ASP E 335 27.49 -21.38 -3.80
N CYS E 336 26.32 -21.58 -3.20
CA CYS E 336 26.16 -21.31 -1.78
C CYS E 336 26.37 -22.58 -0.96
N PRO E 337 27.39 -22.63 -0.11
CA PRO E 337 27.62 -23.84 0.70
C PRO E 337 26.67 -23.90 1.90
N ALA E 338 25.43 -24.32 1.63
CA ALA E 338 24.41 -24.30 2.67
C ALA E 338 24.55 -25.41 3.69
N HIS E 339 25.26 -26.50 3.36
CA HIS E 339 25.25 -27.69 4.22
C HIS E 339 26.56 -28.44 4.10
N ILE E 340 27.27 -28.52 5.24
CA ILE E 340 28.33 -29.49 5.47
C ILE E 340 27.72 -30.64 6.27
N SER E 341 28.04 -31.88 5.89
CA SER E 341 27.48 -33.02 6.59
C SER E 341 27.90 -33.00 8.06
N SER E 342 26.95 -33.30 8.94
CA SER E 342 27.18 -33.24 10.38
C SER E 342 27.41 -34.61 11.01
N THR E 343 27.30 -35.67 10.24
CA THR E 343 27.49 -37.00 10.81
C THR E 343 28.95 -37.17 11.18
N TYR E 344 29.20 -37.47 12.46
CA TYR E 344 30.55 -37.47 12.97
C TYR E 344 31.27 -38.76 12.63
N VAL E 345 32.49 -38.62 12.11
CA VAL E 345 33.37 -39.75 11.82
C VAL E 345 34.64 -39.57 12.63
N ALA E 346 34.91 -40.49 13.54
CA ALA E 346 36.06 -40.36 14.43
C ALA E 346 37.36 -40.46 13.64
N PRO E 347 38.27 -39.49 13.78
CA PRO E 347 39.59 -39.63 13.14
C PRO E 347 40.43 -40.67 13.87
N THR E 348 41.49 -41.11 13.21
CA THR E 348 42.40 -42.05 13.86
C THR E 348 43.15 -41.35 15.00
N ASP E 349 43.29 -42.06 16.14
CA ASP E 349 43.90 -41.47 17.34
C ASP E 349 43.03 -40.30 17.86
N ALA E 350 41.72 -40.43 17.72
CA ALA E 350 40.84 -39.40 18.25
C ALA E 350 40.77 -39.47 19.77
N LYS E 351 40.86 -40.67 20.35
CA LYS E 351 40.75 -40.87 21.81
C LYS E 351 41.98 -40.41 22.59
N ASN E 352 42.94 -39.78 21.92
CA ASN E 352 44.08 -39.17 22.59
C ASN E 352 43.63 -37.99 23.44
N GLY E 353 43.98 -38.02 24.73
CA GLY E 353 43.74 -36.90 25.62
C GLY E 353 42.66 -37.21 26.65
N LEU E 354 42.24 -36.15 27.33
CA LEU E 354 41.30 -36.29 28.43
C LEU E 354 39.87 -36.40 27.91
N ALA E 355 39.18 -37.47 28.32
CA ALA E 355 37.80 -37.73 27.92
C ALA E 355 36.84 -37.00 28.85
N VAL E 356 35.94 -36.21 28.26
CA VAL E 356 35.01 -35.39 29.03
C VAL E 356 33.63 -35.48 28.41
N LYS E 357 32.61 -35.27 29.24
CA LYS E 357 31.23 -35.17 28.77
C LYS E 357 30.95 -33.71 28.38
N VAL E 358 30.40 -33.52 27.18
CA VAL E 358 30.11 -32.17 26.68
C VAL E 358 28.76 -32.17 26.00
N MET E 359 28.01 -31.09 26.19
CA MET E 359 26.82 -30.85 25.38
C MET E 359 26.92 -29.46 24.78
N SER E 360 26.17 -29.24 23.69
CA SER E 360 26.09 -27.94 23.04
C SER E 360 24.83 -27.23 23.53
N ILE E 361 24.88 -25.89 23.49
CA ILE E 361 23.67 -25.09 23.67
C ILE E 361 23.79 -23.84 22.82
N SER E 362 22.67 -23.45 22.22
CA SER E 362 22.66 -22.39 21.24
C SER E 362 21.44 -21.51 21.43
N LYS E 363 21.47 -20.39 20.71
CA LYS E 363 20.42 -19.38 20.71
C LYS E 363 20.28 -19.02 19.24
N LEU E 364 19.18 -19.43 18.62
CA LEU E 364 19.02 -19.30 17.18
C LEU E 364 17.70 -18.63 16.81
N ASN E 365 17.11 -17.90 17.75
CA ASN E 365 15.84 -17.24 17.51
C ASN E 365 16.12 -15.84 16.98
N ASN E 366 15.20 -14.91 17.21
CA ASN E 366 15.33 -13.54 16.74
C ASN E 366 15.55 -13.48 15.22
N GLY E 367 14.82 -14.32 14.49
CA GLY E 367 14.71 -14.21 13.05
C GLY E 367 15.27 -15.37 12.26
N VAL E 368 16.11 -16.23 12.82
CA VAL E 368 16.61 -17.36 12.06
C VAL E 368 15.67 -18.54 12.22
N LEU E 369 15.52 -19.04 13.44
CA LEU E 369 14.56 -20.09 13.74
C LEU E 369 13.38 -19.51 14.53
N ASP E 370 12.46 -20.39 14.92
CA ASP E 370 11.32 -20.01 15.74
C ASP E 370 11.75 -19.16 16.94
N LYS E 371 10.84 -18.31 17.40
CA LYS E 371 11.16 -17.42 18.51
C LYS E 371 11.46 -18.17 19.79
N ASP E 372 10.99 -19.41 19.90
CA ASP E 372 11.23 -20.20 21.10
C ASP E 372 12.65 -20.76 21.17
N ALA E 373 13.45 -20.58 20.11
CA ALA E 373 14.70 -21.30 20.02
C ALA E 373 15.86 -20.66 20.76
N ASP E 374 15.65 -20.28 22.01
CA ASP E 374 16.71 -19.76 22.88
C ASP E 374 16.85 -20.73 24.06
N GLN E 375 17.62 -21.79 23.86
CA GLN E 375 17.88 -22.75 24.92
C GLN E 375 19.15 -22.47 25.70
N SER E 376 20.02 -21.57 25.23
CA SER E 376 21.23 -21.23 25.97
C SER E 376 20.90 -20.59 27.32
N GLU E 377 20.07 -19.54 27.29
CA GLU E 377 19.61 -18.86 28.50
C GLU E 377 19.02 -19.84 29.50
N VAL E 378 18.10 -20.70 29.03
CA VAL E 378 17.43 -21.65 29.92
C VAL E 378 18.46 -22.56 30.59
N ALA E 379 19.37 -23.12 29.80
CA ALA E 379 20.37 -24.03 30.34
C ALA E 379 21.18 -23.37 31.45
N ARG E 380 21.62 -22.13 31.24
CA ARG E 380 22.43 -21.45 32.24
C ARG E 380 21.62 -21.10 33.49
N VAL E 381 20.36 -20.72 33.30
CA VAL E 381 19.49 -20.49 34.46
C VAL E 381 19.35 -21.75 35.27
N TYR E 382 19.13 -22.89 34.60
CA TYR E 382 19.01 -24.16 35.31
C TYR E 382 20.31 -24.50 36.05
N ALA E 383 21.44 -24.30 35.39
CA ALA E 383 22.72 -24.60 36.03
C ALA E 383 22.91 -23.79 37.31
N PHE E 384 22.59 -22.49 37.25
CA PHE E 384 22.79 -21.67 38.44
C PHE E 384 21.78 -22.02 39.54
N LYS E 385 20.51 -22.25 39.14
CA LYS E 385 19.48 -22.61 40.10
C LYS E 385 19.74 -23.96 40.77
N ASN E 386 20.52 -24.83 40.14
CA ASN E 386 20.76 -26.16 40.69
C ASN E 386 22.20 -26.36 41.15
N ALA E 387 22.99 -25.30 41.17
CA ALA E 387 24.28 -25.36 41.84
C ALA E 387 24.08 -25.75 43.29
N THR E 388 24.97 -26.61 43.81
CA THR E 388 24.89 -27.03 45.20
C THR E 388 25.98 -26.46 46.09
N LYS E 389 27.09 -25.99 45.52
CA LYS E 389 28.23 -25.52 46.31
C LYS E 389 28.67 -24.14 45.88
N SER E 390 29.03 -23.97 44.61
CA SER E 390 29.60 -22.69 44.18
C SER E 390 29.22 -22.35 42.75
N ILE E 391 29.31 -21.05 42.45
CA ILE E 391 29.17 -20.51 41.10
C ILE E 391 30.29 -19.50 40.89
N LYS E 392 31.10 -19.72 39.86
CA LYS E 392 32.15 -18.78 39.46
C LYS E 392 31.76 -18.21 38.10
N ILE E 393 31.84 -16.90 37.96
CA ILE E 393 31.39 -16.22 36.75
C ILE E 393 32.46 -15.21 36.37
N SER E 394 32.89 -15.26 35.11
CA SER E 394 33.77 -14.24 34.53
C SER E 394 33.09 -13.73 33.28
N GLN E 395 32.73 -12.45 33.26
CA GLN E 395 32.00 -11.85 32.17
C GLN E 395 32.60 -10.50 31.87
N GLN E 396 32.33 -9.99 30.67
CA GLN E 396 32.55 -8.58 30.43
C GLN E 396 31.56 -7.75 31.26
N ALA E 397 30.27 -8.09 31.16
CA ALA E 397 29.23 -7.32 31.83
C ALA E 397 28.06 -8.25 32.14
N LEU E 398 27.27 -7.87 33.14
CA LEU E 398 26.05 -8.57 33.50
C LEU E 398 24.78 -7.83 33.11
N PHE E 399 24.87 -6.54 32.83
CA PHE E 399 23.74 -5.69 32.46
C PHE E 399 24.15 -4.89 31.25
N PHE E 400 23.15 -4.36 30.53
CA PHE E 400 23.40 -3.62 29.30
C PHE E 400 22.50 -2.39 29.24
N LYS E 401 23.09 -1.25 28.86
CA LYS E 401 22.36 0.02 28.81
C LYS E 401 21.52 0.09 27.54
N GLY E 402 20.20 0.24 27.72
CA GLY E 402 19.29 0.42 26.63
C GLY E 402 19.41 1.78 25.98
N ALA E 403 18.57 1.97 24.96
CA ALA E 403 18.73 3.09 24.05
C ALA E 403 18.65 4.44 24.74
N PHE E 404 17.81 4.56 25.75
CA PHE E 404 17.61 5.81 26.45
C PHE E 404 17.94 5.69 27.94
N GLY E 405 18.86 4.78 28.24
CA GLY E 405 19.40 4.68 29.58
C GLY E 405 18.78 3.63 30.45
N LYS E 406 17.69 3.01 30.02
CA LYS E 406 17.09 1.93 30.77
C LYS E 406 18.08 0.78 30.94
N VAL E 407 18.18 0.27 32.15
CA VAL E 407 19.03 -0.90 32.41
C VAL E 407 18.31 -2.14 31.91
N LEU E 408 18.99 -2.91 31.07
CA LEU E 408 18.49 -4.19 30.59
C LEU E 408 19.21 -5.31 31.33
N HIS E 409 18.45 -6.27 31.85
CA HIS E 409 18.99 -7.35 32.68
C HIS E 409 18.96 -8.66 31.90
N PRO E 410 19.68 -9.68 32.38
CA PRO E 410 19.66 -10.98 31.69
C PRO E 410 18.24 -11.46 31.47
N LEU E 411 18.02 -12.06 30.28
CA LEU E 411 16.67 -12.20 29.76
C LEU E 411 15.85 -13.23 30.53
N LYS E 412 14.54 -13.09 30.40
CA LYS E 412 13.59 -14.00 31.03
C LYS E 412 13.53 -15.34 30.30
N THR E 413 13.41 -16.41 31.07
CA THR E 413 13.14 -17.74 30.53
C THR E 413 11.91 -18.31 31.23
N ILE E 414 11.48 -19.49 30.79
CA ILE E 414 10.39 -20.17 31.49
C ILE E 414 10.77 -20.48 32.93
N ASP E 415 12.06 -20.49 33.25
CA ASP E 415 12.52 -20.74 34.60
C ASP E 415 13.04 -19.46 35.28
N GLY E 416 12.69 -18.30 34.74
CA GLY E 416 13.14 -17.04 35.27
C GLY E 416 14.46 -16.59 34.68
N THR E 417 15.08 -15.62 35.37
CA THR E 417 16.28 -14.96 34.88
C THR E 417 17.53 -15.48 35.56
N VAL E 418 18.68 -15.08 35.02
CA VAL E 418 19.95 -15.39 35.67
C VAL E 418 20.02 -14.71 37.04
N MET E 419 19.54 -13.46 37.12
CA MET E 419 19.61 -12.75 38.39
C MET E 419 18.74 -13.41 39.44
N GLU E 420 17.57 -13.91 39.05
CA GLU E 420 16.72 -14.64 39.99
C GLU E 420 17.37 -15.96 40.42
N ALA E 421 18.01 -16.66 39.49
CA ALA E 421 18.71 -17.87 39.87
C ALA E 421 19.86 -17.58 40.83
N LEU E 422 20.62 -16.51 40.59
CA LEU E 422 21.73 -16.21 41.47
C LEU E 422 21.22 -15.80 42.86
N ALA E 423 20.10 -15.07 42.90
CA ALA E 423 19.52 -14.72 44.18
C ALA E 423 19.13 -15.97 44.95
N SER E 424 18.57 -16.96 44.23
CA SER E 424 18.21 -18.23 44.87
C SER E 424 19.44 -18.95 45.39
N ALA E 425 20.50 -18.98 44.58
CA ALA E 425 21.74 -19.62 45.04
C ALA E 425 22.28 -18.93 46.29
N ILE E 426 22.24 -17.60 46.30
CA ILE E 426 22.76 -16.84 47.44
C ILE E 426 21.91 -17.10 48.68
N TYR E 427 20.59 -17.19 48.48
CA TYR E 427 19.71 -17.42 49.61
C TYR E 427 19.94 -18.79 50.22
N LYS E 428 20.28 -19.79 49.38
CA LYS E 428 20.48 -21.14 49.87
C LYS E 428 21.86 -21.36 50.47
N GLY E 429 22.75 -20.38 50.38
CA GLY E 429 24.09 -20.55 50.90
C GLY E 429 25.18 -20.93 49.92
N VAL E 430 24.89 -20.89 48.63
CA VAL E 430 25.87 -21.18 47.60
C VAL E 430 26.79 -19.98 47.43
N THR E 431 28.08 -20.25 47.30
CA THR E 431 29.08 -19.22 47.06
C THR E 431 29.02 -18.73 45.62
N VAL E 432 28.96 -17.41 45.43
CA VAL E 432 28.89 -16.81 44.10
C VAL E 432 30.01 -15.80 43.94
N ASP E 433 31.03 -16.17 43.18
CA ASP E 433 32.17 -15.32 42.85
C ASP E 433 32.06 -14.80 41.43
N ILE E 434 32.21 -13.49 41.26
CA ILE E 434 32.01 -12.88 39.96
C ILE E 434 33.23 -12.02 39.66
N VAL E 435 33.75 -12.16 38.45
CA VAL E 435 34.74 -11.23 37.91
C VAL E 435 34.12 -10.59 36.68
N THR E 436 34.06 -9.26 36.67
CA THR E 436 33.65 -8.52 35.48
C THR E 436 34.85 -7.81 34.88
N SER E 437 34.65 -7.23 33.72
CA SER E 437 35.62 -6.25 33.22
C SER E 437 35.59 -5.01 34.13
N SER E 438 36.63 -4.19 34.00
CA SER E 438 36.63 -2.94 34.75
C SER E 438 35.60 -1.97 34.19
N LEU E 439 35.16 -1.06 35.05
CA LEU E 439 34.25 0.01 34.63
C LEU E 439 34.95 0.93 33.65
N ASP E 440 36.23 1.19 33.87
CA ASP E 440 37.04 2.05 33.01
C ASP E 440 37.71 1.21 31.92
N GLY E 441 36.92 0.34 31.29
CA GLY E 441 37.45 -0.57 30.29
C GLY E 441 37.17 -0.14 28.86
N GLY E 442 36.77 1.10 28.69
CA GLY E 442 36.46 1.63 27.39
C GLY E 442 35.45 0.80 26.65
N ILE E 443 35.85 0.30 25.48
CA ILE E 443 34.98 -0.48 24.62
C ILE E 443 34.54 -1.77 25.29
N TYR E 444 35.36 -2.29 26.21
CA TYR E 444 35.09 -3.53 26.93
C TYR E 444 34.72 -3.27 28.38
N SER E 445 34.06 -2.16 28.66
CA SER E 445 33.63 -1.81 29.99
C SER E 445 32.59 -2.79 30.54
N SER E 446 32.55 -2.89 31.86
CA SER E 446 31.46 -3.61 32.52
C SER E 446 30.14 -2.84 32.51
N GLY E 447 30.15 -1.55 32.19
CA GLY E 447 28.93 -0.76 32.05
C GLY E 447 28.27 -0.32 33.36
N TYR E 448 28.42 -1.11 34.41
CA TYR E 448 27.82 -0.85 35.73
C TYR E 448 28.80 -1.26 36.80
N ASN E 449 28.78 -0.54 37.92
CA ASN E 449 29.70 -0.86 38.99
C ASN E 449 29.17 -2.03 39.83
N SER E 450 30.05 -2.55 40.69
CA SER E 450 29.71 -3.66 41.56
C SER E 450 28.52 -3.34 42.44
N GLU E 451 28.48 -2.13 42.97
CA GLU E 451 27.37 -1.76 43.83
C GLU E 451 26.04 -1.91 43.10
N PHE E 452 26.02 -1.61 41.80
CA PHE E 452 24.77 -1.74 41.08
C PHE E 452 24.28 -3.18 41.07
N VAL E 453 25.21 -4.13 40.86
CA VAL E 453 24.85 -5.55 40.85
C VAL E 453 24.34 -5.97 42.22
N TYR E 454 25.12 -5.66 43.26
CA TYR E 454 24.69 -5.92 44.64
C TYR E 454 23.27 -5.42 44.88
N ASN E 455 22.98 -4.18 44.49
CA ASN E 455 21.68 -3.61 44.77
C ASN E 455 20.58 -4.25 43.94
N TYR E 456 20.89 -4.67 42.70
CA TYR E 456 19.89 -5.37 41.91
C TYR E 456 19.48 -6.68 42.57
N LEU E 457 20.49 -7.44 43.04
CA LEU E 457 20.18 -8.69 43.71
C LEU E 457 19.46 -8.47 45.03
N LEU E 458 19.81 -7.39 45.75
CA LEU E 458 19.08 -6.99 46.94
C LEU E 458 17.59 -6.82 46.64
N ASN E 459 17.28 -6.11 45.55
CA ASN E 459 15.88 -5.90 45.21
C ASN E 459 15.22 -7.20 44.80
N VAL E 460 15.95 -8.10 44.15
CA VAL E 460 15.37 -9.40 43.85
C VAL E 460 14.96 -10.10 45.14
N LEU E 461 15.82 -10.05 46.15
CA LEU E 461 15.51 -10.70 47.42
C LEU E 461 14.39 -9.99 48.18
N HIS E 462 14.16 -8.70 47.91
CA HIS E 462 13.01 -8.01 48.52
C HIS E 462 11.68 -8.53 47.99
N LYS E 463 11.66 -9.05 46.77
CA LYS E 463 10.43 -9.46 46.13
C LYS E 463 10.12 -10.92 46.43
N ALA E 464 8.93 -11.36 46.00
CA ALA E 464 8.53 -12.73 46.18
C ALA E 464 9.51 -13.65 45.42
N PRO E 465 9.72 -14.86 45.89
CA PRO E 465 9.15 -15.49 47.08
C PRO E 465 9.87 -15.20 48.41
N TYR E 466 10.94 -14.42 48.37
CA TYR E 466 11.75 -14.23 49.57
C TYR E 466 11.15 -13.20 50.52
N TYR E 467 10.77 -12.03 50.01
CA TYR E 467 10.19 -10.97 50.82
C TYR E 467 11.12 -10.54 51.96
N LEU E 468 12.42 -10.54 51.70
CA LEU E 468 13.40 -10.22 52.73
C LEU E 468 13.49 -8.72 52.91
N GLU E 469 13.37 -8.27 54.16
CA GLU E 469 13.71 -6.90 54.53
C GLU E 469 15.13 -6.56 54.09
N ARG E 470 15.32 -5.31 53.66
CA ARG E 470 16.55 -4.94 52.97
C ARG E 470 17.80 -5.25 53.79
N ASN E 471 17.84 -4.78 55.05
CA ASN E 471 19.08 -4.91 55.82
C ASN E 471 19.42 -6.37 56.11
N TYR E 472 18.39 -7.20 56.37
CA TYR E 472 18.61 -8.64 56.57
C TYR E 472 19.08 -9.30 55.26
N ALA E 473 18.51 -8.89 54.11
CA ALA E 473 18.93 -9.45 52.82
C ALA E 473 20.38 -9.14 52.51
N LYS E 474 20.84 -7.97 52.95
CA LYS E 474 22.24 -7.65 52.82
C LYS E 474 23.13 -8.72 53.45
N THR E 475 22.68 -9.38 54.55
CA THR E 475 23.57 -10.34 55.21
C THR E 475 23.81 -11.55 54.32
N PHE E 476 22.78 -11.97 53.57
CA PHE E 476 22.95 -13.06 52.61
C PHE E 476 23.95 -12.66 51.53
N LEU E 477 23.83 -11.43 51.02
CA LEU E 477 24.78 -11.00 49.99
C LEU E 477 26.19 -10.90 50.55
N ASP E 478 26.34 -10.34 51.76
CA ASP E 478 27.67 -10.15 52.34
C ASP E 478 28.33 -11.48 52.63
N LYS E 479 27.55 -12.49 52.95
CA LYS E 479 28.17 -13.76 53.29
C LYS E 479 28.53 -14.56 52.03
N ASN E 480 27.69 -14.51 51.00
CA ASN E 480 27.88 -15.45 49.90
C ASN E 480 28.21 -14.85 48.53
N LEU E 481 28.18 -13.54 48.37
CA LEU E 481 28.40 -12.93 47.08
C LEU E 481 29.66 -12.09 47.11
N HIS E 482 30.54 -12.32 46.16
CA HIS E 482 31.78 -11.56 46.07
C HIS E 482 31.99 -11.13 44.63
N ILE E 483 31.88 -9.84 44.37
CA ILE E 483 32.00 -9.28 43.04
C ILE E 483 33.29 -8.49 42.93
N ASN E 484 34.17 -8.91 42.03
CA ASN E 484 35.42 -8.26 41.70
C ASN E 484 35.44 -7.89 40.22
N PHE E 485 36.43 -7.09 39.83
CA PHE E 485 36.66 -6.81 38.43
C PHE E 485 38.11 -7.12 38.08
N ILE E 486 38.34 -7.34 36.79
CA ILE E 486 39.61 -7.89 36.34
C ILE E 486 40.71 -6.85 36.48
N SER E 487 41.88 -7.30 36.92
CA SER E 487 43.08 -6.46 36.94
C SER E 487 44.27 -7.37 36.71
N ILE E 488 45.29 -6.83 36.04
CA ILE E 488 46.48 -7.63 35.80
C ILE E 488 47.20 -7.93 37.10
N ASN E 489 47.04 -7.06 38.14
CA ASN E 489 47.94 -7.17 39.28
C ASN E 489 47.33 -6.60 40.56
N GLY E 490 46.01 -6.50 40.65
CA GLY E 490 45.37 -5.92 41.81
C GLY E 490 45.56 -4.44 41.99
N ARG E 491 46.22 -3.76 41.03
CA ARG E 491 46.48 -2.32 41.13
C ARG E 491 45.85 -1.53 39.99
N GLU E 492 46.02 -1.96 38.75
CA GLU E 492 45.49 -1.25 37.60
C GLU E 492 43.99 -1.39 37.57
N THR E 493 43.30 -0.31 37.19
CA THR E 493 41.84 -0.20 37.29
C THR E 493 41.15 -0.03 35.94
N ASN E 494 41.89 -0.15 34.85
CA ASN E 494 41.35 0.06 33.51
C ASN E 494 41.58 -1.14 32.60
N ASN E 495 41.83 -2.33 33.16
CA ASN E 495 42.03 -3.52 32.37
C ASN E 495 40.69 -4.03 31.86
N MET E 496 40.75 -4.97 30.90
CA MET E 496 39.56 -5.34 30.13
C MET E 496 39.38 -6.85 30.00
N SER E 497 38.12 -7.28 30.10
CA SER E 497 37.79 -8.68 29.94
C SER E 497 36.60 -8.84 29.00
N HIS E 498 36.66 -9.89 28.18
CA HIS E 498 35.59 -10.26 27.25
C HIS E 498 35.07 -11.65 27.56
N ASN E 499 35.46 -12.24 28.69
CA ASN E 499 35.06 -13.60 29.04
C ASN E 499 33.54 -13.76 28.92
N LYS E 500 33.13 -14.97 28.50
CA LYS E 500 31.76 -15.44 28.70
C LYS E 500 31.87 -16.80 29.39
N LEU E 501 32.24 -16.80 30.67
CA LEU E 501 32.55 -18.04 31.37
C LEU E 501 31.72 -18.15 32.64
N TRP E 502 31.28 -19.38 32.92
CA TRP E 502 30.82 -19.74 34.25
C TRP E 502 31.21 -21.18 34.56
N ILE E 503 31.32 -21.45 35.86
CA ILE E 503 31.73 -22.74 36.41
C ILE E 503 30.86 -23.00 37.63
N VAL E 504 30.19 -24.14 37.66
CA VAL E 504 29.33 -24.53 38.76
C VAL E 504 29.95 -25.74 39.47
N ASP E 505 30.03 -25.65 40.79
CA ASP E 505 30.46 -26.74 41.67
C ASP E 505 31.81 -27.31 41.28
N ASP E 506 32.68 -26.48 40.71
CA ASP E 506 33.99 -26.91 40.28
C ASP E 506 33.90 -28.18 39.45
N LYS E 507 32.92 -28.21 38.55
CA LYS E 507 32.60 -29.42 37.83
C LYS E 507 32.09 -29.14 36.42
N VAL E 508 31.16 -28.19 36.30
CA VAL E 508 30.46 -27.95 35.04
C VAL E 508 30.75 -26.52 34.61
N PHE E 509 31.24 -26.36 33.39
CA PHE E 509 31.55 -25.00 32.94
C PHE E 509 31.14 -24.78 31.49
N TYR E 510 30.89 -23.52 31.17
CA TYR E 510 30.45 -23.09 29.84
C TYR E 510 31.59 -22.36 29.14
N VAL E 511 31.77 -22.67 27.86
CA VAL E 511 32.65 -21.89 26.99
C VAL E 511 31.91 -21.62 25.69
N GLY E 512 31.83 -20.36 25.30
CA GLY E 512 31.08 -19.99 24.10
C GLY E 512 30.95 -18.49 23.98
N SER E 513 29.91 -18.06 23.26
CA SER E 513 29.79 -16.64 22.90
C SER E 513 28.75 -15.90 23.73
N HIS E 514 27.95 -16.60 24.53
CA HIS E 514 26.75 -15.99 25.12
C HIS E 514 27.05 -15.21 26.40
N ASN E 515 27.17 -13.89 26.26
CA ASN E 515 27.27 -13.01 27.42
C ASN E 515 26.06 -13.22 28.33
N ILE E 516 26.25 -12.95 29.62
CA ILE E 516 25.12 -12.91 30.54
C ILE E 516 24.29 -11.65 30.30
N TYR E 517 24.93 -10.53 29.98
CA TYR E 517 24.14 -9.34 29.67
C TYR E 517 23.31 -9.63 28.40
N PRO E 518 22.17 -8.96 28.26
CA PRO E 518 21.20 -9.36 27.24
C PRO E 518 21.47 -8.78 25.87
N SER E 519 21.13 -9.57 24.84
CA SER E 519 21.10 -9.13 23.47
C SER E 519 20.11 -10.01 22.72
N SER E 520 19.93 -9.73 21.44
CA SER E 520 19.13 -10.58 20.57
C SER E 520 19.97 -11.37 19.58
N LEU E 521 21.28 -11.39 19.78
CA LEU E 521 22.19 -12.05 18.86
C LEU E 521 22.18 -13.56 19.02
N GLN E 522 22.34 -14.28 17.91
CA GLN E 522 22.47 -15.73 17.98
C GLN E 522 23.79 -16.12 18.65
N GLN E 523 23.76 -17.26 19.37
CA GLN E 523 24.92 -17.69 20.14
C GLN E 523 25.14 -19.19 20.04
N PHE E 524 26.39 -19.60 20.21
CA PHE E 524 26.76 -21.01 20.30
C PHE E 524 27.69 -21.20 21.48
N GLY E 525 27.59 -22.32 22.17
CA GLY E 525 28.54 -22.61 23.23
C GLY E 525 28.43 -24.06 23.64
N VAL E 526 29.34 -24.48 24.52
CA VAL E 526 29.37 -25.85 25.02
C VAL E 526 29.45 -25.83 26.52
N ILE E 527 28.95 -26.91 27.11
CA ILE E 527 28.97 -27.15 28.56
C ILE E 527 29.73 -28.43 28.79
N VAL E 528 30.88 -28.31 29.44
CA VAL E 528 31.73 -29.42 29.81
C VAL E 528 31.44 -29.81 31.25
N ASP E 529 31.33 -31.10 31.52
CA ASP E 529 31.06 -31.64 32.84
C ASP E 529 32.21 -32.59 33.16
N ASP E 530 33.21 -32.10 33.88
CA ASP E 530 34.36 -32.93 34.23
C ASP E 530 35.23 -32.26 35.28
N LYS E 531 35.40 -32.92 36.42
CA LYS E 531 36.19 -32.34 37.52
C LYS E 531 37.63 -32.08 37.10
N ASP E 532 38.24 -33.01 36.36
CA ASP E 532 39.64 -32.87 35.99
C ASP E 532 39.82 -31.68 35.08
N ALA E 533 38.96 -31.54 34.08
CA ALA E 533 39.09 -30.42 33.15
C ALA E 533 38.80 -29.11 33.85
N THR E 534 37.78 -29.10 34.71
CA THR E 534 37.45 -27.88 35.43
C THR E 534 38.60 -27.46 36.33
N ALA E 535 39.28 -28.44 36.94
CA ALA E 535 40.41 -28.12 37.80
C ALA E 535 41.57 -27.57 37.00
N GLN E 536 41.80 -28.12 35.80
CA GLN E 536 42.84 -27.56 34.93
C GLN E 536 42.50 -26.13 34.56
N LEU E 537 41.24 -25.87 34.26
CA LEU E 537 40.84 -24.52 33.90
C LEU E 537 40.98 -23.56 35.08
N GLU E 538 40.68 -24.02 36.29
CA GLU E 538 40.78 -23.13 37.45
C GLU E 538 42.24 -22.83 37.76
N LYS E 539 43.10 -23.84 37.70
CA LYS E 539 44.52 -23.60 37.92
C LYS E 539 45.07 -22.64 36.89
N GLN E 540 44.71 -22.83 35.64
CA GLN E 540 45.34 -22.04 34.59
C GLN E 540 44.77 -20.62 34.49
N LEU E 541 43.45 -20.47 34.66
CA LEU E 541 42.83 -19.17 34.41
C LEU E 541 42.09 -18.63 35.63
N TRP E 542 41.12 -19.35 36.20
CA TRP E 542 40.26 -18.74 37.19
C TRP E 542 41.06 -18.24 38.42
N THR E 543 41.93 -19.10 38.96
CA THR E 543 42.63 -18.76 40.20
C THR E 543 43.60 -17.61 40.01
N PRO E 544 44.49 -17.61 39.02
CA PRO E 544 45.32 -16.42 38.80
C PRO E 544 44.51 -15.14 38.62
N MET E 545 43.43 -15.20 37.82
CA MET E 545 42.60 -14.03 37.59
C MET E 545 41.97 -13.53 38.90
N TRP E 546 41.42 -14.46 39.67
CA TRP E 546 40.76 -14.11 40.92
C TRP E 546 41.75 -13.45 41.87
N LYS E 547 42.94 -14.05 42.01
CA LYS E 547 43.91 -13.53 42.96
C LYS E 547 44.36 -12.13 42.61
N ASN E 548 44.32 -11.76 41.34
CA ASN E 548 44.76 -10.44 40.94
C ASN E 548 43.61 -9.50 40.71
N SER E 549 42.37 -9.95 40.91
CA SER E 549 41.21 -9.11 40.66
C SER E 549 41.07 -8.11 41.80
N ILE E 550 40.25 -7.10 41.60
CA ILE E 550 40.10 -5.99 42.51
C ILE E 550 38.69 -6.04 43.08
N HIS E 551 38.59 -5.92 44.41
CA HIS E 551 37.32 -5.91 45.10
C HIS E 551 37.02 -4.51 45.59
N VAL E 552 35.87 -3.97 45.20
CA VAL E 552 35.39 -2.68 45.69
C VAL E 552 34.41 -2.97 46.81
N PRO E 553 34.75 -2.70 48.06
CA PRO E 553 33.81 -2.98 49.16
C PRO E 553 32.55 -2.13 49.05
N ILE E 554 31.45 -2.72 49.50
CA ILE E 554 30.14 -2.06 49.49
C ILE E 554 29.92 -1.30 50.81
N ASN F 10 39.93 43.05 21.41
CA ASN F 10 39.23 41.83 21.02
C ASN F 10 39.31 40.78 22.14
N GLU F 11 38.28 40.74 22.97
CA GLU F 11 38.16 39.76 24.06
C GLU F 11 36.77 39.13 24.01
N LEU F 12 36.34 38.77 22.80
CA LEU F 12 35.05 38.16 22.51
C LEU F 12 33.85 38.92 23.07
N ASP F 13 33.02 39.42 22.17
CA ASP F 13 31.81 40.14 22.50
C ASP F 13 30.61 39.37 21.97
N VAL F 14 29.51 39.38 22.71
CA VAL F 14 28.32 38.66 22.29
C VAL F 14 27.76 39.25 21.00
N ASN F 15 27.99 40.54 20.78
CA ASN F 15 27.57 41.14 19.51
C ASN F 15 28.21 40.43 18.32
N ASP F 16 29.45 39.96 18.47
CA ASP F 16 30.10 39.22 17.39
C ASP F 16 29.37 37.92 17.12
N ILE F 17 28.97 37.22 18.18
CA ILE F 17 28.18 36.00 17.99
C ILE F 17 26.90 36.31 17.23
N TYR F 18 26.17 37.33 17.69
CA TYR F 18 24.91 37.67 17.06
C TYR F 18 25.11 38.02 15.60
N ASP F 19 26.12 38.83 15.29
CA ASP F 19 26.38 39.22 13.92
C ASP F 19 26.73 38.01 13.06
N HIS F 20 27.50 37.07 13.60
CA HIS F 20 27.82 35.87 12.83
C HIS F 20 26.55 35.08 12.50
N LEU F 21 25.73 34.84 13.52
CA LEU F 21 24.50 34.09 13.28
C LEU F 21 23.63 34.80 12.25
N ASN F 22 23.51 36.12 12.38
CA ASN F 22 22.67 36.90 11.49
C ASN F 22 23.18 36.86 10.05
N GLU F 23 24.50 36.85 9.89
CA GLU F 23 25.07 36.77 8.56
C GLU F 23 24.78 35.41 7.94
N LYS F 24 24.90 34.36 8.72
CA LYS F 24 24.73 33.02 8.15
C LYS F 24 23.29 32.50 8.23
N TYR F 25 22.50 32.92 9.23
CA TYR F 25 21.18 32.35 9.46
C TYR F 25 20.14 33.43 9.73
N SER F 26 20.14 34.48 8.91
CA SER F 26 19.27 35.61 9.15
C SER F 26 17.80 35.20 9.21
N GLN F 27 17.43 34.14 8.51
CA GLN F 27 16.03 33.70 8.52
C GLN F 27 15.60 33.16 9.89
N PHE F 28 16.56 32.84 10.77
CA PHE F 28 16.23 32.36 12.10
C PHE F 28 16.41 33.43 13.17
N ASN F 29 16.58 34.69 12.76
CA ASN F 29 16.66 35.75 13.75
C ASN F 29 15.33 35.90 14.47
N ASP F 30 15.37 35.96 15.79
CA ASP F 30 14.19 35.94 16.65
C ASP F 30 13.38 34.67 16.49
N VAL F 31 14.01 33.59 16.04
CA VAL F 31 13.45 32.25 16.10
C VAL F 31 14.34 31.31 16.92
N THR F 32 15.64 31.31 16.64
CA THR F 32 16.60 30.50 17.38
C THR F 32 17.72 31.33 17.99
N PHE F 33 17.68 32.65 17.85
CA PHE F 33 18.62 33.54 18.51
C PHE F 33 17.97 34.93 18.55
N SER F 34 18.62 35.84 19.25
CA SER F 34 18.04 37.16 19.45
C SER F 34 19.14 38.21 19.53
N LYS F 35 18.80 39.44 19.16
CA LYS F 35 19.71 40.57 19.34
C LYS F 35 20.03 40.72 20.82
N PRO F 36 21.30 40.92 21.21
CA PRO F 36 21.61 41.13 22.63
C PRO F 36 20.76 42.24 23.21
N SER F 37 20.33 42.04 24.46
CA SER F 37 19.51 43.01 25.17
C SER F 37 20.04 43.15 26.59
N THR F 38 19.64 44.24 27.24
CA THR F 38 20.03 44.49 28.62
C THR F 38 19.05 43.82 29.57
N ASN F 39 19.58 43.05 30.51
CA ASN F 39 18.79 42.30 31.48
C ASN F 39 19.45 42.49 32.83
N TYR F 40 18.80 41.99 33.87
CA TYR F 40 19.16 42.35 35.24
C TYR F 40 19.25 41.15 36.16
N LEU F 41 20.36 41.05 36.86
CA LEU F 41 20.64 39.95 37.77
C LEU F 41 20.64 40.47 39.19
N LYS F 42 19.70 40.02 39.99
CA LYS F 42 19.60 40.41 41.40
C LYS F 42 20.38 39.42 42.26
N PRO F 43 20.63 39.79 43.52
CA PRO F 43 21.30 38.85 44.43
C PRO F 43 20.60 37.49 44.43
N GLY F 44 21.41 36.43 44.45
CA GLY F 44 20.89 35.08 44.39
C GLY F 44 20.60 34.58 42.99
N TRP F 45 20.98 35.33 41.96
CA TRP F 45 20.68 34.92 40.60
C TRP F 45 21.36 33.62 40.24
N ILE F 46 22.45 33.28 40.92
CA ILE F 46 23.17 32.03 40.66
C ILE F 46 22.46 30.90 41.42
N LEU F 47 21.79 30.02 40.68
CA LEU F 47 21.13 28.86 41.27
C LEU F 47 22.00 27.64 41.01
N ASP F 48 23.15 27.63 41.67
CA ASP F 48 24.07 26.50 41.64
C ASP F 48 23.74 25.59 42.84
N THR F 49 23.39 24.35 42.54
CA THR F 49 23.06 23.37 43.58
C THR F 49 24.07 22.25 43.52
N HIS F 50 24.55 21.85 44.69
CA HIS F 50 25.54 20.77 44.81
C HIS F 50 25.72 20.45 46.28
N PHE F 51 26.42 19.34 46.54
CA PHE F 51 26.95 19.13 47.87
C PHE F 51 27.89 20.27 48.23
N THR F 52 28.18 20.40 49.52
CA THR F 52 29.04 21.50 49.97
C THR F 52 30.51 21.16 49.69
N PHE F 53 31.12 21.86 48.73
CA PHE F 53 32.49 21.56 48.34
C PHE F 53 33.40 21.63 49.56
N GLY F 54 34.33 20.69 49.64
CA GLY F 54 35.27 20.60 50.74
C GLY F 54 34.88 19.65 51.86
N THR F 55 33.61 19.33 51.99
CA THR F 55 33.17 18.39 53.01
C THR F 55 33.18 16.97 52.40
N SER F 56 32.62 16.00 53.12
CA SER F 56 32.48 14.65 52.60
C SER F 56 31.03 14.34 52.31
N SER F 57 30.81 13.35 51.45
CA SER F 57 29.46 12.90 51.20
C SER F 57 28.80 12.38 52.48
N GLU F 58 29.51 11.60 53.28
CA GLU F 58 28.93 11.11 54.52
C GLU F 58 28.38 12.26 55.36
N PHE F 59 29.19 13.30 55.53
CA PHE F 59 28.75 14.43 56.33
C PHE F 59 27.59 15.16 55.68
N TYR F 60 27.74 15.55 54.41
CA TYR F 60 26.65 16.26 53.73
C TYR F 60 25.35 15.50 53.81
N ASN F 61 25.40 14.19 53.58
CA ASN F 61 24.20 13.35 53.61
C ASN F 61 23.60 13.26 54.99
N LYS F 62 24.39 13.50 56.04
CA LYS F 62 23.74 13.59 57.34
C LYS F 62 22.75 14.74 57.44
N SER F 63 22.75 15.67 56.48
CA SER F 63 21.79 16.76 56.51
C SER F 63 20.35 16.27 56.42
N PHE F 64 20.13 15.03 55.97
CA PHE F 64 18.78 14.48 55.78
C PHE F 64 18.38 13.48 56.85
N ASP F 65 19.22 13.27 57.86
CA ASP F 65 18.87 12.40 58.97
C ASP F 65 18.00 13.17 59.96
N ALA F 66 16.94 12.53 60.42
CA ALA F 66 16.05 13.13 61.41
C ALA F 66 16.52 12.80 62.82
N LEU F 67 16.51 13.80 63.68
CA LEU F 67 16.93 13.64 65.07
C LEU F 67 15.77 13.97 66.02
N SER F 68 15.94 13.55 67.28
CA SER F 68 15.13 14.04 68.38
C SER F 68 13.64 14.06 68.07
N PHE F 69 13.01 12.90 68.09
CA PHE F 69 11.58 12.69 67.90
C PHE F 69 11.01 13.30 66.62
N ASN F 70 11.82 13.52 65.59
CA ASN F 70 11.34 14.06 64.33
C ASN F 70 11.20 12.94 63.30
N HIS F 71 10.75 13.31 62.11
CA HIS F 71 10.64 12.38 61.00
C HIS F 71 11.05 13.05 59.70
N VAL F 72 11.10 12.26 58.64
CA VAL F 72 11.39 12.77 57.30
C VAL F 72 10.06 13.09 56.63
N ASP F 73 9.82 14.37 56.37
CA ASP F 73 8.60 14.80 55.71
C ASP F 73 8.51 14.16 54.33
N SER F 74 7.32 13.68 53.99
CA SER F 74 7.12 12.91 52.77
C SER F 74 6.99 13.80 51.52
N GLU F 75 6.50 15.03 51.69
CA GLU F 75 6.36 15.93 50.56
C GLU F 75 7.73 16.44 50.09
N PHE F 76 8.59 16.84 51.05
CA PHE F 76 9.83 17.54 50.74
C PHE F 76 11.08 16.71 51.01
N ASN F 77 10.93 15.54 51.65
CA ASN F 77 12.06 14.64 51.83
C ASN F 77 13.19 15.33 52.57
N MET F 78 12.82 16.08 53.61
CA MET F 78 13.74 16.69 54.55
C MET F 78 13.25 16.40 55.97
N SER F 79 14.19 16.41 56.91
CA SER F 79 13.84 16.13 58.30
C SER F 79 13.01 17.28 58.87
N THR F 80 12.04 16.93 59.71
CA THR F 80 11.33 17.94 60.50
C THR F 80 12.23 18.44 61.63
N CYS F 81 11.72 19.40 62.38
CA CYS F 81 12.57 20.47 62.88
C CYS F 81 11.92 21.34 63.93
N ASN F 82 12.65 21.63 65.00
CA ASN F 82 12.25 22.64 65.96
C ASN F 82 13.27 23.77 66.11
N ASP F 83 14.55 23.46 66.05
CA ASP F 83 15.60 24.48 66.03
C ASP F 83 16.84 23.87 65.38
N ASP F 84 17.87 24.70 65.20
CA ASP F 84 19.07 24.29 64.48
C ASP F 84 19.72 23.06 65.12
N SER F 85 19.53 22.87 66.43
CA SER F 85 20.25 21.80 67.11
C SER F 85 19.75 20.43 66.69
N GLU F 86 18.54 20.34 66.17
CA GLU F 86 18.00 19.07 65.71
C GLU F 86 18.32 18.78 64.24
N CYS F 87 19.13 19.61 63.59
CA CYS F 87 19.50 19.45 62.19
C CYS F 87 20.97 19.08 62.07
N GLY F 88 21.25 18.02 61.32
CA GLY F 88 22.60 17.53 61.13
C GLY F 88 23.23 17.98 59.82
N GLY F 89 24.42 17.45 59.57
CA GLY F 89 25.11 17.79 58.34
C GLY F 89 25.37 19.27 58.24
N VAL F 90 25.01 19.85 57.09
CA VAL F 90 25.18 21.27 56.83
C VAL F 90 23.84 22.00 56.87
N SER F 91 22.81 21.35 57.40
CA SER F 91 21.47 21.89 57.34
C SER F 91 21.18 22.78 58.54
N THR F 92 20.14 23.60 58.41
CA THR F 92 19.66 24.42 59.51
C THR F 92 18.15 24.39 59.52
N CYS F 93 17.56 24.73 60.68
CA CYS F 93 16.11 24.79 60.82
C CYS F 93 15.57 26.04 60.12
N THR F 94 14.51 25.88 59.35
CA THR F 94 14.04 26.93 58.45
C THR F 94 12.57 26.64 58.19
N ALA F 95 11.80 27.68 57.91
CA ALA F 95 10.37 27.55 57.63
C ALA F 95 10.08 28.19 56.30
N PRO F 96 10.43 27.54 55.20
CA PRO F 96 10.34 28.20 53.89
C PRO F 96 8.90 28.44 53.46
N ALA F 97 8.70 29.55 52.75
CA ALA F 97 7.40 29.84 52.16
C ALA F 97 6.92 28.72 51.25
N TYR F 98 7.82 28.03 50.54
CA TYR F 98 7.39 27.02 49.60
C TYR F 98 6.81 25.79 50.30
N THR F 99 6.90 25.67 51.63
CA THR F 99 6.23 24.59 52.36
C THR F 99 4.82 24.96 52.78
N LYS F 100 4.40 26.19 52.53
CA LYS F 100 3.08 26.67 52.92
C LYS F 100 2.01 26.02 52.03
N ASN F 101 1.19 25.16 52.62
CA ASN F 101 0.17 24.45 51.86
C ASN F 101 -1.03 25.36 51.62
N LYS F 102 -2.11 24.80 51.05
CA LYS F 102 -3.24 25.61 50.63
C LYS F 102 -3.96 26.27 51.80
N ASP F 103 -3.80 25.76 53.01
CA ASP F 103 -4.45 26.34 54.18
C ASP F 103 -3.55 27.33 54.92
N GLY F 104 -2.37 27.64 54.38
CA GLY F 104 -1.54 28.72 54.88
C GLY F 104 -0.46 28.33 55.87
N ASP F 105 -0.29 27.04 56.14
CA ASP F 105 0.61 26.58 57.19
C ASP F 105 1.95 26.15 56.61
N ALA F 106 3.03 26.75 57.10
CA ALA F 106 4.38 26.37 56.73
C ALA F 106 4.89 25.26 57.64
N LYS F 107 6.00 24.64 57.24
CA LYS F 107 6.65 23.61 58.03
C LYS F 107 8.07 24.02 58.39
N LYS F 108 8.55 23.53 59.52
CA LYS F 108 9.94 23.71 59.93
C LYS F 108 10.73 22.49 59.46
N LEU F 109 11.68 22.70 58.56
CA LEU F 109 12.46 21.62 57.97
C LEU F 109 13.95 21.96 58.05
N CYS F 110 14.76 20.90 58.06
CA CYS F 110 16.21 21.01 58.03
C CYS F 110 16.61 21.22 56.58
N THR F 111 16.85 22.46 56.20
CA THR F 111 17.14 22.80 54.81
C THR F 111 18.64 22.93 54.60
N VAL F 112 19.02 22.94 53.33
CA VAL F 112 20.39 23.02 52.87
C VAL F 112 20.48 24.08 51.77
N PRO F 113 21.68 24.53 51.45
CA PRO F 113 21.80 25.58 50.42
C PRO F 113 21.13 25.26 49.09
N ALA F 114 21.14 24.00 48.65
CA ALA F 114 20.61 23.66 47.34
C ALA F 114 19.14 24.07 47.19
N ASP F 115 18.37 24.03 48.30
CA ASP F 115 16.97 24.43 48.28
C ASP F 115 16.76 25.86 47.79
N LYS F 116 17.83 26.64 47.62
CA LYS F 116 17.67 27.96 47.02
C LYS F 116 16.84 27.86 45.74
N ILE F 117 17.01 26.78 44.98
CA ILE F 117 16.28 26.69 43.72
C ILE F 117 14.78 26.68 43.97
N LEU F 118 14.33 25.90 44.96
CA LEU F 118 12.92 25.95 45.35
C LEU F 118 12.50 27.37 45.69
N ASP F 119 13.28 28.07 46.54
CA ASP F 119 12.94 29.44 46.89
C ASP F 119 12.73 30.26 45.62
N ALA F 120 13.63 30.10 44.65
CA ALA F 120 13.54 30.91 43.44
C ALA F 120 12.26 30.61 42.68
N ILE F 121 11.93 29.32 42.56
CA ILE F 121 10.75 28.95 41.76
C ILE F 121 9.49 29.48 42.42
N TYR F 122 9.29 29.12 43.69
CA TYR F 122 8.11 29.55 44.42
C TYR F 122 7.91 31.05 44.32
N ASP F 123 8.92 31.82 44.74
CA ASP F 123 8.79 33.27 44.73
C ASP F 123 8.37 33.78 43.36
N ASN F 124 8.95 33.23 42.29
CA ASN F 124 8.63 33.75 40.96
C ASN F 124 7.20 33.45 40.59
N ILE F 125 6.72 32.25 40.91
CA ILE F 125 5.42 31.82 40.41
C ILE F 125 4.31 32.53 41.16
N VAL F 126 4.44 32.65 42.49
CA VAL F 126 3.38 33.31 43.25
C VAL F 126 3.26 34.79 42.88
N SER F 127 4.29 35.38 42.29
CA SER F 127 4.24 36.78 41.88
C SER F 127 3.53 36.99 40.55
N ALA F 128 3.15 35.92 39.86
CA ALA F 128 2.64 36.05 38.50
C ALA F 128 1.34 36.84 38.48
N LYS F 129 1.25 37.74 37.50
CA LYS F 129 0.01 38.45 37.23
C LYS F 129 -0.61 38.06 35.90
N ARG F 130 0.13 37.37 35.03
CA ARG F 130 -0.35 37.09 33.68
C ARG F 130 -0.12 35.65 33.23
N SER F 131 1.09 35.13 33.45
CA SER F 131 1.44 33.87 32.82
C SER F 131 2.54 33.16 33.60
N VAL F 132 2.48 31.83 33.58
CA VAL F 132 3.49 30.96 34.14
C VAL F 132 3.76 29.89 33.08
N ASP F 133 4.99 29.84 32.59
CA ASP F 133 5.36 29.10 31.39
C ASP F 133 6.51 28.16 31.76
N ILE F 134 6.22 26.87 31.85
CA ILE F 134 7.19 25.90 32.33
C ILE F 134 7.48 24.89 31.22
N VAL F 135 8.75 24.73 30.89
CA VAL F 135 9.24 23.83 29.86
C VAL F 135 10.33 22.98 30.48
N THR F 136 10.30 21.67 30.24
CA THR F 136 11.24 20.80 30.91
C THR F 136 11.29 19.43 30.23
N LEU F 137 12.01 18.51 30.84
CA LEU F 137 12.16 17.13 30.36
C LEU F 137 11.42 16.19 31.30
N GLN F 138 10.63 15.31 30.73
CA GLN F 138 9.87 14.35 31.52
C GLN F 138 10.81 13.59 32.48
N PRO F 139 10.40 13.41 33.73
CA PRO F 139 11.19 12.55 34.62
C PRO F 139 11.43 11.17 34.02
N MET F 140 12.66 10.68 34.18
CA MET F 140 13.01 9.36 33.66
C MET F 140 12.18 8.29 34.36
N ASP F 141 11.77 7.28 33.57
CA ASP F 141 11.03 6.14 34.10
C ASP F 141 12.04 5.05 34.41
N ILE F 142 12.57 5.08 35.64
CA ILE F 142 13.55 4.08 36.04
C ILE F 142 12.85 2.77 36.45
N SER F 143 11.61 2.87 36.94
CA SER F 143 10.94 1.76 37.61
C SER F 143 9.54 2.18 38.00
N HIS F 144 9.46 3.31 38.72
CA HIS F 144 8.23 3.89 39.22
C HIS F 144 7.13 4.09 38.19
N LEU F 145 6.15 4.90 38.52
CA LEU F 145 4.98 5.09 37.69
C LEU F 145 5.13 6.38 36.88
N ASN F 146 5.58 6.23 35.64
CA ASN F 146 5.39 7.23 34.58
C ASN F 146 5.00 8.61 35.10
N LEU F 147 5.93 9.28 35.78
CA LEU F 147 5.70 10.60 36.33
C LEU F 147 5.86 11.67 35.27
N SER F 148 5.25 12.83 35.51
CA SER F 148 5.28 13.94 34.56
C SER F 148 5.78 15.22 35.23
N PHE F 149 6.52 16.03 34.44
CA PHE F 149 6.88 17.40 34.77
C PHE F 149 7.83 17.56 35.96
N SER F 150 7.55 16.89 37.08
CA SER F 150 8.37 17.11 38.24
C SER F 150 8.28 15.92 39.18
N SER F 151 9.21 15.89 40.14
CA SER F 151 9.23 14.81 41.10
C SER F 151 9.85 15.31 42.40
N GLY F 152 9.57 14.57 43.46
CA GLY F 152 10.03 14.97 44.78
C GLY F 152 9.57 16.35 45.18
N ALA F 153 10.48 17.07 45.85
CA ALA F 153 10.10 18.33 46.48
C ALA F 153 9.67 19.36 45.44
N PHE F 154 10.14 19.25 44.21
CA PHE F 154 9.69 20.20 43.19
C PHE F 154 8.18 20.17 43.06
N THR F 155 7.61 18.96 43.01
CA THR F 155 6.17 18.82 42.80
C THR F 155 5.38 19.58 43.87
N ALA F 156 5.63 19.25 45.13
CA ALA F 156 4.99 19.98 46.22
C ALA F 156 5.20 21.49 46.06
N THR F 157 6.45 21.89 45.81
CA THR F 157 6.73 23.30 45.65
C THR F 157 5.81 23.91 44.60
N ILE F 158 5.79 23.31 43.41
CA ILE F 158 4.93 23.83 42.34
C ILE F 158 3.50 23.90 42.84
N LYS F 159 2.98 22.81 43.41
CA LYS F 159 1.60 22.82 43.87
C LYS F 159 1.38 23.97 44.85
N ASN F 160 2.26 24.06 45.86
CA ASN F 160 2.08 25.11 46.85
C ASN F 160 2.12 26.49 46.18
N ALA F 161 3.08 26.70 45.28
CA ALA F 161 3.13 27.96 44.56
C ALA F 161 1.79 28.24 43.88
N LEU F 162 1.27 27.28 43.13
CA LEU F 162 0.04 27.54 42.40
C LEU F 162 -1.09 27.84 43.39
N SER F 163 -1.15 27.10 44.50
CA SER F 163 -2.16 27.41 45.50
C SER F 163 -2.06 28.87 45.90
N GLN F 164 -0.87 29.29 46.32
CA GLN F 164 -0.69 30.69 46.71
C GLN F 164 -1.10 31.60 45.57
N LEU F 165 -0.68 31.26 44.34
CA LEU F 165 -1.01 32.10 43.20
C LEU F 165 -2.52 32.29 43.08
N ALA F 166 -3.28 31.20 43.24
CA ALA F 166 -4.73 31.30 43.13
C ALA F 166 -5.27 32.34 44.10
N LYS F 167 -4.73 32.37 45.33
CA LYS F 167 -5.18 33.36 46.30
C LYS F 167 -4.73 34.76 45.89
N ASN F 168 -3.50 34.91 45.42
CA ASN F 168 -2.98 36.23 45.08
C ASN F 168 -3.74 36.86 43.91
N THR F 169 -4.44 36.06 43.11
CA THR F 169 -5.08 36.55 41.89
C THR F 169 -6.60 36.36 41.94
N GLN F 170 -7.16 36.00 43.08
CA GLN F 170 -8.56 35.62 43.11
C GLN F 170 -9.49 36.73 42.67
N TYR F 171 -9.05 38.00 42.72
CA TYR F 171 -9.85 39.13 42.25
C TYR F 171 -9.35 39.68 40.92
N SER F 172 -8.61 38.89 40.16
CA SER F 172 -7.96 39.40 38.95
C SER F 172 -8.97 39.69 37.85
N ASP F 173 -8.74 40.79 37.15
CA ASP F 173 -9.58 41.14 36.01
C ASP F 173 -9.54 40.05 34.93
N HIS F 174 -8.43 39.36 34.80
CA HIS F 174 -8.22 38.40 33.73
C HIS F 174 -7.68 37.11 34.35
N HIS F 175 -7.68 36.06 33.55
CA HIS F 175 -7.14 34.79 33.99
C HIS F 175 -5.64 34.71 33.73
N ILE F 176 -4.97 33.87 34.51
CA ILE F 176 -3.55 33.63 34.37
C ILE F 176 -3.38 32.35 33.56
N THR F 177 -2.55 32.40 32.51
CA THR F 177 -2.27 31.23 31.69
C THR F 177 -1.06 30.51 32.27
N VAL F 178 -1.24 29.24 32.61
CA VAL F 178 -0.17 28.39 33.14
C VAL F 178 0.05 27.26 32.15
N ARG F 179 1.25 27.17 31.60
CA ARG F 179 1.61 26.14 30.63
C ARG F 179 2.71 25.28 31.21
N LEU F 180 2.51 23.95 31.27
CA LEU F 180 3.54 22.99 31.65
C LEU F 180 3.74 22.05 30.49
N LEU F 181 4.96 21.98 29.97
CA LEU F 181 5.26 21.21 28.77
C LEU F 181 6.54 20.41 29.00
N GLN F 182 6.47 19.11 28.74
CA GLN F 182 7.63 18.25 28.90
C GLN F 182 7.97 17.55 27.59
N GLY F 183 9.28 17.44 27.31
CA GLY F 183 9.74 16.55 26.25
C GLY F 183 9.69 15.12 26.76
N SER F 184 9.16 14.22 25.94
CA SER F 184 8.95 12.83 26.35
C SER F 184 9.78 11.89 25.49
N PHE F 185 10.53 11.01 26.17
CA PHE F 185 11.24 9.92 25.49
C PHE F 185 10.28 9.11 24.62
N THR F 186 10.69 8.81 23.38
CA THR F 186 9.92 7.98 22.45
C THR F 186 10.89 7.15 21.64
N PRO F 187 10.69 5.83 21.52
CA PRO F 187 9.62 5.06 22.19
C PRO F 187 9.75 5.05 23.70
N MET F 188 8.61 4.97 24.37
CA MET F 188 8.53 5.07 25.82
C MET F 188 8.81 3.73 26.47
N LEU F 189 9.34 3.80 27.70
CA LEU F 189 9.63 2.62 28.49
C LEU F 189 8.45 1.65 28.51
N GLY F 190 8.68 0.45 27.99
CA GLY F 190 7.66 -0.57 27.96
C GLY F 190 6.93 -0.71 26.65
N TYR F 191 7.31 0.08 25.65
CA TYR F 191 6.62 0.08 24.37
C TYR F 191 7.63 0.11 23.23
N ASP F 192 7.44 -0.77 22.25
CA ASP F 192 8.14 -0.64 20.99
C ASP F 192 7.64 0.60 20.23
N ALA F 193 8.49 1.11 19.35
CA ALA F 193 8.12 2.32 18.61
C ALA F 193 6.86 2.14 17.78
N GLU F 194 6.50 0.90 17.43
CA GLU F 194 5.30 0.66 16.64
C GLU F 194 4.01 0.98 17.39
N SER F 195 4.07 1.19 18.70
CA SER F 195 2.89 1.34 19.53
C SER F 195 2.69 2.81 19.95
N GLU F 196 2.60 3.69 18.94
CA GLU F 196 2.42 5.11 19.22
C GLU F 196 1.12 5.36 19.99
N GLU F 197 0.03 4.72 19.57
CA GLU F 197 -1.27 4.97 20.19
C GLU F 197 -1.25 4.73 21.69
N GLU F 198 -0.81 3.53 22.12
CA GLU F 198 -0.73 3.25 23.55
C GLU F 198 0.15 4.26 24.28
N GLU F 199 1.23 4.69 23.62
CA GLU F 199 2.12 5.69 24.20
C GLU F 199 1.37 6.98 24.51
N ILE F 200 0.62 7.50 23.53
CA ILE F 200 -0.18 8.69 23.77
C ILE F 200 -1.12 8.47 24.92
N ARG F 201 -1.77 7.31 24.98
CA ARG F 201 -2.71 7.07 26.08
C ARG F 201 -2.01 7.18 27.43
N GLN F 202 -0.83 6.59 27.54
CA GLN F 202 -0.10 6.65 28.82
C GLN F 202 0.26 8.07 29.19
N LEU F 203 0.79 8.83 28.21
CA LEU F 203 1.13 10.23 28.45
C LEU F 203 -0.09 11.03 28.89
N SER F 204 -1.22 10.82 28.21
CA SER F 204 -2.45 11.49 28.59
C SER F 204 -2.79 11.18 30.04
N LEU F 205 -2.71 9.90 30.44
CA LEU F 205 -3.10 9.52 31.79
C LEU F 205 -2.26 10.22 32.84
N THR F 206 -0.94 10.20 32.68
CA THR F 206 -0.10 10.80 33.70
C THR F 206 -0.27 12.32 33.74
N GLN F 207 -0.41 12.96 32.58
CA GLN F 207 -0.68 14.39 32.55
C GLN F 207 -1.99 14.72 33.25
N THR F 208 -3.03 13.93 32.99
CA THR F 208 -4.32 14.15 33.63
C THR F 208 -4.19 14.06 35.15
N ASN F 209 -3.48 13.05 35.65
CA ASN F 209 -3.32 12.93 37.09
C ASN F 209 -2.56 14.13 37.66
N TYR F 210 -1.50 14.58 36.97
CA TYR F 210 -0.76 15.76 37.43
C TYR F 210 -1.67 16.97 37.54
N LEU F 211 -2.46 17.21 36.50
CA LEU F 211 -3.37 18.35 36.47
C LEU F 211 -4.44 18.21 37.56
N SER F 212 -5.00 17.01 37.73
CA SER F 212 -6.02 16.82 38.75
C SER F 212 -5.46 17.08 40.14
N GLU F 213 -4.23 16.62 40.39
CA GLU F 213 -3.58 16.90 41.66
C GLU F 213 -3.47 18.40 41.90
N ILE F 214 -3.04 19.15 40.89
CA ILE F 214 -3.01 20.61 41.03
C ILE F 214 -4.42 21.14 41.34
N ALA F 215 -5.41 20.67 40.59
CA ALA F 215 -6.76 21.20 40.75
C ALA F 215 -7.26 21.00 42.18
N SER F 216 -6.90 19.87 42.78
CA SER F 216 -7.46 19.57 44.09
C SER F 216 -6.89 20.45 45.21
N VAL F 217 -5.84 21.24 44.94
CA VAL F 217 -5.33 22.20 45.92
C VAL F 217 -5.64 23.63 45.53
N LEU F 218 -6.49 23.83 44.52
CA LEU F 218 -6.89 25.19 44.16
C LEU F 218 -8.32 25.44 44.62
N PRO F 219 -8.67 26.71 44.90
CA PRO F 219 -10.06 27.04 45.19
C PRO F 219 -10.99 26.53 44.10
N GLU F 220 -12.22 26.19 44.49
CA GLU F 220 -13.18 25.68 43.52
C GLU F 220 -13.35 26.65 42.35
N VAL F 221 -13.36 27.97 42.64
CA VAL F 221 -13.40 29.00 41.62
C VAL F 221 -12.11 29.81 41.71
N ASN F 222 -11.39 29.90 40.60
CA ASN F 222 -10.12 30.60 40.55
C ASN F 222 -9.89 31.06 39.13
N ASN F 223 -8.90 31.93 38.95
CA ASN F 223 -8.62 32.55 37.67
C ASN F 223 -7.42 31.92 36.96
N LEU F 224 -7.11 30.66 37.26
CA LEU F 224 -5.96 29.99 36.67
C LEU F 224 -6.43 29.02 35.58
N ASP F 225 -5.94 29.22 34.36
CA ASP F 225 -6.16 28.30 33.24
C ASP F 225 -4.87 27.49 33.06
N ILE F 226 -4.91 26.21 33.43
CA ILE F 226 -3.70 25.40 33.54
C ILE F 226 -3.70 24.33 32.47
N THR F 227 -2.62 24.25 31.70
CA THR F 227 -2.49 23.26 30.64
C THR F 227 -1.23 22.42 30.87
N VAL F 228 -1.38 21.12 30.66
CA VAL F 228 -0.27 20.18 30.70
C VAL F 228 -0.15 19.52 29.34
N GLY F 229 1.08 19.35 28.88
CA GLY F 229 1.31 18.78 27.57
C GLY F 229 2.67 18.12 27.45
N SER F 230 2.76 17.23 26.46
CA SER F 230 3.97 16.50 26.15
C SER F 230 4.32 16.75 24.68
N VAL F 231 5.62 16.88 24.40
CA VAL F 231 6.06 17.17 23.05
C VAL F 231 7.24 16.28 22.67
N ARG F 232 7.10 15.55 21.56
CA ARG F 232 8.16 14.80 20.91
C ARG F 232 8.06 15.11 19.42
N SER F 233 9.20 15.36 18.78
CA SER F 233 9.19 15.79 17.39
C SER F 233 9.71 14.74 16.42
N CYS F 234 10.26 13.61 16.88
CA CYS F 234 10.76 12.61 15.95
C CYS F 234 10.91 11.28 16.65
N ASN F 235 10.37 10.23 16.03
CA ASN F 235 10.45 8.86 16.51
C ASN F 235 10.84 7.90 15.39
N LYS F 236 11.56 8.40 14.38
CA LYS F 236 11.80 7.63 13.17
C LYS F 236 12.73 6.45 13.42
N LEU F 237 13.86 6.69 14.11
CA LEU F 237 14.88 5.69 14.39
C LEU F 237 15.64 5.21 13.16
N ILE F 238 14.94 5.05 12.03
CA ILE F 238 15.55 4.47 10.84
C ILE F 238 16.04 5.52 9.85
N SER F 239 15.87 6.81 10.16
CA SER F 239 16.22 7.86 9.21
C SER F 239 16.35 9.18 9.94
N ASN F 240 16.79 10.19 9.21
CA ASN F 240 17.14 11.47 9.78
C ASN F 240 15.91 12.19 10.31
N CYS F 241 16.08 12.83 11.48
CA CYS F 241 15.02 13.60 12.10
C CYS F 241 14.86 14.99 11.50
N GLY F 242 15.90 15.49 10.84
CA GLY F 242 15.89 16.86 10.37
C GLY F 242 17.07 17.65 10.90
N ASN F 243 18.26 17.32 10.41
CA ASN F 243 19.47 18.06 10.75
C ASN F 243 20.44 17.96 9.58
N ASN F 244 21.62 18.54 9.76
CA ASN F 244 22.67 18.50 8.74
C ASN F 244 23.88 17.73 9.23
N ASN F 245 23.65 16.75 10.11
CA ASN F 245 24.76 16.01 10.68
C ASN F 245 25.54 15.27 9.61
N SER F 246 26.84 15.15 9.84
CA SER F 246 27.67 14.19 9.11
C SER F 246 27.58 12.82 9.75
N GLN F 247 27.57 12.75 11.08
CA GLN F 247 27.42 11.48 11.78
C GLN F 247 26.00 10.94 11.61
N LYS F 248 25.87 9.62 11.68
CA LYS F 248 24.60 8.93 11.63
C LYS F 248 24.59 7.86 12.72
N ASP F 249 23.52 7.82 13.51
CA ASP F 249 23.39 6.78 14.52
C ASP F 249 21.91 6.64 14.84
N VAL F 250 21.53 5.41 15.22
CA VAL F 250 20.14 5.16 15.60
C VAL F 250 19.72 6.11 16.73
N LEU F 251 20.60 6.32 17.71
CA LEU F 251 20.24 7.13 18.86
C LEU F 251 20.12 8.61 18.53
N LEU F 252 20.52 9.03 17.34
CA LEU F 252 20.28 10.41 16.90
C LEU F 252 19.00 10.55 16.08
N ASN F 253 18.28 9.47 15.85
CA ASN F 253 17.09 9.49 15.01
C ASN F 253 15.81 9.48 15.83
N VAL F 254 15.84 10.09 17.02
CA VAL F 254 14.65 10.44 17.77
C VAL F 254 14.87 11.84 18.32
N ALA F 255 13.80 12.50 18.75
CA ALA F 255 13.96 13.86 19.23
C ALA F 255 12.74 14.35 20.02
N TRP F 256 13.02 15.14 21.05
CA TRP F 256 12.02 15.77 21.90
C TRP F 256 12.66 16.95 22.59
N ASN F 257 11.85 17.72 23.31
CA ASN F 257 12.38 18.91 23.94
C ASN F 257 13.31 18.55 25.07
N HIS F 258 14.40 19.30 25.18
CA HIS F 258 15.33 19.19 26.30
C HIS F 258 15.47 20.52 27.02
N GLY F 259 14.88 21.58 26.48
CA GLY F 259 14.99 22.88 27.11
C GLY F 259 14.29 22.93 28.46
N LYS F 260 14.78 23.82 29.31
CA LYS F 260 14.34 23.91 30.71
C LYS F 260 14.14 25.38 31.04
N ILE F 261 12.88 25.79 31.13
CA ILE F 261 12.51 27.19 31.33
C ILE F 261 11.43 27.24 32.40
N ILE F 262 11.50 28.26 33.27
CA ILE F 262 10.36 28.71 34.07
C ILE F 262 10.25 30.21 33.85
N ASN F 263 9.21 30.64 33.15
CA ASN F 263 9.06 32.01 32.66
C ASN F 263 7.78 32.57 33.22
N VAL F 264 7.90 33.63 34.01
CA VAL F 264 6.75 34.26 34.66
C VAL F 264 6.53 35.64 34.04
N ASP F 265 5.31 35.86 33.56
CA ASP F 265 4.86 37.17 33.09
C ASP F 265 5.69 37.68 31.92
N ASN F 266 6.34 36.79 31.17
CA ASN F 266 7.21 37.24 30.08
C ASN F 266 8.24 38.23 30.60
N GLN F 267 8.67 38.03 31.85
CA GLN F 267 9.56 38.96 32.51
C GLN F 267 10.66 38.25 33.29
N SER F 268 10.30 37.30 34.17
CA SER F 268 11.27 36.60 35.02
C SER F 268 11.52 35.21 34.46
N VAL F 269 12.79 34.88 34.19
CA VAL F 269 13.14 33.59 33.63
C VAL F 269 14.11 32.87 34.57
N ILE F 270 13.83 31.60 34.84
CA ILE F 270 14.77 30.67 35.43
C ILE F 270 15.12 29.66 34.34
N THR F 271 16.40 29.55 34.01
CA THR F 271 16.77 28.59 32.98
C THR F 271 18.17 28.06 33.25
N GLY F 272 18.44 26.86 32.74
CA GLY F 272 19.73 26.24 32.92
C GLY F 272 19.67 24.74 32.72
N GLY F 273 20.44 23.99 33.50
CA GLY F 273 20.51 22.56 33.33
C GLY F 273 19.53 21.75 34.17
N HIS F 274 18.98 22.37 35.22
CA HIS F 274 18.13 21.64 36.15
C HIS F 274 16.87 21.12 35.44
N ASN F 275 16.63 19.82 35.50
CA ASN F 275 15.28 19.30 35.46
C ASN F 275 14.65 19.45 36.85
N LEU F 276 13.33 19.32 36.93
CA LEU F 276 12.65 19.49 38.21
C LEU F 276 12.52 18.17 38.96
N TRP F 277 13.66 17.51 39.18
CA TRP F 277 13.73 16.16 39.74
C TRP F 277 14.31 16.21 41.14
N GLY F 278 13.46 16.04 42.15
CA GLY F 278 13.88 16.33 43.51
C GLY F 278 14.98 15.41 44.01
N ALA F 279 14.83 14.10 43.83
CA ALA F 279 15.80 13.18 44.38
C ALA F 279 17.18 13.39 43.82
N ASP F 280 17.29 13.95 42.62
CA ASP F 280 18.59 14.05 41.97
C ASP F 280 19.40 15.23 42.44
N TYR F 281 18.76 16.21 43.07
CA TYR F 281 19.43 17.45 43.37
C TYR F 281 19.32 17.85 44.84
N LEU F 282 18.19 17.51 45.47
CA LEU F 282 17.84 18.08 46.76
C LEU F 282 17.75 17.05 47.88
N GLN F 283 18.51 15.98 47.77
CA GLN F 283 18.47 14.91 48.75
C GLN F 283 19.88 14.38 48.95
N ARG F 284 20.06 13.13 49.37
CA ARG F 284 21.39 12.57 49.50
C ARG F 284 22.08 12.51 48.15
N ASN F 285 23.41 12.59 48.17
CA ASN F 285 24.26 12.44 46.99
C ASN F 285 23.74 13.30 45.84
N PRO F 286 23.71 14.61 46.02
CA PRO F 286 23.17 15.49 44.98
C PRO F 286 24.02 15.55 43.75
N VAL F 287 23.37 15.71 42.61
CA VAL F 287 24.05 15.99 41.35
C VAL F 287 24.32 17.48 41.26
N ASN F 288 25.51 17.85 40.80
CA ASN F 288 25.87 19.25 40.65
C ASN F 288 25.19 19.82 39.43
N ASP F 289 24.53 20.98 39.60
CA ASP F 289 23.90 21.60 38.44
C ASP F 289 23.74 23.09 38.67
N LEU F 290 23.42 23.78 37.57
CA LEU F 290 23.37 25.24 37.58
C LEU F 290 22.20 25.74 36.75
N SER F 291 21.43 26.65 37.33
CA SER F 291 20.47 27.46 36.60
C SER F 291 20.69 28.90 37.02
N ILE F 292 20.06 29.84 36.30
CA ILE F 292 20.09 31.24 36.70
C ILE F 292 18.68 31.81 36.68
N ASN F 293 18.54 32.92 37.42
CA ASN F 293 17.30 33.66 37.64
C ASN F 293 17.55 35.08 37.15
N ILE F 294 16.92 35.46 36.06
CA ILE F 294 17.23 36.70 35.36
C ILE F 294 15.92 37.37 34.98
N LEU F 295 15.96 38.70 34.91
CA LEU F 295 14.79 39.50 34.61
C LEU F 295 15.12 40.41 33.43
N GLY F 296 14.15 40.57 32.52
CA GLY F 296 14.30 41.52 31.44
C GLY F 296 13.78 41.03 30.11
N PRO F 297 14.12 41.75 29.04
CA PRO F 297 13.57 41.41 27.72
C PRO F 297 13.99 40.04 27.21
N ILE F 298 15.04 39.44 27.77
CA ILE F 298 15.41 38.08 27.38
C ILE F 298 14.23 37.13 27.54
N ALA F 299 13.34 37.41 28.50
CA ALA F 299 12.18 36.55 28.70
C ALA F 299 11.38 36.41 27.41
N SER F 300 11.30 37.48 26.63
CA SER F 300 10.65 37.42 25.32
C SER F 300 11.13 36.21 24.53
N THR F 301 12.46 36.06 24.38
CA THR F 301 12.99 34.91 23.65
C THR F 301 12.48 33.60 24.25
N ALA F 302 12.60 33.44 25.58
CA ALA F 302 12.10 32.22 26.21
C ALA F 302 10.65 31.96 25.78
N THR F 303 9.84 33.01 25.81
CA THR F 303 8.43 32.85 25.46
C THR F 303 8.28 32.39 24.02
N LYS F 304 9.01 33.03 23.09
CA LYS F 304 9.00 32.56 21.72
C LYS F 304 9.33 31.07 21.67
N TYR F 305 10.39 30.65 22.39
CA TYR F 305 10.74 29.24 22.40
C TYR F 305 9.52 28.40 22.80
N GLY F 306 8.94 28.73 23.97
CA GLY F 306 7.74 28.01 24.37
C GLY F 306 6.71 28.02 23.28
N ASN F 307 6.45 29.19 22.71
CA ASN F 307 5.40 29.29 21.71
C ASN F 307 5.68 28.40 20.52
N THR F 308 6.94 28.35 20.07
CA THR F 308 7.27 27.45 18.98
C THR F 308 6.79 26.06 19.34
N LEU F 309 7.28 25.54 20.46
CA LEU F 309 6.90 24.19 20.88
C LEU F 309 5.39 24.08 20.99
N TRP F 310 4.75 25.07 21.62
CA TRP F 310 3.32 24.93 21.87
C TRP F 310 2.56 25.01 20.56
N ASN F 311 3.01 25.88 19.64
CA ASN F 311 2.37 25.91 18.33
C ASN F 311 2.43 24.53 17.72
N TYR F 312 3.62 23.88 17.80
CA TYR F 312 3.81 22.55 17.25
C TYR F 312 2.87 21.55 17.92
N VAL F 313 2.66 21.69 19.23
CA VAL F 313 1.77 20.75 19.89
C VAL F 313 0.33 20.96 19.43
N CYS F 314 -0.07 22.23 19.26
CA CYS F 314 -1.48 22.48 19.05
C CYS F 314 -1.90 22.24 17.61
N ASN F 315 -0.99 22.39 16.65
CA ASN F 315 -1.43 22.44 15.26
C ASN F 315 -0.66 21.56 14.29
N ASN F 316 0.25 20.69 14.75
CA ASN F 316 1.27 20.19 13.83
C ASN F 316 0.66 19.48 12.63
N THR F 317 -0.25 18.53 12.86
CA THR F 317 -0.92 17.74 11.80
C THR F 317 -0.14 17.63 10.48
N GLY F 318 0.48 16.47 10.20
CA GLY F 318 0.30 15.25 10.98
C GLY F 318 1.55 14.61 11.56
N THR F 319 2.10 13.59 10.90
CA THR F 319 3.25 12.80 11.39
C THR F 319 3.03 12.51 12.87
N ILE F 320 4.01 12.77 13.74
CA ILE F 320 3.84 12.50 15.16
C ILE F 320 2.65 13.26 15.73
N THR F 321 1.97 12.64 16.69
CA THR F 321 0.86 13.24 17.40
C THR F 321 1.20 13.34 18.88
N ASN F 322 1.10 14.54 19.43
CA ASN F 322 1.36 14.84 20.83
C ASN F 322 0.04 14.98 21.57
N THR F 323 0.12 15.32 22.84
CA THR F 323 -1.07 15.30 23.69
C THR F 323 -0.96 16.39 24.74
N PHE F 324 -2.13 16.86 25.18
CA PHE F 324 -2.25 17.98 26.10
C PHE F 324 -3.68 18.01 26.63
N VAL F 325 -3.85 18.70 27.76
CA VAL F 325 -5.19 18.91 28.32
C VAL F 325 -5.13 20.12 29.25
N THR F 326 -6.26 20.80 29.39
CA THR F 326 -6.36 22.06 30.12
C THR F 326 -7.47 21.96 31.15
N TYR F 327 -7.26 22.57 32.31
CA TYR F 327 -8.26 22.70 33.35
C TYR F 327 -8.48 24.19 33.62
N ALA F 328 -9.72 24.63 33.46
CA ALA F 328 -10.08 26.02 33.64
C ALA F 328 -11.58 26.09 33.89
N ASN F 329 -11.96 27.05 34.74
CA ASN F 329 -13.38 27.23 35.11
C ASN F 329 -14.03 25.88 35.46
N GLY F 330 -13.28 25.05 36.18
CA GLY F 330 -13.82 23.81 36.70
C GLY F 330 -14.04 22.72 35.67
N GLN F 331 -13.42 22.85 34.50
CA GLN F 331 -13.66 21.90 33.42
C GLN F 331 -12.34 21.51 32.78
N TYR F 332 -12.28 20.26 32.34
CA TYR F 332 -11.20 19.79 31.48
C TYR F 332 -11.59 20.07 30.04
N THR F 333 -10.70 20.72 29.29
CA THR F 333 -10.96 21.07 27.91
C THR F 333 -9.70 20.85 27.09
N TYR F 334 -9.84 21.04 25.77
CA TYR F 334 -8.71 21.02 24.83
C TYR F 334 -8.36 22.41 24.30
N ASP F 335 -8.71 23.47 25.02
CA ASP F 335 -8.26 24.82 24.65
C ASP F 335 -6.74 24.85 24.72
N CYS F 336 -6.09 24.98 23.58
CA CYS F 336 -4.63 24.84 23.51
C CYS F 336 -3.97 26.21 23.57
N PRO F 337 -3.12 26.47 24.55
CA PRO F 337 -2.48 27.81 24.66
C PRO F 337 -1.26 27.92 23.76
N ALA F 338 -1.52 28.02 22.46
CA ALA F 338 -0.42 27.99 21.51
C ALA F 338 0.50 29.20 21.62
N HIS F 339 0.02 30.31 22.17
CA HIS F 339 0.74 31.57 22.06
C HIS F 339 0.49 32.43 23.31
N ILE F 340 1.56 32.67 24.07
CA ILE F 340 1.64 33.77 25.03
C ILE F 340 2.37 34.92 24.35
N SER F 341 1.84 36.14 24.50
CA SER F 341 2.46 37.31 23.87
C SER F 341 3.93 37.44 24.32
N SER F 342 4.81 37.68 23.33
CA SER F 342 6.23 37.82 23.58
C SER F 342 6.66 39.27 23.75
N THR F 343 5.75 40.23 23.56
CA THR F 343 6.11 41.64 23.67
C THR F 343 6.47 41.99 25.11
N TYR F 344 7.68 42.51 25.29
CA TYR F 344 8.21 42.75 26.63
C TYR F 344 7.64 44.03 27.20
N VAL F 345 7.18 43.95 28.44
CA VAL F 345 6.75 45.11 29.22
C VAL F 345 7.57 45.12 30.50
N ALA F 346 8.34 46.16 30.70
CA ALA F 346 9.17 46.25 31.91
C ALA F 346 8.28 46.36 33.14
N PRO F 347 8.52 45.54 34.16
CA PRO F 347 7.83 45.74 35.45
C PRO F 347 8.43 46.91 36.19
N THR F 348 7.69 47.42 37.17
CA THR F 348 8.19 48.52 37.98
C THR F 348 9.39 48.04 38.79
N ASP F 349 10.41 48.89 38.88
CA ASP F 349 11.68 48.54 39.52
C ASP F 349 12.33 47.34 38.84
N ALA F 350 12.25 47.29 37.51
CA ALA F 350 12.89 46.23 36.75
C ALA F 350 14.40 46.42 36.64
N LYS F 351 14.87 47.67 36.66
CA LYS F 351 16.29 47.98 36.52
C LYS F 351 17.08 47.73 37.81
N ASN F 352 16.48 47.05 38.79
CA ASN F 352 17.16 46.72 40.03
C ASN F 352 18.07 45.52 39.82
N GLY F 353 19.34 45.67 40.21
CA GLY F 353 20.32 44.63 40.06
C GLY F 353 21.39 44.98 39.03
N LEU F 354 22.23 44.00 38.75
CA LEU F 354 23.34 44.18 37.82
C LEU F 354 22.85 44.08 36.38
N ALA F 355 23.09 45.14 35.60
CA ALA F 355 22.75 45.15 34.18
C ALA F 355 23.79 44.38 33.38
N VAL F 356 23.32 43.48 32.51
CA VAL F 356 24.20 42.66 31.70
C VAL F 356 23.63 42.50 30.31
N LYS F 357 24.53 42.32 29.34
CA LYS F 357 24.13 42.03 27.96
C LYS F 357 23.89 40.53 27.81
N VAL F 358 22.75 40.17 27.21
CA VAL F 358 22.36 38.77 27.09
C VAL F 358 21.70 38.52 25.75
N MET F 359 22.02 37.40 25.13
CA MET F 359 21.24 36.92 23.99
C MET F 359 20.77 35.51 24.25
N SER F 360 19.77 35.08 23.48
CA SER F 360 19.32 33.70 23.50
C SER F 360 19.90 32.94 22.30
N ILE F 361 20.13 31.65 22.47
CA ILE F 361 20.34 30.76 21.34
C ILE F 361 19.58 29.45 21.57
N SER F 362 19.08 28.88 20.50
CA SER F 362 18.23 27.71 20.61
C SER F 362 18.60 26.71 19.54
N LYS F 363 18.04 25.53 19.70
CA LYS F 363 18.10 24.44 18.73
C LYS F 363 16.68 23.96 18.59
N LEU F 364 16.07 24.19 17.43
CA LEU F 364 14.67 23.85 17.22
C LEU F 364 14.44 23.04 15.94
N ASN F 365 15.48 22.37 15.46
CA ASN F 365 15.34 21.54 14.26
C ASN F 365 14.92 20.14 14.65
N ASN F 366 15.27 19.14 13.83
CA ASN F 366 14.88 17.75 14.09
C ASN F 366 13.37 17.58 14.26
N GLY F 367 12.60 18.24 13.40
CA GLY F 367 11.18 17.95 13.27
C GLY F 367 10.23 19.02 13.69
N VAL F 368 10.70 20.06 14.38
CA VAL F 368 9.82 21.15 14.79
C VAL F 368 9.89 22.24 13.72
N LEU F 369 11.07 22.85 13.55
CA LEU F 369 11.34 23.81 12.51
C LEU F 369 12.24 23.19 11.47
N ASP F 370 12.64 23.99 10.49
CA ASP F 370 13.48 23.54 9.41
C ASP F 370 14.79 22.95 9.93
N LYS F 371 15.33 22.01 9.16
CA LYS F 371 16.51 21.28 9.61
C LYS F 371 17.73 22.17 9.84
N ASP F 372 17.76 23.35 9.23
CA ASP F 372 18.87 24.28 9.45
C ASP F 372 18.79 25.00 10.80
N ALA F 373 17.76 24.74 11.60
CA ALA F 373 17.48 25.59 12.75
C ALA F 373 18.26 25.24 13.99
N ASP F 374 19.56 24.96 13.87
CA ASP F 374 20.38 24.67 15.03
C ASP F 374 21.46 25.73 15.14
N GLN F 375 21.13 26.85 15.77
CA GLN F 375 22.06 27.95 15.94
C GLN F 375 22.82 27.88 17.25
N SER F 376 22.41 27.03 18.18
CA SER F 376 23.13 26.86 19.44
C SER F 376 24.53 26.32 19.21
N GLU F 377 24.63 25.21 18.47
CA GLU F 377 25.93 24.62 18.13
C GLU F 377 26.84 25.66 17.48
N VAL F 378 26.32 26.36 16.47
CA VAL F 378 27.14 27.33 15.76
C VAL F 378 27.65 28.39 16.72
N ALA F 379 26.76 28.88 17.58
CA ALA F 379 27.15 29.94 18.52
C ALA F 379 28.30 29.49 19.40
N ARG F 380 28.20 28.29 19.97
CA ARG F 380 29.25 27.88 20.90
C ARG F 380 30.56 27.57 20.17
N VAL F 381 30.47 27.03 18.96
CA VAL F 381 31.69 26.81 18.17
C VAL F 381 32.37 28.14 17.87
N TYR F 382 31.60 29.14 17.44
CA TYR F 382 32.18 30.46 17.19
C TYR F 382 32.82 31.03 18.47
N ALA F 383 32.11 30.92 19.60
CA ALA F 383 32.66 31.40 20.85
C ALA F 383 34.03 30.80 21.11
N PHE F 384 34.12 29.47 21.06
CA PHE F 384 35.39 28.82 21.36
C PHE F 384 36.47 29.20 20.35
N LYS F 385 36.11 29.22 19.06
CA LYS F 385 37.05 29.60 18.01
C LYS F 385 37.59 31.00 18.19
N ASN F 386 36.85 31.85 18.90
CA ASN F 386 37.25 33.25 19.05
C ASN F 386 37.67 33.59 20.47
N ALA F 387 37.85 32.59 21.34
CA ALA F 387 38.43 32.85 22.64
C ALA F 387 39.87 33.32 22.48
N THR F 388 40.24 34.34 23.27
CA THR F 388 41.58 34.91 23.21
C THR F 388 42.46 34.56 24.42
N LYS F 389 41.87 34.17 25.55
CA LYS F 389 42.65 33.89 26.74
C LYS F 389 42.34 32.52 27.32
N SER F 390 41.07 32.23 27.58
CA SER F 390 40.73 31.00 28.27
C SER F 390 39.33 30.50 27.91
N ILE F 391 39.16 29.19 28.00
CA ILE F 391 37.87 28.54 27.90
C ILE F 391 37.74 27.61 29.10
N LYS F 392 36.74 27.85 29.93
CA LYS F 392 36.39 27.01 31.06
C LYS F 392 35.11 26.26 30.72
N ILE F 393 35.13 24.94 30.85
CA ILE F 393 33.99 24.13 30.49
C ILE F 393 33.63 23.24 31.66
N SER F 394 32.34 23.21 32.03
CA SER F 394 31.82 22.24 32.98
C SER F 394 30.63 21.53 32.33
N GLN F 395 30.72 20.21 32.22
CA GLN F 395 29.74 19.42 31.50
C GLN F 395 29.55 18.10 32.23
N GLN F 396 28.47 17.42 31.87
CA GLN F 396 28.33 16.01 32.25
C GLN F 396 29.29 15.17 31.43
N ALA F 397 29.27 15.36 30.12
CA ALA F 397 29.99 14.50 29.18
C ALA F 397 30.30 15.31 27.90
N LEU F 398 31.37 14.94 27.22
CA LEU F 398 31.75 15.58 25.99
C LEU F 398 31.48 14.70 24.78
N PHE F 399 31.30 13.40 24.99
CA PHE F 399 31.01 12.44 23.93
C PHE F 399 29.83 11.58 24.37
N PHE F 400 29.27 10.84 23.42
CA PHE F 400 28.09 10.04 23.69
C PHE F 400 28.18 8.74 22.92
N LYS F 401 27.90 7.64 23.61
CA LYS F 401 27.99 6.32 23.01
C LYS F 401 26.76 6.05 22.15
N GLY F 402 26.98 5.76 20.87
CA GLY F 402 25.91 5.44 19.96
C GLY F 402 25.36 4.06 20.19
N ALA F 403 24.41 3.68 19.33
CA ALA F 403 23.61 2.49 19.57
C ALA F 403 24.44 1.22 19.65
N PHE F 404 25.50 1.12 18.86
CA PHE F 404 26.33 -0.09 18.80
C PHE F 404 27.76 0.19 19.21
N GLY F 405 27.94 1.18 20.06
CA GLY F 405 29.24 1.45 20.63
C GLY F 405 30.03 2.54 19.95
N LYS F 406 29.58 3.02 18.80
CA LYS F 406 30.31 4.08 18.12
C LYS F 406 30.33 5.34 18.99
N VAL F 407 31.50 5.96 19.11
CA VAL F 407 31.60 7.24 19.79
C VAL F 407 31.03 8.33 18.89
N LEU F 408 30.05 9.06 19.40
CA LEU F 408 29.48 10.22 18.72
C LEU F 408 30.07 11.49 19.31
N HIS F 409 30.58 12.39 18.45
CA HIS F 409 31.25 13.60 18.91
C HIS F 409 30.36 14.82 18.72
N PRO F 410 30.67 15.93 19.39
CA PRO F 410 29.90 17.17 19.20
C PRO F 410 29.71 17.50 17.73
N LEU F 411 28.52 18.03 17.40
CA LEU F 411 28.02 17.96 16.05
C LEU F 411 28.71 18.96 15.11
N LYS F 412 28.76 18.60 13.83
CA LYS F 412 29.32 19.46 12.82
C LYS F 412 28.43 20.67 12.60
N THR F 413 29.07 21.83 12.42
CA THR F 413 28.41 23.06 12.01
C THR F 413 29.14 23.57 10.77
N ILE F 414 28.59 24.64 10.17
CA ILE F 414 29.26 25.29 9.06
C ILE F 414 30.63 25.79 9.47
N ASP F 415 30.86 26.01 10.76
CA ASP F 415 32.14 26.44 11.28
C ASP F 415 32.93 25.31 11.93
N GLY F 416 32.54 24.06 11.69
CA GLY F 416 33.23 22.93 12.28
C GLY F 416 32.61 22.48 13.59
N THR F 417 33.36 21.68 14.33
CA THR F 417 32.88 21.09 15.58
C THR F 417 33.46 21.81 16.79
N VAL F 418 32.89 21.50 17.95
CA VAL F 418 33.46 22.00 19.20
C VAL F 418 34.89 21.46 19.39
N MET F 419 35.10 20.19 19.09
CA MET F 419 36.44 19.62 19.30
C MET F 419 37.46 20.26 18.36
N GLU F 420 37.07 20.60 17.15
CA GLU F 420 37.97 21.32 16.26
C GLU F 420 38.24 22.72 16.79
N ALA F 421 37.23 23.39 17.32
CA ALA F 421 37.44 24.73 17.88
C ALA F 421 38.35 24.69 19.10
N LEU F 422 38.18 23.69 19.97
CA LEU F 422 39.06 23.57 21.12
C LEU F 422 40.48 23.25 20.70
N ALA F 423 40.64 22.41 19.67
CA ALA F 423 41.98 22.16 19.15
C ALA F 423 42.64 23.45 18.66
N SER F 424 41.88 24.24 17.89
CA SER F 424 42.38 25.54 17.47
C SER F 424 42.82 26.38 18.66
N ALA F 425 41.94 26.48 19.66
CA ALA F 425 42.26 27.27 20.85
C ALA F 425 43.56 26.80 21.48
N ILE F 426 43.70 25.49 21.65
CA ILE F 426 44.89 24.95 22.32
C ILE F 426 46.14 25.24 21.49
N TYR F 427 46.05 25.06 20.18
CA TYR F 427 47.17 25.37 19.30
C TYR F 427 47.57 26.83 19.40
N LYS F 428 46.60 27.72 19.57
CA LYS F 428 46.90 29.14 19.67
C LYS F 428 47.43 29.55 21.05
N GLY F 429 47.46 28.64 22.01
CA GLY F 429 47.92 28.96 23.35
C GLY F 429 46.83 29.28 24.33
N VAL F 430 45.56 29.22 23.92
CA VAL F 430 44.45 29.48 24.82
C VAL F 430 44.36 28.36 25.85
N THR F 431 44.11 28.74 27.11
CA THR F 431 43.94 27.76 28.17
C THR F 431 42.55 27.14 28.11
N VAL F 432 42.48 25.82 28.17
CA VAL F 432 41.21 25.10 28.19
C VAL F 432 41.15 24.23 29.44
N ASP F 433 40.33 24.64 30.40
CA ASP F 433 40.08 23.90 31.63
C ASP F 433 38.70 23.28 31.56
N ILE F 434 38.63 21.96 31.78
CA ILE F 434 37.39 21.22 31.65
C ILE F 434 37.14 20.47 32.93
N VAL F 435 35.88 20.46 33.38
CA VAL F 435 35.39 19.61 34.44
C VAL F 435 34.24 18.77 33.90
N THR F 436 34.40 17.45 33.95
CA THR F 436 33.34 16.53 33.56
C THR F 436 32.76 15.89 34.82
N SER F 437 31.62 15.23 34.67
CA SER F 437 31.17 14.34 35.71
C SER F 437 32.17 13.21 35.86
N SER F 438 32.01 12.41 36.91
CA SER F 438 32.91 11.29 37.09
C SER F 438 32.50 10.16 36.15
N LEU F 439 33.47 9.29 35.85
CA LEU F 439 33.16 8.09 35.07
C LEU F 439 32.22 7.15 35.84
N ASP F 440 32.46 6.98 37.15
CA ASP F 440 31.63 6.14 38.00
C ASP F 440 30.43 6.95 38.47
N GLY F 441 29.92 7.79 37.56
CA GLY F 441 28.75 8.60 37.87
C GLY F 441 27.38 7.96 37.65
N GLY F 442 27.31 6.64 37.50
CA GLY F 442 26.01 6.01 37.29
C GLY F 442 25.24 6.67 36.16
N ILE F 443 24.01 7.06 36.46
CA ILE F 443 23.13 7.66 35.45
C ILE F 443 23.71 8.96 34.90
N TYR F 444 24.55 9.65 35.68
CA TYR F 444 25.14 10.91 35.29
C TYR F 444 26.65 10.75 34.98
N SER F 445 27.02 9.67 34.31
CA SER F 445 28.41 9.40 34.04
C SER F 445 28.94 10.32 32.96
N SER F 446 30.27 10.50 32.95
CA SER F 446 30.95 11.17 31.85
C SER F 446 31.05 10.29 30.59
N GLY F 447 30.81 9.00 30.70
CA GLY F 447 30.83 8.12 29.55
C GLY F 447 32.20 7.72 29.04
N TYR F 448 33.14 8.65 29.11
CA TYR F 448 34.50 8.46 28.62
C TYR F 448 35.47 9.06 29.61
N ASN F 449 36.63 8.44 29.73
CA ASN F 449 37.60 8.97 30.67
C ASN F 449 38.37 10.13 30.04
N SER F 450 39.18 10.79 30.87
CA SER F 450 39.95 11.95 30.45
C SER F 450 40.95 11.61 29.35
N GLU F 451 41.56 10.43 29.42
CA GLU F 451 42.54 10.06 28.41
C GLU F 451 41.89 10.02 27.05
N PHE F 452 40.62 9.61 26.99
CA PHE F 452 39.94 9.53 25.70
C PHE F 452 39.86 10.90 25.07
N VAL F 453 39.51 11.93 25.86
CA VAL F 453 39.35 13.28 25.34
C VAL F 453 40.71 13.81 24.87
N TYR F 454 41.72 13.60 25.70
CA TYR F 454 43.09 13.99 25.34
C TYR F 454 43.48 13.41 23.97
N ASN F 455 43.25 12.10 23.79
CA ASN F 455 43.66 11.46 22.56
C ASN F 455 42.81 11.95 21.39
N TYR F 456 41.53 12.19 21.61
CA TYR F 456 40.69 12.69 20.54
C TYR F 456 41.23 14.04 20.01
N LEU F 457 41.57 14.94 20.94
CA LEU F 457 42.13 16.22 20.51
C LEU F 457 43.49 16.03 19.84
N LEU F 458 44.30 15.09 20.34
CA LEU F 458 45.54 14.74 19.67
C LEU F 458 45.28 14.41 18.21
N ASN F 459 44.29 13.56 17.97
CA ASN F 459 44.01 13.13 16.60
C ASN F 459 43.50 14.29 15.75
N VAL F 460 42.70 15.18 16.33
CA VAL F 460 42.29 16.38 15.60
C VAL F 460 43.51 17.18 15.16
N LEU F 461 44.48 17.33 16.05
CA LEU F 461 45.69 18.06 15.69
C LEU F 461 46.55 17.29 14.70
N HIS F 462 46.38 15.98 14.60
CA HIS F 462 47.18 15.22 13.65
C HIS F 462 46.71 15.43 12.20
N LYS F 463 45.44 15.78 12.01
CA LYS F 463 44.80 15.86 10.70
C LYS F 463 44.63 17.34 10.29
N ALA F 464 43.61 17.64 9.46
CA ALA F 464 43.04 18.99 9.41
C ALA F 464 44.07 19.92 8.81
N PRO F 465 44.10 21.22 9.15
CA PRO F 465 45.19 22.06 8.63
C PRO F 465 46.48 21.94 9.43
N TYR F 466 46.44 21.35 10.63
CA TYR F 466 47.60 21.36 11.51
C TYR F 466 48.64 20.34 11.08
N TYR F 467 48.25 19.09 10.88
CA TYR F 467 49.18 18.04 10.46
C TYR F 467 50.31 17.85 11.47
N LEU F 468 50.01 17.93 12.76
CA LEU F 468 51.05 17.89 13.78
C LEU F 468 51.45 16.47 14.09
N GLU F 469 52.76 16.24 14.21
CA GLU F 469 53.28 14.98 14.73
C GLU F 469 52.83 14.79 16.18
N ARG F 470 52.65 13.53 16.55
CA ARG F 470 51.93 13.21 17.80
C ARG F 470 52.58 13.87 19.02
N ASN F 471 53.88 13.63 19.22
CA ASN F 471 54.53 14.14 20.43
C ASN F 471 54.58 15.67 20.45
N TYR F 472 54.83 16.30 19.28
CA TYR F 472 54.77 17.75 19.21
C TYR F 472 53.38 18.27 19.59
N ALA F 473 52.32 17.59 19.14
CA ALA F 473 50.97 17.96 19.55
C ALA F 473 50.78 17.79 21.06
N LYS F 474 51.38 16.73 21.62
CA LYS F 474 51.28 16.54 23.06
C LYS F 474 51.81 17.75 23.80
N THR F 475 52.84 18.42 23.24
CA THR F 475 53.36 19.60 23.95
C THR F 475 52.24 20.65 24.14
N PHE F 476 51.52 20.96 23.07
CA PHE F 476 50.42 21.92 23.17
C PHE F 476 49.38 21.46 24.19
N LEU F 477 49.00 20.19 24.12
CA LEU F 477 47.96 19.71 25.03
C LEU F 477 48.43 19.79 26.49
N ASP F 478 49.64 19.32 26.75
CA ASP F 478 50.16 19.32 28.12
C ASP F 478 50.24 20.73 28.66
N LYS F 479 50.57 21.71 27.80
CA LYS F 479 50.68 23.08 28.29
C LYS F 479 49.32 23.71 28.57
N ASN F 480 48.32 23.49 27.70
CA ASN F 480 47.13 24.33 27.72
C ASN F 480 45.82 23.61 28.04
N LEU F 481 45.80 22.28 28.07
CA LEU F 481 44.59 21.53 28.29
C LEU F 481 44.64 20.85 29.64
N HIS F 482 43.60 21.02 30.44
CA HIS F 482 43.51 20.41 31.76
C HIS F 482 42.11 19.85 31.95
N ILE F 483 42.00 18.53 31.94
CA ILE F 483 40.73 17.82 32.06
C ILE F 483 40.66 17.20 33.45
N ASN F 484 39.67 17.62 34.24
CA ASN F 484 39.40 17.08 35.55
C ASN F 484 37.98 16.56 35.58
N PHE F 485 37.64 15.85 36.66
CA PHE F 485 36.25 15.47 36.89
C PHE F 485 35.83 15.89 38.28
N ILE F 486 34.53 16.10 38.44
CA ILE F 486 34.01 16.72 39.65
C ILE F 486 34.22 15.82 40.84
N SER F 487 34.53 16.42 41.98
CA SER F 487 34.65 15.73 43.26
C SER F 487 34.26 16.73 44.33
N ILE F 488 33.64 16.23 45.39
CA ILE F 488 33.25 17.06 46.51
C ILE F 488 34.49 17.54 47.25
N ASN F 489 35.53 16.71 47.31
CA ASN F 489 36.66 17.06 48.19
C ASN F 489 38.02 16.65 47.64
N GLY F 490 38.14 16.36 46.34
CA GLY F 490 39.39 15.92 45.81
C GLY F 490 39.75 14.48 46.14
N ARG F 491 38.84 13.74 46.76
CA ARG F 491 39.07 12.34 47.12
C ARG F 491 38.02 11.41 46.53
N GLU F 492 36.74 11.71 46.71
CA GLU F 492 35.69 10.82 46.23
C GLU F 492 35.65 10.77 44.71
N THR F 493 35.43 9.58 44.16
CA THR F 493 35.58 9.35 42.73
C THR F 493 34.29 8.96 42.03
N ASN F 494 33.15 9.07 42.68
CA ASN F 494 31.89 8.70 42.05
C ASN F 494 30.85 9.82 42.10
N ASN F 495 31.29 11.07 42.16
CA ASN F 495 30.35 12.17 42.24
C ASN F 495 29.83 12.53 40.86
N MET F 496 28.75 13.30 40.84
CA MET F 496 28.00 13.50 39.60
C MET F 496 27.76 14.96 39.29
N SER F 497 27.81 15.28 37.99
CA SER F 497 27.51 16.63 37.51
C SER F 497 26.66 16.58 36.26
N HIS F 498 25.74 17.56 36.16
CA HIS F 498 24.80 17.70 35.05
C HIS F 498 24.95 19.06 34.39
N ASN F 499 26.08 19.72 34.61
CA ASN F 499 26.29 21.07 34.09
C ASN F 499 26.19 21.09 32.56
N LYS F 500 25.71 22.22 32.03
CA LYS F 500 25.91 22.60 30.63
C LYS F 500 26.46 24.01 30.69
N LEU F 501 27.75 24.17 31.00
CA LEU F 501 28.34 25.48 31.22
C LEU F 501 29.63 25.66 30.42
N TRP F 502 29.80 26.84 29.84
CA TRP F 502 31.11 27.24 29.36
C TRP F 502 31.30 28.75 29.53
N ILE F 503 32.55 29.14 29.72
CA ILE F 503 32.98 30.51 29.98
C ILE F 503 34.18 30.80 29.10
N VAL F 504 34.10 31.87 28.31
CA VAL F 504 35.18 32.32 27.45
C VAL F 504 35.74 33.60 28.06
N ASP F 505 37.08 33.63 28.20
CA ASP F 505 37.84 34.84 28.58
C ASP F 505 37.29 35.50 29.85
N ASP F 506 36.71 34.71 30.75
CA ASP F 506 36.20 35.22 32.03
C ASP F 506 35.25 36.40 31.79
N LYS F 507 34.45 36.29 30.73
CA LYS F 507 33.67 37.42 30.25
C LYS F 507 32.33 37.00 29.67
N VAL F 508 32.31 35.86 28.97
CA VAL F 508 31.13 35.45 28.23
C VAL F 508 30.80 34.01 28.59
N PHE F 509 29.57 33.77 29.02
CA PHE F 509 29.24 32.42 29.46
C PHE F 509 27.84 32.01 29.04
N TYR F 510 27.67 30.70 28.88
CA TYR F 510 26.42 30.07 28.48
C TYR F 510 25.76 29.39 29.67
N VAL F 511 24.45 29.60 29.81
CA VAL F 511 23.64 28.81 30.73
C VAL F 511 22.40 28.34 29.97
N GLY F 512 22.11 27.05 30.07
CA GLY F 512 20.98 26.49 29.35
C GLY F 512 21.02 24.98 29.37
N SER F 513 20.36 24.38 28.40
CA SER F 513 20.18 22.94 28.38
C SER F 513 21.11 22.19 27.44
N HIS F 514 21.91 22.88 26.64
CA HIS F 514 22.57 22.25 25.51
C HIS F 514 23.89 21.65 25.93
N ASN F 515 23.89 20.34 26.19
CA ASN F 515 25.12 19.62 26.44
C ASN F 515 26.08 19.78 25.28
N ILE F 516 27.36 19.59 25.57
CA ILE F 516 28.33 19.56 24.49
C ILE F 516 28.26 18.23 23.78
N TYR F 517 27.99 17.15 24.51
CA TYR F 517 27.82 15.86 23.86
C TYR F 517 26.58 15.89 22.96
N PRO F 518 26.56 15.09 21.91
CA PRO F 518 25.54 15.24 20.89
C PRO F 518 24.22 14.55 21.20
N SER F 519 23.16 15.19 20.71
CA SER F 519 21.84 14.60 20.61
C SER F 519 21.08 15.37 19.54
N SER F 520 19.84 14.96 19.30
CA SER F 520 18.96 15.66 18.38
C SER F 520 17.85 16.41 19.10
N LEU F 521 17.94 16.58 20.41
CA LEU F 521 16.87 17.19 21.17
C LEU F 521 16.90 18.69 21.00
N GLN F 522 15.73 19.31 21.15
CA GLN F 522 15.66 20.77 21.13
C GLN F 522 16.24 21.37 22.40
N GLN F 523 16.82 22.56 22.26
CA GLN F 523 17.56 23.18 23.35
C GLN F 523 17.26 24.67 23.42
N PHE F 524 17.38 25.21 24.63
CA PHE F 524 17.27 26.66 24.83
C PHE F 524 18.37 27.07 25.79
N GLY F 525 18.96 28.24 25.56
CA GLY F 525 19.94 28.76 26.50
C GLY F 525 20.19 30.22 26.24
N VAL F 526 20.94 30.82 27.15
CA VAL F 526 21.29 32.23 27.04
C VAL F 526 22.80 32.37 27.17
N ILE F 527 23.32 33.43 26.56
CA ILE F 527 24.73 33.80 26.61
C ILE F 527 24.79 35.18 27.23
N VAL F 528 25.51 35.26 28.35
CA VAL F 528 25.72 36.50 29.08
C VAL F 528 27.11 37.03 28.78
N ASP F 529 27.24 38.34 28.62
CA ASP F 529 28.50 39.00 28.34
C ASP F 529 28.68 40.08 29.40
N ASP F 530 29.41 39.75 30.47
CA ASP F 530 29.66 40.71 31.54
C ASP F 530 30.78 40.22 32.44
N LYS F 531 31.81 41.05 32.63
CA LYS F 531 32.95 40.64 33.45
C LYS F 531 32.55 40.48 34.91
N ASP F 532 31.70 41.37 35.43
CA ASP F 532 31.32 41.30 36.85
C ASP F 532 30.48 40.07 37.15
N ALA F 533 29.46 39.82 36.32
CA ALA F 533 28.64 38.62 36.50
C ALA F 533 29.49 37.36 36.40
N THR F 534 30.40 37.32 35.42
CA THR F 534 31.25 36.15 35.27
C THR F 534 32.14 35.96 36.51
N ALA F 535 32.70 37.05 37.02
CA ALA F 535 33.52 36.97 38.22
C ALA F 535 32.72 36.41 39.39
N GLN F 536 31.46 36.84 39.52
CA GLN F 536 30.60 36.30 40.57
C GLN F 536 30.41 34.79 40.38
N LEU F 537 30.12 34.37 39.15
CA LEU F 537 29.90 32.96 38.89
C LEU F 537 31.14 32.14 39.16
N GLU F 538 32.32 32.71 38.90
CA GLU F 538 33.56 31.97 39.14
C GLU F 538 33.88 31.89 40.62
N LYS F 539 33.58 32.96 41.36
CA LYS F 539 33.82 32.93 42.80
C LYS F 539 32.89 31.95 43.49
N GLN F 540 31.66 31.86 43.00
CA GLN F 540 30.66 31.06 43.69
C GLN F 540 30.76 29.59 43.33
N LEU F 541 30.97 29.28 42.05
CA LEU F 541 30.92 27.90 41.58
C LEU F 541 32.22 27.42 40.96
N TRP F 542 32.78 28.15 39.99
CA TRP F 542 33.85 27.57 39.21
C TRP F 542 35.08 27.31 40.07
N THR F 543 35.44 28.27 40.91
CA THR F 543 36.68 28.12 41.68
C THR F 543 36.56 27.04 42.74
N PRO F 544 35.51 26.99 43.56
CA PRO F 544 35.41 25.85 44.50
C PRO F 544 35.37 24.50 43.78
N MET F 545 34.55 24.39 42.73
CA MET F 545 34.48 23.12 42.01
C MET F 545 35.84 22.73 41.44
N TRP F 546 36.52 23.68 40.80
CA TRP F 546 37.83 23.39 40.22
C TRP F 546 38.82 22.99 41.30
N LYS F 547 38.87 23.74 42.41
CA LYS F 547 39.78 23.42 43.50
C LYS F 547 39.56 22.01 44.01
N ASN F 548 38.31 21.58 44.06
CA ASN F 548 38.03 20.26 44.59
C ASN F 548 37.98 19.16 43.54
N SER F 549 38.16 19.50 42.26
CA SER F 549 38.06 18.49 41.21
C SER F 549 39.29 17.58 41.26
N ILE F 550 39.21 16.48 40.54
CA ILE F 550 40.29 15.50 40.48
C ILE F 550 40.86 15.48 39.08
N HIS F 551 42.17 15.31 38.99
CA HIS F 551 42.89 15.19 37.74
C HIS F 551 43.57 13.83 37.66
N VAL F 552 43.29 13.09 36.59
CA VAL F 552 43.92 11.81 36.32
C VAL F 552 45.08 12.07 35.35
N PRO F 553 46.33 11.96 35.79
CA PRO F 553 47.43 12.37 34.91
C PRO F 553 47.59 11.55 33.65
N ILE F 554 47.65 10.23 33.81
CA ILE F 554 47.98 9.31 32.71
C ILE F 554 48.81 9.96 31.60
#